data_7A0S
#
_entry.id   7A0S
#
_cell.length_a   169.995
_cell.length_b   410.736
_cell.length_c   697.778
_cell.angle_alpha   90.000
_cell.angle_beta   90.000
_cell.angle_gamma   90.000
#
_symmetry.space_group_name_H-M   'I 2 2 2'
#
loop_
_entity.id
_entity.type
_entity.pdbx_description
1 polymer 'RNA (2732-MER)'
2 polymer 'RNA (122-MER)'
3 polymer '50S ribosomal protein L2'
4 polymer '50S ribosomal protein L3'
5 polymer '50S ribosomal protein L4'
6 polymer '50S ribosomal protein L5'
7 polymer '50S ribosomal protein L6'
8 polymer '50S ribosomal protein L13'
9 polymer '50S ribosomal protein L14'
10 polymer '50S ribosomal protein L15'
11 polymer '50S ribosomal protein L16'
12 polymer '50S ribosomal protein L17'
13 polymer '50S ribosomal protein L18'
14 polymer '50S ribosomal protein L19'
15 polymer '50S ribosomal protein L20'
16 polymer '50S ribosomal protein L21'
17 polymer '50S ribosomal protein L22'
18 polymer '50S ribosomal protein L23'
19 polymer '50S ribosomal protein L24'
20 polymer '50S ribosomal protein L25'
21 polymer '50S ribosomal protein L27'
22 polymer '50S ribosomal protein L28'
23 polymer '50S ribosomal protein L29'
24 polymer '50S ribosomal protein L30'
25 polymer '50S ribosomal protein L32'
26 polymer '50S ribosomal protein L33'
27 polymer '50S ribosomal protein L34'
28 polymer '50S ribosomal protein L35'
29 non-polymer 'mycinamicin I'
30 non-polymer 'MAGNESIUM ION'
31 non-polymer SPERMIDINE
32 non-polymer (4S)-2-METHYL-2,4-PENTANEDIOL
33 non-polymer 'SODIUM ION'
34 non-polymer ETHANOL
35 non-polymer 'CALCIUM ION'
36 non-polymer 'POTASSIUM ION'
#
loop_
_entity_poly.entity_id
_entity_poly.type
_entity_poly.pdbx_seq_one_letter_code
_entity_poly.pdbx_strand_id
1 'polyribonucleotide'
;GGUCAAGAUAGUAAGGGUCCACGGUGGAUGCCCUGGCGCUGGAGCCGAUGAAGGACGCGAUUACCUGCGAAAAGCCCCGA
CGAGCUGGAGAUACGCUUUGACUCGGGGAUGUCCGAAUGGGGAAACCCACCUCGUAAGAGGUAUCCGCAAGGAUGGGAAC
UCAGGGAACUGAAACAUCUCAGUACCUGAAGGAGAAGAAAGAGAAUUCGAUUCCGUUAGUAGCGGCGAGCGAACCCGGAU
CAGCCCAAACCGAAACGCUUGCGUUUCGGGGUUGUAGGACCAGUUUUUAAGAUUCAACCCCUCAAGCCGAAGUGGCUGGA
AAGCUACACCUCAGAAGGUGAGAGUCCUGUAGGCGAACGAGCGGUUGACUGUACUGGCACCUGAGUAGGUCGUUGUUCGU
GAAACGAUGACUGAAUCCGCGCGGACCACCGCGCAAGGCUAAAUACUCCCAGUGACCGAUAGCGCAUAGUACCGUGAGGG
AAAGGUGAAAAGAACCCCGGGAGGGGAGUGAAAGAGAACCUGAAACCGUGGACUUACAAGCAGUCAUGGCACCUUAUGCG
UGUUAUGGCGUGCCUAUUGAAGCAUGAGCCGGCGACUUAGACCUGACGUGCGAGCUUAAGUUGAAAAACGGAGGCGGAGC
GAAAGCGAGUCCGAAUAGGGCGGCAUUAGUACGUCGGGCUAGACUCGAAACCAGGUGAGCUAAGCAUGACCAGGUUGAAA
CCCCCGUGACAGGGGGCGGAGGACCGAACCGGUGCCUGCUGAAACAGUCUCGGAUGAGUUGUGUUUAGGAGUGAAAAGCU
AACCGAACCUGGAGAUAGCUAGUUCUCCCCGAAAUGUAUUGAGGUACAGCCUCGGAUGUUGACCAUGUCCUGUAGAGCAC
UCACAAGGCUAGGGGGCCUACCAGCUUACCAAACCUUAUGAAACUCCGAAGGGGCACGCGUUUAGUCCGGGAGUGAGGCU
GCGAGAGCUAACUUCCGUAGCCGAGAGGGAAACAACCCAGACCAUCAGCUAAGGUCCCUAAAUGAUCGCUCAGUGGUUAA
GGAUGUGUCGUCGCAUAGACAGCCAGGAGGUUGGCUUAGAAGCAGCCACCCUUCAAAGAGUGCGUAAUAGCUCACUGGUC
GAGUGACGAUGCGCCGAAAAUGAUCGGGGCUCAAGUGAUCUACCGAAGCUAUGGAUUCAACUCGCGAAGCGAGUUGUCUG
GUAGGGGAGCGUUCAGUCCGCGGAGAAGCCAUACCGGAAGGAGUGGUGGAGCCGACUGAAGUGCGGAUGCCGGCAUGAGU
AACGAUAAAAGAAGUGAGAAUCUUCUUCGCCGUAAGGACAAGGGUUCCUGGGGAAGGGUCGUCCGCCCAGGGAAAGUCGG
GACCUAAGGUGAGGCCGAACGGCGCAGCCGAUGGACAGCAGGUCAAGAUUCCUGCACCGAUCAUGUGGAGUGAUGGAGGG
ACGCAUUACGCUAUCCAAUGCCAAGCUAUGGCUAUGCUGGUUGGUACGCUCAAGGGCGAUCGGGUCAGAAAAUCUACCGG
UCACAUGCCUCAGACGUAUCGGGAGCUUCCUCGGAAGCGAAGUUGGAAACGCGACGGUGCCAAGAAAAGCUUCUAAACGU
UGAAACAUGAUUGCCCGUACCGCAAACCGACACAGGUGUCCGAGUGUCAAUGCACUAAGGCGCGCGAGAGAACCCUCGUU
AAGGAACUUUGCAAUCUCACCCCGUAACUUCGGAAGAAGGGGUCCCCACGCUUCGCGUGGGGCGCAGUGAAUAGGCCCAG
GCGACUGUUUACCAAAAUCACAGCACUCUGCCAACACGAACAGUGGACGUAUAGGGUGUGACGCCUGCCCGGUGCCGGAA
GGUCAAGUGGAGCGGUGCAAGCUGCGAAAUGAAGCCCCGGUGAACGGCGGCCGUAACUAUAACGGUCCUAAGGUAGCGAA
AUUCCUUGUCGGGUAAGUUCCGACCUGCACGAAAGGCGUAACGAUCUGGGCGCUGUCUCAACGAGGGACUCGGUGAAAUU
GAAUUGGCUGUAAAGAUGCGGCCUACCCGUAGCAGGACGAAAAGACCCCGUGGAGCUUUACUAUAGUCUGGCAUUGGGAU
UCGGGUUUCUCUGCGUAGGAUAGGUGGGAGCCUGCGAAACUGGCCUUUUGGGGUCGGUGGAGGCAACGGUGAAAUACCAC
CCUGAGAAACUUGGAUUUCUAACCUGAAAAAUCACUUUCGGGGACCGUGCUUGGCGGGUAGUUUGACUGGGGCGGUCGCC
UCCCAAAAUGUAACGGAGGCGCCCAAAGGUCACCUCAAGACGGUUGGAAAUCGUCUGUAGAGCGCAAAGGUAGAAGGUGG
CUUGACUGCGAGACUGACACGUCGAGCAGGGAGGAAACUCGGGCUUAGUGAACCGGUGGUACCGUGUGGAAGGGCCAUCG
AUCAACGGAUAAAAGUUACCCCGGGGAUAACAGGCUGAUCUCCCCCGAGAGUCCAUAUCGGCGGGGAGGUUUGGCACCUC
GAUGUCGGCUCGUCGCAUCCUGGGGCUGAAGAAGGUCCCAAGGGUUGGGCUGUUCGCCCAUUAAAGCGGCACGCGAGCUG
GGUUCAGAACGUCGUGAGACAGUUCGGUCUCUAUCCGCUACGGGCGCAGGAGAAUUGAGGGGAGUUGCUCCUAGUACGAG
AGGACCGGAGUGAACGGACCGCUGGUCUCCCUGCUGUCGUACCAACGGCACAUGCAGGGUAGCUAUGUCCGGAACGGAUA
ACCGCUGAAAGCAUCUAAGCGGGAAGCCAGCCCCAAGAUGAGUUCUCCCACUGUUUAUAAGGUAAGACUCCCGGAAGACC
ACCGGGUUAAGAGGCCAGGCGUGCACGCAUAGCAAUGUGUUCAGCGGACUGGUGCUCAUCAGUCGAGGUCUUGACCACUC
;
X
2 'polyribonucleotide'
;ACACCCCCGUGCCCAUAGCACUGUGGAACCACCCCACCCCAUGCCGAACUGGGUCGUGAAACACAGCAGCGCCAAUGAUA
CUCGGACCGCAGGGUCCCGGAAAAGUCGGUCAGCGCGGGGGUU
;
Y
3 'polypeptide(L)'
;AVKKYRPYTPSRRQMTTADFSGLTKKRPEKALTEALPKTGGRNNRGRITSRFIGGGHKRLYRIIDFKRRDKSGVNAKVAA
IEYDPNRSARIALLHYADGEKRYILAPEGLTVGATVNAGPEAEPKLGNALPLRFVPVGAVVHALELVPGKGAQLARSAGT
SVQVQGKESDYVIVRLPSGELRRVHSECYATIGAVGNAEHKNIVLGKAGRSRWLGRKPHQRGSAMNPVDHPHGGGEGRTG
AGRVPVTPWGKPTKGLKTRRKRKTSDRFIVTRRK
;
A
4 'polypeptide(L)'
;MKGILGTKIGMTQIWKNDRAIPVTVVLAGPCPIVQRKTAQTDGYEAVQIGYAPKAERKVNKPMQGHFAKAGVAPTRILRE
FRGFAPDGDSVNVDIFAEGEKIDATGTSKGKGTQGVMKRWNFAGGPASHGSKKWHRRPGSIGQRKTPGRVYKGKRMAGHM
GMERVTVQNLEVVEIRAGENLILVKGAIPGANGGLVVLRSAAKASA
;
B
5 'polypeptide(L)'
;MAQINVIGQNGGRTIELPLPEVNSGVLHEVVTWQLASRRRGTASTRTRAQVSKTGRKMYGQKGTGNARHGDRSVPTFVGG
GVAFGPKPRSYDYTLPRQVRQLGLAMAIASRQEGGKLVAVDGFDIADAKTKNFISWAKQNGLDGTEKVLLVTDDENTRRA
ARNVSWVSVLPVAGVNVYDILRHDRLVIDAAALEIVEEEAGEEQQ
;
C
6 'polypeptide(L)'
;QLKTKYNDQVRPALMQQFGYSSVMAVPRIEKIVVNEGLGSSKEDSKAIDKAAKELALITLQKPIITKAKKSISNFKLRQG
MPVGIKVTLRGERMYVFLEKLINIGLPRIRDFRGINPNAFDGRGNYNLGIKEQLIFPEITYDMVDKTRGMDITIVTTAKT
DEEARALLQSMGLPFRK
;
D
7 'polypeptide(L)'
;GKQPIAVPSGVTVNAQDGVFKVKGPKGELTVPYNTELTVRQDGDQLLVERPSDAQKHRALHGLTRTLVANAVKGVSDGYT
INLELRGVGFRAKLTGKALEMNIGYSHPVIIEPPAGVTFAVPEPTRIDVSGIDKQLVGQVAANVRKVRKPDAYHGKGVRF
VGEQIALKAGK
;
E
8 'polypeptide(L)'
;KTYIPKNDEQNWVVVDASGVPLGRLATLIASRIRGKHRPDFTPNMIQGDFVVVINAAQVALTGKKLDDKVYTRYTGYQGG
LKTETAREALSKHPERVIEHAVFGMLPKGRQGRAMHTRLKVYAGETHPHSAQKPQVLKTQPLE
;
G
9 'polypeptide(L)'
;MIMPQSRLDVADNSGAREIMCIRVLNSGIGGKGLTTGGGGNKRYAHVGDIIVASVKDAAPRGAVKAGDVVKAVVVRTSHA
IKRADGSTIRFDRNAAVIINNQGEPRGTRVFGPVARELRDRRFMKIVSLAPEVL
;
H
10 'polypeptide(L)'
;MKLHDLKPTPGSRKDRKRVGRGPGGTDKTAGRGHKGQKSRSGAGKGAFFEGGRSRLIARLPKRGFNNVGTTYEVVKLSQL
QDLEDTTFDRDTLEAYRLVRRKNRPVKLLASGEISRAVTVHVDAASAAAIKAVEAAG
;
I
11 'polypeptide(L)'
;KRTKFRKQFRGRMTGDAKGGDYVAFGDYGLIAMEPAWIKSNQIEACRIVMSRHFRRGGKIYIRIFPDKPVTKKPAETRMG
KGKGAVEYWVSVVKPGRVMFEVAGVTEEQAKEAFRLAGHKLPIQTKMVKREVYDEA
;
J
12 'polypeptide(L)'
;MRHGKAGRKLNRNSSARVALARAQATALLREGRIQTTLTKAKELRPFVEQLITTAKGGDLHSRRLVAQDIHDKDVVRKVM
DEVAPKYAERPGGYTRILRVGTRRGDGVTMALIELV
;
K
13 'polypeptide(L)'
;RRKLRTRRKVRTTTAASGRLRLSVYRSSKHIYAQIIDDSRGQTLAAASSAALKSGNKTDTAAAVGKALAAAAAEKGIKQV
VFDRGSYKYHGRVKALADAAREGG
;
L
14 'polypeptide(L)'
;MQTHIKINRGELLRGIEQDHTRQLPDFRPGDTVRVDTKVREGNRTRSQAFEGVVIAINGSGSRKSFTVRKISFGEGVERV
FPFASPLVNQVTIVERGKVRRAKLYYLRELRGKAARIKSDRSRVMKDAARAQQDKANASASQAAAAQADVTVISAAPEVA
PETQGE
;
M
15 'polypeptide(L)'
;PRAKTGIVRRRRHKKVLKRAKGFWGSRSKQYRNAFQTLLNAATYEYRDRRNKKRDFRRLWIQRINAGARLHGMNYSTFIN
GLKRANIDLNRKVLADIAAREPEAFKALVDASRNARQ
;
N
16 'polypeptide(L)'
;MFAIIQTGGKQYRVSEGDVIRVESLQGEAGDKVELKALFVGGEQTVFGEDAGKYTVQAEVVEHGRGKKIYIRKYKSGVQY
RRRTGHRQNFTAIKILGI
;
O
17 'polypeptide(L)'
;MTAPEQTFRNKKQRKQQVKLRKPGFAVAKYVRMSPRKVRLVVDVIRGKSVQDAEDLLRFIPRSASEPVAKVLNSAKANAL
HNDEMLEDRLFVKEAYVDAGPTLKRLIPRARGSANIIKKRTSHITIIVAEKGNK
;
P
18 'polypeptide(L)'
;SHYDILQAPVISEKAYSAMERGVYSFWVSPKATKTEIKDAIQQAFGVRVIGISTMNVPGKRKRVGRFIGQRNDRKKAIVR
LAEGQSIEALAGQ
;
Q
19 'polypeptide(L)'
;PSAGSHHNDKLHFKKGDTVIVLSGKHKGQTGKVLLALPRDQKVVVEGVNVITKNVKPSMTNPQGGQEQRELALHASKVAL
VDPETGKATRVRKQIVDGKKVRVAVASGKT
;
R
20 'polypeptide(L)'
;MELTAKPRTPKQKLDESMIAAVAYNKENNVSFALDRKAFDRAFRQQSTTGLFDITVEGGETFPALVKAVQMDKRKRAPIH
VDFYMVTYGEPVEVSVPVHTTGRSQGEVQGGLVDIVVHNLQIVAPGPRRIPQELVVDVTKMNIGDHITAGDIKLPEGCTL
AADPELTVVSVLPPR
;
S
21 'polypeptide(L)'
;MAHKKGVGSSKNGRDSNPKYLGVKKFGGEVVKAGNILVRQRGTKFKAGQGVGMGRDHTLFALSDGKVVFINKGKGARFIS
IEAAQTEVAAD
;
T
22 'polypeptide(L)' YLTGKKNLVVNSVIRRGKARADGGVGRKTTGITKRVQRANLHKKAIRENGQVKTVWLSANALRTLSKGPYKGIE U
23 'polypeptide(L)' MRNLQATDFAKEIDARKKELMELRFQAAAGQLAQPHRVRQLRREVAQLNTVKAELARKGEQ V
24 'polypeptide(L)' MKIKLVRSVIGRPGNQVKTVQALGLRKIGDSREVSDTPAVRGMVKTVKHLLEVQE W
25 'polypeptide(L)' AKHPVPKKKTSKSKRDMRRSHHALTAPNLTECPQCHGKKLSHHICPNCGYYDGRQVLA Z
26 'polypeptide(L)' PRIIVKMESSAGTGFYYTTTKNRRNTQAKLELKKYDPVAKKHVVFREKK 1
27 'polypeptide(L)' MKRTYQPNNRKRAKTHGFRARMKTKSGRNILARRRAKGRHQLTVSDE 2
28 'polypeptide(L)' PKMKTHKMAKRRIKITGTGKVMAFKSGKRHQNTGKSGDEIRGKGKGFVLAKAEWARMKLMLPR 3
#
loop_
_chem_comp.id
_chem_comp.type
_chem_comp.name
_chem_comp.formula
A RNA linking ADENOSINE-5'-MONOPHOSPHATE 'C10 H14 N5 O7 P'
C RNA linking CYTIDINE-5'-MONOPHOSPHATE 'C9 H14 N3 O8 P'
CA non-polymer 'CALCIUM ION' 'Ca 2'
EOH non-polymer ETHANOL 'C2 H6 O'
G RNA linking GUANOSINE-5'-MONOPHOSPHATE 'C10 H14 N5 O8 P'
K non-polymer 'POTASSIUM ION' 'K 1'
MG non-polymer 'MAGNESIUM ION' 'Mg 2'
MPD non-polymer (4S)-2-METHYL-2,4-PENTANEDIOL 'C6 H14 O2'
NA non-polymer 'SODIUM ION' 'Na 1'
QU2 non-polymer 'mycinamicin I' 'C37 H61 N O12'
SPD non-polymer SPERMIDINE 'C7 H19 N3'
U RNA linking URIDINE-5'-MONOPHOSPHATE 'C9 H13 N2 O9 P'
#
# COMPACT_ATOMS: atom_id res chain seq x y z
N ALA C 1 59.63 54.17 27.31
CA ALA C 1 59.20 54.15 25.93
C ALA C 1 58.79 52.75 25.54
N VAL C 2 57.85 52.65 24.60
CA VAL C 2 57.53 51.42 23.87
C VAL C 2 57.05 51.84 22.49
N LYS C 3 57.41 51.06 21.47
CA LYS C 3 57.05 51.51 20.13
C LYS C 3 55.54 51.50 19.92
N LYS C 4 55.07 52.47 19.14
CA LYS C 4 53.71 52.57 18.64
C LYS C 4 53.83 52.75 17.14
N TYR C 5 52.77 52.47 16.39
CA TYR C 5 52.92 52.54 14.95
C TYR C 5 51.77 53.33 14.34
N ARG C 6 52.00 53.85 13.14
CA ARG C 6 50.95 54.48 12.38
C ARG C 6 49.99 53.42 11.85
N PRO C 7 48.76 53.78 11.59
CA PRO C 7 47.77 52.81 11.12
C PRO C 7 47.91 52.39 9.66
N TYR C 8 49.10 52.09 9.14
CA TYR C 8 49.18 51.78 7.72
C TYR C 8 48.57 50.43 7.34
N THR C 9 48.34 49.54 8.29
CA THR C 9 47.58 48.31 8.12
C THR C 9 46.46 48.31 9.13
N PRO C 10 45.36 47.58 8.88
CA PRO C 10 44.23 47.66 9.83
C PRO C 10 44.65 47.28 11.21
N SER C 11 45.57 46.33 11.33
CA SER C 11 46.24 46.03 12.59
C SER C 11 47.17 47.16 12.96
N ARG C 12 48.16 46.86 13.80
CA ARG C 12 49.40 47.62 13.74
C ARG C 12 49.19 49.07 14.19
N ARG C 13 47.93 49.51 14.32
CA ARG C 13 47.66 50.77 15.00
C ARG C 13 47.59 50.56 16.50
N GLN C 14 46.80 49.58 16.93
CA GLN C 14 46.75 49.22 18.33
C GLN C 14 48.04 48.57 18.80
N MET C 15 48.76 47.97 17.87
CA MET C 15 49.89 47.13 18.20
C MET C 15 50.98 47.94 18.89
N THR C 16 51.73 47.27 19.74
CA THR C 16 52.76 47.89 20.55
C THR C 16 53.90 46.91 20.70
N THR C 17 55.07 47.41 21.05
CA THR C 17 56.23 46.54 21.23
C THR C 17 57.22 47.23 22.14
N ALA C 18 58.02 46.42 22.84
CA ALA C 18 58.93 46.94 23.86
C ALA C 18 60.11 47.69 23.23
N ASP C 19 60.75 48.52 24.05
CA ASP C 19 61.94 49.27 23.65
C ASP C 19 63.20 48.47 24.00
N PHE C 20 64.06 48.24 23.00
CA PHE C 20 65.18 47.33 23.19
C PHE C 20 66.50 48.08 23.32
N SER C 21 66.46 49.41 23.39
CA SER C 21 67.70 50.18 23.25
C SER C 21 68.68 49.88 24.37
N GLY C 22 68.18 49.51 25.55
CA GLY C 22 69.05 49.20 26.68
C GLY C 22 69.65 47.81 26.66
N LEU C 23 69.16 46.97 25.77
CA LEU C 23 69.65 45.59 25.66
C LEU C 23 70.89 45.57 24.78
N THR C 24 71.99 45.04 25.31
CA THR C 24 73.19 44.84 24.50
C THR C 24 72.91 43.83 23.40
N LYS C 25 73.36 44.15 22.20
CA LYS C 25 72.96 43.44 20.98
C LYS C 25 73.94 42.30 20.67
N LYS C 26 74.01 41.33 21.58
CA LYS C 26 75.03 40.30 21.48
C LYS C 26 74.42 38.90 21.47
N ARG C 27 75.15 37.99 20.86
CA ARG C 27 74.80 36.58 20.89
C ARG C 27 75.00 36.07 22.32
N PRO C 28 74.06 35.29 22.88
CA PRO C 28 74.20 34.84 24.27
C PRO C 28 75.39 33.91 24.45
N GLU C 29 75.94 33.90 25.66
CA GLU C 29 77.21 33.25 25.88
C GLU C 29 77.13 31.76 25.58
N LYS C 30 78.12 31.28 24.84
CA LYS C 30 78.05 29.94 24.25
C LYS C 30 78.04 28.84 25.29
N ALA C 31 78.71 29.05 26.42
CA ALA C 31 78.72 28.02 27.47
C ALA C 31 77.37 27.88 28.17
N LEU C 32 76.59 28.95 28.22
CA LEU C 32 75.32 28.99 28.97
C LEU C 32 74.12 28.71 28.09
N THR C 33 74.33 28.45 26.80
CA THR C 33 73.22 28.28 25.88
C THR C 33 72.39 27.05 26.18
N GLU C 34 73.00 25.97 26.68
CA GLU C 34 72.26 24.74 27.02
C GLU C 34 71.48 24.18 25.83
N ALA C 35 71.18 25.06 24.85
CA ALA C 35 70.11 24.83 23.90
C ALA C 35 68.86 24.41 24.63
N LEU C 36 68.53 23.13 24.51
CA LEU C 36 67.25 22.57 24.95
C LEU C 36 66.09 23.49 24.55
N PRO C 37 65.90 23.73 23.24
CA PRO C 37 64.59 24.20 22.81
C PRO C 37 63.55 23.13 23.13
N LYS C 38 63.48 22.12 22.24
CA LYS C 38 62.58 20.99 22.33
C LYS C 38 61.29 21.37 23.05
N THR C 39 60.36 22.00 22.34
CA THR C 39 59.12 22.46 22.96
C THR C 39 58.17 21.28 23.14
N GLY C 40 57.68 21.09 24.37
CA GLY C 40 56.79 19.99 24.69
C GLY C 40 55.36 20.41 24.46
N GLY C 41 54.85 20.18 23.25
CA GLY C 41 53.66 20.86 22.78
C GLY C 41 52.38 20.51 23.49
N ARG C 42 52.35 20.77 24.81
CA ARG C 42 51.25 20.49 25.74
C ARG C 42 51.07 19.00 26.01
N ASN C 43 51.87 18.14 25.36
CA ASN C 43 51.63 16.71 25.30
C ASN C 43 52.47 15.99 26.35
N ASN C 44 51.93 14.87 26.85
CA ASN C 44 52.52 14.16 27.98
C ASN C 44 53.05 12.78 27.61
N ARG C 45 52.15 11.81 27.55
CA ARG C 45 52.41 10.53 26.90
C ARG C 45 51.76 10.53 25.52
N GLY C 46 52.11 11.59 24.79
CA GLY C 46 51.53 11.98 23.52
C GLY C 46 50.22 12.71 23.67
N ARG C 47 49.72 12.81 24.90
CA ARG C 47 48.35 13.22 25.20
C ARG C 47 48.32 14.60 25.82
N ILE C 48 47.40 15.43 25.32
CA ILE C 48 47.38 16.83 25.66
C ILE C 48 47.08 17.00 27.15
N THR C 49 47.76 17.96 27.77
CA THR C 49 47.59 18.15 29.20
C THR C 49 47.38 19.61 29.54
N SER C 50 48.28 20.49 29.09
CA SER C 50 48.05 21.94 29.13
C SER C 50 47.50 22.34 27.77
N ARG C 51 46.20 22.19 27.60
CA ARG C 51 45.60 22.40 26.29
C ARG C 51 45.88 23.82 25.79
N PHE C 52 46.07 23.92 24.46
CA PHE C 52 46.22 25.19 23.72
C PHE C 52 47.66 25.67 23.67
N ILE C 53 48.62 24.75 23.66
CA ILE C 53 50.02 25.06 23.42
C ILE C 53 50.33 24.76 21.95
N GLY C 54 50.45 25.81 21.15
CA GLY C 54 50.90 25.71 19.78
C GLY C 54 52.40 25.85 19.65
N GLY C 55 52.85 26.07 18.42
CA GLY C 55 54.26 25.99 18.12
C GLY C 55 55.05 27.24 18.46
N GLY C 56 54.79 28.29 17.72
CA GLY C 56 55.51 29.54 17.86
C GLY C 56 56.90 29.47 17.31
N HIS C 57 57.69 30.46 17.70
CA HIS C 57 59.05 30.64 17.22
C HIS C 57 60.03 29.85 18.10
N LYS C 58 61.17 29.50 17.51
CA LYS C 58 62.15 28.64 18.16
C LYS C 58 62.89 29.39 19.26
N ARG C 59 63.36 28.66 20.27
CA ARG C 59 64.01 29.29 21.41
C ARG C 59 65.13 28.41 21.95
N LEU C 60 66.16 29.06 22.50
CA LEU C 60 67.17 28.38 23.31
C LEU C 60 66.98 28.78 24.77
N TYR C 61 67.41 27.91 25.68
CA TYR C 61 67.32 28.21 27.10
C TYR C 61 68.60 28.89 27.55
N ARG C 62 68.46 29.92 28.37
CA ARG C 62 69.63 30.57 28.93
C ARG C 62 69.70 30.08 30.37
N ILE C 63 70.67 29.22 30.68
CA ILE C 63 70.82 28.84 32.08
C ILE C 63 71.02 30.10 32.90
N ILE C 64 70.31 30.17 34.01
CA ILE C 64 70.37 31.34 34.85
C ILE C 64 70.67 30.83 36.25
N ASP C 65 71.69 31.40 36.87
CA ASP C 65 71.91 31.07 38.27
C ASP C 65 70.79 31.65 39.12
N PHE C 66 70.30 30.85 40.05
CA PHE C 66 69.28 31.31 40.99
C PHE C 66 69.76 31.29 42.43
N LYS C 67 70.46 30.23 42.85
CA LYS C 67 70.89 30.11 44.24
C LYS C 67 71.90 31.20 44.59
N ARG C 68 72.85 31.45 43.69
CA ARG C 68 73.82 32.55 43.77
C ARG C 68 74.72 32.40 45.00
N ARG C 69 74.52 31.33 45.77
CA ARG C 69 75.18 31.21 47.06
C ARG C 69 76.63 30.78 46.93
N ASP C 70 76.93 29.93 45.93
CA ASP C 70 78.21 29.25 45.88
C ASP C 70 79.38 30.21 45.70
N LYS C 71 79.18 31.31 44.99
CA LYS C 71 80.23 32.29 44.78
C LYS C 71 80.14 33.42 45.80
N SER C 72 79.92 33.06 47.07
CA SER C 72 79.88 34.03 48.15
C SER C 72 81.22 34.75 48.25
N GLY C 73 81.16 36.06 48.46
CA GLY C 73 82.35 36.84 48.73
C GLY C 73 83.17 37.28 47.53
N VAL C 74 82.72 37.00 46.29
CA VAL C 74 83.43 37.47 45.11
C VAL C 74 82.68 38.63 44.47
N ASN C 75 83.43 39.56 43.90
CA ASN C 75 82.86 40.65 43.13
C ASN C 75 82.45 40.18 41.73
N ALA C 76 81.48 40.89 41.16
CA ALA C 76 81.04 40.68 39.80
C ALA C 76 80.96 42.02 39.10
N LYS C 77 81.21 42.01 37.78
CA LYS C 77 81.01 43.19 36.97
C LYS C 77 79.94 42.89 35.94
N VAL C 78 78.97 43.81 35.84
CA VAL C 78 77.84 43.63 34.95
C VAL C 78 78.32 43.91 33.54
N ALA C 79 78.38 42.88 32.71
CA ALA C 79 78.64 43.11 31.30
C ALA C 79 77.34 43.51 30.63
N ALA C 80 76.95 42.80 29.60
CA ALA C 80 75.71 43.09 28.89
C ALA C 80 74.49 42.80 29.76
N ILE C 81 73.46 43.64 29.62
CA ILE C 81 72.09 43.27 29.95
C ILE C 81 71.42 42.87 28.65
N GLU C 82 70.64 41.79 28.68
CA GLU C 82 70.37 41.11 27.42
C GLU C 82 68.98 40.49 27.42
N TYR C 83 68.46 40.28 26.21
CA TYR C 83 67.14 39.75 25.96
C TYR C 83 67.06 38.25 26.27
N ASP C 84 65.88 37.80 26.67
CA ASP C 84 65.65 36.38 26.91
C ASP C 84 64.19 36.02 26.65
N PRO C 85 63.92 35.15 25.66
CA PRO C 85 62.54 34.80 25.32
C PRO C 85 61.90 33.78 26.25
N ASN C 86 62.61 33.32 27.28
CA ASN C 86 62.00 32.44 28.27
C ASN C 86 61.42 33.23 29.43
N ARG C 87 62.26 34.03 30.12
CA ARG C 87 61.83 34.70 31.34
C ARG C 87 60.85 35.83 31.06
N SER C 88 60.91 36.42 29.88
CA SER C 88 60.15 37.64 29.55
C SER C 88 60.19 38.62 30.73
N ALA C 89 61.43 39.02 31.03
CA ALA C 89 61.87 39.70 32.24
C ALA C 89 63.39 39.72 32.15
N ARG C 90 63.95 40.83 31.65
CA ARG C 90 65.27 40.82 31.04
C ARG C 90 66.34 40.29 31.99
N ILE C 91 67.30 39.56 31.42
CA ILE C 91 68.41 38.99 32.19
C ILE C 91 69.67 39.84 32.02
N ALA C 92 70.69 39.56 32.83
CA ALA C 92 71.90 40.39 32.86
C ALA C 92 73.14 39.51 33.01
N LEU C 93 73.94 39.44 31.95
CA LEU C 93 75.24 38.75 32.03
C LEU C 93 76.17 39.47 32.98
N LEU C 94 77.01 38.69 33.66
CA LEU C 94 78.01 39.28 34.53
C LEU C 94 79.23 38.37 34.63
N HIS C 95 80.39 39.01 34.79
CA HIS C 95 81.69 38.35 34.92
C HIS C 95 82.16 38.48 36.36
N TYR C 96 82.62 37.37 36.93
CA TYR C 96 83.27 37.36 38.23
C TYR C 96 84.77 37.59 38.07
N ALA C 97 85.37 38.25 39.06
CA ALA C 97 86.81 38.12 39.23
C ALA C 97 87.10 36.68 39.60
N ASP C 98 88.05 36.07 38.89
CA ASP C 98 88.33 34.64 38.67
C ASP C 98 87.66 34.14 37.39
N GLY C 99 86.85 34.97 36.72
CA GLY C 99 86.52 34.76 35.33
C GLY C 99 85.34 33.87 35.00
N GLU C 100 84.65 33.29 36.00
CA GLU C 100 83.44 32.54 35.68
C GLU C 100 82.31 33.48 35.28
N LYS C 101 81.55 33.07 34.26
CA LYS C 101 80.44 33.86 33.73
C LYS C 101 79.14 33.14 34.04
N ARG C 102 78.17 33.85 34.59
CA ARG C 102 76.82 33.32 34.76
C ARG C 102 75.82 34.46 34.65
N TYR C 103 74.66 34.16 34.07
CA TYR C 103 73.60 35.13 33.97
C TYR C 103 72.88 35.29 35.30
N ILE C 104 72.27 36.46 35.49
CA ILE C 104 71.41 36.77 36.63
C ILE C 104 70.24 37.61 36.14
N LEU C 105 69.11 37.50 36.84
CA LEU C 105 67.97 38.34 36.52
C LEU C 105 68.34 39.82 36.66
N ALA C 106 67.80 40.65 35.77
CA ALA C 106 68.17 42.06 35.76
C ALA C 106 67.24 42.83 36.68
N PRO C 107 67.75 43.43 37.76
CA PRO C 107 66.93 44.34 38.56
C PRO C 107 66.56 45.61 37.81
N GLU C 108 65.40 46.14 38.15
CA GLU C 108 65.04 47.47 37.70
C GLU C 108 66.11 48.46 38.15
N GLY C 109 66.52 49.33 37.22
CA GLY C 109 67.47 50.38 37.54
C GLY C 109 68.93 50.00 37.59
N LEU C 110 69.31 48.83 37.05
CA LEU C 110 70.71 48.42 37.05
C LEU C 110 71.31 48.69 35.67
N THR C 111 72.49 49.33 35.65
CA THR C 111 73.19 49.69 34.42
C THR C 111 74.35 48.73 34.16
N VAL C 112 74.85 48.78 32.92
CA VAL C 112 76.03 48.01 32.57
C VAL C 112 77.24 48.50 33.35
N GLY C 113 78.12 47.57 33.71
CA GLY C 113 79.36 47.89 34.39
C GLY C 113 79.28 47.97 35.90
N ALA C 114 78.09 47.77 36.48
CA ALA C 114 77.91 47.98 37.91
C ALA C 114 78.51 46.84 38.72
N THR C 115 78.90 47.17 39.96
CA THR C 115 79.40 46.14 40.86
C THR C 115 78.25 45.27 41.37
N VAL C 116 78.56 43.99 41.56
CA VAL C 116 77.60 43.03 42.12
C VAL C 116 78.36 42.14 43.10
N ASN C 117 77.75 41.89 44.24
CA ASN C 117 78.43 41.24 45.36
C ASN C 117 77.51 40.21 45.97
N ALA C 118 78.08 39.11 46.45
CA ALA C 118 77.30 38.00 46.95
C ALA C 118 77.90 37.49 48.24
N GLY C 119 77.06 36.90 49.09
CA GLY C 119 77.51 36.36 50.35
C GLY C 119 76.69 36.84 51.53
N PRO C 120 77.11 36.46 52.75
CA PRO C 120 76.31 36.77 53.94
C PRO C 120 76.42 38.23 54.40
N GLU C 121 77.64 38.75 54.52
CA GLU C 121 77.76 40.07 55.10
C GLU C 121 77.58 41.20 54.11
N ALA C 122 77.33 40.89 52.83
CA ALA C 122 77.35 41.91 51.77
C ALA C 122 76.34 43.01 52.05
N GLU C 123 76.66 44.23 51.59
CA GLU C 123 75.81 45.37 51.86
C GLU C 123 74.56 45.36 50.99
N PRO C 124 73.45 45.91 51.50
CA PRO C 124 72.22 45.98 50.69
C PRO C 124 72.25 47.03 49.60
N LYS C 125 73.10 46.81 48.60
CA LYS C 125 73.09 47.56 47.36
C LYS C 125 72.31 46.80 46.29
N LEU C 126 72.03 47.48 45.19
CA LEU C 126 71.19 46.90 44.15
C LEU C 126 71.82 45.61 43.59
N GLY C 127 71.00 44.58 43.47
CA GLY C 127 71.46 43.34 42.87
C GLY C 127 72.48 42.55 43.64
N ASN C 128 72.39 42.53 44.98
CA ASN C 128 73.26 41.66 45.76
C ASN C 128 72.53 40.41 46.23
N ALA C 129 73.32 39.36 46.50
CA ALA C 129 72.82 38.10 47.03
C ALA C 129 72.86 38.13 48.54
N LEU C 130 71.79 38.66 49.15
CA LEU C 130 71.71 38.77 50.59
C LEU C 130 70.73 37.77 51.18
N PRO C 131 71.16 37.00 52.19
CA PRO C 131 70.20 36.24 52.99
C PRO C 131 69.26 37.16 53.76
N LEU C 132 68.03 36.68 53.97
CA LEU C 132 66.99 37.56 54.51
C LEU C 132 67.35 38.12 55.87
N ARG C 133 68.10 37.37 56.68
CA ARG C 133 68.29 37.81 58.07
C ARG C 133 69.01 39.14 58.14
N PHE C 134 69.85 39.44 57.16
CA PHE C 134 70.58 40.69 57.13
C PHE C 134 69.87 41.77 56.32
N VAL C 135 68.75 41.46 55.70
CA VAL C 135 68.02 42.46 54.90
C VAL C 135 67.42 43.51 55.83
N PRO C 136 67.62 44.79 55.57
CA PRO C 136 66.95 45.83 56.36
C PRO C 136 65.43 45.74 56.20
N VAL C 137 64.74 46.06 57.29
CA VAL C 137 63.28 45.98 57.31
C VAL C 137 62.66 46.99 56.35
N GLY C 138 61.66 46.54 55.60
CA GLY C 138 60.95 47.36 54.63
C GLY C 138 61.60 47.47 53.27
N ALA C 139 62.77 46.90 53.08
CA ALA C 139 63.39 46.91 51.76
C ALA C 139 62.60 46.01 50.80
N VAL C 140 62.58 46.42 49.53
CA VAL C 140 61.99 45.61 48.48
C VAL C 140 63.07 44.77 47.81
N VAL C 141 62.75 43.50 47.54
CA VAL C 141 63.66 42.54 46.92
C VAL C 141 62.85 41.60 46.03
N HIS C 142 63.58 40.80 45.25
CA HIS C 142 63.00 39.79 44.38
C HIS C 142 63.90 38.57 44.40
N ALA C 143 63.55 37.57 43.59
CA ALA C 143 64.33 36.34 43.43
C ALA C 143 64.63 35.72 44.79
N LEU C 144 63.70 34.91 45.28
CA LEU C 144 63.64 34.57 46.69
C LEU C 144 63.49 33.06 46.88
N GLU C 145 64.34 32.50 47.74
CA GLU C 145 64.28 31.10 48.10
C GLU C 145 63.10 30.81 49.02
N LEU C 146 62.52 29.61 48.87
CA LEU C 146 61.59 29.09 49.87
C LEU C 146 62.30 28.26 50.93
N VAL C 147 63.34 27.53 50.52
CA VAL C 147 64.23 26.85 51.44
C VAL C 147 65.65 27.28 51.08
N PRO C 148 66.56 27.48 52.03
CA PRO C 148 67.92 27.83 51.66
C PRO C 148 68.54 26.73 50.80
N GLY C 149 69.30 27.14 49.79
CA GLY C 149 69.71 26.24 48.74
C GLY C 149 68.54 25.82 47.86
N LYS C 150 68.75 25.79 46.55
CA LYS C 150 67.72 25.40 45.57
C LYS C 150 66.42 26.14 45.83
N GLY C 151 66.52 27.46 45.81
CA GLY C 151 65.35 28.30 45.89
C GLY C 151 65.53 29.52 45.00
N ALA C 152 64.41 29.95 44.44
CA ALA C 152 64.26 31.19 43.69
C ALA C 152 62.90 31.16 43.03
N GLN C 153 61.90 30.72 43.80
CA GLN C 153 60.54 30.63 43.27
C GLN C 153 59.82 31.97 43.38
N LEU C 154 60.09 32.72 44.43
CA LEU C 154 59.33 33.93 44.74
C LEU C 154 59.89 35.12 43.98
N ALA C 155 59.00 35.95 43.44
CA ALA C 155 59.35 37.19 42.74
C ALA C 155 60.39 36.97 41.66
N ARG C 156 59.96 36.62 40.45
CA ARG C 156 60.85 36.34 39.34
C ARG C 156 60.50 37.08 38.04
N SER C 157 59.27 37.55 37.89
CA SER C 157 58.81 38.12 36.63
C SER C 157 58.78 39.64 36.71
N ALA C 158 58.38 40.26 35.59
CA ALA C 158 58.63 41.69 35.37
C ALA C 158 57.98 42.55 36.44
N GLY C 159 58.81 43.32 37.16
CA GLY C 159 58.31 44.30 38.11
C GLY C 159 57.88 43.76 39.45
N THR C 160 58.07 42.48 39.69
CA THR C 160 57.61 41.89 40.94
C THR C 160 58.56 42.24 42.07
N SER C 161 57.99 42.34 43.27
CA SER C 161 58.73 42.82 44.42
C SER C 161 58.30 42.03 45.65
N VAL C 162 59.18 41.98 46.64
CA VAL C 162 58.92 41.31 47.90
C VAL C 162 59.30 42.26 49.03
N GLN C 163 58.29 42.76 49.75
CA GLN C 163 58.44 43.79 50.79
C GLN C 163 58.56 43.12 52.17
N VAL C 164 59.78 43.03 52.69
CA VAL C 164 59.99 42.35 53.97
C VAL C 164 59.29 43.11 55.08
N GLN C 165 58.71 42.38 56.01
CA GLN C 165 57.90 42.95 57.10
C GLN C 165 58.70 42.84 58.39
N GLY C 166 58.16 42.28 59.48
CA GLY C 166 58.91 42.02 60.68
C GLY C 166 59.70 40.73 60.61
N LYS C 167 60.43 40.44 61.69
CA LYS C 167 61.30 39.28 61.75
C LYS C 167 61.02 38.50 63.03
N GLU C 168 61.36 37.21 63.01
CA GLU C 168 61.15 36.37 64.19
C GLU C 168 62.39 35.57 64.58
N SER C 169 62.18 34.37 65.11
CA SER C 169 63.28 33.57 65.67
C SER C 169 64.30 33.19 64.60
N ASP C 170 63.87 33.09 63.35
CA ASP C 170 64.71 32.71 62.23
C ASP C 170 63.86 32.80 60.98
N TYR C 171 62.60 33.16 61.15
CA TYR C 171 61.67 33.38 60.05
C TYR C 171 61.39 34.86 59.89
N VAL C 172 61.36 35.29 58.63
CA VAL C 172 61.07 36.66 58.23
C VAL C 172 59.69 36.67 57.58
N ILE C 173 58.97 37.77 57.71
CA ILE C 173 57.72 37.97 57.00
C ILE C 173 58.00 38.78 55.75
N VAL C 174 57.27 38.51 54.66
CA VAL C 174 57.45 39.20 53.40
C VAL C 174 56.10 39.36 52.71
N ARG C 175 56.01 40.33 51.81
CA ARG C 175 54.79 40.55 51.03
C ARG C 175 55.05 40.08 49.60
N LEU C 176 54.39 39.01 49.22
CA LEU C 176 54.51 38.45 47.89
C LEU C 176 53.73 39.27 46.87
N PRO C 177 54.06 39.15 45.58
CA PRO C 177 53.35 39.94 44.56
C PRO C 177 51.85 39.75 44.56
N SER C 178 51.39 38.56 44.90
CA SER C 178 49.96 38.24 44.91
C SER C 178 49.23 38.87 46.07
N GLY C 179 49.93 39.56 46.98
CA GLY C 179 49.32 40.13 48.16
C GLY C 179 49.23 39.20 49.35
N GLU C 180 49.72 37.97 49.23
CA GLU C 180 49.87 37.09 50.38
C GLU C 180 51.01 37.54 51.28
N LEU C 181 50.88 37.27 52.57
CA LEU C 181 52.03 37.36 53.46
C LEU C 181 52.39 35.95 53.93
N ARG C 182 53.68 35.73 54.14
CA ARG C 182 54.26 34.39 54.21
C ARG C 182 55.50 34.44 55.08
N ARG C 183 55.79 33.35 55.77
CA ARG C 183 57.08 33.24 56.44
C ARG C 183 58.15 32.63 55.53
N VAL C 184 59.40 32.93 55.83
CA VAL C 184 60.52 32.37 55.08
C VAL C 184 61.76 32.38 55.98
N HIS C 185 62.53 31.30 55.89
CA HIS C 185 63.68 31.10 56.77
C HIS C 185 64.75 32.15 56.45
N SER C 186 65.42 32.63 57.49
CA SER C 186 66.22 33.84 57.38
C SER C 186 67.52 33.66 56.59
N GLU C 187 67.94 32.43 56.30
CA GLU C 187 69.11 32.17 55.45
C GLU C 187 68.74 31.97 53.98
N CYS C 188 67.48 32.14 53.61
CA CYS C 188 67.13 32.23 52.21
C CYS C 188 67.74 33.48 51.60
N TYR C 189 68.35 33.33 50.41
CA TYR C 189 68.86 34.51 49.73
C TYR C 189 67.72 35.30 49.07
N ALA C 190 68.00 36.59 48.84
CA ALA C 190 67.14 37.47 48.07
C ALA C 190 68.02 38.41 47.23
N THR C 191 67.38 39.16 46.35
CA THR C 191 68.08 40.10 45.48
C THR C 191 67.46 41.48 45.63
N ILE C 192 68.30 42.47 45.98
CA ILE C 192 67.79 43.80 46.29
C ILE C 192 67.08 44.39 45.08
N GLY C 193 65.95 45.06 45.35
CA GLY C 193 65.21 45.75 44.33
C GLY C 193 64.15 44.89 43.67
N ALA C 194 63.24 45.56 42.97
CA ALA C 194 62.23 44.91 42.16
C ALA C 194 62.82 44.42 40.86
N VAL C 195 62.03 43.67 40.11
CA VAL C 195 62.48 43.11 38.84
C VAL C 195 62.52 44.18 37.76
N GLY C 196 63.43 44.00 36.80
CA GLY C 196 63.54 44.87 35.65
C GLY C 196 62.49 44.56 34.61
N ASN C 197 62.60 45.25 33.48
CA ASN C 197 61.52 45.30 32.48
C ASN C 197 60.21 45.65 33.15
N ALA C 198 60.27 46.66 34.01
CA ALA C 198 59.24 46.84 35.03
C ALA C 198 57.85 46.96 34.42
N GLU C 199 57.74 47.33 33.16
CA GLU C 199 56.44 47.51 32.53
C GLU C 199 56.37 46.66 31.26
N HIS C 200 56.46 45.35 31.47
CA HIS C 200 56.06 44.38 30.45
C HIS C 200 54.56 44.47 30.15
N LYS C 201 53.77 44.83 31.15
CA LYS C 201 52.31 44.65 31.12
C LYS C 201 51.64 45.42 29.99
N ASN C 202 52.17 46.58 29.63
CA ASN C 202 51.47 47.51 28.74
C ASN C 202 51.90 47.37 27.28
N ILE C 203 52.70 46.34 26.97
CA ILE C 203 52.82 45.88 25.59
C ILE C 203 51.44 45.47 25.08
N VAL C 204 51.13 45.83 23.85
CA VAL C 204 49.83 45.49 23.26
C VAL C 204 50.08 44.53 22.10
N LEU C 205 49.56 43.30 22.23
CA LEU C 205 49.86 42.26 21.24
C LEU C 205 49.34 42.64 19.85
N GLY C 206 48.22 43.32 19.77
CA GLY C 206 47.86 43.96 18.51
C GLY C 206 47.08 43.12 17.52
N LYS C 207 47.64 42.01 17.07
CA LYS C 207 46.94 41.14 16.13
C LYS C 207 47.02 39.72 16.62
N ALA C 208 46.06 38.93 16.16
CA ALA C 208 46.10 37.51 16.48
C ALA C 208 47.42 36.97 15.98
N GLY C 209 47.98 36.02 16.70
CA GLY C 209 49.14 35.39 16.16
C GLY C 209 50.40 36.19 16.35
N ARG C 210 50.29 37.41 16.85
CA ARG C 210 51.35 37.89 17.71
C ARG C 210 51.43 36.96 18.90
N SER C 211 50.30 36.46 19.32
CA SER C 211 50.29 35.39 20.31
C SER C 211 50.90 34.12 19.75
N ARG C 212 50.67 33.82 18.47
CA ARG C 212 51.22 32.60 17.91
C ARG C 212 52.73 32.68 17.91
N TRP C 213 53.29 33.85 17.68
CA TRP C 213 54.73 33.99 17.77
C TRP C 213 55.20 33.61 19.17
N LEU C 214 54.33 33.82 20.17
CA LEU C 214 54.59 33.38 21.52
C LEU C 214 54.18 31.92 21.76
N GLY C 215 53.66 31.25 20.74
CA GLY C 215 53.37 29.84 20.85
C GLY C 215 52.06 29.48 21.51
N ARG C 216 51.19 30.45 21.81
CA ARG C 216 49.89 30.14 22.39
C ARG C 216 48.84 30.08 21.28
N LYS C 217 48.27 28.88 21.09
CA LYS C 217 47.30 28.51 20.07
C LYS C 217 45.91 29.06 20.41
N PRO C 218 45.02 29.14 19.41
CA PRO C 218 43.70 29.72 19.68
C PRO C 218 42.94 28.93 20.73
N HIS C 219 42.26 29.67 21.60
CA HIS C 219 41.71 29.16 22.85
C HIS C 219 40.19 29.04 22.71
N GLN C 220 39.73 27.83 22.44
CA GLN C 220 38.32 27.61 22.12
C GLN C 220 37.44 27.85 23.33
N ARG C 221 36.27 28.48 23.11
CA ARG C 221 35.25 28.60 24.16
C ARG C 221 34.41 27.34 24.23
N GLY C 222 33.90 27.06 25.43
CA GLY C 222 33.02 25.94 25.55
C GLY C 222 31.81 26.16 24.66
N SER C 223 31.13 27.30 24.80
CA SER C 223 29.76 27.41 24.30
C SER C 223 29.67 27.15 22.82
N ALA C 224 30.79 27.24 22.12
CA ALA C 224 30.86 26.88 20.72
C ALA C 224 30.97 25.37 20.51
N MET C 225 31.35 24.63 21.54
CA MET C 225 31.46 23.18 21.46
C MET C 225 30.08 22.52 21.48
N ASN C 226 30.06 21.23 21.75
CA ASN C 226 28.92 20.34 21.68
C ASN C 226 28.77 19.64 23.02
N PRO C 227 27.57 19.16 23.34
CA PRO C 227 27.37 18.57 24.66
C PRO C 227 28.33 17.43 24.88
N VAL C 228 28.65 16.72 23.79
CA VAL C 228 29.68 15.70 23.81
C VAL C 228 31.00 16.26 24.33
N ASP C 229 31.37 17.45 23.86
CA ASP C 229 32.74 17.89 24.00
C ASP C 229 32.99 18.63 25.30
N HIS C 230 32.04 19.46 25.74
CA HIS C 230 32.21 20.29 26.93
C HIS C 230 30.85 20.49 27.57
N PRO C 231 30.79 20.69 28.90
CA PRO C 231 29.49 20.87 29.58
C PRO C 231 28.68 22.05 29.07
N HIS C 232 29.33 23.13 28.69
CA HIS C 232 28.64 24.23 28.02
C HIS C 232 28.44 23.79 26.57
N GLY C 233 27.61 22.75 26.40
CA GLY C 233 27.31 22.20 25.09
C GLY C 233 26.24 23.02 24.40
N GLY C 234 25.80 22.52 23.25
CA GLY C 234 25.00 23.33 22.34
C GLY C 234 23.58 23.72 22.74
N GLY C 235 22.67 23.71 21.77
CA GLY C 235 21.27 24.04 22.00
C GLY C 235 20.82 25.30 21.29
N GLU C 236 20.66 25.21 19.98
CA GLU C 236 19.98 26.23 19.18
C GLU C 236 20.63 27.61 19.10
N GLY C 237 21.00 28.17 20.24
CA GLY C 237 21.47 29.55 20.25
C GLY C 237 22.74 29.75 21.04
N ARG C 238 22.62 30.34 22.24
CA ARG C 238 23.73 30.76 23.08
C ARG C 238 23.21 30.90 24.52
N THR C 239 23.97 30.45 25.54
CA THR C 239 23.65 30.67 26.98
C THR C 239 24.69 30.23 28.03
N GLY C 240 24.21 29.84 29.25
CA GLY C 240 24.95 29.18 30.32
C GLY C 240 24.19 27.96 30.86
N ALA C 241 24.20 27.81 32.21
CA ALA C 241 23.32 27.03 33.13
C ALA C 241 24.07 26.13 34.13
N GLY C 242 24.69 26.73 35.16
CA GLY C 242 25.57 26.00 36.06
C GLY C 242 26.94 26.63 36.27
N ARG C 243 27.61 27.01 35.15
CA ARG C 243 28.93 27.66 35.06
C ARG C 243 30.10 26.80 35.55
N VAL C 244 30.63 25.92 34.71
CA VAL C 244 31.59 24.87 35.11
C VAL C 244 32.75 24.82 34.12
N PRO C 245 33.96 24.25 34.55
CA PRO C 245 35.09 24.07 33.62
C PRO C 245 34.91 22.96 32.62
N VAL C 246 36.04 22.56 32.02
CA VAL C 246 36.19 21.51 31.02
C VAL C 246 35.58 20.22 31.54
N THR C 247 36.38 19.49 32.28
CA THR C 247 35.87 18.63 33.30
C THR C 247 35.25 19.51 34.39
N PRO C 248 34.19 19.03 35.05
CA PRO C 248 33.33 19.93 35.86
C PRO C 248 33.96 20.42 37.17
N TRP C 249 33.42 21.54 37.63
CA TRP C 249 33.58 22.09 38.97
C TRP C 249 33.08 23.53 38.95
N GLY C 250 33.38 24.31 39.96
CA GLY C 250 33.37 25.74 39.79
C GLY C 250 34.67 26.18 39.14
N LYS C 251 34.71 27.46 38.79
CA LYS C 251 35.93 28.19 38.44
C LYS C 251 35.67 29.68 38.61
N PRO C 252 34.40 30.13 38.92
CA PRO C 252 34.27 31.40 39.63
C PRO C 252 34.08 31.08 41.10
N THR C 253 35.09 31.42 41.87
CA THR C 253 35.13 31.28 43.32
C THR C 253 34.79 29.84 43.72
N LYS C 254 35.82 28.98 43.77
CA LYS C 254 35.75 27.69 44.44
C LYS C 254 37.16 27.40 44.95
N GLY C 255 37.47 27.86 46.16
CA GLY C 255 38.80 27.69 46.72
C GLY C 255 39.39 26.32 46.43
N LEU C 256 40.54 26.28 45.75
CA LEU C 256 41.08 25.02 45.26
C LEU C 256 42.31 24.53 46.02
N LYS C 257 42.73 25.19 47.08
CA LYS C 257 43.86 24.66 47.83
C LYS C 257 43.45 23.42 48.61
N THR C 258 44.42 22.55 48.87
CA THR C 258 44.25 21.37 49.72
C THR C 258 44.51 21.73 51.19
N ARG C 259 44.20 20.78 52.08
CA ARG C 259 44.27 20.98 53.52
C ARG C 259 45.52 20.27 54.07
N ARG C 260 46.59 21.03 54.30
CA ARG C 260 47.94 20.50 54.29
C ARG C 260 48.80 21.21 55.32
N LYS C 261 50.07 20.82 55.36
CA LYS C 261 51.11 21.52 56.09
C LYS C 261 51.52 22.78 55.33
N ARG C 262 52.39 23.58 55.93
CA ARG C 262 52.92 24.81 55.33
C ARG C 262 51.83 25.85 55.09
N LYS C 263 50.57 25.48 55.34
CA LYS C 263 49.56 26.50 55.56
C LYS C 263 49.83 27.26 56.85
N THR C 264 50.50 26.60 57.81
CA THR C 264 50.97 27.28 59.01
C THR C 264 52.15 28.21 58.74
N SER C 265 52.91 27.99 57.66
CA SER C 265 53.95 28.94 57.27
C SER C 265 53.41 30.10 56.45
N ASP C 266 52.23 29.97 55.85
CA ASP C 266 51.53 31.06 55.17
C ASP C 266 50.64 31.82 56.13
N ARG C 267 51.08 31.93 57.39
CA ARG C 267 50.20 32.23 58.52
C ARG C 267 49.63 33.65 58.51
N PHE C 268 50.31 34.61 57.89
CA PHE C 268 49.69 35.90 57.71
C PHE C 268 48.66 35.81 56.59
N ILE C 269 47.65 36.69 56.65
CA ILE C 269 46.46 36.54 55.81
C ILE C 269 46.80 36.68 54.31
N VAL C 270 45.98 36.04 53.48
CA VAL C 270 46.24 35.93 52.05
C VAL C 270 44.97 36.21 51.25
N THR C 271 44.92 37.37 50.60
CA THR C 271 44.16 37.45 49.36
C THR C 271 44.99 36.80 48.26
N ARG C 272 44.30 36.17 47.30
CA ARG C 272 44.94 35.41 46.22
C ARG C 272 43.94 34.95 45.16
N MET D 1 -12.31 26.34 -62.05
CA MET D 1 -12.47 25.80 -63.41
C MET D 1 -11.23 26.06 -64.30
N LYS D 2 -11.00 27.32 -64.69
CA LYS D 2 -9.88 27.61 -65.57
C LYS D 2 -8.57 27.34 -64.82
N GLY D 3 -7.62 26.72 -65.52
CA GLY D 3 -6.31 26.38 -64.97
C GLY D 3 -5.31 26.09 -66.07
N ILE D 4 -4.04 26.06 -65.65
CA ILE D 4 -2.91 25.74 -66.51
C ILE D 4 -1.70 25.43 -65.63
N LEU D 5 -0.67 24.80 -66.19
CA LEU D 5 0.52 24.40 -65.48
C LEU D 5 1.72 25.22 -65.91
N GLY D 6 2.71 25.31 -65.03
CA GLY D 6 3.89 26.09 -65.37
C GLY D 6 5.02 25.87 -64.39
N THR D 7 6.13 26.52 -64.68
CA THR D 7 7.36 26.44 -63.90
C THR D 7 7.61 27.76 -63.20
N LYS D 8 8.16 27.71 -61.98
CA LYS D 8 8.42 28.92 -61.22
C LYS D 8 9.80 29.43 -61.60
N ILE D 9 9.84 30.58 -62.29
CA ILE D 9 11.07 31.10 -62.85
C ILE D 9 11.82 31.95 -61.85
N GLY D 10 11.12 32.77 -61.09
CA GLY D 10 11.79 33.62 -60.12
C GLY D 10 10.95 34.81 -59.73
N MET D 11 11.52 35.61 -58.85
CA MET D 11 10.81 36.69 -58.20
C MET D 11 11.62 37.98 -58.36
N THR D 12 11.02 39.04 -58.93
CA THR D 12 11.81 40.26 -59.12
C THR D 12 11.04 41.51 -58.69
N GLN D 13 11.53 42.70 -59.04
CA GLN D 13 10.87 43.97 -58.71
C GLN D 13 10.32 44.63 -59.96
N ILE D 14 9.22 45.35 -59.82
CA ILE D 14 8.55 45.91 -60.98
C ILE D 14 7.67 47.04 -60.49
N TRP D 15 7.58 48.11 -61.27
CA TRP D 15 6.73 49.25 -60.95
C TRP D 15 5.49 49.28 -61.81
N LYS D 16 4.40 49.73 -61.20
CA LYS D 16 3.12 49.84 -61.87
C LYS D 16 2.47 51.11 -61.31
N ASN D 17 2.36 52.14 -62.14
CA ASN D 17 1.79 53.39 -61.66
C ASN D 17 2.53 53.89 -60.43
N ASP D 18 3.83 53.68 -60.42
CA ASP D 18 4.76 54.22 -59.43
C ASP D 18 4.65 53.54 -58.08
N ARG D 19 4.26 52.28 -58.03
CA ARG D 19 4.39 51.60 -56.76
C ARG D 19 5.05 50.25 -56.98
N ALA D 20 6.19 50.07 -56.30
CA ALA D 20 6.93 48.82 -56.38
C ALA D 20 6.03 47.68 -55.95
N ILE D 21 6.11 46.59 -56.69
CA ILE D 21 5.24 45.45 -56.44
C ILE D 21 6.00 44.18 -56.74
N PRO D 22 6.41 43.42 -55.72
CA PRO D 22 7.16 42.19 -55.99
C PRO D 22 6.29 41.21 -56.78
N VAL D 23 6.92 40.50 -57.71
CA VAL D 23 6.22 39.58 -58.60
C VAL D 23 6.99 38.28 -58.69
N THR D 24 6.27 37.19 -58.67
CA THR D 24 6.82 35.92 -59.10
C THR D 24 6.52 35.73 -60.57
N VAL D 25 7.54 35.31 -61.32
CA VAL D 25 7.40 35.06 -62.75
C VAL D 25 7.18 33.57 -62.94
N VAL D 26 6.19 33.24 -63.76
CA VAL D 26 5.86 31.85 -64.02
C VAL D 26 5.84 31.65 -65.51
N LEU D 27 6.45 30.57 -65.96
CA LEU D 27 6.31 30.12 -67.34
C LEU D 27 5.08 29.23 -67.37
N ALA D 28 4.01 29.70 -68.01
CA ALA D 28 2.82 28.89 -68.21
C ALA D 28 2.84 28.46 -69.67
N GLY D 29 3.65 27.43 -69.93
CA GLY D 29 3.98 26.98 -71.26
C GLY D 29 2.75 26.33 -71.86
N PRO D 30 2.77 26.09 -73.17
CA PRO D 30 1.60 25.48 -73.80
C PRO D 30 1.31 24.13 -73.19
N CYS D 31 0.04 23.83 -73.01
CA CYS D 31 -0.38 22.58 -72.40
C CYS D 31 -1.26 21.81 -73.36
N PRO D 32 -0.77 20.69 -73.89
CA PRO D 32 -1.62 19.82 -74.71
C PRO D 32 -2.78 19.22 -73.93
N ILE D 33 -3.90 19.06 -74.63
CA ILE D 33 -5.06 18.36 -74.11
C ILE D 33 -4.84 16.89 -74.44
N VAL D 34 -4.42 16.10 -73.45
CA VAL D 34 -4.17 14.67 -73.67
C VAL D 34 -5.48 13.92 -73.52
N GLN D 35 -5.79 13.47 -72.31
CA GLN D 35 -7.04 12.75 -72.08
C GLN D 35 -8.14 13.72 -71.67
N ARG D 36 -9.36 13.39 -72.10
CA ARG D 36 -10.51 14.26 -71.94
C ARG D 36 -11.61 13.38 -71.34
N LYS D 37 -11.99 13.65 -70.10
CA LYS D 37 -12.79 12.71 -69.31
C LYS D 37 -14.15 13.29 -68.95
N THR D 38 -15.20 12.66 -69.45
CA THR D 38 -16.57 13.04 -69.19
C THR D 38 -17.18 12.16 -68.11
N ALA D 39 -18.22 12.69 -67.47
CA ALA D 39 -18.97 11.88 -66.52
C ALA D 39 -19.60 10.69 -67.22
N GLN D 40 -20.01 10.87 -68.48
CA GLN D 40 -20.71 9.82 -69.21
C GLN D 40 -19.85 8.56 -69.38
N THR D 41 -18.53 8.74 -69.46
CA THR D 41 -17.58 7.64 -69.66
C THR D 41 -16.74 7.34 -68.45
N ASP D 42 -16.30 8.37 -67.72
CA ASP D 42 -15.36 8.22 -66.63
C ASP D 42 -15.94 8.59 -65.27
N GLY D 43 -17.23 8.94 -65.23
CA GLY D 43 -17.93 9.12 -63.97
C GLY D 43 -17.74 10.46 -63.32
N TYR D 44 -16.97 11.35 -63.92
CA TYR D 44 -16.82 12.72 -63.45
C TYR D 44 -16.23 13.56 -64.57
N GLU D 45 -16.37 14.88 -64.44
CA GLU D 45 -15.94 15.83 -65.47
C GLU D 45 -14.59 16.45 -65.13
N ALA D 46 -13.63 16.31 -66.04
CA ALA D 46 -12.28 16.84 -65.90
C ALA D 46 -11.55 16.72 -67.24
N VAL D 47 -10.37 17.32 -67.32
CA VAL D 47 -9.50 17.27 -68.49
C VAL D 47 -8.05 17.11 -68.04
N GLN D 48 -7.36 16.14 -68.63
CA GLN D 48 -5.94 15.88 -68.43
C GLN D 48 -5.11 16.74 -69.36
N ILE D 49 -3.91 17.09 -68.93
CA ILE D 49 -3.13 18.13 -69.58
C ILE D 49 -1.68 18.01 -69.14
N GLY D 50 -0.74 18.30 -70.05
CA GLY D 50 0.65 17.97 -69.82
C GLY D 50 1.58 19.15 -69.97
N TYR D 51 2.80 19.01 -69.41
CA TYR D 51 3.68 20.18 -69.44
C TYR D 51 5.10 19.98 -70.03
N ALA D 52 6.08 19.57 -69.23
CA ALA D 52 7.47 19.66 -69.72
C ALA D 52 7.71 18.65 -70.84
N PRO D 53 8.26 19.07 -71.98
CA PRO D 53 8.55 18.11 -73.05
C PRO D 53 9.65 17.13 -72.67
N LYS D 54 9.56 15.93 -73.27
CA LYS D 54 10.37 14.78 -72.87
C LYS D 54 10.68 13.97 -74.11
N ALA D 55 11.97 13.71 -74.34
CA ALA D 55 12.42 13.05 -75.57
C ALA D 55 12.02 11.57 -75.60
N GLU D 56 11.57 11.10 -76.77
CA GLU D 56 10.84 9.84 -76.79
C GLU D 56 11.68 8.62 -76.51
N ARG D 57 13.01 8.72 -76.54
CA ARG D 57 13.81 7.59 -76.06
C ARG D 57 13.55 7.36 -74.57
N LYS D 58 13.17 8.42 -73.84
CA LYS D 58 12.97 8.40 -72.40
C LYS D 58 11.57 7.93 -71.99
N VAL D 59 10.73 7.50 -72.95
CA VAL D 59 9.30 7.30 -72.74
C VAL D 59 8.95 5.81 -72.71
N ASN D 60 8.09 5.41 -71.74
CA ASN D 60 7.52 4.07 -71.70
C ASN D 60 6.67 3.78 -72.91
N LYS D 61 6.70 2.54 -73.38
CA LYS D 61 5.76 2.17 -74.43
C LYS D 61 4.31 2.44 -74.04
N PRO D 62 3.84 2.09 -72.83
CA PRO D 62 2.46 2.46 -72.47
C PRO D 62 2.22 3.94 -72.50
N MET D 63 3.19 4.75 -72.04
CA MET D 63 2.95 6.18 -72.06
C MET D 63 2.95 6.71 -73.48
N GLN D 64 3.73 6.07 -74.36
CA GLN D 64 3.70 6.44 -75.76
C GLN D 64 2.34 6.18 -76.34
N GLY D 65 1.72 5.06 -75.97
CA GLY D 65 0.37 4.80 -76.46
C GLY D 65 -0.65 5.78 -75.92
N HIS D 66 -0.48 6.18 -74.65
CA HIS D 66 -1.41 7.15 -74.08
C HIS D 66 -1.32 8.50 -74.79
N PHE D 67 -0.09 9.00 -75.02
CA PHE D 67 0.02 10.26 -75.76
C PHE D 67 -0.36 10.08 -77.22
N ALA D 68 -0.09 8.93 -77.81
CA ALA D 68 -0.41 8.72 -79.21
C ALA D 68 -1.90 8.66 -79.46
N LYS D 69 -2.68 8.26 -78.45
CA LYS D 69 -4.13 8.20 -78.62
C LYS D 69 -4.70 9.56 -78.98
N ALA D 70 -4.12 10.63 -78.42
CA ALA D 70 -4.57 12.00 -78.70
C ALA D 70 -3.76 12.67 -79.80
N GLY D 71 -2.48 12.32 -79.96
CA GLY D 71 -1.64 12.97 -80.93
C GLY D 71 -0.85 14.11 -80.33
N VAL D 72 -0.01 13.80 -79.37
CA VAL D 72 0.71 14.79 -78.60
C VAL D 72 2.14 14.33 -78.37
N ALA D 73 3.11 15.18 -78.71
CA ALA D 73 4.49 14.84 -78.41
C ALA D 73 4.64 14.70 -76.90
N PRO D 74 5.22 13.60 -76.43
CA PRO D 74 5.04 13.23 -75.01
C PRO D 74 5.63 14.27 -74.06
N THR D 75 4.93 14.47 -72.95
CA THR D 75 5.26 15.45 -71.93
C THR D 75 5.65 14.77 -70.62
N ARG D 76 6.59 15.38 -69.92
CA ARG D 76 7.10 14.79 -68.69
C ARG D 76 6.05 14.71 -67.60
N ILE D 77 5.06 15.60 -67.61
CA ILE D 77 4.14 15.78 -66.49
C ILE D 77 2.69 15.83 -67.00
N LEU D 78 1.77 15.24 -66.24
CA LEU D 78 0.34 15.25 -66.52
C LEU D 78 -0.48 15.60 -65.27
N ARG D 79 -1.57 16.37 -65.45
CA ARG D 79 -2.49 16.75 -64.38
C ARG D 79 -3.90 16.85 -64.93
N GLU D 80 -4.86 16.88 -63.99
CA GLU D 80 -6.27 16.99 -64.32
C GLU D 80 -6.86 18.23 -63.66
N PHE D 81 -7.82 18.84 -64.36
CA PHE D 81 -8.55 20.01 -63.87
C PHE D 81 -10.04 19.71 -63.95
N ARG D 82 -10.68 19.58 -62.80
CA ARG D 82 -12.12 19.33 -62.80
C ARG D 82 -12.87 20.55 -63.32
N GLY D 83 -13.89 20.28 -64.14
CA GLY D 83 -14.81 21.28 -64.63
C GLY D 83 -14.30 22.05 -65.82
N PHE D 84 -13.02 21.94 -66.13
CA PHE D 84 -12.41 22.71 -67.20
C PHE D 84 -12.55 21.91 -68.50
N ALA D 85 -13.31 22.45 -69.45
CA ALA D 85 -13.69 21.69 -70.65
C ALA D 85 -13.33 22.49 -71.89
N PRO D 86 -12.04 22.61 -72.19
CA PRO D 86 -11.62 23.47 -73.30
C PRO D 86 -11.70 22.76 -74.63
N ASP D 87 -10.94 23.28 -75.60
CA ASP D 87 -11.01 22.83 -76.99
C ASP D 87 -9.78 23.35 -77.75
N GLY D 88 -9.01 22.41 -78.33
CA GLY D 88 -7.72 22.72 -78.95
C GLY D 88 -6.51 22.34 -78.12
N ASP D 89 -5.94 23.33 -77.39
CA ASP D 89 -4.86 23.21 -76.42
C ASP D 89 -4.93 24.38 -75.45
N SER D 90 -4.08 24.36 -74.42
CA SER D 90 -4.23 25.32 -73.31
C SER D 90 -3.02 26.23 -73.17
N VAL D 91 -3.06 27.35 -73.87
CA VAL D 91 -2.06 28.40 -73.77
C VAL D 91 -2.36 29.29 -72.58
N ASN D 92 -1.31 29.91 -72.03
CA ASN D 92 -1.50 30.92 -70.99
C ASN D 92 -2.39 32.04 -71.47
N VAL D 93 -2.19 32.49 -72.71
CA VAL D 93 -2.73 33.77 -73.17
C VAL D 93 -4.24 33.78 -72.96
N ASP D 94 -4.94 32.91 -73.67
CA ASP D 94 -6.36 33.07 -73.89
C ASP D 94 -7.15 33.04 -72.58
N ILE D 95 -6.67 32.28 -71.59
CA ILE D 95 -7.52 32.01 -70.44
C ILE D 95 -7.24 32.88 -69.23
N PHE D 96 -6.17 33.67 -69.23
CA PHE D 96 -6.06 34.63 -68.14
C PHE D 96 -6.12 36.06 -68.66
N ALA D 97 -6.52 36.97 -67.76
CA ALA D 97 -6.57 38.40 -68.03
C ALA D 97 -5.77 39.15 -66.98
N GLU D 98 -5.24 40.31 -67.39
CA GLU D 98 -4.70 41.25 -66.42
C GLU D 98 -5.69 41.48 -65.28
N GLY D 99 -5.26 41.23 -64.04
CA GLY D 99 -6.04 41.61 -62.88
C GLY D 99 -7.08 40.62 -62.38
N GLU D 100 -7.20 39.43 -62.98
CA GLU D 100 -7.93 38.37 -62.30
C GLU D 100 -7.20 38.03 -61.02
N LYS D 101 -7.96 37.79 -59.97
CA LYS D 101 -7.42 37.01 -58.87
C LYS D 101 -7.33 35.57 -59.32
N ILE D 102 -6.28 34.87 -58.92
CA ILE D 102 -6.15 33.46 -59.27
C ILE D 102 -5.45 32.73 -58.14
N ASP D 103 -5.93 31.52 -57.83
CA ASP D 103 -5.23 30.64 -56.92
C ASP D 103 -3.97 30.03 -57.54
N ALA D 104 -2.94 29.93 -56.72
CA ALA D 104 -1.62 29.49 -57.16
C ALA D 104 -1.21 28.33 -56.27
N THR D 105 -1.21 27.13 -56.81
CA THR D 105 -0.81 25.99 -56.01
C THR D 105 0.55 25.46 -56.44
N GLY D 106 1.30 24.95 -55.47
CA GLY D 106 2.64 24.48 -55.67
C GLY D 106 3.01 23.56 -54.53
N THR D 107 4.26 23.12 -54.54
CA THR D 107 4.76 22.21 -53.53
C THR D 107 5.83 22.89 -52.70
N SER D 108 5.53 23.06 -51.42
CA SER D 108 6.41 23.75 -50.52
C SER D 108 7.83 23.21 -50.62
N LYS D 109 8.76 24.13 -50.74
CA LYS D 109 10.15 23.88 -50.45
C LYS D 109 10.27 23.16 -49.11
N GLY D 110 10.89 21.99 -49.12
CA GLY D 110 10.84 21.07 -47.99
C GLY D 110 12.07 21.13 -47.10
N LYS D 111 11.81 21.09 -45.78
CA LYS D 111 12.81 21.49 -44.81
C LYS D 111 13.23 20.36 -43.85
N GLY D 112 12.88 19.11 -44.17
CA GLY D 112 13.39 17.98 -43.41
C GLY D 112 12.69 17.73 -42.08
N THR D 113 13.38 17.02 -41.20
CA THR D 113 12.87 16.87 -39.85
C THR D 113 13.25 18.10 -39.06
N GLN D 114 12.21 18.75 -38.55
CA GLN D 114 12.32 20.00 -37.84
C GLN D 114 11.77 19.82 -36.43
N GLY D 115 12.31 20.61 -35.50
CA GLY D 115 11.85 20.61 -34.14
C GLY D 115 10.54 21.35 -33.96
N VAL D 116 10.02 21.30 -32.74
CA VAL D 116 8.73 21.91 -32.50
C VAL D 116 8.80 23.44 -32.56
N MET D 117 9.96 24.03 -32.24
CA MET D 117 10.09 25.47 -32.42
C MET D 117 9.96 25.90 -33.87
N LYS D 118 10.57 25.17 -34.81
CA LYS D 118 10.33 25.54 -36.20
C LYS D 118 9.02 25.01 -36.72
N ARG D 119 8.72 23.75 -36.47
CA ARG D 119 7.59 23.15 -37.17
C ARG D 119 6.25 23.72 -36.71
N TRP D 120 6.14 24.12 -35.41
CA TRP D 120 4.86 24.44 -34.80
C TRP D 120 4.85 25.70 -33.94
N ASN D 121 5.98 26.39 -33.85
CA ASN D 121 6.10 27.67 -33.16
C ASN D 121 6.11 27.48 -31.67
N PHE D 122 6.70 26.42 -31.14
CA PHE D 122 6.69 26.31 -29.69
C PHE D 122 7.60 27.35 -29.07
N ALA D 123 7.23 27.75 -27.86
CA ALA D 123 8.04 28.66 -27.07
C ALA D 123 9.43 28.12 -26.83
N GLY D 124 9.54 26.85 -26.48
CA GLY D 124 10.85 26.40 -26.05
C GLY D 124 11.24 27.03 -24.72
N GLY D 125 12.29 26.49 -24.13
CA GLY D 125 12.58 26.83 -22.76
C GLY D 125 13.49 28.00 -22.59
N PRO D 126 13.60 28.49 -21.36
CA PRO D 126 14.55 29.56 -21.07
C PRO D 126 15.93 29.08 -21.38
N ALA D 127 16.75 29.99 -21.91
CA ALA D 127 18.12 29.72 -22.27
C ALA D 127 19.09 29.98 -21.12
N SER D 128 18.56 30.30 -19.95
CA SER D 128 19.40 30.52 -18.80
C SER D 128 18.64 30.11 -17.55
N HIS D 129 19.09 30.61 -16.41
CA HIS D 129 18.51 30.28 -15.12
C HIS D 129 18.50 28.77 -14.95
N GLY D 130 19.65 28.17 -15.26
CA GLY D 130 19.96 26.76 -15.18
C GLY D 130 18.88 25.83 -15.71
N SER D 131 19.03 25.25 -16.89
CA SER D 131 17.90 24.43 -17.36
C SER D 131 18.12 23.58 -18.59
N LYS D 132 18.63 22.32 -18.51
CA LYS D 132 18.80 21.60 -19.79
C LYS D 132 17.43 21.25 -20.38
N LYS D 133 17.38 21.09 -21.71
CA LYS D 133 16.34 21.68 -22.61
C LYS D 133 16.49 23.21 -22.70
N TRP D 134 17.72 23.67 -23.05
CA TRP D 134 18.02 25.08 -22.98
C TRP D 134 17.31 25.77 -24.10
N HIS D 135 16.70 25.02 -25.02
CA HIS D 135 15.61 25.61 -25.79
C HIS D 135 14.99 24.41 -26.48
N ARG D 136 14.41 24.60 -27.66
CA ARG D 136 14.20 23.54 -28.65
C ARG D 136 13.19 22.42 -28.34
N ARG D 137 12.80 22.20 -27.08
CA ARG D 137 12.23 20.93 -26.64
C ARG D 137 10.78 21.10 -26.14
N PRO D 138 9.90 20.10 -26.27
CA PRO D 138 8.45 20.39 -26.28
C PRO D 138 7.79 20.65 -24.93
N GLY D 139 8.43 20.37 -23.80
CA GLY D 139 7.78 20.56 -22.50
C GLY D 139 7.10 19.29 -21.98
N SER D 140 5.88 19.45 -21.47
CA SER D 140 5.00 18.33 -21.17
C SER D 140 4.28 17.84 -22.40
N ILE D 141 3.90 16.57 -22.36
CA ILE D 141 3.16 15.95 -23.44
C ILE D 141 1.78 15.43 -23.02
N GLY D 142 1.54 15.18 -21.74
CA GLY D 142 0.21 14.76 -21.32
C GLY D 142 -0.32 15.38 -20.03
N GLN D 143 -1.33 14.75 -19.44
CA GLN D 143 -1.82 15.19 -18.16
C GLN D 143 -1.29 14.18 -17.16
N ARG D 144 -2.08 13.16 -16.75
CA ARG D 144 -1.50 12.06 -15.99
C ARG D 144 -2.36 10.80 -16.06
N LYS D 145 -2.75 10.26 -14.92
CA LYS D 145 -3.29 8.92 -14.96
C LYS D 145 -4.62 8.85 -15.72
N THR D 146 -5.42 9.91 -15.65
CA THR D 146 -6.85 9.78 -16.00
C THR D 146 -7.17 10.48 -17.32
N PRO D 147 -6.22 11.03 -17.98
CA PRO D 147 -6.27 11.00 -19.45
C PRO D 147 -5.64 9.72 -19.96
N GLY D 148 -4.47 9.39 -19.41
CA GLY D 148 -3.81 8.10 -19.55
C GLY D 148 -2.81 7.94 -20.68
N ARG D 149 -2.87 8.79 -21.71
CA ARG D 149 -2.13 8.61 -22.96
C ARG D 149 -1.62 9.96 -23.43
N VAL D 150 -1.08 10.03 -24.66
CA VAL D 150 -0.94 11.33 -25.32
C VAL D 150 -1.92 11.40 -26.48
N TYR D 151 -2.32 12.63 -26.81
CA TYR D 151 -3.48 12.88 -27.65
C TYR D 151 -3.17 12.50 -29.07
N LYS D 152 -4.17 12.06 -29.80
CA LYS D 152 -3.96 11.89 -31.23
C LYS D 152 -4.06 13.25 -31.90
N GLY D 153 -3.27 13.44 -32.97
CA GLY D 153 -3.10 14.74 -33.57
C GLY D 153 -2.13 15.63 -32.83
N LYS D 154 -1.38 15.09 -31.87
CA LYS D 154 -0.49 15.91 -31.06
C LYS D 154 0.57 16.59 -31.95
N ARG D 155 1.30 17.54 -31.40
CA ARG D 155 2.27 18.28 -32.17
C ARG D 155 3.66 18.01 -31.63
N MET D 156 4.54 17.56 -32.53
CA MET D 156 5.90 17.15 -32.19
C MET D 156 6.77 17.10 -33.45
N ALA D 157 8.06 17.03 -33.20
CA ALA D 157 9.08 17.10 -34.23
C ALA D 157 8.67 16.23 -35.41
N GLY D 158 8.91 16.71 -36.62
CA GLY D 158 8.49 15.94 -37.76
C GLY D 158 9.01 16.47 -39.08
N HIS D 159 8.49 15.92 -40.16
CA HIS D 159 8.90 16.32 -41.50
C HIS D 159 8.10 17.53 -41.91
N MET D 160 8.75 18.69 -41.81
CA MET D 160 8.19 19.99 -42.14
C MET D 160 8.41 20.33 -43.60
N GLY D 161 7.36 20.79 -44.26
CA GLY D 161 7.53 21.22 -45.64
C GLY D 161 7.42 20.07 -46.61
N MET D 162 7.70 20.36 -47.88
CA MET D 162 7.53 19.37 -48.92
C MET D 162 6.05 19.00 -49.08
N GLU D 163 5.19 19.96 -48.85
CA GLU D 163 3.75 19.76 -48.79
C GLU D 163 3.07 20.44 -49.98
N ARG D 164 1.88 19.97 -50.30
CA ARG D 164 1.04 20.72 -51.20
C ARG D 164 0.58 22.00 -50.53
N VAL D 165 0.57 23.11 -51.26
CA VAL D 165 0.11 24.39 -50.70
C VAL D 165 -0.59 25.19 -51.77
N THR D 166 -1.80 25.61 -51.50
CA THR D 166 -2.42 26.60 -52.34
C THR D 166 -2.22 27.97 -51.69
N VAL D 167 -2.15 29.02 -52.51
CA VAL D 167 -2.22 30.39 -52.02
C VAL D 167 -3.39 31.06 -52.73
N GLN D 168 -4.38 31.46 -51.94
CA GLN D 168 -5.61 32.06 -52.46
C GLN D 168 -5.41 33.47 -52.98
N ASN D 169 -6.07 33.79 -54.09
CA ASN D 169 -6.36 35.20 -54.48
C ASN D 169 -5.11 36.03 -54.74
N LEU D 170 -4.11 35.45 -55.40
CA LEU D 170 -3.01 36.23 -55.94
C LEU D 170 -3.48 36.99 -57.18
N GLU D 171 -2.90 38.19 -57.38
CA GLU D 171 -3.30 39.10 -58.46
C GLU D 171 -2.34 39.01 -59.63
N VAL D 172 -2.88 39.14 -60.84
CA VAL D 172 -2.12 38.92 -62.08
C VAL D 172 -1.61 40.27 -62.61
N VAL D 173 -0.35 40.58 -62.29
CA VAL D 173 0.22 41.89 -62.60
C VAL D 173 0.38 42.07 -64.10
N GLU D 174 0.91 41.06 -64.82
CA GLU D 174 1.14 41.20 -66.25
C GLU D 174 1.14 39.85 -66.94
N ILE D 175 0.60 39.82 -68.17
CA ILE D 175 0.69 38.67 -69.07
C ILE D 175 1.51 39.08 -70.30
N ARG D 176 2.71 38.51 -70.44
CA ARG D 176 3.43 38.62 -71.72
C ARG D 176 3.08 37.38 -72.51
N ALA D 177 2.10 37.53 -73.39
CA ALA D 177 1.37 36.41 -73.97
C ALA D 177 2.26 35.56 -74.88
N GLY D 178 3.03 36.21 -75.75
CA GLY D 178 3.77 35.49 -76.78
C GLY D 178 4.90 34.64 -76.21
N GLU D 179 5.58 35.14 -75.18
CA GLU D 179 6.68 34.41 -74.56
C GLU D 179 6.20 33.35 -73.58
N ASN D 180 4.88 33.29 -73.30
CA ASN D 180 4.31 32.37 -72.31
C ASN D 180 4.82 32.64 -70.89
N LEU D 181 4.94 33.91 -70.55
CA LEU D 181 5.28 34.36 -69.20
C LEU D 181 4.03 34.87 -68.49
N ILE D 182 4.07 34.85 -67.16
CA ILE D 182 3.00 35.51 -66.40
C ILE D 182 3.52 35.99 -65.05
N LEU D 183 3.40 37.29 -64.81
CA LEU D 183 3.78 37.87 -63.54
C LEU D 183 2.62 37.85 -62.55
N VAL D 184 2.94 37.66 -61.28
CA VAL D 184 1.86 37.43 -60.34
C VAL D 184 2.28 38.00 -58.98
N LYS D 185 1.42 38.85 -58.42
CA LYS D 185 1.82 39.62 -57.25
C LYS D 185 2.15 38.67 -56.11
N GLY D 186 3.21 38.96 -55.35
CA GLY D 186 3.54 38.16 -54.20
C GLY D 186 4.18 36.80 -54.53
N ALA D 187 4.10 35.88 -53.54
CA ALA D 187 4.98 34.71 -53.43
C ALA D 187 4.21 33.39 -53.53
N ILE D 188 4.43 32.66 -54.63
CA ILE D 188 3.90 31.33 -54.90
C ILE D 188 4.71 30.31 -54.09
N PRO D 189 4.11 29.25 -53.55
CA PRO D 189 4.89 28.24 -52.83
C PRO D 189 5.77 27.44 -53.75
N GLY D 190 6.90 27.01 -53.22
CA GLY D 190 7.75 26.15 -54.03
C GLY D 190 9.22 26.49 -54.05
N ALA D 191 9.83 26.32 -55.21
CA ALA D 191 11.23 26.65 -55.41
C ALA D 191 11.39 26.97 -56.88
N ASN D 192 12.47 27.64 -57.19
CA ASN D 192 12.66 27.96 -58.58
C ASN D 192 12.78 26.66 -59.34
N GLY D 193 12.20 26.66 -60.54
CA GLY D 193 12.19 25.47 -61.37
C GLY D 193 11.05 24.53 -61.09
N GLY D 194 10.29 24.75 -60.02
CA GLY D 194 9.28 23.81 -59.63
C GLY D 194 7.97 23.93 -60.41
N LEU D 195 7.17 22.86 -60.28
CA LEU D 195 5.82 22.82 -60.85
C LEU D 195 4.92 23.74 -60.06
N VAL D 196 4.01 24.40 -60.76
CA VAL D 196 2.97 25.25 -60.18
C VAL D 196 1.72 25.11 -61.05
N VAL D 197 0.56 25.14 -60.41
CA VAL D 197 -0.72 25.11 -61.12
C VAL D 197 -1.45 26.39 -60.82
N LEU D 198 -1.69 27.18 -61.88
CA LEU D 198 -2.47 28.40 -61.78
C LEU D 198 -3.90 28.09 -62.17
N ARG D 199 -4.84 28.66 -61.42
CA ARG D 199 -6.24 28.26 -61.47
C ARG D 199 -7.08 29.45 -61.05
N SER D 200 -8.37 29.43 -61.39
CA SER D 200 -9.33 30.47 -60.98
C SER D 200 -9.29 30.64 -59.47
N ALA D 201 -9.80 31.74 -58.93
CA ALA D 201 -9.99 31.79 -57.48
C ALA D 201 -11.03 30.76 -57.06
N ALA D 202 -10.71 29.99 -56.02
CA ALA D 202 -11.67 29.01 -55.53
C ALA D 202 -12.82 29.70 -54.84
N LYS D 203 -12.53 30.82 -54.18
CA LYS D 203 -13.53 31.63 -53.53
C LYS D 203 -13.99 32.72 -54.49
N ALA D 204 -15.30 32.85 -54.66
CA ALA D 204 -15.88 33.98 -55.39
C ALA D 204 -15.97 35.15 -54.41
N SER D 205 -14.85 35.86 -54.26
CA SER D 205 -14.75 36.95 -53.29
C SER D 205 -15.41 38.22 -53.85
N ALA D 206 -16.40 38.73 -53.10
CA ALA D 206 -17.33 39.77 -53.53
C ALA D 206 -16.66 41.16 -53.60
N MET E 1 9.80 -82.88 18.49
CA MET E 1 10.22 -83.10 19.89
C MET E 1 11.36 -84.08 20.04
N ALA E 2 12.30 -83.73 20.93
CA ALA E 2 13.22 -84.66 21.57
C ALA E 2 14.09 -85.40 20.55
N GLN E 3 14.70 -84.65 19.64
CA GLN E 3 15.30 -85.34 18.50
C GLN E 3 16.57 -86.11 18.88
N ILE E 4 16.87 -87.11 18.05
CA ILE E 4 17.96 -88.03 18.29
C ILE E 4 19.29 -87.28 18.21
N ASN E 5 20.31 -87.78 18.90
CA ASN E 5 21.57 -87.07 19.10
C ASN E 5 22.61 -87.58 18.11
N VAL E 6 23.86 -87.88 18.51
CA VAL E 6 24.79 -88.60 17.64
C VAL E 6 25.75 -89.52 18.41
N ILE E 7 27.00 -89.11 18.67
CA ILE E 7 28.05 -90.08 19.03
C ILE E 7 28.00 -90.44 20.51
N GLY E 8 28.02 -89.45 21.40
CA GLY E 8 27.98 -89.70 22.82
C GLY E 8 26.85 -90.62 23.22
N GLN E 9 25.62 -90.10 23.31
CA GLN E 9 24.44 -90.91 23.57
C GLN E 9 23.61 -91.01 22.28
N ASN E 10 22.30 -91.22 22.43
CA ASN E 10 21.28 -91.04 21.40
C ASN E 10 19.90 -90.89 22.05
N GLY E 11 19.86 -90.23 23.21
CA GLY E 11 18.62 -90.15 23.96
C GLY E 11 17.62 -89.20 23.34
N GLY E 12 16.36 -89.35 23.74
CA GLY E 12 15.40 -88.30 23.50
C GLY E 12 15.60 -87.16 24.47
N ARG E 13 15.24 -85.95 24.03
CA ARG E 13 15.19 -84.78 24.89
C ARG E 13 14.56 -83.57 24.21
N THR E 14 13.41 -83.13 24.71
CA THR E 14 12.77 -81.86 24.31
C THR E 14 12.34 -81.09 25.56
N ILE E 15 12.88 -79.90 25.75
CA ILE E 15 12.42 -79.08 26.86
C ILE E 15 11.08 -78.45 26.50
N GLU E 16 10.30 -78.10 27.53
CA GLU E 16 9.07 -77.35 27.33
C GLU E 16 9.33 -76.06 26.55
N LEU E 17 9.35 -76.13 25.23
CA LEU E 17 9.68 -74.97 24.43
C LEU E 17 8.52 -73.97 24.40
N PRO E 18 8.82 -72.66 24.39
CA PRO E 18 7.78 -71.65 24.19
C PRO E 18 7.24 -71.71 22.78
N LEU E 19 6.23 -72.54 22.60
CA LEU E 19 5.78 -72.99 21.28
C LEU E 19 4.27 -72.77 21.19
N PRO E 20 3.82 -71.52 21.13
CA PRO E 20 2.42 -71.29 20.77
C PRO E 20 2.33 -71.08 19.27
N GLU E 21 3.14 -71.83 18.50
CA GLU E 21 3.60 -71.41 17.18
C GLU E 21 4.35 -70.06 17.27
N VAL E 22 5.28 -70.01 18.25
CA VAL E 22 6.41 -69.08 18.33
C VAL E 22 6.20 -67.86 17.44
N ASN E 23 5.61 -66.79 17.99
CA ASN E 23 5.16 -65.70 17.13
C ASN E 23 6.32 -64.90 16.56
N SER E 24 6.10 -64.35 15.37
CA SER E 24 7.13 -63.49 14.81
C SER E 24 7.23 -62.16 15.56
N GLY E 25 6.26 -61.83 16.40
CA GLY E 25 6.31 -60.57 17.11
C GLY E 25 7.50 -60.43 18.04
N VAL E 26 7.58 -61.30 19.05
CA VAL E 26 8.68 -61.23 20.00
C VAL E 26 9.99 -61.46 19.29
N LEU E 27 9.97 -62.34 18.31
CA LEU E 27 11.20 -62.72 17.63
C LEU E 27 11.75 -61.52 16.85
N HIS E 28 10.86 -60.81 16.17
CA HIS E 28 11.22 -59.61 15.45
C HIS E 28 11.76 -58.53 16.39
N GLU E 29 11.11 -58.32 17.53
CA GLU E 29 11.62 -57.23 18.36
C GLU E 29 12.97 -57.56 18.96
N VAL E 30 13.26 -58.84 19.21
CA VAL E 30 14.60 -59.17 19.69
C VAL E 30 15.64 -58.95 18.58
N VAL E 31 15.31 -59.33 17.34
CA VAL E 31 16.28 -59.17 16.25
C VAL E 31 16.57 -57.69 16.02
N THR E 32 15.52 -56.87 16.03
CA THR E 32 15.68 -55.43 15.87
C THR E 32 16.54 -54.85 16.99
N TRP E 33 16.31 -55.30 18.22
CA TRP E 33 17.13 -54.82 19.33
C TRP E 33 18.60 -55.13 19.09
N GLN E 34 18.91 -56.31 18.56
CA GLN E 34 20.31 -56.67 18.43
C GLN E 34 21.00 -55.91 17.32
N LEU E 35 20.34 -55.82 16.17
CA LEU E 35 20.92 -55.04 15.08
C LEU E 35 21.04 -53.58 15.46
N ALA E 36 20.16 -53.08 16.34
CA ALA E 36 20.30 -51.72 16.86
C ALA E 36 21.45 -51.59 17.85
N SER E 37 21.56 -52.53 18.79
CA SER E 37 22.57 -52.40 19.83
C SER E 37 23.97 -52.42 19.23
N ARG E 38 24.18 -53.20 18.17
CA ARG E 38 25.52 -53.32 17.62
C ARG E 38 25.92 -52.16 16.71
N ARG E 39 24.97 -51.30 16.35
CA ARG E 39 25.23 -50.20 15.43
C ARG E 39 26.20 -49.20 16.06
N ARG E 40 27.22 -48.81 15.29
CA ARG E 40 28.10 -47.72 15.71
C ARG E 40 27.40 -46.39 15.48
N GLY E 41 27.76 -45.41 16.30
CA GLY E 41 27.20 -44.07 16.11
C GLY E 41 28.22 -43.08 15.59
N THR E 42 28.62 -43.21 14.34
CA THR E 42 29.77 -42.46 13.81
C THR E 42 29.35 -41.75 12.54
N ALA E 43 28.57 -40.67 12.69
CA ALA E 43 28.13 -39.98 11.51
C ALA E 43 28.09 -38.49 11.87
N SER E 44 29.28 -37.92 12.04
CA SER E 44 29.39 -36.49 12.25
C SER E 44 29.13 -35.75 10.94
N THR E 45 28.59 -34.55 11.12
CA THR E 45 28.32 -33.61 10.06
C THR E 45 28.49 -32.25 10.71
N ARG E 46 28.93 -31.26 9.92
CA ARG E 46 29.27 -29.94 10.44
C ARG E 46 28.03 -29.11 10.83
N THR E 47 28.08 -28.53 12.01
CA THR E 47 26.96 -27.75 12.52
C THR E 47 26.74 -26.56 11.60
N ARG E 48 25.49 -26.09 11.57
CA ARG E 48 25.25 -24.79 10.96
C ARG E 48 26.42 -23.83 11.16
N ALA E 49 26.64 -23.46 12.41
CA ALA E 49 27.71 -22.55 12.77
C ALA E 49 28.83 -23.35 13.44
N GLN E 50 29.33 -22.94 14.61
CA GLN E 50 30.76 -22.66 14.69
C GLN E 50 31.62 -23.83 14.19
N VAL E 51 31.10 -25.06 14.22
CA VAL E 51 31.86 -26.20 13.73
C VAL E 51 32.25 -25.99 12.25
N SER E 52 31.41 -25.28 11.48
CA SER E 52 31.77 -24.90 10.13
C SER E 52 32.81 -23.77 10.13
N LYS E 53 33.61 -23.69 9.07
CA LYS E 53 34.78 -22.79 9.01
C LYS E 53 34.58 -21.66 7.99
N THR E 54 34.04 -20.53 8.48
CA THR E 54 33.79 -19.32 7.69
C THR E 54 33.70 -18.15 8.70
N GLY E 55 33.21 -16.95 8.25
CA GLY E 55 33.58 -15.68 8.86
C GLY E 55 32.76 -14.91 9.90
N ARG E 56 32.02 -13.86 9.43
CA ARG E 56 31.84 -12.52 10.05
C ARG E 56 30.38 -12.00 10.08
N LYS E 57 30.22 -10.72 9.66
CA LYS E 57 29.03 -10.09 9.08
C LYS E 57 29.36 -9.67 7.66
N MET E 58 28.45 -9.90 6.73
CA MET E 58 28.84 -9.84 5.33
C MET E 58 28.79 -8.45 4.69
N TYR E 59 27.74 -7.67 4.94
CA TYR E 59 27.59 -6.38 4.25
C TYR E 59 26.36 -5.62 4.75
N GLY E 60 25.56 -5.09 3.83
CA GLY E 60 24.57 -4.12 4.24
C GLY E 60 23.21 -4.64 4.63
N GLN E 61 22.88 -4.57 5.93
CA GLN E 61 21.57 -4.99 6.41
C GLN E 61 20.46 -4.39 5.57
N LYS E 62 20.58 -3.09 5.26
CA LYS E 62 19.70 -2.42 4.32
C LYS E 62 20.50 -1.75 3.21
N GLY E 63 19.90 -1.70 2.03
CA GLY E 63 20.26 -0.72 1.03
C GLY E 63 21.15 -1.19 -0.11
N THR E 64 21.82 -2.33 0.02
CA THR E 64 22.60 -2.91 -1.08
C THR E 64 21.74 -3.33 -2.27
N GLY E 65 20.48 -3.70 -2.02
CA GLY E 65 19.59 -4.20 -3.04
C GLY E 65 19.69 -5.69 -3.26
N ASN E 66 20.77 -6.30 -2.80
CA ASN E 66 20.91 -7.73 -2.66
C ASN E 66 20.06 -8.18 -1.46
N ALA E 67 19.79 -9.48 -1.38
CA ALA E 67 18.95 -10.04 -0.32
C ALA E 67 19.66 -9.90 1.03
N ARG E 68 18.92 -10.21 2.09
CA ARG E 68 19.28 -9.76 3.43
C ARG E 68 20.62 -10.28 3.93
N HIS E 69 20.69 -11.60 4.23
CA HIS E 69 21.88 -12.39 4.55
C HIS E 69 22.78 -11.88 5.67
N GLY E 70 23.49 -12.77 6.35
CA GLY E 70 24.24 -12.36 7.52
C GLY E 70 25.66 -12.88 7.61
N ASP E 71 25.83 -14.20 7.44
CA ASP E 71 27.15 -14.82 7.34
C ASP E 71 27.11 -15.91 6.28
N ARG E 72 28.31 -16.33 5.84
CA ARG E 72 28.52 -17.38 4.82
C ARG E 72 28.35 -18.82 5.37
N SER E 73 27.89 -19.01 6.59
CA SER E 73 27.87 -20.32 7.22
C SER E 73 26.47 -20.78 7.63
N VAL E 74 25.53 -20.82 6.69
CA VAL E 74 24.16 -21.17 7.06
C VAL E 74 23.61 -22.19 6.06
N PRO E 75 22.64 -22.99 6.46
CA PRO E 75 22.05 -23.99 5.55
C PRO E 75 21.46 -23.44 4.28
N THR E 76 20.95 -22.21 4.28
CA THR E 76 20.46 -21.66 3.02
C THR E 76 21.60 -21.36 2.05
N PHE E 77 22.82 -21.24 2.57
CA PHE E 77 24.01 -21.13 1.74
C PHE E 77 24.47 -22.48 1.21
N VAL E 78 25.11 -22.44 0.06
CA VAL E 78 25.74 -23.61 -0.54
C VAL E 78 27.19 -23.62 -0.05
N GLY E 79 27.37 -23.19 1.19
CA GLY E 79 28.72 -23.09 1.71
C GLY E 79 29.00 -24.13 2.77
N GLY E 80 28.21 -24.14 3.81
CA GLY E 80 28.59 -25.00 4.90
C GLY E 80 27.73 -24.80 6.12
N GLY E 81 27.52 -25.88 6.85
CA GLY E 81 26.53 -25.86 7.89
C GLY E 81 25.32 -26.63 7.40
N VAL E 82 25.21 -27.87 7.85
CA VAL E 82 23.99 -28.63 7.68
C VAL E 82 23.11 -28.28 8.86
N ALA E 83 21.88 -27.91 8.58
CA ALA E 83 20.91 -27.63 9.64
C ALA E 83 20.09 -28.89 9.88
N PHE E 84 20.21 -29.47 11.10
CA PHE E 84 19.64 -30.79 11.44
C PHE E 84 20.37 -31.95 10.76
N GLY E 85 21.69 -31.99 10.93
CA GLY E 85 22.47 -33.07 10.40
C GLY E 85 22.61 -34.18 11.41
N PRO E 86 23.13 -35.33 10.98
CA PRO E 86 23.50 -36.36 11.96
C PRO E 86 24.60 -35.89 12.88
N LYS E 87 24.49 -36.27 14.14
CA LYS E 87 25.59 -36.10 15.06
C LYS E 87 25.82 -37.45 15.70
N PRO E 88 27.04 -37.76 16.16
CA PRO E 88 27.27 -39.09 16.76
C PRO E 88 26.35 -39.33 17.96
N ARG E 89 25.86 -40.56 18.07
CA ARG E 89 24.89 -40.93 19.10
C ARG E 89 24.89 -42.44 19.27
N SER E 90 24.27 -42.90 20.37
CA SER E 90 24.14 -44.33 20.62
C SER E 90 22.68 -44.77 20.46
N TYR E 91 22.49 -45.99 19.94
CA TYR E 91 21.15 -46.55 19.80
C TYR E 91 20.90 -47.71 20.75
N ASP E 92 21.91 -48.15 21.48
CA ASP E 92 21.77 -49.31 22.35
C ASP E 92 20.86 -48.97 23.53
N TYR E 93 20.02 -49.93 23.90
CA TYR E 93 19.08 -49.79 25.00
C TYR E 93 18.90 -51.15 25.65
N THR E 94 18.75 -51.15 26.96
CA THR E 94 18.57 -52.39 27.69
C THR E 94 17.19 -52.97 27.38
N LEU E 95 17.12 -53.96 26.47
CA LEU E 95 15.87 -54.67 26.27
C LEU E 95 15.61 -55.57 27.48
N PRO E 96 14.36 -55.71 27.92
CA PRO E 96 14.10 -56.45 29.15
C PRO E 96 14.57 -57.89 29.06
N ARG E 97 15.12 -58.39 30.18
CA ARG E 97 15.83 -59.68 30.19
C ARG E 97 14.91 -60.84 29.84
N GLN E 98 13.69 -60.81 30.37
CA GLN E 98 12.76 -61.90 30.15
C GLN E 98 12.55 -62.11 28.66
N VAL E 99 12.54 -61.01 27.91
CA VAL E 99 12.17 -61.14 26.50
C VAL E 99 13.35 -61.64 25.67
N ARG E 100 14.58 -61.36 26.06
CA ARG E 100 15.64 -61.93 25.23
C ARG E 100 15.87 -63.39 25.56
N GLN E 101 15.72 -63.80 26.82
CA GLN E 101 15.82 -65.23 27.07
C GLN E 101 14.65 -65.98 26.41
N LEU E 102 13.44 -65.40 26.45
CA LEU E 102 12.33 -65.94 25.69
C LEU E 102 12.60 -65.94 24.20
N GLY E 103 13.36 -64.96 23.73
CA GLY E 103 13.67 -64.88 22.32
C GLY E 103 14.52 -66.05 21.89
N LEU E 104 15.66 -66.29 22.55
CA LEU E 104 16.49 -67.39 22.06
C LEU E 104 15.79 -68.72 22.23
N ALA E 105 14.96 -68.87 23.28
CA ALA E 105 14.19 -70.10 23.40
C ALA E 105 13.23 -70.27 22.23
N MET E 106 12.54 -69.19 21.85
CA MET E 106 11.66 -69.24 20.69
C MET E 106 12.41 -69.51 19.41
N ALA E 107 13.64 -69.03 19.32
CA ALA E 107 14.43 -69.24 18.12
C ALA E 107 14.79 -70.70 17.99
N ILE E 108 15.31 -71.29 19.07
CA ILE E 108 15.58 -72.72 19.07
C ILE E 108 14.28 -73.46 18.80
N ALA E 109 13.18 -72.95 19.34
CA ALA E 109 11.89 -73.59 19.13
C ALA E 109 11.46 -73.53 17.68
N SER E 110 11.82 -72.46 16.96
CA SER E 110 11.33 -72.32 15.60
C SER E 110 11.93 -73.35 14.66
N ARG E 111 13.08 -73.90 15.04
CA ARG E 111 13.76 -74.95 14.29
C ARG E 111 13.25 -76.36 14.59
N GLN E 112 12.28 -76.52 15.49
CA GLN E 112 11.65 -77.80 15.71
C GLN E 112 10.46 -78.06 14.79
N GLU E 113 10.15 -77.15 13.89
CA GLU E 113 9.35 -77.53 12.73
C GLU E 113 10.13 -78.50 11.85
N GLY E 114 11.33 -78.11 11.41
CA GLY E 114 12.21 -78.93 10.59
C GLY E 114 13.62 -78.36 10.53
N GLY E 115 14.49 -78.86 11.41
CA GLY E 115 15.77 -78.25 11.63
C GLY E 115 16.31 -78.71 12.97
N LYS E 116 17.33 -77.99 13.45
CA LYS E 116 18.04 -78.32 14.70
C LYS E 116 18.58 -79.75 14.68
N LEU E 117 19.86 -79.91 14.38
CA LEU E 117 20.53 -81.21 14.45
C LEU E 117 21.19 -81.36 15.81
N VAL E 118 21.52 -82.62 16.12
CA VAL E 118 22.09 -83.11 17.37
C VAL E 118 22.72 -82.05 18.28
N ALA E 119 22.39 -82.12 19.57
CA ALA E 119 23.09 -81.32 20.57
C ALA E 119 24.33 -82.01 21.12
N VAL E 120 24.57 -83.27 20.81
CA VAL E 120 25.59 -83.98 21.55
C VAL E 120 26.90 -83.88 20.75
N ASP E 121 27.97 -84.36 21.38
CA ASP E 121 29.26 -84.61 20.75
C ASP E 121 29.18 -85.66 19.63
N GLY E 122 29.88 -85.37 18.54
CA GLY E 122 29.85 -86.18 17.32
C GLY E 122 31.08 -85.98 16.46
N PHE E 123 32.19 -85.74 17.13
CA PHE E 123 33.38 -85.21 16.50
C PHE E 123 34.32 -86.36 16.15
N ASP E 124 34.13 -86.91 14.95
CA ASP E 124 35.15 -87.71 14.28
C ASP E 124 35.76 -86.89 13.14
N ILE E 125 36.44 -85.82 13.55
CA ILE E 125 37.29 -85.04 12.66
C ILE E 125 38.75 -85.26 13.08
N ALA E 126 39.60 -85.52 12.08
CA ALA E 126 41.00 -85.86 12.34
C ALA E 126 41.74 -84.66 12.90
N ASP E 127 41.71 -84.54 14.23
CA ASP E 127 42.12 -83.40 15.06
C ASP E 127 41.41 -82.10 14.65
N ALA E 128 41.61 -81.63 13.40
CA ALA E 128 41.08 -80.36 12.94
C ALA E 128 41.41 -80.11 11.48
N LYS E 129 40.67 -80.73 10.56
CA LYS E 129 40.88 -80.44 9.14
C LYS E 129 39.55 -80.42 8.41
N THR E 130 39.41 -79.43 7.53
CA THR E 130 38.09 -79.07 7.00
C THR E 130 37.49 -80.21 6.19
N LYS E 131 38.30 -80.88 5.37
CA LYS E 131 37.74 -81.89 4.47
C LYS E 131 37.04 -82.97 5.26
N ASN E 132 37.50 -83.19 6.49
CA ASN E 132 36.98 -84.25 7.34
C ASN E 132 35.74 -83.79 8.09
N PHE E 133 35.68 -82.50 8.45
CA PHE E 133 34.42 -81.90 8.87
C PHE E 133 33.41 -81.90 7.73
N ILE E 134 33.85 -81.68 6.50
CA ILE E 134 32.90 -81.71 5.40
C ILE E 134 32.33 -83.10 5.24
N SER E 135 33.15 -84.14 5.49
CA SER E 135 32.65 -85.51 5.40
C SER E 135 31.69 -85.83 6.54
N TRP E 136 32.08 -85.48 7.77
CA TRP E 136 31.18 -85.62 8.91
C TRP E 136 29.83 -85.00 8.62
N ALA E 137 29.80 -83.73 8.21
CA ALA E 137 28.53 -83.08 7.92
C ALA E 137 27.81 -83.75 6.73
N LYS E 138 28.57 -84.24 5.76
CA LYS E 138 27.98 -84.80 4.56
C LYS E 138 27.24 -86.09 4.88
N GLN E 139 27.65 -86.79 5.93
CA GLN E 139 26.92 -87.98 6.37
C GLN E 139 25.63 -87.65 7.13
N ASN E 140 25.43 -86.39 7.51
CA ASN E 140 24.27 -85.96 8.28
C ASN E 140 23.26 -85.19 7.44
N GLY E 141 23.41 -85.20 6.11
CA GLY E 141 22.57 -84.38 5.27
C GLY E 141 23.02 -82.94 5.19
N LEU E 142 24.18 -82.62 5.76
CA LEU E 142 24.77 -81.29 5.63
C LEU E 142 25.70 -81.27 4.41
N ASP E 143 25.07 -81.41 3.24
CA ASP E 143 25.76 -81.31 1.96
C ASP E 143 25.97 -79.86 1.52
N GLY E 144 25.44 -78.90 2.28
CA GLY E 144 25.64 -77.52 1.92
C GLY E 144 24.80 -77.02 0.77
N THR E 145 23.59 -77.57 0.60
CA THR E 145 22.56 -76.81 -0.10
C THR E 145 21.86 -75.84 0.84
N GLU E 146 22.20 -75.90 2.13
CA GLU E 146 21.60 -75.09 3.18
C GLU E 146 22.71 -74.59 4.09
N LYS E 147 22.74 -73.28 4.31
CA LYS E 147 23.68 -72.72 5.27
C LYS E 147 23.33 -73.21 6.66
N VAL E 148 24.34 -73.44 7.49
CA VAL E 148 24.12 -74.08 8.78
C VAL E 148 24.99 -73.41 9.84
N LEU E 149 24.45 -73.29 11.04
CA LEU E 149 25.13 -72.68 12.16
C LEU E 149 25.56 -73.74 13.16
N LEU E 150 26.82 -73.70 13.54
CA LEU E 150 27.42 -74.64 14.48
C LEU E 150 27.74 -73.90 15.78
N VAL E 151 27.59 -74.60 16.89
CA VAL E 151 27.96 -74.09 18.21
C VAL E 151 28.59 -75.25 18.97
N THR E 152 29.71 -75.01 19.65
CA THR E 152 30.34 -76.10 20.40
C THR E 152 31.28 -75.53 21.46
N ASP E 153 32.35 -76.27 21.76
CA ASP E 153 33.22 -75.99 22.88
C ASP E 153 34.68 -76.20 22.61
N ASP E 154 35.05 -76.95 21.57
CA ASP E 154 36.44 -77.31 21.34
C ASP E 154 37.00 -76.48 20.21
N GLU E 155 37.99 -75.63 20.53
CA GLU E 155 38.61 -74.83 19.49
C GLU E 155 39.16 -75.73 18.41
N ASN E 156 39.61 -76.92 18.81
CA ASN E 156 40.10 -77.90 17.87
C ASN E 156 39.01 -78.32 16.89
N THR E 157 37.74 -78.33 17.33
CA THR E 157 36.65 -78.89 16.54
C THR E 157 35.91 -77.87 15.70
N ARG E 158 35.76 -76.63 16.19
CA ARG E 158 35.20 -75.59 15.32
C ARG E 158 36.23 -75.12 14.32
N ARG E 159 37.51 -75.16 14.69
CA ARG E 159 38.59 -74.81 13.77
C ARG E 159 38.54 -75.65 12.52
N ALA E 160 37.94 -76.83 12.60
CA ALA E 160 37.84 -77.68 11.43
C ALA E 160 37.25 -76.91 10.27
N ALA E 161 36.15 -76.19 10.50
CA ALA E 161 35.57 -75.43 9.40
C ALA E 161 35.11 -74.07 9.86
N ARG E 162 36.07 -73.16 10.06
CA ARG E 162 35.71 -71.76 9.98
C ARG E 162 35.63 -71.31 8.53
N ASN E 163 36.21 -72.07 7.60
CA ASN E 163 36.27 -71.65 6.21
C ASN E 163 34.96 -71.86 5.47
N VAL E 164 34.33 -73.02 5.60
CA VAL E 164 33.33 -73.42 4.61
C VAL E 164 32.23 -72.38 4.50
N SER E 165 31.79 -72.15 3.25
CA SER E 165 30.83 -71.10 2.95
C SER E 165 29.47 -71.35 3.58
N TRP E 166 29.14 -72.59 3.95
CA TRP E 166 27.84 -72.78 4.57
C TRP E 166 27.89 -72.51 6.07
N VAL E 167 28.87 -73.09 6.75
CA VAL E 167 28.83 -73.11 8.20
C VAL E 167 29.54 -71.87 8.72
N SER E 168 29.17 -71.47 9.93
CA SER E 168 29.96 -70.53 10.70
C SER E 168 29.91 -70.97 12.15
N VAL E 169 30.99 -70.73 12.85
CA VAL E 169 31.16 -71.19 14.21
C VAL E 169 30.70 -70.10 15.17
N LEU E 170 30.29 -70.54 16.37
CA LEU E 170 30.20 -69.66 17.53
C LEU E 170 30.47 -70.58 18.71
N PRO E 171 31.12 -70.09 19.77
CA PRO E 171 31.36 -70.93 20.95
C PRO E 171 30.11 -71.02 21.81
N VAL E 172 30.21 -71.78 22.90
CA VAL E 172 29.14 -71.81 23.89
C VAL E 172 29.08 -70.44 24.55
N ALA E 173 27.89 -70.09 25.06
CA ALA E 173 27.50 -68.70 25.28
C ALA E 173 27.55 -68.01 23.92
N GLY E 174 27.39 -66.70 23.90
CA GLY E 174 27.49 -66.01 22.63
C GLY E 174 26.60 -66.60 21.56
N VAL E 175 25.38 -67.01 21.90
CA VAL E 175 24.39 -67.37 20.89
C VAL E 175 23.48 -66.18 20.64
N ASN E 176 22.68 -66.29 19.59
CA ASN E 176 22.13 -65.12 18.94
C ASN E 176 20.78 -65.47 18.36
N VAL E 177 19.73 -64.82 18.85
CA VAL E 177 18.41 -65.00 18.26
C VAL E 177 18.45 -64.69 16.78
N TYR E 178 19.37 -63.81 16.38
CA TYR E 178 19.62 -63.44 14.99
C TYR E 178 20.45 -64.50 14.26
N ASP E 179 21.56 -64.95 14.85
CA ASP E 179 22.41 -65.89 14.13
C ASP E 179 21.70 -67.21 13.86
N ILE E 180 21.13 -67.82 14.90
CA ILE E 180 20.49 -69.10 14.66
C ILE E 180 19.27 -68.92 13.77
N LEU E 181 18.72 -67.71 13.73
CA LEU E 181 17.57 -67.44 12.89
C LEU E 181 17.94 -67.07 11.46
N ARG E 182 19.20 -66.72 11.20
CA ARG E 182 19.59 -66.28 9.86
C ARG E 182 20.29 -67.35 9.04
N HIS E 183 20.90 -68.34 9.71
CA HIS E 183 21.33 -69.55 9.04
C HIS E 183 20.15 -70.48 8.81
N ASP E 184 20.29 -71.34 7.80
CA ASP E 184 19.18 -72.19 7.40
C ASP E 184 19.01 -73.43 8.31
N ARG E 185 20.03 -73.81 9.08
CA ARG E 185 19.93 -74.91 10.03
C ARG E 185 20.85 -74.62 11.20
N LEU E 186 20.65 -75.36 12.29
CA LEU E 186 21.44 -75.22 13.50
C LEU E 186 22.03 -76.57 13.87
N VAL E 187 23.36 -76.68 13.80
CA VAL E 187 24.09 -77.80 14.41
C VAL E 187 24.31 -77.37 15.86
N ILE E 188 23.38 -77.78 16.73
CA ILE E 188 23.40 -77.24 18.08
C ILE E 188 24.68 -77.65 18.78
N ASP E 189 25.16 -78.88 18.51
CA ASP E 189 26.22 -79.56 19.25
C ASP E 189 26.24 -79.10 20.70
N ALA E 190 27.42 -79.06 21.32
CA ALA E 190 27.59 -78.74 22.74
C ALA E 190 26.36 -79.09 23.59
N ALA E 191 26.24 -80.36 24.01
CA ALA E 191 25.06 -80.82 24.74
C ALA E 191 24.91 -80.16 26.10
N ALA E 192 25.99 -79.61 26.65
CA ALA E 192 25.95 -79.01 27.99
C ALA E 192 24.96 -77.84 28.06
N LEU E 193 25.06 -76.86 27.15
CA LEU E 193 24.08 -75.78 27.18
C LEU E 193 22.70 -76.26 26.77
N GLU E 194 22.63 -77.31 25.95
CA GLU E 194 21.32 -77.78 25.48
C GLU E 194 20.46 -78.33 26.61
N ILE E 195 21.06 -79.00 27.59
CA ILE E 195 20.31 -79.68 28.64
C ILE E 195 20.61 -78.98 29.96
N VAL E 196 19.77 -77.99 30.30
CA VAL E 196 19.76 -77.20 31.54
C VAL E 196 20.93 -76.22 31.56
N GLN F 1 -67.39 21.74 93.42
CA GLN F 1 -66.89 22.82 92.57
C GLN F 1 -67.30 22.66 91.09
N LEU F 2 -68.07 23.61 90.57
CA LEU F 2 -68.34 23.82 89.14
C LEU F 2 -68.72 22.59 88.30
N LYS F 3 -68.60 21.38 88.83
CA LYS F 3 -68.94 20.20 88.03
C LYS F 3 -70.44 20.14 87.76
N THR F 4 -71.23 19.92 88.81
CA THR F 4 -72.68 19.89 88.63
C THR F 4 -73.21 21.25 88.17
N LYS F 5 -72.53 22.34 88.55
CA LYS F 5 -72.91 23.66 88.03
C LYS F 5 -72.67 23.74 86.53
N TYR F 6 -71.70 22.98 86.02
CA TYR F 6 -71.65 22.68 84.59
C TYR F 6 -72.88 21.89 84.16
N ASN F 7 -73.15 20.78 84.86
CA ASN F 7 -74.16 19.82 84.42
C ASN F 7 -75.59 20.28 84.75
N ASP F 8 -75.74 21.28 85.62
CA ASP F 8 -77.05 21.91 85.81
C ASP F 8 -77.28 23.07 84.86
N GLN F 9 -76.34 23.31 83.94
CA GLN F 9 -76.58 24.22 82.83
C GLN F 9 -76.66 23.52 81.48
N VAL F 10 -76.02 22.36 81.33
CA VAL F 10 -76.18 21.61 80.10
C VAL F 10 -77.56 20.97 80.02
N ARG F 11 -78.10 20.51 81.15
CA ARG F 11 -79.46 20.00 81.16
C ARG F 11 -80.48 21.05 80.76
N PRO F 12 -80.44 22.29 81.29
CA PRO F 12 -81.21 23.37 80.67
C PRO F 12 -80.84 23.66 79.22
N ALA F 13 -79.58 23.44 78.83
CA ALA F 13 -79.27 23.54 77.41
C ALA F 13 -80.02 22.50 76.59
N LEU F 14 -80.40 21.37 77.19
CA LEU F 14 -81.24 20.42 76.48
C LEU F 14 -82.58 21.04 76.09
N MET F 15 -83.08 21.96 76.90
CA MET F 15 -84.50 22.30 76.93
C MET F 15 -84.81 23.52 76.05
N GLN F 16 -84.35 24.71 76.46
CA GLN F 16 -84.75 25.94 75.77
C GLN F 16 -84.25 26.00 74.32
N GLN F 17 -83.11 25.41 74.02
CA GLN F 17 -82.68 25.52 72.63
C GLN F 17 -83.44 24.48 71.78
N PHE F 18 -82.96 23.25 71.71
CA PHE F 18 -83.49 22.26 70.80
C PHE F 18 -84.22 21.15 71.56
N GLY F 19 -84.41 20.02 70.90
CA GLY F 19 -84.92 18.81 71.51
C GLY F 19 -84.21 17.59 70.96
N TYR F 20 -82.99 17.35 71.43
CA TYR F 20 -82.26 16.15 71.05
C TYR F 20 -82.94 14.90 71.59
N SER F 21 -82.83 13.81 70.83
CA SER F 21 -83.32 12.53 71.32
C SER F 21 -82.52 12.04 72.53
N SER F 22 -81.25 12.46 72.64
CA SER F 22 -80.33 11.91 73.62
C SER F 22 -79.61 12.99 74.41
N VAL F 23 -79.40 12.72 75.70
CA VAL F 23 -78.53 13.53 76.53
C VAL F 23 -77.07 13.39 76.12
N MET F 24 -76.73 12.31 75.41
CA MET F 24 -75.40 12.14 74.85
C MET F 24 -75.22 12.82 73.49
N ALA F 25 -76.31 13.30 72.88
CA ALA F 25 -76.29 14.10 71.66
C ALA F 25 -75.96 15.56 71.93
N VAL F 26 -75.84 15.95 73.19
CA VAL F 26 -75.68 17.32 73.64
C VAL F 26 -74.28 17.84 73.36
N PRO F 27 -74.13 19.14 73.10
CA PRO F 27 -72.78 19.72 73.09
C PRO F 27 -72.11 19.57 74.45
N ARG F 28 -70.80 19.41 74.42
CA ARG F 28 -70.00 19.08 75.58
C ARG F 28 -68.55 19.40 75.24
N ILE F 29 -67.72 19.55 76.27
CA ILE F 29 -66.32 19.96 76.10
C ILE F 29 -65.41 18.75 76.25
N GLU F 30 -64.49 18.57 75.30
CA GLU F 30 -63.49 17.50 75.38
C GLU F 30 -62.30 17.94 76.24
N LYS F 31 -61.52 18.89 75.75
CA LYS F 31 -60.28 19.25 76.42
C LYS F 31 -59.97 20.71 76.15
N ILE F 32 -59.23 21.31 77.08
CA ILE F 32 -58.67 22.64 76.87
C ILE F 32 -57.20 22.47 76.57
N VAL F 33 -56.73 23.18 75.54
CA VAL F 33 -55.36 23.08 75.07
C VAL F 33 -54.71 24.45 75.21
N VAL F 34 -53.44 24.46 75.62
CA VAL F 34 -52.67 25.68 75.79
C VAL F 34 -51.38 25.54 75.00
N ASN F 35 -51.14 26.46 74.08
CA ASN F 35 -49.95 26.40 73.21
C ASN F 35 -49.18 27.71 73.31
N GLU F 36 -48.13 27.72 74.12
CA GLU F 36 -47.15 28.79 74.01
C GLU F 36 -46.29 28.57 72.77
N GLY F 37 -45.84 29.66 72.18
CA GLY F 37 -45.02 29.58 70.98
C GLY F 37 -43.70 30.29 71.14
N LEU F 38 -42.79 29.69 71.92
CA LEU F 38 -41.58 30.37 72.37
C LEU F 38 -40.59 30.61 71.25
N GLY F 39 -40.90 30.19 70.03
CA GLY F 39 -40.03 30.41 68.89
C GLY F 39 -40.12 31.78 68.27
N SER F 40 -41.04 32.64 68.74
CA SER F 40 -40.99 34.05 68.34
C SER F 40 -39.73 34.72 68.85
N SER F 41 -39.23 34.28 70.01
CA SER F 41 -37.88 34.61 70.47
C SER F 41 -37.39 33.39 71.24
N LYS F 42 -36.75 32.47 70.52
CA LYS F 42 -36.30 31.21 71.10
C LYS F 42 -34.94 31.43 71.78
N GLU F 43 -34.95 31.45 73.11
CA GLU F 43 -33.70 31.42 73.87
C GLU F 43 -33.08 30.03 73.87
N ASP F 44 -31.76 29.99 73.91
CA ASP F 44 -31.02 28.73 73.77
C ASP F 44 -31.29 27.78 74.94
N SER F 45 -31.59 28.32 76.13
CA SER F 45 -32.25 27.55 77.19
C SER F 45 -32.70 28.50 78.30
N LYS F 46 -32.60 29.80 78.04
CA LYS F 46 -32.90 30.81 79.05
C LYS F 46 -34.38 30.77 79.44
N ALA F 47 -35.21 31.55 78.75
CA ALA F 47 -36.63 31.61 79.11
C ALA F 47 -37.37 30.32 78.79
N ILE F 48 -36.86 29.50 77.87
CA ILE F 48 -37.66 28.38 77.37
C ILE F 48 -37.91 27.36 78.47
N ASP F 49 -36.96 27.20 79.39
CA ASP F 49 -37.18 26.29 80.51
C ASP F 49 -37.99 26.94 81.62
N LYS F 50 -38.16 28.26 81.58
CA LYS F 50 -38.94 29.00 82.57
C LYS F 50 -40.42 29.08 82.20
N ALA F 51 -40.74 29.30 80.92
CA ALA F 51 -42.14 29.42 80.51
C ALA F 51 -42.89 28.12 80.75
N ALA F 52 -42.21 26.98 80.63
CA ALA F 52 -42.83 25.74 81.06
C ALA F 52 -43.15 25.79 82.54
N LYS F 53 -42.28 26.41 83.34
CA LYS F 53 -42.49 26.45 84.77
C LYS F 53 -43.70 27.33 85.14
N GLU F 54 -43.86 28.46 84.46
CA GLU F 54 -45.00 29.34 84.75
C GLU F 54 -46.31 28.72 84.27
N LEU F 55 -46.30 28.12 83.07
CA LEU F 55 -47.51 27.48 82.59
C LEU F 55 -47.89 26.30 83.48
N ALA F 56 -46.90 25.59 84.01
CA ALA F 56 -47.15 24.51 84.96
C ALA F 56 -47.67 25.03 86.30
N LEU F 57 -47.22 26.21 86.72
CA LEU F 57 -47.81 26.83 87.91
C LEU F 57 -49.27 27.19 87.67
N ILE F 58 -49.64 27.45 86.41
CA ILE F 58 -51.04 27.75 86.12
C ILE F 58 -51.96 26.53 86.33
N THR F 59 -51.46 25.31 86.15
CA THR F 59 -52.37 24.18 85.90
C THR F 59 -52.19 22.95 86.81
N LEU F 60 -50.98 22.75 87.34
CA LEU F 60 -50.54 21.47 87.93
C LEU F 60 -50.46 20.39 86.84
N GLN F 61 -49.79 20.73 85.73
CA GLN F 61 -49.37 19.78 84.71
C GLN F 61 -48.02 20.19 84.18
N LYS F 62 -47.17 19.20 83.85
CA LYS F 62 -45.89 19.50 83.25
C LYS F 62 -46.07 19.64 81.75
N PRO F 63 -45.82 20.82 81.16
CA PRO F 63 -45.92 20.97 79.71
C PRO F 63 -44.93 20.12 78.91
N ILE F 64 -45.41 19.64 77.77
CA ILE F 64 -44.55 19.05 76.74
C ILE F 64 -44.13 20.15 75.79
N ILE F 65 -42.98 19.98 75.14
CA ILE F 65 -42.44 20.95 74.20
C ILE F 65 -42.73 20.44 72.80
N THR F 66 -43.45 21.23 72.00
CA THR F 66 -43.74 20.87 70.60
C THR F 66 -42.57 21.35 69.76
N LYS F 67 -41.63 20.46 69.53
CA LYS F 67 -40.39 20.78 68.84
C LYS F 67 -40.64 20.94 67.34
N ALA F 68 -39.84 21.78 66.70
CA ALA F 68 -40.00 22.01 65.27
C ALA F 68 -39.62 20.76 64.48
N LYS F 69 -40.25 20.61 63.31
CA LYS F 69 -39.94 19.50 62.41
C LYS F 69 -39.34 20.07 61.13
N LYS F 70 -38.25 19.45 60.67
CA LYS F 70 -37.45 19.83 59.50
C LYS F 70 -37.74 21.24 59.01
N SER F 71 -38.34 21.35 57.82
CA SER F 71 -39.00 22.59 57.35
C SER F 71 -38.14 23.83 57.61
N ILE F 72 -36.89 23.76 57.19
CA ILE F 72 -36.00 24.91 57.35
C ILE F 72 -36.61 26.07 56.57
N SER F 73 -36.34 27.30 57.03
CA SER F 73 -37.19 28.42 56.63
C SER F 73 -36.34 29.64 56.26
N ASN F 74 -37.06 30.74 56.00
CA ASN F 74 -36.45 32.06 55.85
C ASN F 74 -35.75 32.52 57.12
N PHE F 75 -36.45 32.41 58.25
CA PHE F 75 -35.88 32.85 59.54
C PHE F 75 -35.16 31.71 60.25
N LYS F 76 -34.24 31.09 59.49
CA LYS F 76 -33.29 30.07 59.91
C LYS F 76 -33.87 29.13 60.97
N LEU F 77 -34.32 27.95 60.50
CA LEU F 77 -35.13 27.02 61.28
C LEU F 77 -34.54 25.60 61.12
N ARG F 78 -33.50 25.33 61.89
CA ARG F 78 -32.99 23.98 62.07
C ARG F 78 -34.03 23.14 62.82
N GLN F 79 -34.09 21.85 62.50
CA GLN F 79 -35.26 21.04 62.87
C GLN F 79 -35.39 20.84 64.39
N GLY F 80 -34.31 20.43 65.05
CA GLY F 80 -34.47 19.81 66.36
C GLY F 80 -34.77 20.76 67.50
N MET F 81 -34.64 22.05 67.26
CA MET F 81 -34.77 23.05 68.31
C MET F 81 -36.20 23.08 68.83
N PRO F 82 -36.39 23.32 70.14
CA PRO F 82 -37.75 23.57 70.66
C PRO F 82 -38.34 24.85 70.08
N VAL F 83 -39.67 24.85 69.89
CA VAL F 83 -40.35 26.03 69.36
C VAL F 83 -41.70 26.31 70.02
N GLY F 84 -42.29 25.31 70.68
CA GLY F 84 -43.62 25.52 71.20
C GLY F 84 -44.08 24.69 72.39
N ILE F 85 -44.40 25.35 73.51
CA ILE F 85 -44.96 24.65 74.66
C ILE F 85 -46.40 24.24 74.38
N LYS F 86 -46.81 23.08 74.87
CA LYS F 86 -48.18 22.60 74.76
C LYS F 86 -48.61 21.84 76.01
N VAL F 87 -49.85 22.09 76.43
CA VAL F 87 -50.50 21.41 77.56
C VAL F 87 -51.95 21.17 77.19
N THR F 88 -52.29 19.91 76.92
CA THR F 88 -53.68 19.50 76.85
C THR F 88 -54.15 19.05 78.22
N LEU F 89 -55.44 19.24 78.50
CA LEU F 89 -55.94 18.89 79.82
C LEU F 89 -57.44 18.63 79.78
N ARG F 90 -57.86 17.71 80.65
CA ARG F 90 -59.20 17.14 80.67
C ARG F 90 -59.63 16.90 82.12
N GLY F 91 -60.95 16.96 82.34
CA GLY F 91 -61.55 16.69 83.63
C GLY F 91 -61.28 17.67 84.75
N GLU F 92 -60.87 17.15 85.92
CA GLU F 92 -60.66 17.98 87.09
C GLU F 92 -59.48 18.94 86.91
N ARG F 93 -58.42 18.52 86.19
CA ARG F 93 -57.29 19.42 85.95
C ARG F 93 -57.67 20.54 85.00
N MET F 94 -58.74 20.35 84.22
CA MET F 94 -59.18 21.22 83.15
C MET F 94 -60.21 22.24 83.61
N TYR F 95 -61.23 21.78 84.34
CA TYR F 95 -62.26 22.71 84.79
C TYR F 95 -61.75 23.72 85.80
N VAL F 96 -60.70 23.37 86.56
CA VAL F 96 -60.09 24.35 87.44
C VAL F 96 -59.45 25.48 86.62
N PHE F 97 -58.75 25.14 85.54
CA PHE F 97 -58.19 26.15 84.64
C PHE F 97 -59.28 26.95 83.95
N LEU F 98 -60.40 26.30 83.62
CA LEU F 98 -61.48 27.00 82.90
C LEU F 98 -62.23 27.97 83.82
N GLU F 99 -62.58 27.53 85.04
CA GLU F 99 -63.17 28.44 86.02
C GLU F 99 -62.17 29.52 86.42
N LYS F 100 -60.88 29.20 86.46
CA LYS F 100 -59.86 30.19 86.76
C LYS F 100 -59.75 31.24 85.67
N LEU F 101 -60.02 30.86 84.42
CA LEU F 101 -59.95 31.81 83.31
C LEU F 101 -61.22 32.64 83.18
N ILE F 102 -62.39 32.03 83.37
CA ILE F 102 -63.62 32.80 83.46
C ILE F 102 -63.59 33.70 84.69
N ASN F 103 -62.78 33.32 85.68
CA ASN F 103 -62.76 33.93 87.01
C ASN F 103 -61.99 35.25 87.00
N ILE F 104 -60.66 35.17 87.04
CA ILE F 104 -59.80 36.35 87.12
C ILE F 104 -59.06 36.66 85.83
N GLY F 105 -59.11 35.79 84.82
CA GLY F 105 -58.34 35.97 83.61
C GLY F 105 -59.05 36.74 82.52
N LEU F 106 -60.02 36.10 81.87
CA LEU F 106 -60.75 36.72 80.76
C LEU F 106 -61.41 38.05 81.14
N PRO F 107 -62.15 38.16 82.25
CA PRO F 107 -62.76 39.47 82.57
C PRO F 107 -61.75 40.58 82.73
N ARG F 108 -60.55 40.27 83.22
CA ARG F 108 -59.59 41.32 83.54
C ARG F 108 -58.50 41.48 82.47
N ILE F 109 -58.95 41.67 81.23
CA ILE F 109 -58.17 42.34 80.21
C ILE F 109 -58.50 43.83 80.32
N ARG F 110 -57.52 44.70 80.06
CA ARG F 110 -57.77 46.14 80.16
C ARG F 110 -58.84 46.56 79.17
N ASP F 111 -58.67 46.19 77.91
CA ASP F 111 -59.64 46.46 76.84
C ASP F 111 -60.38 45.15 76.57
N PHE F 112 -61.60 45.03 77.10
CA PHE F 112 -62.35 43.78 76.98
C PHE F 112 -63.86 44.01 76.86
N ARG F 113 -64.47 43.30 75.90
CA ARG F 113 -65.91 43.33 75.63
C ARG F 113 -66.37 42.03 74.96
N GLY F 114 -65.59 40.96 75.11
CA GLY F 114 -65.87 39.68 74.49
C GLY F 114 -65.01 39.43 73.26
N ILE F 115 -64.93 38.15 72.89
CA ILE F 115 -64.06 37.66 71.81
C ILE F 115 -64.87 37.52 70.52
N ASN F 116 -64.23 37.07 69.43
CA ASN F 116 -64.84 37.04 68.11
C ASN F 116 -66.09 36.18 68.12
N PRO F 117 -67.25 36.71 67.69
CA PRO F 117 -68.50 35.94 67.78
C PRO F 117 -68.71 34.99 66.61
N ASN F 118 -69.18 33.77 66.95
CA ASN F 118 -69.86 32.84 66.04
C ASN F 118 -69.10 32.62 64.73
N ALA F 119 -67.77 32.54 64.80
CA ALA F 119 -66.93 32.25 63.63
C ALA F 119 -65.73 31.43 64.09
N PHE F 120 -65.89 30.11 64.06
CA PHE F 120 -64.84 29.22 64.56
C PHE F 120 -64.52 28.13 63.54
N ASP F 121 -65.39 27.13 63.43
CA ASP F 121 -65.22 26.03 62.49
C ASP F 121 -66.52 25.80 61.73
N GLY F 122 -66.43 25.04 60.64
CA GLY F 122 -67.62 24.47 60.06
C GLY F 122 -68.23 23.43 60.98
N ARG F 123 -67.39 22.74 61.75
CA ARG F 123 -67.80 22.03 62.94
C ARG F 123 -68.01 23.04 64.08
N GLY F 124 -68.58 22.58 65.19
CA GLY F 124 -68.83 23.48 66.29
C GLY F 124 -67.65 23.75 67.20
N ASN F 125 -66.47 23.21 66.87
CA ASN F 125 -65.30 23.30 67.75
C ASN F 125 -64.74 24.73 67.76
N TYR F 126 -64.10 25.12 68.86
CA TYR F 126 -63.90 26.54 69.11
C TYR F 126 -62.47 26.80 69.58
N ASN F 127 -62.07 28.07 69.56
CA ASN F 127 -60.67 28.42 69.82
C ASN F 127 -60.53 29.85 70.31
N LEU F 128 -59.97 30.01 71.51
CA LEU F 128 -59.76 31.30 72.15
C LEU F 128 -58.33 31.79 71.93
N GLY F 129 -58.18 33.10 71.74
CA GLY F 129 -56.86 33.68 71.56
C GLY F 129 -56.49 34.70 72.61
N ILE F 130 -55.31 34.55 73.22
CA ILE F 130 -54.85 35.44 74.29
C ILE F 130 -53.98 36.54 73.70
N LYS F 131 -54.23 37.79 74.12
CA LYS F 131 -53.42 38.92 73.67
C LYS F 131 -52.02 38.90 74.29
N GLU F 132 -51.93 38.62 75.59
CA GLU F 132 -50.66 38.52 76.30
C GLU F 132 -50.93 37.88 77.67
N GLN F 133 -49.86 37.47 78.33
CA GLN F 133 -49.90 36.80 79.63
C GLN F 133 -49.86 37.75 80.82
N LEU F 134 -49.91 39.07 80.59
CA LEU F 134 -49.78 40.11 81.62
C LEU F 134 -51.05 40.24 82.50
N ILE F 135 -51.98 39.31 82.28
CA ILE F 135 -53.27 39.28 82.96
C ILE F 135 -53.25 38.30 84.14
N PHE F 136 -52.06 38.10 84.73
CA PHE F 136 -51.92 37.15 85.82
C PHE F 136 -51.35 37.82 87.07
N PRO F 137 -51.75 37.36 88.25
CA PRO F 137 -50.99 37.66 89.48
C PRO F 137 -50.00 36.58 89.91
N GLU F 138 -49.83 35.51 89.13
CA GLU F 138 -48.85 34.46 89.40
C GLU F 138 -47.45 34.82 88.91
N ILE F 139 -47.28 35.97 88.25
CA ILE F 139 -45.99 36.45 87.78
C ILE F 139 -45.85 37.91 88.16
N THR F 140 -44.62 38.33 88.46
CA THR F 140 -44.30 39.73 88.70
C THR F 140 -43.73 40.34 87.41
N TYR F 141 -44.25 41.50 87.03
CA TYR F 141 -43.83 42.16 85.80
C TYR F 141 -42.40 42.67 85.85
N ASP F 142 -41.88 42.96 87.05
CA ASP F 142 -40.60 43.66 87.18
C ASP F 142 -39.45 42.88 86.58
N MET F 143 -39.52 41.55 86.62
CA MET F 143 -38.43 40.67 86.20
C MET F 143 -38.39 40.56 84.68
N VAL F 144 -39.25 39.72 84.11
CA VAL F 144 -39.35 39.57 82.65
C VAL F 144 -40.31 40.66 82.18
N ASP F 145 -39.75 41.83 81.89
CA ASP F 145 -40.57 42.96 81.44
C ASP F 145 -41.22 42.68 80.08
N LYS F 146 -40.59 41.85 79.26
CA LYS F 146 -41.11 41.56 77.92
C LYS F 146 -41.79 40.19 77.92
N THR F 147 -42.93 40.15 78.59
CA THR F 147 -43.73 38.92 78.70
C THR F 147 -44.63 38.73 77.50
N ARG F 148 -44.85 37.47 77.13
CA ARG F 148 -45.53 37.11 75.90
C ARG F 148 -46.95 36.61 76.19
N GLY F 149 -47.56 35.94 75.21
CA GLY F 149 -48.89 35.42 75.36
C GLY F 149 -48.98 33.92 75.15
N MET F 150 -50.18 33.46 74.78
CA MET F 150 -50.48 32.04 74.63
C MET F 150 -51.76 31.92 73.82
N ASP F 151 -52.12 30.67 73.50
CA ASP F 151 -53.24 30.42 72.59
C ASP F 151 -53.99 29.18 73.06
N ILE F 152 -55.30 29.31 73.21
CA ILE F 152 -56.13 28.28 73.82
C ILE F 152 -57.08 27.72 72.75
N THR F 153 -57.30 26.42 72.79
CA THR F 153 -58.25 25.80 71.88
C THR F 153 -59.28 25.03 72.70
N ILE F 154 -60.55 25.41 72.56
CA ILE F 154 -61.63 24.86 73.36
C ILE F 154 -62.30 23.80 72.49
N VAL F 155 -62.04 22.54 72.81
CA VAL F 155 -62.47 21.43 71.96
C VAL F 155 -63.86 21.01 72.38
N THR F 156 -64.73 20.80 71.40
CA THR F 156 -66.11 20.44 71.72
C THR F 156 -66.75 19.67 70.58
N THR F 157 -67.68 18.80 70.94
CA THR F 157 -68.57 18.21 69.96
C THR F 157 -69.56 19.23 69.45
N ALA F 158 -70.02 19.02 68.20
CA ALA F 158 -71.18 19.66 67.59
C ALA F 158 -71.15 19.32 66.10
N LYS F 159 -72.33 19.10 65.51
CA LYS F 159 -72.40 18.96 64.06
C LYS F 159 -72.73 20.29 63.38
N THR F 160 -73.33 21.23 64.09
CA THR F 160 -73.87 22.46 63.51
C THR F 160 -73.12 23.68 64.03
N ASP F 161 -72.85 24.64 63.13
CA ASP F 161 -72.16 25.85 63.53
C ASP F 161 -72.99 26.72 64.47
N GLU F 162 -74.32 26.72 64.33
CA GLU F 162 -75.14 27.51 65.24
C GLU F 162 -75.29 26.86 66.60
N GLU F 163 -74.86 25.61 66.74
CA GLU F 163 -74.91 24.88 68.01
C GLU F 163 -73.69 25.17 68.88
N ALA F 164 -72.80 26.06 68.45
CA ALA F 164 -71.75 26.58 69.33
C ALA F 164 -72.27 27.60 70.33
N ARG F 165 -73.51 28.08 70.17
CA ARG F 165 -74.02 29.19 70.97
C ARG F 165 -74.49 28.73 72.35
N ALA F 166 -73.85 27.69 72.87
CA ALA F 166 -74.11 27.11 74.17
C ALA F 166 -72.83 26.84 74.94
N LEU F 167 -71.76 26.44 74.25
CA LEU F 167 -70.48 26.18 74.91
C LEU F 167 -69.95 27.44 75.57
N LEU F 168 -70.28 28.61 75.04
CA LEU F 168 -69.85 29.88 75.61
C LEU F 168 -70.99 30.60 76.32
N GLN F 169 -72.16 30.69 75.69
CA GLN F 169 -73.32 31.36 76.27
C GLN F 169 -73.70 30.76 77.61
N SER F 170 -74.24 29.56 77.60
CA SER F 170 -74.66 28.92 78.84
C SER F 170 -73.49 28.22 79.52
N MET F 171 -72.36 28.92 79.63
CA MET F 171 -71.22 28.44 80.40
C MET F 171 -70.46 29.58 81.09
N GLY F 172 -70.63 30.80 80.59
CA GLY F 172 -69.97 31.93 81.22
C GLY F 172 -68.92 32.58 80.35
N LEU F 173 -69.21 32.73 79.07
CA LEU F 173 -68.32 33.41 78.13
C LEU F 173 -69.11 34.45 77.34
N PRO F 174 -68.85 35.74 77.54
CA PRO F 174 -69.48 36.76 76.68
C PRO F 174 -69.01 36.66 75.24
N PHE F 175 -69.89 37.07 74.31
CA PHE F 175 -69.41 37.28 72.94
C PHE F 175 -70.09 38.50 72.34
N ARG F 176 -69.40 39.07 71.34
CA ARG F 176 -69.59 40.43 70.86
C ARG F 176 -70.95 40.63 70.19
N LYS F 177 -71.43 41.86 70.23
CA LYS F 177 -72.59 42.29 69.44
C LYS F 177 -72.16 42.72 68.03
N GLY G 1 -69.09 21.78 -31.21
CA GLY G 1 -69.89 21.46 -32.37
C GLY G 1 -69.60 22.32 -33.59
N LYS G 2 -69.52 21.67 -34.75
CA LYS G 2 -69.28 22.32 -36.04
C LYS G 2 -69.38 21.31 -37.20
N GLN G 3 -70.46 21.42 -38.00
CA GLN G 3 -70.71 20.41 -39.01
C GLN G 3 -71.05 20.97 -40.38
N PRO G 4 -72.20 21.65 -40.56
CA PRO G 4 -72.71 21.87 -41.91
C PRO G 4 -71.77 22.72 -42.77
N ILE G 5 -71.72 22.39 -44.05
CA ILE G 5 -71.01 23.19 -45.04
C ILE G 5 -72.04 23.87 -45.94
N ALA G 6 -71.76 25.10 -46.35
CA ALA G 6 -72.56 25.82 -47.33
C ALA G 6 -71.76 25.89 -48.63
N VAL G 7 -71.71 24.77 -49.35
CA VAL G 7 -70.98 24.75 -50.63
C VAL G 7 -71.72 25.62 -51.64
N PRO G 8 -71.01 26.36 -52.47
CA PRO G 8 -71.69 27.18 -53.48
C PRO G 8 -72.11 26.39 -54.71
N SER G 9 -72.31 27.08 -55.83
CA SER G 9 -72.74 26.47 -57.08
C SER G 9 -71.60 26.14 -58.04
N GLY G 10 -70.52 26.92 -58.05
CA GLY G 10 -69.47 26.68 -59.03
C GLY G 10 -68.47 25.61 -58.67
N VAL G 11 -68.62 24.96 -57.52
CA VAL G 11 -67.62 24.04 -57.00
C VAL G 11 -67.98 22.59 -57.31
N THR G 12 -66.94 21.75 -57.34
CA THR G 12 -67.06 20.31 -57.41
C THR G 12 -65.95 19.70 -56.56
N VAL G 13 -66.30 18.67 -55.79
CA VAL G 13 -65.41 18.10 -54.77
C VAL G 13 -65.22 16.62 -55.05
N ASN G 14 -64.01 16.26 -55.49
CA ASN G 14 -63.60 14.87 -55.60
C ASN G 14 -63.40 14.27 -54.21
N ALA G 15 -63.52 12.94 -54.14
CA ALA G 15 -63.43 12.23 -52.87
C ALA G 15 -62.52 11.01 -53.04
N GLN G 16 -61.38 11.02 -52.37
CA GLN G 16 -60.51 9.86 -52.25
C GLN G 16 -59.88 9.85 -50.86
N ASP G 17 -59.64 8.62 -50.36
CA ASP G 17 -59.07 8.27 -49.04
C ASP G 17 -59.21 9.33 -47.94
N GLY G 18 -60.17 10.23 -48.04
CA GLY G 18 -60.26 11.33 -47.09
C GLY G 18 -59.36 12.51 -47.40
N VAL G 19 -58.60 12.46 -48.49
CA VAL G 19 -57.67 13.51 -48.89
C VAL G 19 -58.20 14.08 -50.21
N PHE G 20 -59.27 14.87 -50.14
CA PHE G 20 -60.08 15.14 -51.30
C PHE G 20 -59.49 16.23 -52.21
N LYS G 21 -59.86 16.15 -53.48
CA LYS G 21 -59.51 17.09 -54.54
C LYS G 21 -60.68 18.06 -54.79
N VAL G 22 -60.34 19.28 -55.24
CA VAL G 22 -61.34 20.27 -55.62
C VAL G 22 -60.92 20.96 -56.90
N LYS G 23 -61.85 21.10 -57.85
CA LYS G 23 -61.71 21.98 -59.00
C LYS G 23 -62.99 22.79 -59.15
N GLY G 24 -62.84 24.05 -59.55
CA GLY G 24 -63.95 24.96 -59.68
C GLY G 24 -63.54 26.21 -60.42
N PRO G 25 -63.90 27.37 -59.88
CA PRO G 25 -63.42 28.63 -60.48
C PRO G 25 -61.90 28.75 -60.50
N LYS G 26 -61.22 28.18 -59.50
CA LYS G 26 -59.75 28.20 -59.39
C LYS G 26 -59.36 26.88 -58.71
N GLY G 27 -59.33 25.82 -59.51
CA GLY G 27 -59.33 24.46 -59.01
C GLY G 27 -57.96 23.89 -58.75
N GLU G 28 -57.93 22.56 -58.64
CA GLU G 28 -56.74 21.77 -58.31
C GLU G 28 -56.32 22.00 -56.86
N LEU G 29 -56.95 22.95 -56.19
CA LEU G 29 -56.64 23.18 -54.78
C LEU G 29 -57.01 21.93 -53.99
N THR G 30 -56.10 21.50 -53.13
CA THR G 30 -56.19 20.21 -52.45
C THR G 30 -55.68 20.35 -51.02
N VAL G 31 -56.35 19.71 -50.08
CA VAL G 31 -55.87 19.77 -48.69
C VAL G 31 -55.86 18.35 -48.12
N PRO G 32 -54.82 17.97 -47.34
CA PRO G 32 -54.65 16.56 -46.94
C PRO G 32 -55.19 16.25 -45.57
N TYR G 33 -56.08 15.27 -45.47
CA TYR G 33 -56.84 15.02 -44.25
C TYR G 33 -56.70 13.58 -43.80
N ASN G 34 -56.96 13.38 -42.52
CA ASN G 34 -56.78 12.08 -41.90
C ASN G 34 -57.83 11.09 -42.39
N THR G 35 -57.41 9.83 -42.51
CA THR G 35 -58.29 8.77 -42.98
C THR G 35 -59.18 8.20 -41.88
N GLU G 36 -58.71 8.23 -40.62
CA GLU G 36 -59.49 7.69 -39.51
C GLU G 36 -60.79 8.47 -39.32
N LEU G 37 -60.79 9.75 -39.71
CA LEU G 37 -62.01 10.55 -39.77
C LEU G 37 -62.82 10.21 -41.01
N THR G 38 -64.12 10.44 -40.92
CA THR G 38 -65.01 10.26 -42.06
C THR G 38 -65.03 11.52 -42.92
N VAL G 39 -64.76 11.34 -44.22
CA VAL G 39 -64.98 12.37 -45.23
C VAL G 39 -66.24 12.01 -46.00
N ARG G 40 -67.02 13.00 -46.39
CA ARG G 40 -68.30 12.69 -47.01
C ARG G 40 -68.82 13.84 -47.86
N GLN G 41 -69.50 13.45 -48.94
CA GLN G 41 -70.51 14.27 -49.61
C GLN G 41 -71.85 13.61 -49.35
N ASP G 42 -72.66 14.19 -48.47
CA ASP G 42 -74.03 13.71 -48.33
C ASP G 42 -74.81 13.91 -49.63
N GLY G 43 -74.44 14.93 -50.40
CA GLY G 43 -75.15 15.26 -51.63
C GLY G 43 -74.86 16.70 -52.00
N ASP G 44 -75.81 17.60 -51.72
CA ASP G 44 -75.61 19.01 -52.04
C ASP G 44 -74.61 19.67 -51.09
N GLN G 45 -74.84 19.56 -49.78
CA GLN G 45 -74.00 20.22 -48.78
C GLN G 45 -73.04 19.23 -48.14
N LEU G 46 -71.78 19.63 -48.00
CA LEU G 46 -70.73 18.77 -47.47
C LEU G 46 -70.84 18.62 -45.96
N LEU G 47 -70.34 17.49 -45.46
CA LEU G 47 -70.47 17.14 -44.04
C LEU G 47 -69.28 16.26 -43.66
N VAL G 48 -68.54 16.67 -42.63
CA VAL G 48 -67.50 15.86 -42.03
C VAL G 48 -67.94 15.44 -40.64
N GLU G 49 -67.72 14.16 -40.32
CA GLU G 49 -68.28 13.51 -39.14
C GLU G 49 -67.19 12.79 -38.36
N ARG G 50 -67.23 12.94 -37.03
CA ARG G 50 -66.28 12.25 -36.16
C ARG G 50 -66.68 10.78 -36.02
N PRO G 51 -65.71 9.86 -35.93
CA PRO G 51 -66.06 8.48 -35.55
C PRO G 51 -66.26 8.35 -34.04
N SER G 52 -65.19 8.62 -33.27
CA SER G 52 -65.15 8.39 -31.85
C SER G 52 -65.16 9.70 -31.06
N ASP G 53 -65.70 9.60 -29.84
CA ASP G 53 -65.73 10.69 -28.87
C ASP G 53 -64.47 10.75 -28.01
N ALA G 54 -63.39 10.12 -28.47
CA ALA G 54 -62.09 10.23 -27.85
C ALA G 54 -61.50 11.63 -28.07
N GLN G 55 -60.60 12.03 -27.16
CA GLN G 55 -60.12 13.40 -27.14
C GLN G 55 -59.47 13.80 -28.46
N LYS G 56 -58.80 12.88 -29.14
CA LYS G 56 -58.04 13.25 -30.33
C LYS G 56 -58.88 13.25 -31.61
N HIS G 57 -59.85 12.34 -31.71
CA HIS G 57 -60.72 12.33 -32.88
C HIS G 57 -61.49 13.65 -33.00
N ARG G 58 -62.03 14.15 -31.89
CA ARG G 58 -62.79 15.41 -31.95
C ARG G 58 -61.89 16.57 -32.39
N ALA G 59 -60.62 16.54 -31.98
CA ALA G 59 -59.70 17.59 -32.39
C ALA G 59 -59.47 17.57 -33.88
N LEU G 60 -59.18 16.38 -34.43
CA LEU G 60 -58.99 16.31 -35.87
C LEU G 60 -60.29 16.57 -36.62
N HIS G 61 -61.43 16.29 -35.99
CA HIS G 61 -62.73 16.62 -36.59
C HIS G 61 -62.89 18.11 -36.78
N GLY G 62 -62.63 18.88 -35.71
CA GLY G 62 -62.77 20.31 -35.82
C GLY G 62 -61.77 20.91 -36.79
N LEU G 63 -60.54 20.40 -36.77
CA LEU G 63 -59.53 20.93 -37.69
C LEU G 63 -59.92 20.65 -39.14
N THR G 64 -60.26 19.39 -39.46
CA THR G 64 -60.58 19.05 -40.85
C THR G 64 -61.84 19.76 -41.32
N ARG G 65 -62.79 20.04 -40.42
CA ARG G 65 -63.99 20.74 -40.85
C ARG G 65 -63.70 22.21 -41.14
N THR G 66 -62.93 22.88 -40.27
CA THR G 66 -62.60 24.26 -40.59
C THR G 66 -61.76 24.32 -41.86
N LEU G 67 -60.94 23.31 -42.11
CA LEU G 67 -60.08 23.36 -43.30
C LEU G 67 -60.88 23.13 -44.58
N VAL G 68 -61.85 22.20 -44.56
CA VAL G 68 -62.70 22.07 -45.74
C VAL G 68 -63.46 23.36 -45.97
N ALA G 69 -63.87 24.02 -44.88
CA ALA G 69 -64.60 25.29 -45.02
C ALA G 69 -63.73 26.34 -45.68
N ASN G 70 -62.52 26.53 -45.15
CA ASN G 70 -61.65 27.58 -45.67
C ASN G 70 -61.25 27.29 -47.10
N ALA G 71 -60.92 26.04 -47.42
CA ALA G 71 -60.46 25.72 -48.76
C ALA G 71 -61.58 25.86 -49.78
N VAL G 72 -62.76 25.31 -49.47
CA VAL G 72 -63.86 25.38 -50.43
C VAL G 72 -64.35 26.81 -50.59
N LYS G 73 -64.38 27.59 -49.49
CA LYS G 73 -64.79 28.98 -49.59
C LYS G 73 -63.74 29.85 -50.27
N GLY G 74 -62.47 29.43 -50.28
CA GLY G 74 -61.43 30.24 -50.87
C GLY G 74 -61.39 30.23 -52.38
N VAL G 75 -61.97 29.21 -53.01
CA VAL G 75 -62.03 29.17 -54.46
C VAL G 75 -63.26 29.91 -54.98
N SER G 76 -64.41 29.70 -54.33
CA SER G 76 -65.64 30.35 -54.77
C SER G 76 -65.62 31.86 -54.52
N ASP G 77 -64.89 32.30 -53.49
CA ASP G 77 -65.09 33.63 -52.94
C ASP G 77 -63.82 34.48 -52.89
N GLY G 78 -62.63 33.86 -52.97
CA GLY G 78 -61.39 34.60 -53.02
C GLY G 78 -60.87 34.99 -51.64
N TYR G 79 -59.71 35.64 -51.63
CA TYR G 79 -59.07 36.10 -50.41
C TYR G 79 -58.34 37.41 -50.68
N THR G 80 -58.14 38.17 -49.59
CA THR G 80 -57.45 39.45 -49.64
C THR G 80 -57.22 40.02 -48.22
N ILE G 81 -56.01 40.52 -47.95
CA ILE G 81 -55.68 41.20 -46.71
C ILE G 81 -55.19 42.60 -47.04
N ASN G 82 -55.74 43.61 -46.36
CA ASN G 82 -55.53 45.02 -46.70
C ASN G 82 -54.54 45.63 -45.72
N LEU G 83 -53.25 45.53 -46.03
CA LEU G 83 -52.22 46.07 -45.16
C LEU G 83 -51.99 47.55 -45.43
N GLU G 84 -51.61 48.27 -44.38
CA GLU G 84 -51.24 49.68 -44.51
C GLU G 84 -49.97 49.95 -43.71
N LEU G 85 -49.08 50.76 -44.32
CA LEU G 85 -47.84 51.21 -43.72
C LEU G 85 -48.06 52.51 -42.96
N ARG G 86 -47.30 52.71 -41.89
CA ARG G 86 -47.42 53.95 -41.13
C ARG G 86 -46.08 54.44 -40.62
N GLY G 87 -45.88 55.75 -40.71
CA GLY G 87 -44.65 56.40 -40.30
C GLY G 87 -44.17 57.39 -41.35
N VAL G 88 -43.19 58.19 -40.94
CA VAL G 88 -42.66 59.24 -41.81
C VAL G 88 -41.84 58.60 -42.93
N GLY G 89 -41.94 59.17 -44.13
CA GLY G 89 -41.46 58.47 -45.30
C GLY G 89 -42.31 57.25 -45.56
N PHE G 90 -41.70 56.07 -45.55
CA PHE G 90 -42.37 54.79 -45.66
C PHE G 90 -43.19 54.64 -46.94
N ARG G 91 -42.58 54.02 -47.95
CA ARG G 91 -43.13 53.94 -49.30
C ARG G 91 -43.28 52.48 -49.72
N ALA G 92 -44.20 52.24 -50.66
CA ALA G 92 -44.33 50.93 -51.26
C ALA G 92 -44.83 51.07 -52.69
N LYS G 93 -44.24 50.29 -53.59
CA LYS G 93 -44.70 50.20 -54.97
C LYS G 93 -44.41 48.78 -55.48
N LEU G 94 -44.39 48.62 -56.81
CA LEU G 94 -44.46 47.32 -57.43
C LEU G 94 -43.61 47.31 -58.69
N THR G 95 -42.92 46.19 -58.93
CA THR G 95 -42.14 45.97 -60.15
C THR G 95 -42.48 44.60 -60.70
N GLY G 96 -43.20 44.55 -61.81
CA GLY G 96 -43.75 43.30 -62.25
C GLY G 96 -44.73 42.82 -61.20
N LYS G 97 -44.46 41.63 -60.64
CA LYS G 97 -45.25 41.12 -59.52
C LYS G 97 -44.43 41.09 -58.22
N ALA G 98 -43.31 41.82 -58.17
CA ALA G 98 -42.48 41.95 -56.97
C ALA G 98 -42.86 43.20 -56.15
N LEU G 99 -42.91 43.03 -54.82
CA LEU G 99 -43.24 44.12 -53.91
C LEU G 99 -41.99 44.93 -53.54
N GLU G 100 -42.11 46.25 -53.63
CA GLU G 100 -41.03 47.20 -53.39
C GLU G 100 -41.36 48.01 -52.15
N MET G 101 -40.83 47.63 -50.99
CA MET G 101 -41.01 48.46 -49.82
C MET G 101 -39.74 49.26 -49.54
N ASN G 102 -39.92 50.53 -49.17
CA ASN G 102 -38.83 51.49 -49.06
C ASN G 102 -39.11 52.26 -47.77
N ILE G 103 -38.70 51.69 -46.64
CA ILE G 103 -39.24 52.14 -45.36
C ILE G 103 -38.20 52.20 -44.25
N GLY G 104 -37.43 53.28 -44.19
CA GLY G 104 -36.59 53.54 -43.03
C GLY G 104 -35.37 52.65 -42.91
N TYR G 105 -35.20 51.70 -43.83
CA TYR G 105 -33.99 50.91 -43.97
C TYR G 105 -33.15 51.51 -45.09
N SER G 106 -31.83 51.38 -44.94
CA SER G 106 -30.92 51.99 -45.91
C SER G 106 -31.17 51.45 -47.31
N HIS G 107 -31.22 50.13 -47.46
CA HIS G 107 -31.63 49.44 -48.67
C HIS G 107 -33.16 49.42 -48.82
N PRO G 108 -33.68 49.37 -50.04
CA PRO G 108 -35.03 48.86 -50.24
C PRO G 108 -35.15 47.38 -49.89
N VAL G 109 -36.33 46.99 -49.42
CA VAL G 109 -36.68 45.58 -49.20
C VAL G 109 -37.64 45.14 -50.30
N ILE G 110 -37.24 44.11 -51.04
CA ILE G 110 -38.08 43.52 -52.06
C ILE G 110 -38.59 42.18 -51.58
N ILE G 111 -39.82 41.85 -51.97
CA ILE G 111 -40.39 40.54 -51.67
C ILE G 111 -40.97 39.95 -52.94
N GLU G 112 -40.56 38.72 -53.24
CA GLU G 112 -41.07 38.00 -54.39
C GLU G 112 -42.17 37.05 -53.92
N PRO G 113 -43.40 37.22 -54.37
CA PRO G 113 -44.48 36.34 -53.93
C PRO G 113 -44.24 34.91 -54.36
N PRO G 114 -44.60 33.94 -53.52
CA PRO G 114 -44.83 32.58 -54.02
C PRO G 114 -46.04 32.52 -54.94
N ALA G 115 -46.01 31.55 -55.85
CA ALA G 115 -47.02 31.42 -56.88
C ALA G 115 -48.41 31.17 -56.29
N GLY G 116 -49.43 31.70 -56.95
CA GLY G 116 -50.78 31.69 -56.46
C GLY G 116 -51.17 32.90 -55.63
N VAL G 117 -50.21 33.75 -55.29
CA VAL G 117 -50.41 34.99 -54.55
C VAL G 117 -50.32 36.16 -55.53
N THR G 118 -51.09 37.21 -55.27
CA THR G 118 -51.08 38.42 -56.09
C THR G 118 -50.93 39.64 -55.20
N PHE G 119 -49.78 40.32 -55.32
CA PHE G 119 -49.57 41.63 -54.71
C PHE G 119 -50.31 42.72 -55.47
N ALA G 120 -50.69 43.77 -54.74
CA ALA G 120 -51.43 44.90 -55.29
C ALA G 120 -51.10 46.13 -54.47
N VAL G 121 -51.18 47.29 -55.13
CA VAL G 121 -50.87 48.57 -54.50
C VAL G 121 -52.00 49.55 -54.84
N PRO G 122 -53.18 49.42 -54.24
CA PRO G 122 -54.26 50.40 -54.49
C PRO G 122 -53.88 51.83 -54.16
N GLU G 123 -53.06 52.03 -53.13
CA GLU G 123 -52.50 53.31 -52.73
C GLU G 123 -51.00 53.14 -52.53
N PRO G 124 -50.22 54.22 -52.72
CA PRO G 124 -48.79 54.12 -52.40
C PRO G 124 -48.49 53.74 -50.96
N THR G 125 -49.39 54.02 -50.02
CA THR G 125 -49.21 53.61 -48.62
C THR G 125 -50.10 52.42 -48.24
N ARG G 126 -50.57 51.64 -49.21
CA ARG G 126 -51.41 50.46 -48.94
C ARG G 126 -50.94 49.27 -49.75
N ILE G 127 -50.58 48.18 -49.05
CA ILE G 127 -50.30 46.89 -49.67
C ILE G 127 -51.56 46.05 -49.63
N ASP G 128 -51.73 45.19 -50.63
CA ASP G 128 -52.87 44.32 -50.69
C ASP G 128 -52.43 42.99 -51.26
N VAL G 129 -52.96 41.88 -50.73
CA VAL G 129 -52.48 40.54 -51.04
C VAL G 129 -53.70 39.66 -51.25
N SER G 130 -54.04 39.39 -52.51
CA SER G 130 -55.17 38.52 -52.83
C SER G 130 -54.65 37.13 -53.23
N GLY G 131 -55.48 36.11 -53.00
CA GLY G 131 -55.06 34.77 -53.32
C GLY G 131 -56.14 33.75 -53.00
N ILE G 132 -55.77 32.47 -53.10
CA ILE G 132 -56.67 31.35 -52.84
C ILE G 132 -56.30 30.62 -51.56
N ASP G 133 -55.07 30.12 -51.46
CA ASP G 133 -54.62 29.38 -50.29
C ASP G 133 -54.56 30.33 -49.10
N LYS G 134 -55.47 30.14 -48.14
CA LYS G 134 -55.49 31.04 -46.99
C LYS G 134 -54.17 30.98 -46.24
N GLN G 135 -53.56 29.80 -46.18
CA GLN G 135 -52.32 29.68 -45.44
C GLN G 135 -51.19 30.45 -46.13
N LEU G 136 -51.17 30.44 -47.48
CA LEU G 136 -50.14 31.19 -48.19
C LEU G 136 -50.35 32.69 -48.05
N VAL G 137 -51.60 33.15 -48.16
CA VAL G 137 -51.86 34.58 -48.00
C VAL G 137 -51.49 35.01 -46.60
N GLY G 138 -51.75 34.16 -45.61
CA GLY G 138 -51.36 34.49 -44.26
C GLY G 138 -49.86 34.58 -44.09
N GLN G 139 -49.12 33.61 -44.64
CA GLN G 139 -47.67 33.62 -44.48
C GLN G 139 -47.03 34.77 -45.24
N VAL G 140 -47.58 35.11 -46.41
CA VAL G 140 -47.02 36.20 -47.20
C VAL G 140 -47.24 37.53 -46.50
N ALA G 141 -48.48 37.79 -46.06
CA ALA G 141 -48.70 39.04 -45.34
C ALA G 141 -47.89 39.08 -44.05
N ALA G 142 -47.70 37.95 -43.38
CA ALA G 142 -46.90 37.94 -42.16
C ALA G 142 -45.43 38.21 -42.44
N ASN G 143 -44.93 37.80 -43.62
CA ASN G 143 -43.58 38.18 -44.02
C ASN G 143 -43.49 39.67 -44.33
N VAL G 144 -44.56 40.27 -44.85
CA VAL G 144 -44.56 41.73 -45.01
C VAL G 144 -44.50 42.42 -43.66
N ARG G 145 -45.27 41.93 -42.68
CA ARG G 145 -45.27 42.54 -41.35
C ARG G 145 -43.93 42.37 -40.65
N LYS G 146 -43.17 41.32 -40.99
CA LYS G 146 -41.86 41.15 -40.37
C LYS G 146 -40.96 42.32 -40.67
N VAL G 147 -41.14 42.96 -41.84
CA VAL G 147 -40.18 43.93 -42.36
C VAL G 147 -39.96 45.04 -41.34
N ARG G 148 -41.00 45.38 -40.59
CA ARG G 148 -40.82 46.15 -39.36
C ARG G 148 -42.06 45.90 -38.52
N LYS G 149 -41.88 45.24 -37.38
CA LYS G 149 -42.99 45.19 -36.43
C LYS G 149 -43.24 46.60 -35.89
N PRO G 150 -44.49 47.00 -35.75
CA PRO G 150 -44.77 48.31 -35.14
C PRO G 150 -44.07 48.44 -33.80
N ASP G 151 -43.34 49.55 -33.62
CA ASP G 151 -42.62 49.76 -32.38
C ASP G 151 -43.59 50.07 -31.26
N ALA G 152 -43.15 49.77 -30.03
CA ALA G 152 -44.03 50.00 -28.89
C ALA G 152 -44.31 51.48 -28.66
N TYR G 153 -43.46 52.37 -29.18
CA TYR G 153 -43.52 53.77 -28.80
C TYR G 153 -44.27 54.66 -29.78
N HIS G 154 -44.37 54.29 -31.06
CA HIS G 154 -45.07 55.14 -32.01
C HIS G 154 -45.95 54.42 -33.02
N GLY G 155 -46.04 53.09 -32.98
CA GLY G 155 -46.89 52.40 -33.95
C GLY G 155 -46.36 52.37 -35.37
N LYS G 156 -45.12 52.81 -35.58
CA LYS G 156 -44.53 52.85 -36.91
C LYS G 156 -44.35 51.43 -37.43
N GLY G 157 -44.72 51.20 -38.68
CA GLY G 157 -44.49 49.90 -39.29
C GLY G 157 -45.68 49.46 -40.12
N VAL G 158 -45.69 48.16 -40.42
CA VAL G 158 -46.78 47.52 -41.17
C VAL G 158 -47.94 47.23 -40.23
N ARG G 159 -49.16 47.27 -40.76
CA ARG G 159 -50.36 46.86 -40.04
C ARG G 159 -51.37 46.31 -41.04
N PHE G 160 -52.46 45.72 -40.51
CA PHE G 160 -53.59 45.34 -41.34
C PHE G 160 -54.43 46.57 -41.71
N VAL G 161 -55.74 46.39 -41.83
CA VAL G 161 -56.64 47.51 -42.14
C VAL G 161 -56.52 48.58 -41.06
N GLY G 162 -57.14 48.33 -39.90
CA GLY G 162 -57.08 49.23 -38.77
C GLY G 162 -56.96 48.45 -37.49
N GLU G 163 -55.79 47.85 -37.27
CA GLU G 163 -55.48 47.21 -36.00
C GLU G 163 -55.51 48.25 -34.88
N GLN G 164 -56.17 47.91 -33.76
CA GLN G 164 -56.07 48.74 -32.55
C GLN G 164 -54.70 48.53 -31.93
N ILE G 165 -53.69 49.15 -32.55
CA ILE G 165 -52.36 49.04 -32.00
C ILE G 165 -52.31 49.70 -30.63
N ALA G 166 -51.73 49.00 -29.67
CA ALA G 166 -51.52 49.60 -28.37
C ALA G 166 -50.29 50.48 -28.46
N LEU G 167 -50.24 51.50 -27.61
CA LEU G 167 -49.13 52.42 -27.62
C LEU G 167 -48.64 52.60 -26.19
N LYS G 168 -47.31 52.61 -26.03
CA LYS G 168 -46.69 52.61 -24.71
C LYS G 168 -46.40 54.05 -24.29
N ALA G 169 -45.32 54.28 -23.55
CA ALA G 169 -44.96 55.62 -23.07
C ALA G 169 -43.94 56.28 -23.99
N GLY G 170 -42.93 56.92 -23.40
CA GLY G 170 -41.88 57.62 -24.13
C GLY G 170 -40.94 58.40 -23.23
N LYS G 171 -40.70 59.66 -23.58
CA LYS G 171 -39.94 60.56 -22.73
C LYS G 171 -40.86 61.54 -21.96
N LYS H 1 -20.50 -38.02 -32.59
CA LYS H 1 -21.84 -38.60 -32.64
C LYS H 1 -22.87 -37.76 -33.45
N THR H 2 -22.93 -36.44 -33.20
CA THR H 2 -23.94 -35.58 -33.80
C THR H 2 -23.55 -35.08 -35.19
N TYR H 3 -24.53 -35.04 -36.08
CA TYR H 3 -24.32 -34.71 -37.48
C TYR H 3 -23.79 -33.28 -37.68
N ILE H 4 -22.77 -33.14 -38.52
CA ILE H 4 -22.30 -31.83 -38.97
C ILE H 4 -22.25 -31.89 -40.48
N PRO H 5 -22.46 -30.80 -41.21
CA PRO H 5 -22.53 -30.90 -42.66
C PRO H 5 -21.27 -30.50 -43.40
N LYS H 6 -21.43 -30.44 -44.72
CA LYS H 6 -20.60 -29.79 -45.73
C LYS H 6 -20.44 -28.28 -45.51
N ASN H 7 -19.95 -27.57 -46.53
CA ASN H 7 -20.12 -26.13 -46.64
C ASN H 7 -20.72 -25.76 -48.00
N ASP H 8 -21.31 -26.75 -48.68
CA ASP H 8 -21.33 -26.79 -50.14
C ASP H 8 -22.10 -25.63 -50.76
N GLU H 9 -23.08 -25.08 -50.07
CA GLU H 9 -24.11 -24.30 -50.73
C GLU H 9 -24.12 -22.85 -50.25
N GLN H 10 -24.57 -21.98 -51.14
CA GLN H 10 -24.86 -20.60 -50.84
C GLN H 10 -26.22 -20.29 -51.45
N ASN H 11 -27.12 -19.73 -50.65
CA ASN H 11 -28.46 -19.39 -51.12
C ASN H 11 -28.73 -17.91 -50.88
N TRP H 12 -29.28 -17.25 -51.91
CA TRP H 12 -29.52 -15.82 -51.95
C TRP H 12 -31.01 -15.52 -51.82
N VAL H 13 -31.37 -14.35 -51.29
CA VAL H 13 -32.76 -13.91 -51.24
C VAL H 13 -32.80 -12.40 -51.13
N VAL H 14 -33.83 -11.81 -51.74
CA VAL H 14 -34.11 -10.38 -51.62
C VAL H 14 -35.19 -10.15 -50.57
N VAL H 15 -34.86 -9.29 -49.61
CA VAL H 15 -35.82 -8.73 -48.67
C VAL H 15 -36.22 -7.35 -49.16
N ASP H 16 -37.51 -7.09 -49.22
CA ASP H 16 -37.99 -5.75 -49.53
C ASP H 16 -38.24 -5.00 -48.22
N ALA H 17 -37.47 -3.94 -47.98
CA ALA H 17 -37.60 -3.12 -46.77
C ALA H 17 -38.73 -2.11 -46.87
N SER H 18 -39.38 -2.02 -48.02
CA SER H 18 -40.30 -0.95 -48.35
C SER H 18 -41.48 -0.93 -47.37
N GLY H 19 -41.48 0.06 -46.47
CA GLY H 19 -42.57 0.24 -45.52
C GLY H 19 -42.48 -0.63 -44.28
N VAL H 20 -41.45 -1.46 -44.17
CA VAL H 20 -41.26 -2.31 -43.00
C VAL H 20 -40.69 -1.47 -41.86
N PRO H 21 -41.06 -1.70 -40.61
CA PRO H 21 -40.30 -1.10 -39.52
C PRO H 21 -38.87 -1.63 -39.52
N LEU H 22 -37.91 -0.71 -39.48
CA LEU H 22 -36.52 -1.07 -39.27
C LEU H 22 -36.35 -1.56 -37.85
N GLY H 23 -35.39 -2.45 -37.65
CA GLY H 23 -35.32 -3.09 -36.35
C GLY H 23 -36.00 -4.45 -36.37
N ARG H 24 -37.20 -4.53 -36.94
CA ARG H 24 -37.83 -5.83 -37.14
C ARG H 24 -37.34 -6.45 -38.43
N LEU H 25 -37.22 -5.63 -39.47
CA LEU H 25 -36.48 -6.05 -40.65
C LEU H 25 -35.05 -6.40 -40.26
N ALA H 26 -34.53 -5.66 -39.29
CA ALA H 26 -33.22 -5.96 -38.74
C ALA H 26 -33.13 -7.43 -38.28
N THR H 27 -33.88 -7.83 -37.25
CA THR H 27 -33.71 -9.19 -36.73
C THR H 27 -34.05 -10.25 -37.78
N LEU H 28 -35.00 -9.98 -38.68
CA LEU H 28 -35.25 -10.93 -39.75
C LEU H 28 -33.99 -11.19 -40.57
N ILE H 29 -33.37 -10.11 -41.07
CA ILE H 29 -32.17 -10.29 -41.89
C ILE H 29 -31.05 -10.88 -41.05
N ALA H 30 -30.92 -10.45 -39.80
CA ALA H 30 -29.79 -10.89 -38.98
C ALA H 30 -29.85 -12.39 -38.74
N SER H 31 -31.06 -12.94 -38.60
CA SER H 31 -31.18 -14.37 -38.42
C SER H 31 -30.98 -15.11 -39.73
N ARG H 32 -31.50 -14.59 -40.84
CA ARG H 32 -31.25 -15.27 -42.09
C ARG H 32 -29.77 -15.27 -42.43
N ILE H 33 -29.02 -14.31 -41.89
CA ILE H 33 -27.56 -14.31 -42.01
C ILE H 33 -26.94 -15.35 -41.08
N ARG H 34 -27.40 -15.41 -39.82
CA ARG H 34 -26.76 -16.31 -38.87
C ARG H 34 -26.93 -17.78 -39.25
N GLY H 35 -28.07 -18.12 -39.86
CA GLY H 35 -28.37 -19.50 -40.22
C GLY H 35 -29.38 -20.20 -39.35
N LYS H 36 -30.23 -19.47 -38.65
CA LYS H 36 -31.14 -20.06 -37.67
C LYS H 36 -32.39 -20.66 -38.30
N HIS H 37 -32.55 -20.55 -39.62
CA HIS H 37 -33.77 -20.97 -40.30
C HIS H 37 -33.70 -22.41 -40.83
N ARG H 38 -32.61 -22.74 -41.52
CA ARG H 38 -32.21 -24.14 -41.62
C ARG H 38 -31.72 -24.54 -40.24
N PRO H 39 -31.68 -25.85 -39.90
CA PRO H 39 -31.09 -26.21 -38.60
C PRO H 39 -29.65 -25.67 -38.51
N ASP H 40 -29.32 -25.09 -37.34
CA ASP H 40 -28.08 -24.32 -37.15
C ASP H 40 -26.89 -25.22 -37.39
N PHE H 41 -27.17 -26.53 -37.51
CA PHE H 41 -26.23 -27.48 -38.04
C PHE H 41 -24.97 -27.33 -37.23
N THR H 42 -24.14 -26.36 -37.58
CA THR H 42 -23.08 -26.12 -36.65
C THR H 42 -22.87 -24.63 -36.44
N PRO H 43 -22.62 -24.22 -35.20
CA PRO H 43 -22.18 -22.84 -34.95
C PRO H 43 -20.86 -22.47 -35.63
N ASN H 44 -19.94 -23.42 -35.81
CA ASN H 44 -18.64 -23.06 -36.34
C ASN H 44 -18.72 -22.51 -37.74
N MET H 45 -19.73 -22.89 -38.48
CA MET H 45 -19.77 -22.61 -39.90
C MET H 45 -20.88 -21.62 -40.19
N ILE H 46 -20.63 -20.71 -41.13
CA ILE H 46 -21.65 -19.78 -41.57
C ILE H 46 -22.44 -20.46 -42.67
N GLN H 47 -23.44 -21.25 -42.26
CA GLN H 47 -24.37 -21.87 -43.18
C GLN H 47 -25.44 -20.87 -43.63
N GLY H 48 -25.41 -19.66 -43.09
CA GLY H 48 -26.41 -18.65 -43.39
C GLY H 48 -26.35 -18.17 -44.82
N ASP H 49 -27.41 -17.47 -45.19
CA ASP H 49 -27.68 -17.11 -46.58
C ASP H 49 -27.13 -15.73 -46.90
N PHE H 50 -27.01 -15.45 -48.19
CA PHE H 50 -26.75 -14.10 -48.68
C PHE H 50 -28.08 -13.37 -48.84
N VAL H 51 -28.13 -12.13 -48.36
CA VAL H 51 -29.34 -11.34 -48.36
C VAL H 51 -29.11 -10.08 -49.16
N VAL H 52 -30.12 -9.67 -49.92
CA VAL H 52 -30.08 -8.50 -50.76
C VAL H 52 -31.25 -7.61 -50.33
N VAL H 53 -30.95 -6.44 -49.78
CA VAL H 53 -31.98 -5.53 -49.31
C VAL H 53 -32.19 -4.48 -50.39
N ILE H 54 -33.42 -4.43 -50.93
CA ILE H 54 -33.80 -3.44 -51.93
C ILE H 54 -34.79 -2.45 -51.32
N ASN H 55 -34.90 -1.30 -51.99
CA ASN H 55 -35.72 -0.18 -51.50
C ASN H 55 -35.32 0.19 -50.08
N ALA H 56 -34.02 0.06 -49.77
CA ALA H 56 -33.55 0.39 -48.43
C ALA H 56 -33.85 1.83 -48.09
N ALA H 57 -33.98 2.69 -49.11
CA ALA H 57 -34.27 4.10 -48.89
C ALA H 57 -35.60 4.32 -48.18
N GLN H 58 -36.60 3.46 -48.43
CA GLN H 58 -37.96 3.69 -47.98
C GLN H 58 -38.30 3.04 -46.65
N VAL H 59 -37.29 2.62 -45.87
CA VAL H 59 -37.60 1.96 -44.61
C VAL H 59 -38.40 2.89 -43.73
N ALA H 60 -39.47 2.36 -43.16
CA ALA H 60 -40.28 3.12 -42.22
C ALA H 60 -39.57 3.18 -40.86
N LEU H 61 -39.91 4.20 -40.08
CA LEU H 61 -39.39 4.29 -38.72
C LEU H 61 -40.45 5.01 -37.91
N THR H 62 -40.63 4.59 -36.67
CA THR H 62 -41.71 5.12 -35.83
C THR H 62 -41.19 6.19 -34.86
N GLY H 63 -42.13 6.83 -34.13
CA GLY H 63 -41.78 7.80 -33.11
C GLY H 63 -41.05 8.99 -33.67
N LYS H 64 -39.74 8.86 -33.88
CA LYS H 64 -38.94 9.90 -34.53
C LYS H 64 -37.84 9.28 -35.39
N LYS H 65 -37.97 9.42 -36.72
CA LYS H 65 -36.81 9.31 -37.58
C LYS H 65 -35.92 10.53 -37.45
N LEU H 66 -36.45 11.59 -36.86
CA LEU H 66 -35.71 12.78 -36.50
C LEU H 66 -35.15 12.57 -35.09
N ASP H 67 -34.79 13.66 -34.42
CA ASP H 67 -34.89 13.80 -32.97
C ASP H 67 -34.34 12.58 -32.23
N ASP H 68 -35.03 11.46 -32.36
CA ASP H 68 -34.59 10.23 -31.72
C ASP H 68 -33.25 9.83 -32.31
N LYS H 69 -33.28 9.21 -33.48
CA LYS H 69 -32.14 8.40 -33.89
C LYS H 69 -30.88 9.22 -34.11
N VAL H 70 -30.09 9.37 -33.04
CA VAL H 70 -28.81 10.06 -33.08
C VAL H 70 -27.72 8.98 -33.21
N TYR H 71 -27.37 8.62 -34.44
CA TYR H 71 -26.23 7.75 -34.65
C TYR H 71 -24.94 8.48 -34.28
N THR H 72 -23.94 7.74 -33.80
CA THR H 72 -22.76 8.42 -33.25
C THR H 72 -21.48 7.69 -33.61
N ARG H 73 -20.42 8.44 -33.94
CA ARG H 73 -19.11 7.87 -34.28
C ARG H 73 -17.98 8.69 -33.68
N TYR H 74 -16.99 8.03 -33.10
CA TYR H 74 -15.88 8.69 -32.45
C TYR H 74 -14.64 8.55 -33.29
N THR H 75 -13.83 9.61 -33.32
CA THR H 75 -12.87 9.82 -34.38
C THR H 75 -11.44 9.52 -33.98
N GLY H 76 -11.15 9.45 -32.70
CA GLY H 76 -9.82 9.26 -32.19
C GLY H 76 -9.16 10.53 -31.73
N TYR H 77 -9.64 11.67 -32.21
CA TYR H 77 -9.10 12.97 -31.87
C TYR H 77 -9.98 13.61 -30.81
N GLN H 78 -9.37 14.47 -29.98
CA GLN H 78 -10.12 15.26 -29.03
C GLN H 78 -11.13 16.06 -29.82
N GLY H 79 -12.36 16.10 -29.33
CA GLY H 79 -13.42 16.74 -30.06
C GLY H 79 -13.97 15.92 -31.19
N GLY H 80 -13.54 14.69 -31.34
CA GLY H 80 -14.03 13.88 -32.42
C GLY H 80 -15.30 13.10 -32.19
N LEU H 81 -15.93 13.21 -31.03
CA LEU H 81 -17.24 12.60 -30.89
C LEU H 81 -18.27 13.42 -31.64
N LYS H 82 -18.17 14.75 -31.52
CA LYS H 82 -19.16 15.67 -32.07
C LYS H 82 -19.24 15.38 -33.57
N THR H 83 -19.96 14.29 -33.87
CA THR H 83 -20.08 13.60 -35.14
C THR H 83 -21.28 12.69 -34.94
N GLU H 84 -22.46 13.27 -35.12
CA GLU H 84 -23.70 12.69 -34.62
C GLU H 84 -24.68 12.77 -35.80
N THR H 85 -24.40 11.95 -36.83
CA THR H 85 -24.99 12.22 -38.13
C THR H 85 -26.48 11.93 -38.12
N ALA H 86 -26.96 11.19 -37.13
CA ALA H 86 -28.35 11.20 -36.68
C ALA H 86 -29.42 10.93 -37.75
N ARG H 87 -30.60 10.59 -37.32
CA ARG H 87 -31.79 11.17 -37.95
C ARG H 87 -32.09 10.76 -39.39
N GLU H 88 -32.88 11.66 -40.02
CA GLU H 88 -33.18 11.66 -41.44
C GLU H 88 -31.92 11.77 -42.27
N ALA H 89 -30.87 12.40 -41.72
CA ALA H 89 -29.71 12.72 -42.52
C ALA H 89 -29.13 11.49 -43.16
N LEU H 90 -28.94 10.43 -42.36
CA LEU H 90 -28.37 9.21 -42.92
C LEU H 90 -29.27 8.59 -43.97
N SER H 91 -30.55 8.94 -43.98
CA SER H 91 -31.26 8.55 -45.17
C SER H 91 -30.87 9.45 -46.44
N LYS H 92 -29.85 10.33 -46.38
CA LYS H 92 -29.10 10.78 -47.57
C LYS H 92 -28.14 9.72 -48.12
N HIS H 93 -27.76 8.73 -47.29
CA HIS H 93 -27.15 7.47 -47.75
C HIS H 93 -27.75 6.29 -46.99
N PRO H 94 -28.98 5.90 -47.37
CA PRO H 94 -29.75 4.92 -46.56
C PRO H 94 -29.08 3.58 -46.35
N GLU H 95 -28.28 3.11 -47.31
CA GLU H 95 -27.76 1.75 -47.27
C GLU H 95 -26.92 1.50 -46.03
N ARG H 96 -26.48 2.55 -45.34
CA ARG H 96 -25.71 2.35 -44.13
C ARG H 96 -26.58 2.17 -42.91
N VAL H 97 -27.74 2.84 -42.84
CA VAL H 97 -28.59 2.77 -41.65
C VAL H 97 -29.02 1.35 -41.38
N ILE H 98 -29.69 0.76 -42.37
CA ILE H 98 -30.03 -0.66 -42.33
C ILE H 98 -28.79 -1.48 -42.03
N GLU H 99 -27.70 -1.18 -42.73
CA GLU H 99 -26.49 -1.97 -42.58
C GLU H 99 -25.93 -1.86 -41.17
N HIS H 100 -26.19 -0.73 -40.48
CA HIS H 100 -25.75 -0.61 -39.08
C HIS H 100 -26.60 -1.48 -38.19
N ALA H 101 -27.91 -1.47 -38.40
CA ALA H 101 -28.81 -2.22 -37.54
C ALA H 101 -28.46 -3.70 -37.55
N VAL H 102 -28.39 -4.29 -38.74
CA VAL H 102 -28.06 -5.70 -38.83
C VAL H 102 -26.71 -5.96 -38.18
N PHE H 103 -25.77 -5.04 -38.32
CA PHE H 103 -24.44 -5.36 -37.79
C PHE H 103 -24.41 -5.33 -36.27
N GLY H 104 -25.36 -4.65 -35.64
CA GLY H 104 -25.33 -4.71 -34.20
C GLY H 104 -25.88 -6.00 -33.63
N MET H 105 -26.51 -6.81 -34.49
CA MET H 105 -27.15 -8.05 -34.08
C MET H 105 -26.39 -9.27 -34.57
N LEU H 106 -25.41 -9.09 -35.39
CA LEU H 106 -24.49 -10.19 -35.59
C LEU H 106 -23.42 -10.19 -34.51
N PRO H 107 -22.92 -11.36 -34.15
CA PRO H 107 -21.93 -11.44 -33.08
C PRO H 107 -20.62 -10.77 -33.48
N LYS H 108 -19.88 -10.34 -32.47
CA LYS H 108 -18.74 -9.45 -32.70
C LYS H 108 -17.43 -10.18 -33.05
N GLY H 109 -17.42 -11.50 -33.04
CA GLY H 109 -16.19 -12.23 -33.20
C GLY H 109 -15.69 -12.24 -34.64
N ARG H 110 -14.75 -13.15 -34.88
CA ARG H 110 -14.29 -13.33 -36.24
C ARG H 110 -15.39 -13.82 -37.20
N GLN H 111 -16.42 -14.58 -36.77
CA GLN H 111 -17.41 -14.96 -37.79
C GLN H 111 -18.26 -13.77 -38.18
N GLY H 112 -18.57 -12.91 -37.22
CA GLY H 112 -19.51 -11.86 -37.52
C GLY H 112 -18.94 -10.88 -38.52
N ARG H 113 -17.68 -10.55 -38.35
CA ARG H 113 -17.04 -9.68 -39.30
C ARG H 113 -17.11 -10.31 -40.67
N ALA H 114 -16.92 -11.63 -40.74
CA ALA H 114 -17.09 -12.32 -42.00
C ALA H 114 -18.55 -12.35 -42.46
N MET H 115 -19.51 -12.35 -41.53
CA MET H 115 -20.90 -12.44 -41.91
C MET H 115 -21.35 -11.15 -42.54
N HIS H 116 -20.64 -10.07 -42.22
CA HIS H 116 -20.95 -8.77 -42.81
C HIS H 116 -20.93 -8.85 -44.32
N THR H 117 -20.05 -9.72 -44.87
CA THR H 117 -19.94 -9.96 -46.30
C THR H 117 -21.28 -10.37 -46.91
N ARG H 118 -22.13 -11.02 -46.14
CA ARG H 118 -23.33 -11.62 -46.69
C ARG H 118 -24.51 -10.65 -46.76
N LEU H 119 -24.36 -9.45 -46.24
CA LEU H 119 -25.39 -8.42 -46.36
C LEU H 119 -25.11 -7.52 -47.55
N LYS H 120 -26.11 -7.34 -48.43
CA LYS H 120 -25.94 -6.56 -49.66
C LYS H 120 -27.09 -5.58 -49.77
N VAL H 121 -26.86 -4.32 -49.40
CA VAL H 121 -27.90 -3.30 -49.24
C VAL H 121 -27.88 -2.36 -50.44
N TYR H 122 -29.02 -2.23 -51.13
CA TYR H 122 -29.14 -1.30 -52.26
C TYR H 122 -30.33 -0.41 -52.02
N ALA H 123 -30.09 0.89 -51.88
CA ALA H 123 -31.14 1.80 -51.44
C ALA H 123 -32.28 1.90 -52.45
N GLY H 124 -31.96 1.75 -53.75
CA GLY H 124 -32.95 1.88 -54.78
C GLY H 124 -33.82 0.65 -54.89
N GLU H 125 -34.81 0.74 -55.78
CA GLU H 125 -35.69 -0.39 -55.99
C GLU H 125 -34.92 -1.59 -56.53
N THR H 126 -33.91 -1.35 -57.34
CA THR H 126 -33.27 -2.39 -58.12
C THR H 126 -31.93 -2.83 -57.53
N HIS H 127 -31.53 -4.05 -57.88
CA HIS H 127 -30.26 -4.64 -57.48
C HIS H 127 -29.58 -5.27 -58.68
N PRO H 128 -28.24 -5.31 -58.68
CA PRO H 128 -27.48 -5.83 -59.83
C PRO H 128 -27.06 -7.30 -59.69
N HIS H 129 -27.29 -7.91 -58.54
CA HIS H 129 -26.96 -9.32 -58.31
C HIS H 129 -27.95 -10.25 -58.97
N SER H 130 -28.38 -9.91 -60.20
CA SER H 130 -29.32 -10.74 -60.93
C SER H 130 -28.73 -12.12 -61.19
N ALA H 131 -27.40 -12.19 -61.27
CA ALA H 131 -26.74 -13.41 -61.68
C ALA H 131 -26.98 -14.54 -60.71
N GLN H 132 -27.04 -14.24 -59.41
CA GLN H 132 -27.31 -15.26 -58.40
C GLN H 132 -28.78 -15.13 -58.03
N LYS H 133 -29.65 -15.63 -58.93
CA LYS H 133 -31.08 -15.37 -58.86
C LYS H 133 -31.59 -15.64 -57.45
N PRO H 134 -32.00 -14.60 -56.70
CA PRO H 134 -32.13 -14.75 -55.24
C PRO H 134 -33.52 -15.20 -54.79
N GLN H 135 -34.56 -14.72 -55.48
CA GLN H 135 -35.93 -14.93 -55.01
C GLN H 135 -36.11 -14.33 -53.61
N VAL H 136 -37.30 -14.43 -53.04
CA VAL H 136 -37.76 -13.45 -52.07
C VAL H 136 -38.00 -14.09 -50.71
N LEU H 137 -37.82 -13.30 -49.67
CA LEU H 137 -38.50 -13.45 -48.39
C LEU H 137 -39.64 -12.43 -48.34
N LYS H 138 -40.12 -12.09 -47.15
CA LYS H 138 -41.22 -11.11 -47.08
C LYS H 138 -41.50 -10.51 -45.71
N THR H 139 -42.79 -10.52 -45.34
CA THR H 139 -43.35 -9.75 -44.24
C THR H 139 -42.84 -10.20 -42.87
N GLN H 140 -43.58 -11.15 -42.25
CA GLN H 140 -43.53 -11.46 -40.83
C GLN H 140 -43.47 -12.96 -40.60
N PRO H 141 -43.40 -13.44 -39.32
CA PRO H 141 -43.38 -14.89 -39.03
C PRO H 141 -44.71 -15.66 -39.12
N LEU H 142 -44.94 -16.59 -38.17
CA LEU H 142 -46.21 -17.35 -38.02
C LEU H 142 -47.42 -16.40 -38.04
N MET I 1 9.71 50.14 -34.71
CA MET I 1 9.76 49.19 -33.60
C MET I 1 10.18 49.76 -32.26
N ILE I 2 9.26 50.54 -31.71
CA ILE I 2 9.25 50.93 -30.31
C ILE I 2 8.33 50.02 -29.51
N MET I 3 8.77 49.62 -28.32
CA MET I 3 8.03 48.79 -27.39
C MET I 3 8.27 49.31 -25.98
N PRO I 4 7.41 48.95 -25.03
CA PRO I 4 7.54 49.50 -23.67
C PRO I 4 8.88 49.14 -23.05
N GLN I 5 9.40 50.10 -22.29
CA GLN I 5 10.77 50.19 -21.74
C GLN I 5 11.74 50.94 -22.64
N SER I 6 11.41 51.13 -23.91
CA SER I 6 12.35 51.77 -24.82
C SER I 6 12.25 53.28 -24.67
N ARG I 7 13.33 53.91 -24.19
CA ARG I 7 13.39 55.37 -24.14
C ARG I 7 13.30 56.00 -25.52
N LEU I 8 12.62 57.13 -25.62
CA LEU I 8 12.69 57.90 -26.86
C LEU I 8 13.20 59.31 -26.58
N ASP I 9 13.58 60.00 -27.64
CA ASP I 9 13.85 61.42 -27.52
C ASP I 9 12.63 62.19 -27.95
N VAL I 10 12.59 63.44 -27.49
CA VAL I 10 11.40 64.25 -27.60
C VAL I 10 11.67 65.33 -28.63
N ALA I 11 10.73 65.51 -29.55
CA ALA I 11 10.87 66.50 -30.62
C ALA I 11 10.07 67.76 -30.32
N ASP I 12 10.03 68.24 -29.08
CA ASP I 12 9.25 69.44 -28.83
C ASP I 12 9.81 70.19 -27.63
N ASN I 13 9.39 71.46 -27.56
CA ASN I 13 9.80 72.40 -26.53
C ASN I 13 8.88 72.39 -25.32
N SER I 14 7.96 71.41 -25.24
CA SER I 14 7.30 71.06 -23.99
C SER I 14 8.31 70.43 -23.05
N GLY I 15 8.23 70.78 -21.77
CA GLY I 15 9.36 70.64 -20.87
C GLY I 15 10.07 69.30 -20.79
N ALA I 16 9.48 68.26 -21.37
CA ALA I 16 10.03 66.91 -21.29
C ALA I 16 11.08 66.68 -22.37
N ARG I 17 12.07 65.85 -22.05
CA ARG I 17 13.15 65.70 -23.00
C ARG I 17 13.70 64.27 -23.08
N GLU I 18 12.88 63.28 -22.74
CA GLU I 18 13.34 61.92 -22.50
C GLU I 18 12.20 61.08 -21.94
N ILE I 19 11.38 60.47 -22.80
CA ILE I 19 10.25 59.67 -22.34
C ILE I 19 10.59 58.19 -22.50
N MET I 20 10.13 57.35 -21.55
CA MET I 20 10.23 55.89 -21.66
C MET I 20 8.88 55.31 -22.03
N CYS I 21 8.87 54.35 -22.95
CA CYS I 21 7.59 53.85 -23.37
C CYS I 21 6.95 53.12 -22.20
N ILE I 22 5.65 52.87 -22.29
CA ILE I 22 4.92 52.28 -21.19
C ILE I 22 3.72 51.56 -21.77
N ARG I 23 3.35 51.94 -22.98
CA ARG I 23 2.24 51.30 -23.65
C ARG I 23 2.27 51.67 -25.11
N VAL I 24 1.84 50.77 -25.96
CA VAL I 24 1.74 50.98 -27.39
C VAL I 24 0.27 50.91 -27.75
N LEU I 25 -0.30 51.99 -28.24
CA LEU I 25 -1.72 51.97 -28.56
C LEU I 25 -1.89 51.59 -30.01
N ASN I 26 -3.10 51.63 -30.53
CA ASN I 26 -3.32 51.38 -31.95
C ASN I 26 -4.46 52.26 -32.43
N SER I 27 -4.40 53.53 -32.08
CA SER I 27 -5.44 54.49 -32.40
C SER I 27 -4.82 55.67 -33.18
N GLY I 28 -5.71 56.59 -33.57
CA GLY I 28 -5.28 57.74 -34.33
C GLY I 28 -6.38 58.78 -34.38
N ILE I 29 -6.09 59.88 -35.07
CA ILE I 29 -7.07 60.92 -35.29
C ILE I 29 -8.32 60.38 -35.98
N GLY I 30 -9.49 60.85 -35.52
CA GLY I 30 -10.75 60.41 -36.10
C GLY I 30 -11.98 61.24 -35.79
N GLY I 31 -11.88 62.57 -35.99
CA GLY I 31 -13.02 63.45 -36.15
C GLY I 31 -13.64 63.85 -34.83
N LYS I 32 -13.27 63.13 -33.77
CA LYS I 32 -13.67 63.43 -32.41
C LYS I 32 -12.46 63.56 -31.51
N GLY I 33 -11.32 63.97 -32.08
CA GLY I 33 -10.05 63.78 -31.42
C GLY I 33 -9.57 62.36 -31.62
N LEU I 34 -8.69 61.93 -30.70
CA LEU I 34 -8.13 60.59 -30.79
C LEU I 34 -9.20 59.52 -30.64
N THR I 35 -9.11 58.49 -31.49
CA THR I 35 -9.90 57.30 -31.32
C THR I 35 -9.38 56.47 -30.17
N THR I 36 -10.27 55.65 -29.63
CA THR I 36 -9.91 54.60 -28.70
C THR I 36 -9.72 53.27 -29.45
N GLY I 37 -8.96 52.37 -28.84
CA GLY I 37 -8.97 51.03 -29.36
C GLY I 37 -7.86 50.52 -30.28
N GLY I 38 -8.31 49.93 -31.40
CA GLY I 38 -7.48 49.15 -32.31
C GLY I 38 -7.16 47.75 -31.84
N GLY I 39 -7.86 47.26 -30.82
CA GLY I 39 -7.43 46.09 -30.09
C GLY I 39 -6.42 46.48 -29.02
N GLY I 40 -5.97 45.45 -28.28
CA GLY I 40 -5.15 45.71 -27.12
C GLY I 40 -3.94 44.81 -26.96
N ASN I 41 -3.30 44.46 -28.09
CA ASN I 41 -2.16 43.55 -28.04
C ASN I 41 -1.12 43.87 -29.09
N LYS I 42 -1.23 45.02 -29.78
CA LYS I 42 -0.26 45.42 -30.78
C LYS I 42 1.07 45.70 -30.08
N ARG I 43 2.17 45.18 -30.61
CA ARG I 43 3.36 45.12 -29.79
C ARG I 43 4.51 46.03 -30.22
N TYR I 44 4.48 46.66 -31.42
CA TYR I 44 5.53 47.60 -31.82
C TYR I 44 4.96 48.91 -32.35
N ALA I 45 5.51 50.03 -31.85
CA ALA I 45 5.22 51.36 -32.39
C ALA I 45 6.11 51.66 -33.60
N HIS I 46 5.46 52.03 -34.70
CA HIS I 46 6.06 52.55 -35.92
C HIS I 46 5.82 54.05 -35.98
N VAL I 47 6.51 54.76 -36.89
CA VAL I 47 6.22 56.19 -36.95
C VAL I 47 4.74 56.41 -37.20
N GLY I 48 4.20 57.43 -36.55
CA GLY I 48 2.79 57.66 -36.71
C GLY I 48 1.93 56.85 -35.80
N ASP I 49 2.51 56.00 -34.95
CA ASP I 49 1.73 55.27 -33.97
C ASP I 49 1.76 56.05 -32.66
N ILE I 50 0.59 56.18 -32.03
CA ILE I 50 0.52 56.80 -30.71
C ILE I 50 1.10 55.84 -29.69
N ILE I 51 1.76 56.37 -28.68
CA ILE I 51 2.13 55.56 -27.52
C ILE I 51 1.78 56.34 -26.28
N VAL I 52 1.78 55.65 -25.17
CA VAL I 52 1.73 56.21 -23.83
C VAL I 52 3.15 56.13 -23.28
N ALA I 53 3.50 57.03 -22.35
CA ALA I 53 4.85 56.93 -21.85
C ALA I 53 5.02 57.74 -20.57
N SER I 54 5.80 57.19 -19.66
CA SER I 54 6.30 57.95 -18.53
C SER I 54 7.37 58.93 -19.00
N VAL I 55 7.35 60.12 -18.41
CA VAL I 55 8.33 61.16 -18.69
C VAL I 55 9.47 60.95 -17.71
N LYS I 56 10.51 60.24 -18.13
CA LYS I 56 11.59 60.07 -17.17
C LYS I 56 12.32 61.38 -16.92
N ASP I 57 12.77 62.07 -17.97
CA ASP I 57 13.74 63.15 -17.76
C ASP I 57 13.37 64.44 -18.49
N ALA I 58 13.15 65.50 -17.70
CA ALA I 58 12.54 66.72 -18.21
C ALA I 58 13.35 67.97 -17.86
N ALA I 59 13.21 68.99 -18.69
CA ALA I 59 13.90 70.25 -18.43
C ALA I 59 13.19 71.02 -17.32
N PRO I 60 13.93 71.51 -16.32
CA PRO I 60 13.32 72.42 -15.32
C PRO I 60 12.86 73.69 -16.00
N ARG I 61 11.74 74.23 -15.51
CA ARG I 61 10.93 75.19 -16.28
C ARG I 61 10.39 74.50 -17.53
N GLY I 62 9.08 74.43 -17.69
CA GLY I 62 8.52 73.93 -18.93
C GLY I 62 7.35 73.00 -18.71
N ALA I 63 6.42 73.00 -19.67
CA ALA I 63 5.02 72.66 -19.46
C ALA I 63 4.78 71.20 -19.05
N VAL I 64 5.80 70.34 -19.07
CA VAL I 64 5.64 68.91 -18.77
C VAL I 64 6.80 68.47 -17.88
N LYS I 65 6.47 67.90 -16.72
CA LYS I 65 7.43 67.62 -15.66
C LYS I 65 7.66 66.12 -15.55
N ALA I 66 8.71 65.73 -14.82
CA ALA I 66 9.08 64.32 -14.73
C ALA I 66 8.02 63.48 -14.02
N GLY I 67 7.96 62.21 -14.40
CA GLY I 67 6.99 61.30 -13.89
C GLY I 67 5.65 61.36 -14.58
N ASP I 68 5.44 62.34 -15.47
CA ASP I 68 4.12 62.49 -16.06
C ASP I 68 3.81 61.34 -17.00
N VAL I 69 2.69 60.68 -16.78
CA VAL I 69 2.14 59.82 -17.82
C VAL I 69 1.63 60.69 -18.96
N VAL I 70 1.92 60.26 -20.19
CA VAL I 70 1.93 61.12 -21.36
C VAL I 70 1.60 60.32 -22.59
N LYS I 71 0.92 60.95 -23.54
CA LYS I 71 0.68 60.34 -24.84
C LYS I 71 1.43 61.11 -25.93
N ALA I 72 2.64 60.63 -26.28
CA ALA I 72 3.48 61.07 -27.40
C ALA I 72 3.05 60.37 -28.68
N VAL I 73 3.44 60.95 -29.82
CA VAL I 73 3.51 60.21 -31.08
C VAL I 73 4.96 60.18 -31.56
N VAL I 74 5.38 59.00 -32.07
CA VAL I 74 6.75 58.78 -32.52
C VAL I 74 6.94 59.38 -33.91
N VAL I 75 8.07 60.00 -34.14
CA VAL I 75 8.30 60.65 -35.43
C VAL I 75 9.59 60.16 -36.10
N ARG I 76 10.42 59.42 -35.35
CA ARG I 76 11.75 59.06 -35.85
C ARG I 76 12.13 57.69 -35.29
N THR I 77 11.93 56.65 -36.12
CA THR I 77 12.46 55.31 -35.89
C THR I 77 13.90 55.21 -36.36
N SER I 78 14.75 54.54 -35.57
CA SER I 78 15.94 53.91 -36.15
C SER I 78 15.56 52.77 -37.06
N HIS I 79 14.46 52.11 -36.78
CA HIS I 79 13.98 51.04 -37.64
C HIS I 79 13.69 51.61 -39.01
N ALA I 80 13.96 50.83 -40.04
CA ALA I 80 13.71 51.32 -41.37
C ALA I 80 12.22 51.45 -41.63
N ILE I 81 11.86 52.33 -42.54
CA ILE I 81 10.48 52.52 -42.94
C ILE I 81 10.37 52.67 -44.44
N LYS I 82 9.56 51.84 -45.07
CA LYS I 82 9.55 51.67 -46.51
C LYS I 82 8.31 52.31 -47.15
N ARG I 83 8.44 52.69 -48.42
CA ARG I 83 7.42 53.41 -49.15
C ARG I 83 6.88 52.58 -50.30
N ALA I 84 5.79 53.06 -50.92
CA ALA I 84 5.22 52.32 -52.04
C ALA I 84 6.10 52.38 -53.30
N ASP I 85 6.93 53.41 -53.47
CA ASP I 85 7.88 53.34 -54.56
C ASP I 85 8.92 52.24 -54.36
N GLY I 86 9.30 51.97 -53.11
CA GLY I 86 10.49 51.20 -52.79
C GLY I 86 11.55 51.97 -51.99
N SER I 87 11.44 53.28 -51.84
CA SER I 87 12.31 54.07 -50.99
C SER I 87 12.26 53.56 -49.57
N THR I 88 13.38 53.67 -48.86
CA THR I 88 13.46 53.38 -47.43
C THR I 88 13.95 54.62 -46.67
N ILE I 89 13.55 54.78 -45.39
CA ILE I 89 14.20 55.79 -44.56
C ILE I 89 14.61 55.17 -43.24
N ARG I 90 15.65 55.74 -42.63
CA ARG I 90 16.11 55.38 -41.30
C ARG I 90 16.73 56.59 -40.65
N PHE I 91 16.40 56.89 -39.40
CA PHE I 91 17.11 57.98 -38.76
C PHE I 91 18.04 57.41 -37.71
N ASP I 92 19.10 58.14 -37.38
CA ASP I 92 20.07 57.60 -36.44
C ASP I 92 19.51 57.37 -35.05
N ARG I 93 18.43 58.06 -34.68
CA ARG I 93 17.99 57.94 -33.29
C ARG I 93 16.47 58.04 -33.19
N ASN I 94 15.90 57.36 -32.18
CA ASN I 94 14.47 57.29 -31.96
C ASN I 94 13.96 58.51 -31.21
N ALA I 95 12.91 59.16 -31.73
CA ALA I 95 12.36 60.37 -31.10
C ALA I 95 10.85 60.54 -31.36
N ALA I 96 10.16 61.12 -30.37
CA ALA I 96 8.71 61.37 -30.41
C ALA I 96 8.35 62.77 -29.90
N VAL I 97 7.13 63.20 -30.21
CA VAL I 97 6.60 64.51 -29.81
C VAL I 97 5.33 64.35 -28.96
N ILE I 98 5.39 64.82 -27.70
CA ILE I 98 4.28 64.61 -26.76
C ILE I 98 3.02 65.28 -27.27
N ILE I 99 1.88 64.61 -27.13
CA ILE I 99 0.67 65.30 -27.57
C ILE I 99 -0.43 65.24 -26.52
N ASN I 100 -1.64 65.71 -26.87
CA ASN I 100 -2.80 65.63 -26.00
C ASN I 100 -3.92 64.92 -26.75
N ASN I 101 -5.03 64.63 -26.05
CA ASN I 101 -6.09 63.73 -26.52
C ASN I 101 -6.92 64.29 -27.72
N GLN I 102 -6.49 65.41 -28.29
CA GLN I 102 -6.91 65.84 -29.61
C GLN I 102 -5.90 65.51 -30.71
N GLY I 103 -4.70 65.08 -30.34
CA GLY I 103 -3.62 64.89 -31.27
C GLY I 103 -2.72 66.10 -31.45
N GLU I 104 -3.15 67.28 -31.01
CA GLU I 104 -2.34 68.47 -31.11
C GLU I 104 -1.04 68.33 -30.29
N PRO I 105 0.04 68.93 -30.75
CA PRO I 105 1.29 68.89 -30.00
C PRO I 105 1.15 69.66 -28.71
N ARG I 106 2.00 69.34 -27.74
CA ARG I 106 1.95 70.16 -26.54
C ARG I 106 2.99 71.27 -26.51
N GLY I 107 4.09 71.13 -27.26
CA GLY I 107 5.04 72.23 -27.39
C GLY I 107 4.68 73.24 -28.49
N THR I 108 5.41 74.36 -28.50
CA THR I 108 5.21 75.35 -29.55
C THR I 108 6.02 75.11 -30.82
N ARG I 109 6.97 74.16 -30.82
CA ARG I 109 7.73 73.77 -32.01
C ARG I 109 8.19 72.31 -31.94
N VAL I 110 8.38 71.70 -33.14
CA VAL I 110 9.02 70.42 -33.34
C VAL I 110 10.50 70.64 -33.65
N PHE I 111 11.37 69.71 -33.22
CA PHE I 111 12.80 69.77 -33.48
C PHE I 111 13.26 68.59 -34.33
N GLY I 112 13.95 68.88 -35.43
CA GLY I 112 14.45 67.83 -36.29
C GLY I 112 13.41 67.41 -37.29
N PRO I 113 13.77 66.55 -38.23
CA PRO I 113 12.81 66.14 -39.27
C PRO I 113 11.80 65.14 -38.74
N VAL I 114 10.74 64.97 -39.53
CA VAL I 114 9.65 64.07 -39.19
C VAL I 114 9.30 63.25 -40.42
N ALA I 115 8.94 61.99 -40.19
CA ALA I 115 8.56 61.10 -41.28
C ALA I 115 7.32 61.58 -42.01
N ARG I 116 7.35 61.48 -43.32
CA ARG I 116 6.23 61.91 -44.15
C ARG I 116 4.96 61.10 -43.85
N GLU I 117 5.10 60.00 -43.12
CA GLU I 117 3.96 59.12 -42.89
C GLU I 117 2.96 59.78 -41.95
N LEU I 118 3.42 60.72 -41.11
CA LEU I 118 2.53 61.47 -40.24
C LEU I 118 1.53 62.27 -41.05
N ARG I 119 1.88 62.67 -42.26
CA ARG I 119 0.90 63.31 -43.10
C ARG I 119 -0.18 62.33 -43.53
N ASP I 120 0.21 61.11 -43.88
CA ASP I 120 -0.78 60.08 -44.19
C ASP I 120 -1.68 59.87 -43.00
N ARG I 121 -1.07 59.74 -41.84
CA ARG I 121 -1.71 59.36 -40.58
C ARG I 121 -2.44 60.55 -39.93
N ARG I 122 -2.61 61.64 -40.69
CA ARG I 122 -3.52 62.75 -40.42
C ARG I 122 -3.07 63.68 -39.31
N PHE I 123 -1.83 63.58 -38.82
CA PHE I 123 -1.37 64.51 -37.78
C PHE I 123 -0.99 65.85 -38.40
N MET I 124 -2.01 66.50 -38.98
CA MET I 124 -1.81 67.56 -39.96
C MET I 124 -0.99 68.71 -39.40
N LYS I 125 -1.10 68.96 -38.10
CA LYS I 125 -0.46 70.08 -37.44
C LYS I 125 0.89 69.76 -36.80
N ILE I 126 1.18 68.50 -36.48
CA ILE I 126 2.57 68.21 -36.10
C ILE I 126 3.48 68.36 -37.32
N VAL I 127 2.95 68.10 -38.51
CA VAL I 127 3.69 68.32 -39.74
C VAL I 127 3.96 69.81 -39.91
N SER I 128 3.07 70.66 -39.42
CA SER I 128 3.26 72.09 -39.61
C SER I 128 4.42 72.65 -38.79
N LEU I 129 4.69 72.12 -37.60
CA LEU I 129 5.78 72.65 -36.79
C LEU I 129 7.15 72.13 -37.19
N ALA I 130 7.18 71.20 -38.13
CA ALA I 130 8.31 70.35 -38.47
C ALA I 130 9.17 71.00 -39.53
N PRO I 131 10.47 71.14 -39.24
CA PRO I 131 11.41 71.79 -40.17
C PRO I 131 11.49 71.13 -41.55
N GLU I 132 11.40 69.78 -41.61
CA GLU I 132 11.31 69.02 -42.85
C GLU I 132 10.46 67.78 -42.62
N VAL I 133 9.70 67.41 -43.63
CA VAL I 133 9.19 66.04 -43.74
C VAL I 133 10.15 65.25 -44.64
N LEU I 134 10.94 64.38 -44.00
CA LEU I 134 11.97 63.49 -44.61
C LEU I 134 13.37 64.09 -44.77
N MET J 1 13.55 -69.42 10.86
CA MET J 1 12.43 -68.71 10.25
C MET J 1 12.97 -67.67 9.28
N LYS J 2 12.14 -67.31 8.30
CA LYS J 2 12.54 -66.33 7.30
C LYS J 2 12.63 -64.93 7.92
N LEU J 3 13.83 -64.33 7.87
CA LEU J 3 13.98 -62.90 8.18
C LEU J 3 13.26 -62.05 7.17
N HIS J 4 13.07 -62.56 5.95
CA HIS J 4 12.21 -61.86 5.00
C HIS J 4 10.80 -61.81 5.53
N ASP J 5 10.44 -62.81 6.33
CA ASP J 5 9.07 -63.01 6.76
C ASP J 5 8.85 -62.66 8.23
N LEU J 6 9.87 -62.11 8.92
CA LEU J 6 9.62 -61.42 10.18
C LEU J 6 8.75 -60.19 9.96
N LYS J 7 7.89 -59.92 10.92
CA LYS J 7 6.90 -58.85 10.86
C LYS J 7 6.58 -58.37 12.27
N PRO J 8 6.83 -57.09 12.57
CA PRO J 8 6.49 -56.55 13.88
C PRO J 8 4.99 -56.51 14.09
N THR J 9 4.58 -56.61 15.35
CA THR J 9 3.16 -56.71 15.67
C THR J 9 2.43 -55.52 15.10
N PRO J 10 1.33 -55.71 14.37
CA PRO J 10 0.68 -54.54 13.75
C PRO J 10 0.26 -53.56 14.82
N GLY J 11 0.42 -52.28 14.53
CA GLY J 11 0.11 -51.26 15.51
C GLY J 11 1.19 -50.98 16.53
N SER J 12 2.32 -51.67 16.47
CA SER J 12 3.37 -51.43 17.47
C SER J 12 4.39 -50.40 17.03
N ARG J 13 4.41 -50.03 15.75
CA ARG J 13 5.19 -48.91 15.23
C ARG J 13 4.28 -48.07 14.36
N LYS J 14 4.18 -46.78 14.69
CA LYS J 14 3.52 -45.84 13.80
C LYS J 14 4.55 -44.84 13.32
N ASP J 15 4.29 -44.26 12.15
CA ASP J 15 5.23 -43.38 11.49
C ASP J 15 5.26 -41.99 12.08
N ARG J 16 6.40 -41.33 11.94
CA ARG J 16 6.59 -39.97 12.41
C ARG J 16 5.75 -39.00 11.58
N LYS J 17 5.46 -37.85 12.19
CA LYS J 17 4.84 -36.75 11.48
C LYS J 17 5.90 -36.03 10.63
N ARG J 18 5.67 -35.96 9.32
CA ARG J 18 6.56 -35.29 8.40
C ARG J 18 5.93 -33.95 8.09
N VAL J 19 6.33 -32.93 8.85
CA VAL J 19 5.66 -31.64 8.83
C VAL J 19 6.29 -30.77 7.77
N GLY J 20 5.50 -30.32 6.80
CA GLY J 20 6.00 -29.58 5.64
C GLY J 20 5.53 -30.24 4.37
N ARG J 21 6.40 -30.43 3.40
CA ARG J 21 6.36 -31.64 2.57
C ARG J 21 5.02 -31.89 1.90
N GLY J 22 4.26 -30.84 1.60
CA GLY J 22 3.16 -31.02 0.68
C GLY J 22 1.90 -30.23 0.99
N PRO J 23 1.05 -30.07 0.00
CA PRO J 23 -0.35 -29.72 0.25
C PRO J 23 -1.28 -30.93 0.33
N GLY J 24 -0.71 -32.13 0.39
CA GLY J 24 -1.45 -33.35 0.69
C GLY J 24 -1.69 -33.49 2.16
N GLY J 25 -1.17 -32.53 2.94
CA GLY J 25 -1.51 -32.36 4.34
C GLY J 25 -0.38 -31.66 5.06
N THR J 26 -0.70 -30.81 6.03
CA THR J 26 0.29 -30.09 6.83
C THR J 26 1.14 -29.15 5.97
N ASP J 27 0.46 -28.39 5.10
CA ASP J 27 1.08 -27.46 4.16
C ASP J 27 1.79 -26.32 4.88
N LYS J 28 2.50 -25.52 4.08
CA LYS J 28 2.99 -24.17 4.40
C LYS J 28 3.31 -23.89 5.88
N THR J 29 2.38 -23.25 6.58
CA THR J 29 2.47 -23.16 8.02
C THR J 29 2.35 -24.55 8.62
N ALA J 30 3.26 -24.89 9.52
CA ALA J 30 3.57 -26.30 9.79
C ALA J 30 2.45 -27.10 10.48
N GLY J 31 2.64 -27.44 11.75
CA GLY J 31 1.45 -27.62 12.54
C GLY J 31 0.89 -26.32 13.04
N ARG J 32 1.66 -25.25 12.89
CA ARG J 32 1.50 -24.02 13.65
C ARG J 32 0.39 -23.19 13.02
N GLY J 33 0.05 -22.07 13.64
CA GLY J 33 -1.21 -21.45 13.27
C GLY J 33 -1.32 -20.32 12.26
N HIS J 34 -0.19 -19.66 11.97
CA HIS J 34 -0.03 -18.38 11.26
C HIS J 34 0.81 -17.46 12.12
N LYS J 35 0.37 -16.25 12.42
CA LYS J 35 1.36 -15.35 12.99
C LYS J 35 1.64 -15.71 14.43
N GLY J 36 1.80 -14.69 15.28
CA GLY J 36 1.78 -14.89 16.71
C GLY J 36 3.08 -15.46 17.22
N GLN J 37 3.18 -15.53 18.54
CA GLN J 37 4.35 -16.09 19.19
C GLN J 37 4.28 -17.61 19.04
N LYS J 38 4.40 -18.05 17.79
CA LYS J 38 4.49 -19.45 17.40
C LYS J 38 5.31 -19.50 16.10
N SER J 39 6.55 -19.99 16.28
CA SER J 39 7.78 -19.59 15.63
C SER J 39 8.88 -20.18 16.51
N ARG J 40 10.18 -20.01 16.20
CA ARG J 40 11.28 -20.45 17.09
C ARG J 40 11.05 -20.10 18.57
N SER J 41 11.02 -21.13 19.46
CA SER J 41 10.17 -21.19 20.68
C SER J 41 10.86 -21.01 22.06
N GLY J 42 9.98 -20.88 23.05
CA GLY J 42 10.30 -20.58 24.44
C GLY J 42 9.04 -20.15 25.18
N ALA J 43 9.23 -19.78 26.46
CA ALA J 43 8.19 -19.48 27.48
C ALA J 43 7.37 -20.72 27.90
N GLY J 44 7.12 -20.91 29.19
CA GLY J 44 6.65 -22.21 29.66
C GLY J 44 5.17 -22.42 29.99
N LYS J 45 4.89 -22.72 31.27
CA LYS J 45 3.55 -22.77 31.89
C LYS J 45 3.24 -21.49 32.70
N GLY J 46 3.17 -20.34 31.99
CA GLY J 46 3.00 -19.03 32.61
C GLY J 46 2.22 -18.01 31.80
N ALA J 47 1.13 -17.49 32.41
CA ALA J 47 0.07 -16.71 31.78
C ALA J 47 0.36 -15.22 31.62
N PHE J 48 1.38 -14.67 32.30
CA PHE J 48 1.96 -13.32 31.99
C PHE J 48 1.00 -12.14 32.21
N PHE J 49 0.09 -12.32 33.18
CA PHE J 49 -0.55 -11.27 33.96
C PHE J 49 -0.28 -11.63 35.42
N GLU J 50 -1.15 -12.41 36.04
CA GLU J 50 -1.00 -12.78 37.44
C GLU J 50 -1.42 -14.24 37.62
N GLY J 51 -0.45 -15.12 37.92
CA GLY J 51 -0.67 -16.54 37.77
C GLY J 51 -1.38 -17.29 38.88
N GLY J 52 -2.45 -16.72 39.43
CA GLY J 52 -3.14 -17.45 40.47
C GLY J 52 -2.24 -17.68 41.66
N ARG J 53 -1.76 -16.58 42.28
CA ARG J 53 -0.87 -16.64 43.45
C ARG J 53 -1.65 -16.63 44.77
N SER J 54 -1.75 -17.84 45.34
CA SER J 54 -2.34 -18.24 46.61
C SER J 54 -1.23 -18.43 47.66
N ARG J 55 -1.59 -18.30 48.92
CA ARG J 55 -0.64 -18.15 50.01
C ARG J 55 -0.15 -19.48 50.56
N LEU J 56 0.89 -19.40 51.38
CA LEU J 56 1.83 -20.49 51.57
C LEU J 56 2.00 -20.80 53.06
N ILE J 57 1.54 -22.00 53.44
CA ILE J 57 1.54 -22.50 54.83
C ILE J 57 2.45 -23.72 54.88
N ALA J 58 3.43 -23.68 55.78
CA ALA J 58 4.69 -24.36 55.46
C ALA J 58 5.32 -25.01 56.67
N ARG J 59 5.88 -26.20 56.47
CA ARG J 59 6.66 -26.88 57.50
C ARG J 59 7.51 -27.89 56.76
N LEU J 60 8.79 -27.89 57.04
CA LEU J 60 9.74 -28.48 56.09
C LEU J 60 9.91 -30.00 56.15
N PRO J 61 10.00 -30.66 57.33
CA PRO J 61 10.44 -32.07 57.37
C PRO J 61 9.34 -33.07 57.08
N LYS J 62 9.73 -34.35 57.11
CA LYS J 62 8.84 -35.52 57.19
C LYS J 62 9.67 -36.79 57.38
N ARG J 63 9.01 -37.85 57.86
CA ARG J 63 9.57 -39.22 57.83
C ARG J 63 8.49 -40.28 58.13
N GLY J 64 8.25 -41.17 57.16
CA GLY J 64 7.08 -42.04 57.18
C GLY J 64 7.45 -43.50 57.21
N PHE J 65 6.60 -44.29 57.88
CA PHE J 65 6.81 -45.71 58.11
C PHE J 65 6.50 -46.54 56.86
N ASN J 66 7.17 -47.70 56.76
CA ASN J 66 6.91 -48.68 55.72
C ASN J 66 5.74 -49.59 56.13
N ASN J 67 4.85 -49.84 55.18
CA ASN J 67 3.52 -50.37 55.43
C ASN J 67 3.45 -51.88 55.23
N VAL J 68 2.71 -52.56 56.11
CA VAL J 68 2.39 -53.98 55.99
C VAL J 68 0.93 -54.21 56.41
N GLY J 69 -0.01 -53.88 55.54
CA GLY J 69 -1.41 -54.18 55.83
C GLY J 69 -1.61 -55.69 55.91
N THR J 70 -2.37 -56.14 56.92
CA THR J 70 -2.39 -57.55 57.27
C THR J 70 -3.48 -58.35 56.54
N THR J 71 -4.05 -57.82 55.47
CA THR J 71 -5.00 -58.64 54.72
C THR J 71 -4.30 -59.70 53.88
N TYR J 72 -3.17 -59.37 53.25
CA TYR J 72 -2.33 -60.41 52.66
C TYR J 72 -1.77 -61.30 53.74
N GLU J 73 -1.62 -60.76 54.95
CA GLU J 73 -0.92 -61.44 56.02
C GLU J 73 -1.60 -62.74 56.47
N VAL J 74 -2.92 -62.84 56.28
CA VAL J 74 -3.70 -63.97 56.81
C VAL J 74 -3.78 -65.17 55.86
N VAL J 75 -3.85 -64.91 54.54
CA VAL J 75 -3.78 -65.97 53.54
C VAL J 75 -2.36 -66.54 53.44
N LYS J 76 -1.40 -65.98 54.19
CA LYS J 76 0.03 -66.27 54.02
C LYS J 76 0.39 -67.74 54.32
N LEU J 77 -0.39 -68.45 55.14
CA LEU J 77 -0.20 -69.88 55.36
C LEU J 77 1.04 -70.11 56.22
N SER J 78 2.18 -69.54 55.82
CA SER J 78 3.34 -69.47 56.71
C SER J 78 3.10 -68.45 57.80
N GLN J 79 3.47 -68.80 59.03
CA GLN J 79 3.14 -68.00 60.19
C GLN J 79 4.42 -67.68 60.97
N LEU J 80 4.24 -66.98 62.11
CA LEU J 80 5.34 -66.60 63.02
C LEU J 80 6.54 -66.01 62.28
N GLN J 81 6.27 -64.99 61.44
CA GLN J 81 7.29 -64.41 60.55
C GLN J 81 7.95 -63.19 61.20
N ASP J 82 9.20 -63.38 61.65
CA ASP J 82 10.02 -62.23 61.95
C ASP J 82 10.33 -61.48 60.67
N LEU J 83 10.36 -60.16 60.77
CA LEU J 83 10.20 -59.33 59.60
C LEU J 83 11.49 -59.17 58.80
N GLU J 84 12.64 -59.42 59.42
CA GLU J 84 13.89 -59.52 58.67
C GLU J 84 13.93 -60.79 57.83
N ASP J 85 13.16 -61.81 58.21
CA ASP J 85 12.83 -62.82 57.22
C ASP J 85 11.93 -62.27 56.13
N THR J 86 11.05 -61.31 56.45
CA THR J 86 10.06 -60.89 55.47
C THR J 86 10.66 -60.04 54.36
N THR J 87 11.49 -59.04 54.72
CA THR J 87 12.10 -58.24 53.65
C THR J 87 12.88 -59.13 52.71
N PHE J 88 13.48 -60.19 53.26
CA PHE J 88 14.22 -61.17 52.49
C PHE J 88 13.38 -62.40 52.17
N ASP J 89 12.04 -62.27 52.17
CA ASP J 89 11.16 -63.28 51.60
C ASP J 89 10.17 -62.71 50.60
N ARG J 90 9.63 -61.52 50.88
CA ARG J 90 8.78 -60.76 49.95
C ARG J 90 8.42 -59.46 50.66
N ASP J 91 7.87 -58.50 49.90
CA ASP J 91 7.25 -57.34 50.52
C ASP J 91 8.30 -56.48 51.24
N THR J 92 7.87 -55.39 51.90
CA THR J 92 8.73 -54.44 52.61
C THR J 92 9.99 -54.10 51.80
N LEU J 93 9.83 -53.28 50.75
CA LEU J 93 11.00 -53.00 49.93
C LEU J 93 11.98 -52.09 50.67
N GLU J 94 11.50 -51.20 51.54
CA GLU J 94 12.28 -50.03 51.94
C GLU J 94 13.37 -50.41 52.95
N ALA J 95 14.63 -50.18 52.58
CA ALA J 95 15.77 -50.39 53.48
C ALA J 95 16.02 -49.19 54.38
N TYR J 96 15.69 -47.98 53.89
CA TYR J 96 15.97 -46.73 54.58
C TYR J 96 14.94 -46.39 55.68
N ARG J 97 13.84 -47.13 55.78
CA ARG J 97 12.72 -46.75 56.64
C ARG J 97 12.43 -47.84 57.67
N LEU J 98 11.41 -47.58 58.47
CA LEU J 98 10.97 -48.49 59.51
C LEU J 98 9.60 -49.05 59.13
N VAL J 99 9.27 -50.25 59.65
CA VAL J 99 8.10 -51.00 59.22
C VAL J 99 6.94 -50.73 60.16
N ARG J 100 5.73 -50.74 59.61
CA ARG J 100 4.51 -50.68 60.41
C ARG J 100 3.42 -51.53 59.75
N ARG J 101 2.55 -52.12 60.58
CA ARG J 101 1.38 -52.84 60.12
C ARG J 101 0.12 -52.03 60.43
N LYS J 102 -1.03 -52.55 60.02
CA LYS J 102 -2.29 -51.82 60.15
C LYS J 102 -3.44 -52.78 59.87
N ASN J 103 -4.65 -52.36 60.22
CA ASN J 103 -5.84 -53.19 60.05
C ASN J 103 -6.26 -53.26 58.59
N ARG J 104 -6.34 -54.45 58.06
CA ARG J 104 -7.10 -54.66 56.83
C ARG J 104 -7.96 -55.91 57.02
N PRO J 105 -9.16 -55.94 56.38
CA PRO J 105 -10.30 -56.74 56.90
C PRO J 105 -10.10 -57.71 58.08
N VAL J 106 -9.48 -58.89 57.91
CA VAL J 106 -9.51 -59.84 59.02
C VAL J 106 -8.09 -60.17 59.48
N LYS J 107 -7.97 -61.07 60.47
CA LYS J 107 -6.70 -61.53 61.04
C LYS J 107 -6.64 -63.05 61.03
N LEU J 108 -7.69 -63.69 61.61
CA LEU J 108 -7.96 -65.14 61.66
C LEU J 108 -7.02 -65.94 62.58
N LEU J 109 -6.08 -66.71 62.02
CA LEU J 109 -5.30 -67.63 62.84
C LEU J 109 -4.22 -66.89 63.66
N ALA J 110 -3.40 -67.67 64.37
CA ALA J 110 -2.32 -67.13 65.19
C ALA J 110 -1.13 -66.70 64.34
N SER J 111 -0.35 -65.74 64.84
CA SER J 111 0.93 -65.35 64.24
C SER J 111 1.75 -64.55 65.25
N GLY J 112 3.00 -64.26 64.87
CA GLY J 112 3.80 -63.38 65.70
C GLY J 112 4.84 -62.56 64.96
N GLU J 113 4.50 -61.33 64.54
CA GLU J 113 5.34 -60.50 63.68
C GLU J 113 6.05 -59.40 64.47
N ILE J 114 7.33 -59.20 64.18
CA ILE J 114 8.18 -58.28 64.95
C ILE J 114 8.46 -57.00 64.14
N SER J 115 7.42 -56.19 63.93
CA SER J 115 7.52 -54.94 63.19
C SER J 115 7.89 -53.77 64.11
N ARG J 116 8.36 -52.68 63.48
CA ARG J 116 8.93 -51.56 64.23
C ARG J 116 7.88 -50.85 65.11
N ALA J 117 6.64 -50.74 64.63
CA ALA J 117 5.47 -50.34 65.42
C ALA J 117 4.24 -50.52 64.54
N VAL J 118 3.06 -50.57 65.15
CA VAL J 118 1.82 -50.88 64.42
C VAL J 118 0.65 -50.18 65.11
N THR J 119 -0.48 -50.12 64.41
CA THR J 119 -1.71 -49.53 64.93
C THR J 119 -2.15 -50.24 66.20
N VAL J 120 -2.73 -49.46 67.12
CA VAL J 120 -3.14 -50.03 68.40
C VAL J 120 -4.27 -51.04 68.22
N HIS J 121 -5.10 -50.86 67.20
CA HIS J 121 -6.27 -51.70 66.96
C HIS J 121 -5.92 -52.98 66.23
N VAL J 122 -4.68 -53.10 65.77
CA VAL J 122 -4.16 -54.40 65.37
C VAL J 122 -3.96 -55.27 66.60
N ASP J 123 -3.46 -54.67 67.67
CA ASP J 123 -3.40 -55.37 68.94
C ASP J 123 -4.79 -55.69 69.46
N ALA J 124 -5.80 -54.94 69.02
CA ALA J 124 -7.19 -55.30 69.30
C ALA J 124 -7.65 -56.52 68.52
N ALA J 125 -7.02 -56.81 67.38
CA ALA J 125 -7.39 -57.96 66.56
C ALA J 125 -6.25 -58.94 66.28
N SER J 126 -5.01 -58.61 66.67
CA SER J 126 -3.95 -59.61 66.69
C SER J 126 -3.86 -60.32 68.04
N ALA J 127 -4.10 -59.61 69.15
CA ALA J 127 -4.09 -60.27 70.46
C ALA J 127 -5.18 -61.33 70.54
N ALA J 128 -6.39 -60.98 70.09
CA ALA J 128 -7.36 -62.00 69.72
C ALA J 128 -6.81 -62.76 68.53
N ALA J 129 -7.05 -64.07 68.51
CA ALA J 129 -6.35 -65.05 67.69
C ALA J 129 -4.97 -65.40 68.24
N ILE J 130 -4.74 -65.16 69.55
CA ILE J 130 -3.59 -65.66 70.30
C ILE J 130 -2.30 -65.32 69.58
N LYS J 131 -2.00 -64.03 69.46
CA LYS J 131 -0.82 -63.56 68.75
C LYS J 131 -0.15 -62.47 69.55
N ALA J 132 1.18 -62.45 69.49
CA ALA J 132 1.99 -61.36 70.02
C ALA J 132 2.37 -60.39 68.91
N VAL J 133 2.76 -59.18 69.30
CA VAL J 133 3.36 -58.21 68.39
C VAL J 133 4.46 -57.49 69.16
N GLU J 134 5.68 -57.53 68.63
CA GLU J 134 6.84 -56.91 69.29
C GLU J 134 7.13 -55.54 68.70
N ALA J 135 6.72 -54.48 69.41
CA ALA J 135 7.39 -53.19 69.22
C ALA J 135 8.85 -53.35 69.65
N ALA J 136 9.75 -52.74 68.88
CA ALA J 136 11.17 -53.04 69.03
C ALA J 136 11.76 -52.43 70.29
N GLY J 137 11.80 -53.20 71.37
CA GLY J 137 12.25 -52.71 72.66
C GLY J 137 13.69 -52.22 72.71
N LYS K 1 -41.65 27.77 20.59
CA LYS K 1 -40.19 27.91 20.62
C LYS K 1 -39.51 27.07 21.72
N ARG K 2 -38.44 27.61 22.31
CA ARG K 2 -37.69 26.88 23.34
C ARG K 2 -38.54 26.64 24.58
N THR K 3 -38.24 25.55 25.28
CA THR K 3 -38.89 25.21 26.54
C THR K 3 -37.99 25.58 27.72
N LYS K 4 -38.58 25.57 28.93
CA LYS K 4 -38.01 26.27 30.07
C LYS K 4 -37.05 25.43 30.92
N PHE K 5 -37.33 24.14 31.11
CA PHE K 5 -36.46 23.17 31.79
C PHE K 5 -36.55 21.87 31.00
N ARG K 6 -35.62 20.94 31.25
CA ARG K 6 -35.73 19.60 30.64
C ARG K 6 -34.91 18.47 31.27
N LYS K 7 -33.87 18.09 30.50
CA LYS K 7 -33.02 16.91 30.62
C LYS K 7 -31.90 17.09 29.58
N GLN K 8 -32.28 17.23 28.30
CA GLN K 8 -31.66 18.01 27.20
C GLN K 8 -31.11 17.20 26.01
N PHE K 9 -31.23 15.87 26.02
CA PHE K 9 -30.75 15.04 24.92
C PHE K 9 -31.78 13.95 24.61
N ARG K 10 -31.75 13.42 23.36
CA ARG K 10 -32.76 12.45 22.95
C ARG K 10 -32.32 11.46 21.86
N GLY K 11 -33.22 11.15 20.91
CA GLY K 11 -32.97 10.18 19.86
C GLY K 11 -33.91 10.25 18.66
N ARG K 12 -34.29 9.11 18.09
CA ARG K 12 -35.06 9.10 16.85
C ARG K 12 -35.70 7.74 16.51
N MET K 13 -36.99 7.78 16.16
CA MET K 13 -37.86 6.63 15.87
C MET K 13 -39.11 7.23 15.22
N THR K 14 -39.98 6.37 14.65
CA THR K 14 -41.21 6.90 14.06
C THR K 14 -42.32 5.84 13.92
N GLY K 15 -43.57 6.34 14.02
CA GLY K 15 -44.81 5.73 13.63
C GLY K 15 -45.87 6.80 13.60
N ASP K 16 -47.01 6.49 12.98
CA ASP K 16 -48.12 7.40 12.69
C ASP K 16 -48.82 7.96 13.95
N ALA K 17 -49.44 9.14 13.76
CA ALA K 17 -49.72 10.08 14.84
C ALA K 17 -50.67 9.52 15.87
N LYS K 18 -50.35 9.78 17.14
CA LYS K 18 -51.15 9.25 18.23
C LYS K 18 -52.41 10.10 18.44
N GLY K 19 -52.24 11.33 18.93
CA GLY K 19 -53.37 12.20 19.19
C GLY K 19 -53.43 13.49 18.40
N GLY K 20 -54.04 13.45 17.21
CA GLY K 20 -54.22 14.63 16.39
C GLY K 20 -55.67 14.93 16.10
N ASP K 21 -56.36 15.51 17.11
CA ASP K 21 -57.80 15.78 17.07
C ASP K 21 -58.19 16.91 16.14
N TYR K 22 -58.03 16.67 14.83
CA TYR K 22 -58.98 17.18 13.86
C TYR K 22 -59.40 18.63 14.15
N VAL K 23 -60.62 18.91 14.59
CA VAL K 23 -60.89 20.30 14.93
C VAL K 23 -61.55 20.44 16.30
N ALA K 24 -60.75 20.32 17.35
CA ALA K 24 -60.98 21.10 18.55
C ALA K 24 -60.60 22.56 18.28
N PHE K 25 -61.18 23.46 19.07
CA PHE K 25 -60.84 24.89 19.04
C PHE K 25 -61.40 25.60 17.81
N GLY K 26 -60.72 25.47 16.68
CA GLY K 26 -61.06 26.24 15.51
C GLY K 26 -62.13 25.59 14.65
N ASP K 27 -62.48 26.30 13.57
CA ASP K 27 -63.32 25.76 12.50
C ASP K 27 -62.49 24.99 11.47
N TYR K 28 -61.43 25.60 10.94
CA TYR K 28 -60.62 25.07 9.86
C TYR K 28 -59.24 24.69 10.37
N GLY K 29 -58.60 23.75 9.67
CA GLY K 29 -57.26 23.34 10.05
C GLY K 29 -56.44 22.84 8.86
N LEU K 30 -55.13 22.88 9.06
CA LEU K 30 -54.15 22.27 8.16
C LEU K 30 -53.46 21.12 8.89
N ILE K 31 -53.16 20.08 8.12
CA ILE K 31 -52.85 18.76 8.65
C ILE K 31 -51.72 18.14 7.82
N ALA K 32 -50.67 17.68 8.50
CA ALA K 32 -49.51 17.06 7.85
C ALA K 32 -49.89 15.73 7.22
N MET K 33 -49.37 15.47 6.01
CA MET K 33 -49.52 14.16 5.40
C MET K 33 -48.20 13.42 5.22
N GLU K 34 -47.10 13.92 5.78
CA GLU K 34 -45.81 13.22 5.80
C GLU K 34 -45.20 13.34 7.19
N PRO K 35 -44.46 12.33 7.63
CA PRO K 35 -43.68 12.46 8.87
C PRO K 35 -42.56 13.46 8.70
N ALA K 36 -42.21 14.14 9.79
CA ALA K 36 -41.06 15.05 9.76
C ALA K 36 -40.72 15.48 11.17
N TRP K 37 -39.55 16.08 11.31
CA TRP K 37 -39.35 17.03 12.39
C TRP K 37 -39.81 18.38 11.91
N ILE K 38 -40.24 19.23 12.84
CA ILE K 38 -40.54 20.61 12.48
C ILE K 38 -39.88 21.52 13.49
N LYS K 39 -39.26 22.56 12.98
CA LYS K 39 -38.43 23.47 13.73
C LYS K 39 -39.28 24.55 14.39
N SER K 40 -38.82 25.02 15.55
CA SER K 40 -39.40 26.23 16.11
C SER K 40 -39.17 27.42 15.17
N ASN K 41 -38.08 27.38 14.40
CA ASN K 41 -37.87 28.31 13.30
C ASN K 41 -39.06 28.31 12.36
N GLN K 42 -39.52 27.11 11.98
CA GLN K 42 -40.53 26.95 10.95
C GLN K 42 -41.92 27.17 11.52
N ILE K 43 -42.15 26.72 12.75
CA ILE K 43 -43.42 27.02 13.40
C ILE K 43 -43.60 28.53 13.52
N GLU K 44 -42.58 29.23 14.03
CA GLU K 44 -42.78 30.66 14.19
C GLU K 44 -42.87 31.34 12.83
N ALA K 45 -42.23 30.79 11.80
CA ALA K 45 -42.41 31.35 10.47
C ALA K 45 -43.85 31.22 9.99
N CYS K 46 -44.48 30.07 10.24
CA CYS K 46 -45.88 29.94 9.86
C CYS K 46 -46.75 30.88 10.67
N ARG K 47 -46.38 31.09 11.94
CA ARG K 47 -47.12 32.00 12.79
C ARG K 47 -47.08 33.42 12.23
N ILE K 48 -45.87 33.89 11.96
CA ILE K 48 -45.65 35.25 11.52
C ILE K 48 -46.25 35.46 10.14
N VAL K 49 -46.35 34.43 9.32
CA VAL K 49 -47.00 34.65 8.03
C VAL K 49 -48.52 34.68 8.18
N MET K 50 -49.09 33.77 8.97
CA MET K 50 -50.55 33.75 9.07
C MET K 50 -51.07 34.95 9.84
N SER K 51 -50.26 35.54 10.73
CA SER K 51 -50.68 36.76 11.43
C SER K 51 -50.91 37.90 10.44
N ARG K 52 -50.08 37.99 9.42
CA ARG K 52 -50.21 39.11 8.49
C ARG K 52 -51.49 38.99 7.67
N HIS K 53 -51.96 37.76 7.39
CA HIS K 53 -53.13 37.63 6.55
C HIS K 53 -54.42 37.90 7.33
N PHE K 54 -54.35 37.90 8.67
CA PHE K 54 -55.50 38.01 9.58
C PHE K 54 -55.22 39.11 10.59
N ARG K 55 -54.94 40.32 10.09
CA ARG K 55 -54.17 41.34 10.80
C ARG K 55 -54.59 41.53 12.26
N ARG K 56 -55.68 42.25 12.50
CA ARG K 56 -56.19 42.35 13.87
C ARG K 56 -57.04 41.16 14.26
N GLY K 57 -57.11 40.15 13.40
CA GLY K 57 -57.87 38.93 13.62
C GLY K 57 -57.75 38.28 14.99
N GLY K 58 -56.79 37.36 15.15
CA GLY K 58 -56.65 36.66 16.42
C GLY K 58 -57.48 35.40 16.54
N LYS K 59 -57.11 34.39 15.74
CA LYS K 59 -57.92 33.20 15.54
C LYS K 59 -57.01 32.00 15.30
N ILE K 60 -55.87 31.96 15.98
CA ILE K 60 -54.75 31.10 15.59
C ILE K 60 -54.21 30.41 16.84
N TYR K 61 -54.36 29.09 16.90
CA TYR K 61 -53.72 28.25 17.90
C TYR K 61 -52.48 27.61 17.27
N ILE K 62 -51.62 27.03 18.09
CA ILE K 62 -50.50 26.25 17.57
C ILE K 62 -50.44 24.93 18.33
N ARG K 63 -51.33 23.99 17.98
CA ARG K 63 -51.44 22.68 18.63
C ARG K 63 -50.31 21.77 18.21
N ILE K 64 -49.10 22.27 18.36
CA ILE K 64 -47.88 21.60 17.93
C ILE K 64 -46.77 22.36 18.62
N PHE K 65 -45.72 21.67 19.02
CA PHE K 65 -44.81 22.40 19.88
C PHE K 65 -43.42 21.79 19.94
N PRO K 66 -42.39 22.55 19.55
CA PRO K 66 -41.03 22.03 19.55
C PRO K 66 -40.57 21.64 20.95
N ASP K 67 -39.82 20.56 21.01
CA ASP K 67 -39.83 19.68 22.16
C ASP K 67 -38.59 18.82 22.25
N LYS K 68 -38.12 18.32 21.10
CA LYS K 68 -36.98 17.43 21.05
C LYS K 68 -35.71 18.23 20.89
N PRO K 69 -34.78 18.19 21.85
CA PRO K 69 -33.42 18.65 21.56
C PRO K 69 -32.77 17.82 20.46
N VAL K 70 -32.02 18.52 19.61
CA VAL K 70 -31.25 17.93 18.51
C VAL K 70 -29.94 18.68 18.41
N THR K 71 -28.87 17.96 18.10
CA THR K 71 -27.53 18.33 18.53
C THR K 71 -26.52 18.14 17.38
N LYS K 72 -26.38 19.17 16.55
CA LYS K 72 -25.27 19.22 15.62
C LYS K 72 -23.95 19.38 16.37
N LYS K 73 -22.98 18.58 15.95
CA LYS K 73 -21.66 18.50 16.56
C LYS K 73 -20.83 19.71 16.13
N PRO K 74 -19.79 20.06 16.89
CA PRO K 74 -18.93 21.20 16.49
C PRO K 74 -18.29 21.00 15.12
N ALA K 75 -18.13 22.12 14.41
CA ALA K 75 -17.92 22.15 12.96
C ALA K 75 -16.56 21.62 12.50
N GLU K 76 -15.54 21.61 13.37
CA GLU K 76 -14.21 21.21 12.94
C GLU K 76 -13.90 19.71 13.06
N THR K 77 -14.56 18.99 13.97
CA THR K 77 -13.93 17.90 14.71
C THR K 77 -14.23 16.52 14.15
N ARG K 78 -13.29 15.61 14.42
CA ARG K 78 -13.50 14.18 14.27
C ARG K 78 -14.40 13.66 15.38
N MET K 79 -15.04 12.53 15.10
CA MET K 79 -15.91 11.92 16.10
C MET K 79 -15.10 11.52 17.34
N GLY K 80 -15.68 11.75 18.52
CA GLY K 80 -14.88 11.76 19.73
C GLY K 80 -15.40 12.35 21.03
N LYS K 81 -15.85 13.61 21.07
CA LYS K 81 -16.44 14.11 22.31
C LYS K 81 -17.72 13.38 22.61
N GLY K 82 -18.73 14.07 23.08
CA GLY K 82 -19.95 13.32 23.22
C GLY K 82 -20.95 13.69 22.16
N LYS K 83 -21.48 14.88 22.36
CA LYS K 83 -22.51 15.46 21.52
C LYS K 83 -22.27 16.95 21.63
N GLY K 84 -22.76 17.71 20.66
CA GLY K 84 -22.73 19.15 20.81
C GLY K 84 -23.86 19.59 21.72
N ALA K 85 -23.86 20.86 22.07
CA ALA K 85 -25.08 21.34 22.68
C ALA K 85 -26.21 21.23 21.65
N VAL K 86 -27.43 21.44 22.11
CA VAL K 86 -28.48 21.62 21.12
C VAL K 86 -28.28 22.94 20.39
N GLU K 87 -28.45 22.90 19.07
CA GLU K 87 -28.95 24.01 18.29
C GLU K 87 -30.33 23.59 17.80
N TYR K 88 -31.31 24.48 17.90
CA TYR K 88 -32.63 24.35 17.28
C TYR K 88 -33.44 23.14 17.84
N TRP K 89 -34.58 23.43 18.49
CA TRP K 89 -35.56 22.44 18.93
C TRP K 89 -36.53 22.05 17.81
N VAL K 90 -37.06 20.82 17.90
CA VAL K 90 -37.99 20.29 16.91
C VAL K 90 -39.08 19.49 17.60
N SER K 91 -40.27 19.52 17.01
CA SER K 91 -41.37 18.65 17.39
C SER K 91 -41.63 17.65 16.28
N VAL K 92 -41.91 16.40 16.66
CA VAL K 92 -42.22 15.38 15.66
C VAL K 92 -43.64 15.59 15.16
N VAL K 93 -43.87 15.27 13.88
CA VAL K 93 -45.16 15.49 13.25
C VAL K 93 -45.46 14.37 12.25
N LYS K 94 -46.37 13.35 12.66
CA LYS K 94 -46.79 12.20 11.87
C LYS K 94 -48.06 12.48 11.07
N PRO K 95 -48.27 11.76 9.96
CA PRO K 95 -49.37 12.12 9.05
C PRO K 95 -50.71 12.01 9.74
N GLY K 96 -51.62 12.90 9.38
CA GLY K 96 -52.90 12.96 10.02
C GLY K 96 -52.92 13.73 11.32
N ARG K 97 -51.76 14.05 11.88
CA ARG K 97 -51.70 15.00 12.99
C ARG K 97 -52.09 16.38 12.48
N VAL K 98 -52.94 17.07 13.22
CA VAL K 98 -53.29 18.44 12.87
C VAL K 98 -52.23 19.36 13.43
N MET K 99 -51.92 20.41 12.68
CA MET K 99 -50.97 21.41 13.15
C MET K 99 -51.59 22.78 13.25
N PHE K 100 -52.43 23.16 12.29
CA PHE K 100 -52.91 24.51 12.21
C PHE K 100 -54.43 24.54 12.22
N GLU K 101 -54.97 25.65 12.69
CA GLU K 101 -56.34 25.72 13.17
C GLU K 101 -56.77 27.16 13.34
N VAL K 102 -57.48 27.66 12.35
CA VAL K 102 -58.07 28.97 12.40
C VAL K 102 -59.56 28.79 12.57
N ALA K 103 -60.23 29.83 13.05
CA ALA K 103 -61.67 29.83 13.19
C ALA K 103 -62.19 31.21 12.87
N GLY K 104 -63.42 31.29 12.40
CA GLY K 104 -64.05 32.58 12.19
C GLY K 104 -63.54 33.39 11.02
N VAL K 105 -63.10 32.74 9.93
CA VAL K 105 -62.80 33.43 8.69
C VAL K 105 -63.43 32.64 7.54
N THR K 106 -63.73 33.34 6.45
CA THR K 106 -64.29 32.68 5.26
C THR K 106 -63.30 31.65 4.73
N GLU K 107 -63.85 30.58 4.14
CA GLU K 107 -63.02 29.48 3.65
C GLU K 107 -61.84 30.03 2.88
N GLU K 108 -62.14 30.78 1.83
CA GLU K 108 -61.07 31.18 0.91
C GLU K 108 -60.04 32.05 1.62
N GLN K 109 -60.49 32.89 2.54
CA GLN K 109 -59.57 33.73 3.30
C GLN K 109 -58.78 32.92 4.32
N ALA K 110 -59.24 31.73 4.70
CA ALA K 110 -58.44 30.85 5.52
C ALA K 110 -57.62 29.89 4.68
N LYS K 111 -58.18 29.45 3.56
CA LYS K 111 -57.46 28.57 2.65
C LYS K 111 -56.22 29.26 2.09
N GLU K 112 -56.31 30.56 1.85
CA GLU K 112 -55.17 31.28 1.33
C GLU K 112 -54.08 31.43 2.39
N ALA K 113 -54.47 31.69 3.65
CA ALA K 113 -53.48 31.75 4.71
C ALA K 113 -52.82 30.39 4.93
N PHE K 114 -53.57 29.30 4.77
CA PHE K 114 -52.97 27.97 4.85
C PHE K 114 -52.04 27.68 3.66
N ARG K 115 -52.37 28.17 2.47
CA ARG K 115 -51.48 28.00 1.33
C ARG K 115 -50.14 28.68 1.58
N LEU K 116 -50.21 29.93 2.05
CA LEU K 116 -48.99 30.65 2.40
C LEU K 116 -48.22 29.94 3.50
N ALA K 117 -48.93 29.34 4.47
CA ALA K 117 -48.21 28.63 5.53
C ALA K 117 -47.58 27.34 5.02
N GLY K 118 -48.19 26.69 4.02
CA GLY K 118 -47.67 25.42 3.53
C GLY K 118 -46.52 25.55 2.56
N HIS K 119 -46.33 26.74 1.98
CA HIS K 119 -45.07 26.94 1.28
C HIS K 119 -43.88 27.18 2.23
N LYS K 120 -44.12 27.42 3.52
CA LYS K 120 -43.04 27.62 4.48
C LYS K 120 -42.67 26.35 5.25
N LEU K 121 -43.31 25.21 4.99
CA LEU K 121 -43.14 24.01 5.80
C LEU K 121 -42.58 22.86 4.98
N PRO K 122 -41.76 21.97 5.59
CA PRO K 122 -40.97 21.00 4.81
C PRO K 122 -41.73 19.75 4.42
N ILE K 123 -43.05 19.81 4.32
CA ILE K 123 -43.87 18.61 4.12
C ILE K 123 -45.10 18.99 3.31
N GLN K 124 -45.66 18.01 2.61
CA GLN K 124 -46.96 18.22 2.01
C GLN K 124 -48.03 18.13 3.08
N THR K 125 -49.10 18.92 2.89
CA THR K 125 -50.10 19.18 3.91
C THR K 125 -51.46 19.36 3.24
N LYS K 126 -52.52 19.22 4.02
CA LYS K 126 -53.87 19.31 3.50
C LYS K 126 -54.69 20.29 4.33
N MET K 127 -55.66 20.93 3.66
CA MET K 127 -56.62 21.85 4.27
C MET K 127 -57.99 21.18 4.34
N VAL K 128 -58.68 21.33 5.48
CA VAL K 128 -59.83 20.48 5.84
C VAL K 128 -60.87 21.29 6.63
N LYS K 129 -61.99 20.63 6.96
CA LYS K 129 -63.18 21.28 7.50
C LYS K 129 -63.72 20.58 8.76
N ARG K 130 -64.76 19.74 8.66
CA ARG K 130 -65.46 19.28 9.86
C ARG K 130 -66.32 18.05 9.57
N GLU K 131 -66.67 17.31 10.66
CA GLU K 131 -67.51 16.10 10.74
C GLU K 131 -67.47 15.45 12.13
N VAL K 132 -66.35 14.76 12.36
CA VAL K 132 -66.21 13.76 13.41
C VAL K 132 -66.17 14.38 14.80
N TYR K 133 -66.86 13.74 15.74
CA TYR K 133 -66.81 14.14 17.14
C TYR K 133 -66.45 12.93 18.00
N ASP K 134 -65.30 13.01 18.65
CA ASP K 134 -64.84 12.01 19.61
C ASP K 134 -65.19 12.48 21.02
N GLU K 135 -65.81 11.60 21.82
CA GLU K 135 -66.29 11.90 23.18
C GLU K 135 -66.87 13.30 23.34
N MET L 1 19.77 22.37 -42.53
CA MET L 1 19.60 22.10 -43.95
C MET L 1 20.63 22.86 -44.80
N ARG L 2 20.73 22.47 -46.06
CA ARG L 2 21.74 23.02 -46.94
C ARG L 2 21.30 22.93 -48.40
N HIS L 3 20.49 23.88 -48.85
CA HIS L 3 19.95 23.83 -50.22
C HIS L 3 20.85 24.40 -51.28
N GLY L 4 22.13 24.57 -51.02
CA GLY L 4 22.87 25.04 -52.15
C GLY L 4 24.27 25.21 -51.70
N LYS L 5 24.55 24.80 -50.46
CA LYS L 5 25.92 24.82 -50.01
C LYS L 5 26.75 23.90 -50.89
N ALA L 6 27.97 24.28 -51.17
CA ALA L 6 28.87 23.35 -51.83
C ALA L 6 30.04 23.11 -50.91
N GLY L 7 30.55 21.88 -50.93
CA GLY L 7 31.71 21.50 -50.16
C GLY L 7 31.39 20.48 -49.07
N ARG L 8 32.46 19.96 -48.46
CA ARG L 8 32.38 18.92 -47.44
C ARG L 8 33.09 19.37 -46.17
N LYS L 9 32.40 19.32 -45.05
CA LYS L 9 33.12 19.07 -43.84
C LYS L 9 33.77 17.70 -44.02
N LEU L 10 35.03 17.56 -43.65
CA LEU L 10 35.49 16.17 -43.71
C LEU L 10 35.62 15.65 -42.30
N ASN L 11 34.55 15.74 -41.51
CA ASN L 11 34.68 15.67 -40.07
C ASN L 11 35.98 16.34 -39.62
N ARG L 12 36.14 17.60 -40.08
CA ARG L 12 37.30 18.46 -39.84
C ARG L 12 36.81 19.90 -39.85
N ASN L 13 37.52 20.78 -39.11
CA ASN L 13 37.26 22.22 -38.97
C ASN L 13 37.84 23.00 -40.15
N SER L 14 37.58 24.31 -40.19
CA SER L 14 38.05 25.11 -41.33
C SER L 14 39.55 24.97 -41.59
N SER L 15 40.36 25.08 -40.53
CA SER L 15 41.80 25.15 -40.73
C SER L 15 42.30 23.89 -41.38
N ALA L 16 41.69 22.77 -41.05
CA ALA L 16 42.16 21.49 -41.52
C ALA L 16 41.64 21.16 -42.91
N ARG L 17 40.38 21.46 -43.27
CA ARG L 17 39.99 20.95 -44.59
C ARG L 17 40.71 21.68 -45.71
N VAL L 18 41.31 22.84 -45.43
CA VAL L 18 42.24 23.42 -46.39
C VAL L 18 43.58 22.69 -46.35
N ALA L 19 44.18 22.53 -45.17
CA ALA L 19 45.54 21.98 -45.09
C ALA L 19 45.59 20.54 -45.53
N LEU L 20 44.46 19.84 -45.46
CA LEU L 20 44.25 18.62 -46.22
C LEU L 20 44.40 18.94 -47.68
N ALA L 21 43.40 19.57 -48.29
CA ALA L 21 43.35 19.65 -49.75
C ALA L 21 44.63 20.24 -50.32
N ARG L 22 45.32 21.09 -49.58
CA ARG L 22 46.62 21.54 -50.05
C ARG L 22 47.62 20.39 -50.04
N ALA L 23 47.70 19.69 -48.92
CA ALA L 23 48.67 18.60 -48.82
C ALA L 23 48.38 17.47 -49.82
N GLN L 24 47.12 17.08 -49.98
CA GLN L 24 46.78 16.09 -51.02
C GLN L 24 47.07 16.62 -52.42
N ALA L 25 46.79 17.89 -52.69
CA ALA L 25 47.08 18.38 -54.03
C ALA L 25 48.58 18.31 -54.32
N THR L 26 49.41 18.62 -53.31
CA THR L 26 50.86 18.55 -53.47
C THR L 26 51.29 17.13 -53.83
N ALA L 27 50.63 16.12 -53.28
CA ALA L 27 51.06 14.77 -53.58
C ALA L 27 50.58 14.32 -54.96
N LEU L 28 49.36 14.68 -55.36
CA LEU L 28 48.92 14.26 -56.69
C LEU L 28 49.89 14.79 -57.74
N LEU L 29 50.18 16.10 -57.72
CA LEU L 29 51.08 16.68 -58.70
C LEU L 29 52.51 16.16 -58.55
N ARG L 30 52.94 15.85 -57.33
CA ARG L 30 54.25 15.23 -57.13
C ARG L 30 54.26 13.76 -57.52
N GLU L 31 53.11 13.12 -57.70
CA GLU L 31 53.13 11.70 -57.98
C GLU L 31 52.37 11.29 -59.22
N GLY L 32 51.69 12.18 -59.90
CA GLY L 32 50.88 11.70 -61.03
C GLY L 32 49.54 11.05 -60.70
N ARG L 33 49.52 10.05 -59.82
CA ARG L 33 48.30 9.53 -59.22
C ARG L 33 48.56 9.19 -57.75
N ILE L 34 47.50 9.26 -56.95
CA ILE L 34 47.52 8.73 -55.59
C ILE L 34 46.22 7.99 -55.32
N GLN L 35 46.26 7.17 -54.28
CA GLN L 35 45.17 6.29 -53.89
C GLN L 35 44.73 6.66 -52.48
N THR L 36 43.46 7.02 -52.35
CA THR L 36 42.93 7.62 -51.13
C THR L 36 41.45 7.24 -51.02
N THR L 37 40.80 7.70 -49.94
CA THR L 37 39.39 7.35 -49.76
C THR L 37 38.58 7.98 -50.87
N LEU L 38 37.49 7.35 -51.24
CA LEU L 38 36.81 7.81 -52.45
C LEU L 38 36.30 9.23 -52.30
N THR L 39 35.93 9.61 -51.07
CA THR L 39 35.37 10.94 -50.83
C THR L 39 36.44 12.00 -50.95
N LYS L 40 37.58 11.82 -50.25
CA LYS L 40 38.65 12.84 -50.35
C LYS L 40 39.08 13.03 -51.79
N ALA L 41 39.03 11.96 -52.58
CA ALA L 41 39.30 12.11 -53.99
C ALA L 41 38.20 12.90 -54.68
N LYS L 42 36.94 12.73 -54.30
CA LYS L 42 35.94 13.56 -54.95
C LYS L 42 36.10 15.04 -54.59
N GLU L 43 36.44 15.34 -53.35
CA GLU L 43 36.68 16.75 -53.07
C GLU L 43 38.02 17.22 -53.63
N LEU L 44 39.04 16.34 -53.67
CA LEU L 44 40.37 16.77 -54.13
C LEU L 44 40.34 17.17 -55.59
N ARG L 45 39.42 16.61 -56.37
CA ARG L 45 39.47 16.86 -57.79
C ARG L 45 39.38 18.34 -58.14
N PRO L 46 38.28 19.07 -57.90
CA PRO L 46 38.20 20.44 -58.44
C PRO L 46 39.24 21.39 -57.88
N PHE L 47 39.72 21.19 -56.65
CA PHE L 47 40.73 22.07 -56.12
C PHE L 47 42.04 21.95 -56.88
N VAL L 48 42.52 20.73 -57.09
CA VAL L 48 43.74 20.56 -57.87
C VAL L 48 43.50 20.99 -59.31
N GLU L 49 42.27 20.82 -59.79
CA GLU L 49 42.01 21.11 -61.18
C GLU L 49 42.05 22.62 -61.45
N GLN L 50 41.42 23.40 -60.56
CA GLN L 50 41.56 24.85 -60.56
C GLN L 50 43.02 25.26 -60.36
N LEU L 51 43.73 24.58 -59.47
CA LEU L 51 45.09 25.02 -59.18
C LEU L 51 45.96 24.89 -60.42
N ILE L 52 45.73 23.87 -61.23
CA ILE L 52 46.56 23.84 -62.42
C ILE L 52 46.04 24.80 -63.46
N THR L 53 44.78 25.20 -63.42
CA THR L 53 44.43 26.28 -64.34
C THR L 53 45.09 27.61 -63.95
N THR L 54 45.38 27.80 -62.67
CA THR L 54 46.14 28.98 -62.27
C THR L 54 47.50 28.98 -62.93
N ALA L 55 48.18 27.82 -62.92
CA ALA L 55 49.53 27.70 -63.50
C ALA L 55 49.54 27.82 -65.01
N LYS L 56 48.45 27.48 -65.69
CA LYS L 56 48.36 27.79 -67.12
C LYS L 56 48.50 29.29 -67.44
N GLY L 57 48.74 30.13 -66.43
CA GLY L 57 48.94 31.53 -66.72
C GLY L 57 50.32 31.88 -67.24
N GLY L 58 51.35 31.17 -66.78
CA GLY L 58 52.71 31.35 -67.29
C GLY L 58 53.54 32.39 -66.57
N ASP L 59 52.93 33.55 -66.34
CA ASP L 59 53.57 34.72 -65.76
C ASP L 59 53.88 34.51 -64.28
N LEU L 60 54.58 35.50 -63.69
CA LEU L 60 54.97 35.44 -62.29
C LEU L 60 53.76 35.47 -61.36
N HIS L 61 52.69 36.14 -61.73
CA HIS L 61 51.55 36.23 -60.82
C HIS L 61 50.94 34.86 -60.59
N SER L 62 50.75 34.12 -61.67
CA SER L 62 50.21 32.79 -61.53
C SER L 62 51.16 31.91 -60.73
N ARG L 63 52.47 32.10 -60.89
CA ARG L 63 53.40 31.31 -60.10
C ARG L 63 53.28 31.62 -58.63
N ARG L 64 53.03 32.86 -58.28
CA ARG L 64 53.00 33.16 -56.86
C ARG L 64 51.63 32.80 -56.25
N LEU L 65 50.57 32.81 -57.06
CA LEU L 65 49.28 32.27 -56.62
C LEU L 65 49.36 30.79 -56.33
N VAL L 66 50.03 30.05 -57.21
CA VAL L 66 50.24 28.63 -56.96
C VAL L 66 51.08 28.45 -55.72
N ALA L 67 52.06 29.31 -55.52
CA ALA L 67 52.91 29.19 -54.35
C ALA L 67 52.16 29.41 -53.05
N GLN L 68 51.10 30.20 -53.07
CA GLN L 68 50.46 30.34 -51.77
C GLN L 68 49.66 29.10 -51.37
N ASP L 69 49.35 28.19 -52.30
CA ASP L 69 48.75 26.92 -51.88
C ASP L 69 49.73 25.77 -51.76
N ILE L 70 50.92 25.87 -52.32
CA ILE L 70 51.76 24.68 -52.46
C ILE L 70 53.18 25.05 -52.05
N HIS L 71 53.57 24.62 -50.86
CA HIS L 71 54.70 25.25 -50.18
C HIS L 71 56.02 24.54 -50.39
N ASP L 72 56.05 23.53 -51.30
CA ASP L 72 57.26 22.82 -51.74
C ASP L 72 57.70 23.34 -53.11
N LYS L 73 58.85 24.06 -53.13
CA LYS L 73 59.22 24.86 -54.30
C LYS L 73 59.38 23.97 -55.54
N ASP L 74 59.74 22.71 -55.31
CA ASP L 74 59.95 21.76 -56.39
C ASP L 74 58.66 21.42 -57.11
N VAL L 75 57.63 21.05 -56.35
CA VAL L 75 56.34 20.71 -56.96
C VAL L 75 55.80 21.95 -57.66
N VAL L 76 56.08 23.14 -57.08
CA VAL L 76 55.69 24.40 -57.69
C VAL L 76 56.28 24.53 -59.07
N ARG L 77 57.58 24.26 -59.19
CA ARG L 77 58.21 24.27 -60.49
C ARG L 77 57.69 23.16 -61.39
N LYS L 78 57.35 22.01 -60.83
CA LYS L 78 56.88 20.95 -61.70
C LYS L 78 55.57 21.34 -62.36
N VAL L 79 54.60 21.76 -61.56
CA VAL L 79 53.33 22.17 -62.15
C VAL L 79 53.52 23.39 -63.05
N MET L 80 54.44 24.29 -62.68
CA MET L 80 54.50 25.57 -63.38
C MET L 80 55.22 25.44 -64.71
N ASP L 81 56.24 24.58 -64.75
CA ASP L 81 57.12 24.43 -65.90
C ASP L 81 56.87 23.16 -66.68
N GLU L 82 56.40 22.08 -66.03
CA GLU L 82 56.24 20.82 -66.73
C GLU L 82 54.79 20.54 -67.10
N VAL L 83 53.89 20.52 -66.12
CA VAL L 83 52.59 19.91 -66.40
C VAL L 83 51.67 20.91 -67.10
N ALA L 84 51.50 22.11 -66.53
CA ALA L 84 50.52 23.04 -67.05
C ALA L 84 50.77 23.33 -68.51
N PRO L 85 51.99 23.61 -68.93
CA PRO L 85 52.25 23.74 -70.37
C PRO L 85 51.89 22.50 -71.15
N LYS L 86 52.05 21.30 -70.57
CA LYS L 86 51.64 20.08 -71.27
C LYS L 86 50.14 20.06 -71.48
N TYR L 87 49.41 20.72 -70.62
CA TYR L 87 47.97 20.70 -70.70
C TYR L 87 47.37 21.84 -71.48
N ALA L 88 48.12 22.58 -72.27
CA ALA L 88 47.61 23.86 -72.75
C ALA L 88 46.88 23.70 -74.10
N GLU L 89 45.91 22.81 -74.09
CA GLU L 89 45.28 22.27 -75.29
C GLU L 89 43.94 21.72 -74.79
N ARG L 90 43.86 21.70 -73.46
CA ARG L 90 43.07 20.77 -72.68
C ARG L 90 42.05 21.64 -71.96
N PRO L 91 40.82 21.76 -72.48
CA PRO L 91 39.78 22.51 -71.77
C PRO L 91 39.32 21.87 -70.46
N GLY L 92 40.26 21.76 -69.51
CA GLY L 92 39.91 21.38 -68.18
C GLY L 92 39.61 19.93 -67.91
N GLY L 93 40.20 18.99 -68.56
CA GLY L 93 39.80 17.72 -68.01
C GLY L 93 40.87 17.07 -67.18
N TYR L 94 41.55 17.83 -66.32
CA TYR L 94 42.91 17.44 -65.99
C TYR L 94 43.00 16.25 -65.05
N THR L 95 41.87 15.78 -64.52
CA THR L 95 41.83 14.74 -63.50
C THR L 95 40.76 13.70 -63.81
N ARG L 96 41.10 12.42 -63.55
CA ARG L 96 40.11 11.34 -63.42
C ARG L 96 40.23 10.57 -62.10
N ILE L 97 39.10 9.94 -61.70
CA ILE L 97 39.03 8.99 -60.57
C ILE L 97 38.62 7.60 -61.09
N LEU L 98 39.37 6.58 -60.69
CA LEU L 98 38.86 5.21 -60.73
C LEU L 98 38.62 4.81 -59.28
N ARG L 99 37.68 3.93 -58.99
CA ARG L 99 37.61 3.50 -57.60
C ARG L 99 37.88 2.00 -57.51
N VAL L 100 38.90 1.65 -56.71
CA VAL L 100 39.52 0.34 -56.66
C VAL L 100 38.62 -0.59 -55.87
N GLY L 101 39.17 -1.31 -54.88
CA GLY L 101 38.31 -2.10 -54.00
C GLY L 101 37.60 -1.44 -52.82
N THR L 102 37.77 -2.07 -51.66
CA THR L 102 37.17 -1.71 -50.39
C THR L 102 38.04 -2.27 -49.28
N ARG L 103 38.53 -1.45 -48.37
CA ARG L 103 39.58 -1.98 -47.49
C ARG L 103 38.99 -2.73 -46.31
N ARG L 104 39.88 -3.13 -45.40
CA ARG L 104 39.59 -4.15 -44.44
C ARG L 104 39.61 -3.68 -42.99
N GLY L 105 40.41 -2.68 -42.64
CA GLY L 105 40.38 -2.16 -41.28
C GLY L 105 39.05 -1.51 -40.92
N ASP L 106 38.59 -0.58 -41.77
CA ASP L 106 37.34 0.18 -41.60
C ASP L 106 36.33 -0.08 -42.70
N GLY L 107 36.66 -0.90 -43.68
CA GLY L 107 35.66 -1.27 -44.67
C GLY L 107 35.24 -0.16 -45.60
N VAL L 108 36.17 0.72 -45.96
CA VAL L 108 35.89 1.92 -46.74
C VAL L 108 36.31 1.72 -48.20
N THR L 109 35.38 2.00 -49.11
CA THR L 109 35.73 1.97 -50.53
C THR L 109 36.82 3.00 -50.84
N MET L 110 37.86 2.60 -51.57
CA MET L 110 38.94 3.53 -51.88
C MET L 110 39.14 3.68 -53.38
N ALA L 111 39.96 4.66 -53.77
CA ALA L 111 39.97 5.07 -55.16
C ALA L 111 41.28 5.73 -55.57
N LEU L 112 41.52 5.72 -56.87
CA LEU L 112 42.63 6.39 -57.50
C LEU L 112 42.22 7.72 -58.08
N ILE L 113 43.05 8.72 -57.85
CA ILE L 113 42.96 10.01 -58.49
C ILE L 113 44.23 10.16 -59.32
N GLU L 114 44.07 10.40 -60.63
CA GLU L 114 45.22 10.48 -61.52
C GLU L 114 44.97 11.53 -62.61
N LEU L 115 46.04 11.85 -63.37
CA LEU L 115 46.08 12.87 -64.44
C LEU L 115 45.89 12.36 -65.92
N ARG M 1 -54.58 4.61 65.82
CA ARG M 1 -55.63 3.70 65.39
C ARG M 1 -55.18 2.35 65.86
N ARG M 2 -56.06 1.37 65.60
CA ARG M 2 -56.08 -0.01 66.11
C ARG M 2 -55.06 -0.90 65.43
N LYS M 3 -54.31 -0.39 64.44
CA LYS M 3 -53.31 -1.13 63.68
C LYS M 3 -52.56 -2.16 64.51
N LEU M 4 -52.68 -2.04 65.84
CA LEU M 4 -51.96 -2.91 66.78
C LEU M 4 -52.45 -4.37 66.68
N ARG M 5 -53.73 -4.59 66.40
CA ARG M 5 -54.18 -5.97 66.44
C ARG M 5 -53.76 -6.73 65.17
N THR M 6 -53.82 -6.07 64.03
CA THR M 6 -53.34 -6.71 62.81
C THR M 6 -51.83 -6.99 62.87
N ARG M 7 -51.06 -6.16 63.59
CA ARG M 7 -49.63 -6.43 63.68
C ARG M 7 -49.33 -7.68 64.49
N ARG M 8 -50.21 -8.04 65.44
CA ARG M 8 -50.00 -9.24 66.24
C ARG M 8 -50.68 -10.47 65.66
N LYS M 9 -51.77 -10.27 64.90
CA LYS M 9 -52.33 -11.38 64.15
C LYS M 9 -51.52 -11.68 62.90
N VAL M 10 -50.62 -10.79 62.48
CA VAL M 10 -49.56 -11.18 61.56
C VAL M 10 -48.32 -11.64 62.31
N ARG M 11 -47.97 -10.97 63.41
CA ARG M 11 -46.69 -11.22 64.09
C ARG M 11 -46.58 -12.67 64.52
N THR M 12 -47.70 -13.27 64.91
CA THR M 12 -47.85 -14.72 64.99
C THR M 12 -48.41 -15.17 63.65
N THR M 13 -47.59 -15.82 62.83
CA THR M 13 -48.02 -16.21 61.51
C THR M 13 -49.21 -17.16 61.62
N THR M 14 -49.86 -17.42 60.48
CA THR M 14 -50.95 -18.40 60.46
C THR M 14 -50.54 -19.72 61.14
N ALA M 15 -49.75 -20.54 60.43
CA ALA M 15 -48.99 -21.62 61.05
C ALA M 15 -47.80 -21.89 60.14
N ALA M 16 -46.60 -21.48 60.57
CA ALA M 16 -45.34 -22.00 60.06
C ALA M 16 -44.68 -22.84 61.14
N SER M 17 -45.51 -23.56 61.89
CA SER M 17 -45.14 -24.06 63.21
C SER M 17 -46.05 -25.21 63.63
N GLY M 18 -47.29 -25.20 63.16
CA GLY M 18 -48.28 -26.20 63.54
C GLY M 18 -49.01 -25.90 64.83
N ARG M 19 -48.69 -24.79 65.49
CA ARG M 19 -49.32 -24.42 66.76
C ARG M 19 -50.76 -23.96 66.52
N LEU M 20 -51.39 -23.46 67.58
CA LEU M 20 -52.79 -23.06 67.55
C LEU M 20 -52.94 -21.67 68.13
N ARG M 21 -53.92 -20.95 67.62
CA ARG M 21 -54.13 -19.57 67.97
C ARG M 21 -55.26 -19.46 69.00
N LEU M 22 -55.14 -18.48 69.90
CA LEU M 22 -56.00 -18.35 71.08
C LEU M 22 -56.42 -16.88 71.23
N SER M 23 -57.43 -16.47 70.46
CA SER M 23 -57.79 -15.06 70.34
C SER M 23 -58.82 -14.65 71.40
N VAL M 24 -58.43 -13.70 72.24
CA VAL M 24 -59.25 -13.20 73.34
C VAL M 24 -60.10 -12.03 72.84
N TYR M 25 -61.02 -11.54 73.67
CA TYR M 25 -61.79 -10.33 73.33
C TYR M 25 -62.09 -9.52 74.59
N ARG M 26 -61.08 -9.34 75.43
CA ARG M 26 -61.16 -8.56 76.67
C ARG M 26 -61.34 -7.07 76.45
N SER M 27 -62.29 -6.70 75.60
CA SER M 27 -62.69 -5.32 75.40
C SER M 27 -64.02 -5.03 76.07
N SER M 28 -64.62 -6.02 76.70
CA SER M 28 -65.91 -5.82 77.32
C SER M 28 -65.92 -6.58 78.63
N LYS M 29 -67.08 -7.16 78.96
CA LYS M 29 -67.24 -8.21 79.94
C LYS M 29 -67.78 -9.46 79.25
N HIS M 30 -67.24 -9.68 78.04
CA HIS M 30 -67.79 -10.54 76.99
C HIS M 30 -66.68 -11.37 76.35
N ILE M 31 -65.60 -11.63 77.10
CA ILE M 31 -64.47 -12.33 76.52
C ILE M 31 -64.88 -13.68 75.95
N TYR M 32 -64.27 -14.03 74.82
CA TYR M 32 -64.57 -15.27 74.12
C TYR M 32 -63.45 -16.31 74.16
N ALA M 33 -62.18 -15.88 74.22
CA ALA M 33 -61.01 -16.77 74.28
C ALA M 33 -61.15 -18.05 73.46
N GLN M 34 -61.06 -17.95 72.13
CA GLN M 34 -61.23 -19.09 71.23
C GLN M 34 -59.91 -19.78 70.94
N ILE M 35 -60.01 -21.00 70.42
CA ILE M 35 -58.86 -21.74 69.90
C ILE M 35 -59.15 -22.08 68.45
N ILE M 36 -58.17 -21.80 67.57
CA ILE M 36 -58.38 -21.73 66.13
C ILE M 36 -57.28 -22.51 65.43
N ASP M 37 -57.68 -23.51 64.65
CA ASP M 37 -56.82 -24.17 63.67
C ASP M 37 -56.91 -23.34 62.39
N ASP M 38 -55.94 -22.44 62.19
CA ASP M 38 -56.02 -21.52 61.06
C ASP M 38 -55.88 -22.22 59.72
N SER M 39 -55.29 -23.42 59.68
CA SER M 39 -55.12 -24.14 58.42
C SER M 39 -56.46 -24.48 57.78
N ARG M 40 -57.46 -24.78 58.59
CA ARG M 40 -58.84 -25.01 58.15
C ARG M 40 -59.71 -23.87 58.67
N GLY M 41 -60.65 -23.41 57.85
CA GLY M 41 -61.50 -22.33 58.32
C GLY M 41 -62.38 -22.78 59.47
N GLN M 42 -61.78 -23.23 60.57
CA GLN M 42 -62.48 -23.88 61.66
C GLN M 42 -61.99 -23.36 63.01
N THR M 43 -62.92 -23.19 63.96
CA THR M 43 -62.63 -22.96 65.37
C THR M 43 -62.95 -24.22 66.15
N LEU M 44 -62.19 -24.46 67.23
CA LEU M 44 -62.23 -25.73 67.95
C LEU M 44 -62.89 -25.62 69.32
N ALA M 45 -62.21 -25.01 70.31
CA ALA M 45 -62.61 -25.09 71.72
C ALA M 45 -62.70 -23.69 72.36
N ALA M 46 -63.84 -23.02 72.20
CA ALA M 46 -64.12 -21.72 72.79
C ALA M 46 -64.45 -21.83 74.28
N ALA M 47 -64.24 -20.71 75.02
CA ALA M 47 -64.52 -20.60 76.47
C ALA M 47 -65.09 -19.21 76.83
N SER M 48 -66.31 -18.95 76.37
CA SER M 48 -66.97 -17.68 76.63
C SER M 48 -67.22 -17.48 78.13
N SER M 49 -67.10 -16.24 78.58
CA SER M 49 -67.76 -15.86 79.83
C SER M 49 -69.24 -15.56 79.64
N ALA M 50 -69.71 -15.61 78.37
CA ALA M 50 -70.94 -14.94 77.94
C ALA M 50 -72.18 -15.41 78.68
N ALA M 51 -72.19 -16.64 79.22
CA ALA M 51 -73.29 -17.11 80.08
C ALA M 51 -72.83 -16.95 81.54
N LEU M 52 -73.02 -15.73 82.05
CA LEU M 52 -72.86 -15.41 83.48
C LEU M 52 -71.42 -15.42 83.97
N LYS M 53 -70.94 -16.60 84.41
CA LYS M 53 -69.78 -16.72 85.32
C LYS M 53 -70.01 -15.99 86.63
N SER M 54 -71.26 -16.07 87.14
CA SER M 54 -71.69 -15.59 88.45
C SER M 54 -71.56 -14.09 88.63
N GLY M 55 -71.56 -13.32 87.54
CA GLY M 55 -71.52 -11.88 87.64
C GLY M 55 -70.14 -11.30 87.86
N ASN M 56 -69.12 -12.16 87.96
CA ASN M 56 -67.75 -11.70 87.88
C ASN M 56 -67.49 -11.16 86.47
N LYS M 57 -66.77 -10.05 86.38
CA LYS M 57 -66.73 -9.26 85.15
C LYS M 57 -65.31 -9.06 84.61
N THR M 58 -64.37 -8.60 85.43
CA THR M 58 -62.95 -8.71 85.16
C THR M 58 -62.28 -9.76 86.04
N ASP M 59 -62.99 -10.23 87.08
CA ASP M 59 -62.58 -11.29 87.99
C ASP M 59 -62.71 -12.68 87.36
N THR M 60 -63.52 -12.78 86.29
CA THR M 60 -63.76 -14.00 85.53
C THR M 60 -62.51 -14.52 84.83
N ALA M 61 -61.55 -13.65 84.54
CA ALA M 61 -60.21 -14.00 84.08
C ALA M 61 -59.84 -15.47 84.30
N ALA M 62 -59.56 -15.84 85.55
CA ALA M 62 -59.16 -17.21 85.84
C ALA M 62 -60.25 -18.22 85.48
N ALA M 63 -61.52 -17.85 85.59
CA ALA M 63 -62.61 -18.81 85.33
C ALA M 63 -62.71 -19.14 83.84
N VAL M 64 -62.66 -18.13 82.97
CA VAL M 64 -62.66 -18.39 81.53
C VAL M 64 -61.35 -19.06 81.10
N GLY M 65 -60.23 -18.78 81.79
CA GLY M 65 -59.00 -19.47 81.46
C GLY M 65 -59.07 -20.97 81.74
N LYS M 66 -59.51 -21.34 82.95
CA LYS M 66 -59.63 -22.76 83.30
C LYS M 66 -60.78 -23.44 82.54
N ALA M 67 -61.82 -22.69 82.17
CA ALA M 67 -62.86 -23.26 81.31
C ALA M 67 -62.31 -23.57 79.92
N LEU M 68 -61.43 -22.71 79.39
CA LEU M 68 -60.79 -23.03 78.12
C LEU M 68 -59.90 -24.26 78.26
N ALA M 69 -59.06 -24.28 79.29
CA ALA M 69 -58.12 -25.39 79.42
C ALA M 69 -58.85 -26.70 79.61
N ALA M 70 -59.98 -26.69 80.31
CA ALA M 70 -60.81 -27.89 80.41
C ALA M 70 -61.47 -28.25 79.08
N ALA M 71 -61.91 -27.24 78.32
CA ALA M 71 -62.56 -27.55 77.05
C ALA M 71 -61.58 -28.11 76.02
N ALA M 72 -60.30 -27.76 76.13
CA ALA M 72 -59.32 -28.17 75.14
C ALA M 72 -58.50 -29.39 75.54
N ALA M 73 -58.27 -29.59 76.85
CA ALA M 73 -57.61 -30.82 77.27
C ALA M 73 -58.47 -32.04 76.95
N GLU M 74 -59.79 -31.86 76.86
CA GLU M 74 -60.69 -32.95 76.52
C GLU M 74 -60.59 -33.36 75.06
N LYS M 75 -59.99 -32.53 74.21
CA LYS M 75 -59.95 -32.78 72.78
C LYS M 75 -58.55 -33.08 72.25
N GLY M 76 -57.54 -33.16 73.11
CA GLY M 76 -56.19 -33.40 72.63
C GLY M 76 -55.52 -32.19 72.05
N ILE M 77 -55.41 -31.13 72.86
CA ILE M 77 -54.87 -29.84 72.42
C ILE M 77 -53.92 -29.36 73.52
N LYS M 78 -52.62 -29.35 73.24
CA LYS M 78 -51.60 -29.06 74.24
C LYS M 78 -50.52 -28.11 73.73
N GLN M 79 -50.49 -27.79 72.44
CA GLN M 79 -49.59 -26.78 71.92
C GLN M 79 -50.36 -25.47 71.74
N VAL M 80 -49.85 -24.40 72.33
CA VAL M 80 -50.55 -23.13 72.43
C VAL M 80 -49.72 -22.04 71.75
N VAL M 81 -50.40 -21.03 71.21
CA VAL M 81 -49.82 -19.70 71.01
C VAL M 81 -50.86 -18.67 71.40
N PHE M 82 -50.52 -17.83 72.37
CA PHE M 82 -51.47 -16.90 72.97
C PHE M 82 -51.54 -15.64 72.11
N ASP M 83 -52.46 -15.65 71.15
CA ASP M 83 -52.84 -14.47 70.36
C ASP M 83 -53.42 -13.37 71.23
N ARG M 84 -52.68 -12.32 71.52
CA ARG M 84 -53.31 -11.18 72.18
C ARG M 84 -54.30 -10.55 71.21
N GLY M 85 -54.78 -9.37 71.55
CA GLY M 85 -55.58 -8.66 70.57
C GLY M 85 -55.05 -7.27 70.37
N SER M 86 -55.94 -6.30 70.55
CA SER M 86 -55.52 -4.93 70.79
C SER M 86 -54.77 -4.81 72.11
N TYR M 87 -54.99 -5.77 73.01
CA TYR M 87 -54.82 -5.60 74.44
C TYR M 87 -53.36 -5.71 74.86
N LYS M 88 -53.03 -5.07 75.98
CA LYS M 88 -51.71 -5.23 76.59
C LYS M 88 -51.61 -6.62 77.20
N TYR M 89 -50.69 -6.80 78.16
CA TYR M 89 -50.52 -8.10 78.81
C TYR M 89 -50.01 -7.86 80.23
N HIS M 90 -50.93 -7.70 81.19
CA HIS M 90 -50.48 -7.47 82.55
C HIS M 90 -51.43 -8.00 83.61
N GLY M 91 -52.73 -7.72 83.50
CA GLY M 91 -53.63 -8.00 84.60
C GLY M 91 -54.82 -8.87 84.27
N ARG M 92 -55.90 -8.25 83.79
CA ARG M 92 -57.11 -8.99 83.46
C ARG M 92 -56.84 -10.04 82.40
N VAL M 93 -56.28 -9.63 81.26
CA VAL M 93 -56.07 -10.58 80.18
C VAL M 93 -54.89 -11.51 80.46
N LYS M 94 -53.92 -11.07 81.27
CA LYS M 94 -52.82 -11.94 81.66
C LYS M 94 -53.28 -13.10 82.52
N ALA M 95 -54.32 -12.89 83.34
CA ALA M 95 -54.79 -13.99 84.17
C ALA M 95 -55.40 -15.11 83.34
N LEU M 96 -55.99 -14.80 82.18
CA LEU M 96 -56.50 -15.89 81.37
C LEU M 96 -55.37 -16.81 80.97
N ALA M 97 -54.19 -16.26 80.72
CA ALA M 97 -53.04 -17.12 80.41
C ALA M 97 -52.57 -17.86 81.65
N ASP M 98 -52.56 -17.18 82.80
CA ASP M 98 -52.07 -17.85 84.00
C ASP M 98 -52.94 -19.04 84.37
N ALA M 99 -54.24 -18.95 84.10
CA ALA M 99 -55.18 -20.03 84.37
C ALA M 99 -55.24 -21.05 83.25
N ALA M 100 -54.98 -20.64 82.01
CA ALA M 100 -55.04 -21.57 80.88
C ALA M 100 -53.95 -22.63 80.95
N ARG M 101 -52.76 -22.32 81.48
CA ARG M 101 -51.73 -23.33 81.64
C ARG M 101 -51.50 -23.77 83.07
N GLU M 102 -52.24 -23.25 84.04
CA GLU M 102 -52.34 -23.99 85.29
C GLU M 102 -53.05 -25.32 85.06
N GLY M 103 -53.93 -25.39 84.07
CA GLY M 103 -54.78 -26.56 83.91
C GLY M 103 -55.02 -27.01 82.49
N GLY M 104 -54.10 -26.67 81.59
CA GLY M 104 -54.24 -27.03 80.18
C GLY M 104 -53.89 -28.46 79.81
N GLN N 2 12.40 21.18 -59.93
CA GLN N 2 11.60 20.15 -60.59
C GLN N 2 11.24 20.55 -62.04
N THR N 3 10.15 19.98 -62.60
CA THR N 3 9.71 20.06 -64.01
C THR N 3 10.81 20.49 -64.94
N HIS N 4 11.54 19.56 -65.53
CA HIS N 4 12.86 19.94 -66.01
C HIS N 4 12.83 20.51 -67.44
N ILE N 5 12.05 21.57 -67.64
CA ILE N 5 12.10 22.30 -68.89
C ILE N 5 13.48 22.88 -69.08
N LYS N 6 14.02 22.68 -70.28
CA LYS N 6 15.30 23.30 -70.65
C LYS N 6 15.02 24.76 -70.92
N ILE N 7 15.64 25.64 -70.17
CA ILE N 7 15.27 27.04 -70.29
C ILE N 7 16.34 27.89 -69.60
N ASN N 8 16.62 29.06 -70.14
CA ASN N 8 17.58 29.95 -69.48
C ASN N 8 16.80 30.80 -68.52
N ARG N 9 17.04 30.60 -67.23
CA ARG N 9 16.23 31.24 -66.20
C ARG N 9 16.56 32.72 -66.10
N GLY N 10 17.86 33.05 -66.06
CA GLY N 10 18.24 34.44 -65.90
C GLY N 10 17.86 35.28 -67.10
N GLU N 11 17.94 34.70 -68.29
CA GLU N 11 17.53 35.42 -69.49
C GLU N 11 16.06 35.80 -69.42
N LEU N 12 15.22 34.87 -68.95
CA LEU N 12 13.80 35.18 -68.77
C LEU N 12 13.60 36.22 -67.69
N LEU N 13 14.41 36.18 -66.62
CA LEU N 13 14.32 37.22 -65.60
C LEU N 13 14.81 38.54 -66.13
N ARG N 14 15.90 38.51 -66.90
CA ARG N 14 16.46 39.74 -67.44
C ARG N 14 15.49 40.43 -68.40
N GLY N 15 14.65 39.66 -69.09
CA GLY N 15 13.77 40.20 -70.10
C GLY N 15 12.47 40.79 -69.60
N ILE N 16 12.10 40.53 -68.35
CA ILE N 16 10.96 41.21 -67.72
C ILE N 16 11.55 42.13 -66.69
N GLU N 17 12.65 42.78 -67.02
CA GLU N 17 13.34 43.53 -66.00
C GLU N 17 14.20 44.62 -66.61
N GLN N 18 14.60 44.49 -67.88
CA GLN N 18 15.17 45.63 -68.58
C GLN N 18 14.15 46.77 -68.71
N ASP N 19 12.85 46.43 -68.73
CA ASP N 19 11.78 47.40 -68.84
C ASP N 19 11.55 48.16 -67.56
N HIS N 20 12.24 47.78 -66.50
CA HIS N 20 12.13 48.42 -65.20
C HIS N 20 13.52 48.69 -64.66
N THR N 21 14.45 48.98 -65.55
CA THR N 21 15.81 49.31 -65.18
C THR N 21 16.16 50.66 -65.78
N ARG N 22 16.90 51.46 -65.03
CA ARG N 22 17.21 52.80 -65.46
C ARG N 22 18.64 53.06 -65.06
N GLN N 23 19.42 53.61 -65.99
CA GLN N 23 20.84 53.79 -65.76
C GLN N 23 21.11 55.22 -65.31
N LEU N 24 22.06 55.37 -64.41
CA LEU N 24 22.35 56.60 -63.67
C LEU N 24 23.79 57.02 -63.86
N PRO N 25 24.10 58.28 -63.57
CA PRO N 25 25.51 58.71 -63.62
C PRO N 25 26.37 57.87 -62.70
N ASP N 26 27.60 57.59 -63.15
CA ASP N 26 28.56 56.81 -62.38
C ASP N 26 28.98 57.53 -61.10
N PHE N 27 28.82 56.86 -59.96
CA PHE N 27 29.29 57.39 -58.70
C PHE N 27 29.62 56.22 -57.79
N ARG N 28 30.21 56.51 -56.63
CA ARG N 28 30.94 55.48 -55.90
C ARG N 28 30.71 55.53 -54.38
N PRO N 29 31.43 56.43 -53.64
CA PRO N 29 30.79 57.39 -52.71
C PRO N 29 31.13 58.89 -52.90
N GLY N 30 30.74 59.50 -54.02
CA GLY N 30 30.84 60.94 -54.04
C GLY N 30 29.93 61.66 -53.05
N ASP N 31 29.20 62.63 -53.57
CA ASP N 31 28.20 63.48 -52.94
C ASP N 31 27.14 63.67 -53.98
N THR N 32 25.90 63.93 -53.57
CA THR N 32 24.90 63.72 -54.59
C THR N 32 23.67 64.57 -54.32
N VAL N 33 23.05 65.09 -55.37
CA VAL N 33 21.73 65.70 -55.29
C VAL N 33 20.81 64.76 -56.04
N ARG N 34 19.93 64.09 -55.27
CA ARG N 34 18.83 63.27 -55.80
C ARG N 34 17.62 64.18 -55.82
N VAL N 35 17.38 64.83 -56.95
CA VAL N 35 16.19 65.64 -57.13
C VAL N 35 15.06 64.65 -57.37
N ASP N 36 14.05 64.69 -56.51
CA ASP N 36 13.02 63.67 -56.53
C ASP N 36 11.62 64.27 -56.41
N THR N 37 10.63 63.41 -56.25
CA THR N 37 9.23 63.76 -56.33
C THR N 37 8.51 63.35 -55.06
N LYS N 38 7.63 64.26 -54.55
CA LYS N 38 6.77 64.01 -53.39
C LYS N 38 5.36 64.43 -53.79
N VAL N 39 4.67 63.57 -54.56
CA VAL N 39 3.29 63.83 -54.96
C VAL N 39 2.31 63.48 -53.84
N ARG N 40 2.79 62.94 -52.71
CA ARG N 40 1.91 62.71 -51.58
C ARG N 40 1.22 64.01 -51.14
N GLU N 41 1.82 65.15 -51.45
CA GLU N 41 1.22 66.44 -51.13
C GLU N 41 0.03 66.69 -52.05
N GLY N 42 -1.15 66.21 -51.64
CA GLY N 42 -2.37 66.33 -52.40
C GLY N 42 -2.34 65.52 -53.70
N ASN N 43 -3.18 65.95 -54.63
CA ASN N 43 -3.16 65.48 -56.01
C ASN N 43 -2.07 66.15 -56.83
N ARG N 44 -1.40 67.15 -56.24
CA ARG N 44 -0.32 67.89 -56.89
C ARG N 44 1.05 67.30 -56.52
N THR N 45 2.06 67.67 -57.32
CA THR N 45 3.40 67.11 -57.24
C THR N 45 4.40 68.15 -56.70
N ARG N 46 4.80 67.99 -55.44
CA ARG N 46 5.94 68.65 -54.84
C ARG N 46 7.24 67.98 -55.33
N SER N 47 8.34 68.75 -55.30
CA SER N 47 9.69 68.23 -55.55
C SER N 47 10.55 68.51 -54.32
N GLN N 48 11.45 67.57 -54.00
CA GLN N 48 12.43 67.75 -52.93
C GLN N 48 13.75 67.17 -53.39
N ALA N 49 14.83 67.48 -52.68
CA ALA N 49 16.14 66.99 -53.06
C ALA N 49 16.92 66.54 -51.84
N PHE N 50 17.76 65.54 -52.04
CA PHE N 50 18.45 64.89 -50.95
C PHE N 50 19.92 64.87 -51.30
N GLU N 51 20.75 65.46 -50.44
CA GLU N 51 22.17 65.62 -50.74
C GLU N 51 23.04 65.15 -49.58
N GLY N 52 23.79 64.08 -49.82
CA GLY N 52 24.66 63.47 -48.83
C GLY N 52 25.60 62.49 -49.49
N VAL N 53 26.52 61.98 -48.67
CA VAL N 53 27.51 60.99 -49.09
C VAL N 53 26.83 59.66 -49.43
N VAL N 54 27.23 59.05 -50.54
CA VAL N 54 26.67 57.77 -50.98
C VAL N 54 27.45 56.66 -50.30
N ILE N 55 26.78 55.80 -49.53
CA ILE N 55 27.49 54.76 -48.78
C ILE N 55 27.18 53.34 -49.24
N ALA N 56 26.36 53.13 -50.25
CA ALA N 56 26.25 51.74 -50.67
C ALA N 56 25.64 51.66 -52.04
N ILE N 57 26.09 50.70 -52.84
CA ILE N 57 25.38 50.30 -54.04
C ILE N 57 25.00 48.84 -53.85
N ASN N 58 23.81 48.47 -54.32
CA ASN N 58 23.31 47.14 -54.02
C ASN N 58 22.49 46.61 -55.17
N GLY N 59 22.77 45.36 -55.54
CA GLY N 59 21.96 44.61 -56.47
C GLY N 59 22.26 44.94 -57.92
N SER N 60 21.34 44.52 -58.77
CA SER N 60 21.56 44.56 -60.20
C SER N 60 20.21 44.54 -60.87
N GLY N 61 20.16 45.01 -62.11
CA GLY N 61 18.90 44.97 -62.81
C GLY N 61 17.92 45.89 -62.13
N SER N 62 16.64 45.52 -62.16
CA SER N 62 15.63 46.38 -61.56
C SER N 62 15.73 46.41 -60.05
N ARG N 63 16.73 45.77 -59.47
CA ARG N 63 16.89 45.75 -58.04
C ARG N 63 17.99 46.65 -57.52
N LYS N 64 18.69 47.41 -58.38
CA LYS N 64 19.76 48.28 -57.90
C LYS N 64 19.25 49.40 -57.02
N SER N 65 20.00 49.68 -55.95
CA SER N 65 19.70 50.73 -55.01
C SER N 65 20.99 51.40 -54.58
N PHE N 66 20.87 52.67 -54.19
CA PHE N 66 21.97 53.34 -53.50
C PHE N 66 21.48 53.91 -52.17
N THR N 67 22.42 54.01 -51.24
CA THR N 67 22.16 54.50 -49.90
C THR N 67 22.95 55.77 -49.73
N VAL N 68 22.24 56.90 -49.63
CA VAL N 68 22.82 58.22 -49.31
C VAL N 68 22.61 58.50 -47.83
N ARG N 69 23.39 59.43 -47.30
CA ARG N 69 23.31 59.72 -45.87
C ARG N 69 23.60 61.19 -45.64
N LYS N 70 22.62 61.89 -45.06
CA LYS N 70 22.51 63.34 -44.89
C LYS N 70 22.62 63.67 -43.41
N ILE N 71 22.55 64.93 -43.06
CA ILE N 71 22.21 65.30 -41.68
C ILE N 71 21.28 66.50 -41.77
N SER N 72 19.99 66.29 -41.51
CA SER N 72 19.04 67.40 -41.43
C SER N 72 18.75 67.76 -39.99
N PHE N 73 19.03 69.01 -39.66
CA PHE N 73 18.63 69.58 -38.40
C PHE N 73 19.21 68.75 -37.27
N GLY N 74 20.49 68.46 -37.38
CA GLY N 74 21.21 67.89 -36.26
C GLY N 74 20.96 66.43 -35.97
N GLU N 75 20.29 65.69 -36.85
CA GLU N 75 19.92 64.30 -36.63
C GLU N 75 20.24 63.50 -37.89
N GLY N 76 21.12 62.51 -37.79
CA GLY N 76 21.61 61.83 -39.00
C GLY N 76 20.53 61.01 -39.67
N VAL N 77 20.40 61.12 -40.99
CA VAL N 77 19.37 60.42 -41.73
C VAL N 77 19.97 59.74 -42.95
N GLU N 78 19.53 58.51 -43.24
CA GLU N 78 19.97 57.81 -44.44
C GLU N 78 18.77 57.52 -45.31
N ARG N 79 19.02 57.21 -46.57
CA ARG N 79 17.87 56.87 -47.39
C ARG N 79 18.31 56.00 -48.56
N VAL N 80 17.37 55.19 -49.05
CA VAL N 80 17.67 54.10 -49.97
C VAL N 80 16.81 54.24 -51.21
N PHE N 81 17.46 54.44 -52.36
CA PHE N 81 16.76 54.78 -53.57
C PHE N 81 16.94 53.66 -54.56
N PRO N 82 15.86 53.04 -55.03
CA PRO N 82 15.94 52.21 -56.24
C PRO N 82 16.18 53.06 -57.49
N PHE N 83 17.16 52.66 -58.33
CA PHE N 83 17.51 53.49 -59.48
C PHE N 83 16.32 53.72 -60.38
N ALA N 84 15.46 52.73 -60.51
CA ALA N 84 14.36 52.80 -61.46
C ALA N 84 13.06 53.16 -60.79
N SER N 85 13.13 53.70 -59.57
CA SER N 85 11.96 54.27 -58.90
C SER N 85 11.42 55.43 -59.71
N PRO N 86 10.11 55.48 -59.97
CA PRO N 86 9.54 56.65 -60.64
C PRO N 86 9.50 57.90 -59.77
N LEU N 87 9.77 57.79 -58.47
CA LEU N 87 9.89 58.96 -57.62
C LEU N 87 11.32 59.49 -57.51
N VAL N 88 12.27 58.92 -58.23
CA VAL N 88 13.60 59.51 -58.35
C VAL N 88 13.68 60.18 -59.72
N ASN N 89 13.52 61.50 -59.73
CA ASN N 89 13.52 62.23 -60.99
C ASN N 89 14.92 62.19 -61.62
N GLN N 90 15.94 62.74 -60.96
CA GLN N 90 17.30 62.47 -61.42
C GLN N 90 18.33 62.75 -60.32
N VAL N 91 19.59 62.41 -60.64
CA VAL N 91 20.71 62.35 -59.71
C VAL N 91 21.90 63.02 -60.34
N THR N 92 22.65 63.78 -59.56
CA THR N 92 23.89 64.35 -60.07
C THR N 92 24.92 64.47 -58.97
N ILE N 93 26.17 64.52 -59.40
CA ILE N 93 27.32 64.38 -58.52
C ILE N 93 27.76 65.73 -58.04
N VAL N 94 27.68 65.96 -56.74
CA VAL N 94 28.23 67.20 -56.21
C VAL N 94 29.74 67.18 -56.23
N GLU N 95 30.36 66.15 -55.63
CA GLU N 95 31.82 66.09 -55.74
C GLU N 95 32.45 64.78 -55.28
N ARG N 96 32.97 64.04 -56.26
CA ARG N 96 33.87 62.90 -56.13
C ARG N 96 34.68 62.81 -54.82
N GLY N 97 34.84 61.60 -54.29
CA GLY N 97 35.55 61.42 -53.04
C GLY N 97 36.48 60.24 -53.12
N LYS N 98 37.57 60.30 -52.34
CA LYS N 98 38.61 59.28 -52.36
C LYS N 98 38.40 58.31 -51.21
N VAL N 99 38.30 57.02 -51.52
CA VAL N 99 37.85 56.06 -50.51
C VAL N 99 38.39 54.67 -50.82
N ARG N 100 38.43 53.82 -49.80
CA ARG N 100 39.12 52.55 -49.90
C ARG N 100 38.21 51.32 -49.76
N ARG N 101 36.90 51.51 -49.70
CA ARG N 101 35.93 50.44 -49.48
C ARG N 101 34.78 50.57 -50.44
N ALA N 102 33.79 49.70 -50.25
CA ALA N 102 32.57 49.79 -51.02
C ALA N 102 31.37 50.11 -50.18
N LYS N 103 31.57 50.32 -48.86
CA LYS N 103 30.49 50.42 -47.87
C LYS N 103 30.40 51.69 -47.02
N LEU N 104 31.41 52.02 -46.21
CA LEU N 104 31.43 53.27 -45.44
C LEU N 104 30.48 53.27 -44.25
N TYR N 105 30.11 52.10 -43.77
CA TYR N 105 29.25 52.03 -42.62
C TYR N 105 29.89 52.74 -41.43
N TYR N 106 31.22 52.84 -41.43
CA TYR N 106 31.96 53.46 -40.34
C TYR N 106 31.69 54.94 -40.23
N LEU N 107 31.18 55.57 -41.30
CA LEU N 107 30.81 56.97 -41.24
C LEU N 107 29.69 57.23 -40.27
N ARG N 108 28.89 56.22 -39.93
CA ARG N 108 27.71 56.46 -39.11
C ARG N 108 28.10 57.01 -37.75
N GLU N 109 29.14 56.47 -37.15
CA GLU N 109 29.49 56.92 -35.81
C GLU N 109 30.64 57.91 -35.77
N LEU N 110 31.01 58.48 -36.91
CA LEU N 110 31.88 59.65 -36.98
C LEU N 110 31.13 60.99 -36.99
N ARG N 111 29.97 61.04 -37.65
CA ARG N 111 28.89 61.98 -37.33
C ARG N 111 29.31 63.42 -37.02
N GLY N 112 30.51 63.83 -37.42
CA GLY N 112 31.00 65.14 -37.09
C GLY N 112 31.70 65.77 -38.27
N LYS N 113 31.75 67.10 -38.25
CA LYS N 113 32.16 67.87 -39.44
C LYS N 113 33.54 67.43 -39.96
N ALA N 114 34.50 67.21 -39.06
CA ALA N 114 35.85 66.93 -39.52
C ALA N 114 36.06 65.46 -39.92
N ALA N 115 35.05 64.60 -39.66
CA ALA N 115 35.06 63.18 -40.05
C ALA N 115 34.28 62.97 -41.36
N ARG N 116 34.92 63.40 -42.45
CA ARG N 116 34.26 63.65 -43.73
C ARG N 116 35.09 63.08 -44.88
N ILE N 117 34.36 62.69 -45.94
CA ILE N 117 34.91 61.99 -47.09
C ILE N 117 35.87 62.90 -47.86
N LYS N 118 36.87 62.29 -48.51
CA LYS N 118 37.98 63.06 -49.07
C LYS N 118 37.68 63.81 -50.37
N SER N 119 38.62 63.72 -51.32
CA SER N 119 38.63 64.41 -52.62
C SER N 119 39.97 64.18 -53.36
N PRO O 1 22.99 -41.14 7.13
CA PRO O 1 22.70 -41.23 5.70
C PRO O 1 22.10 -39.94 5.08
N ARG O 2 22.85 -39.38 4.13
CA ARG O 2 22.37 -38.34 3.24
C ARG O 2 21.48 -38.95 2.16
N ALA O 3 20.54 -38.15 1.67
CA ALA O 3 19.61 -38.65 0.66
C ALA O 3 19.21 -37.47 -0.22
N LYS O 4 20.13 -37.05 -1.08
CA LYS O 4 19.94 -35.89 -1.95
C LYS O 4 18.75 -36.11 -2.88
N THR O 5 18.37 -35.06 -3.58
CA THR O 5 17.13 -35.11 -4.33
C THR O 5 17.24 -35.89 -5.64
N GLY O 6 18.44 -36.30 -6.07
CA GLY O 6 18.69 -36.65 -7.45
C GLY O 6 17.70 -37.61 -8.11
N ILE O 7 17.41 -37.39 -9.40
CA ILE O 7 16.55 -38.18 -10.30
C ILE O 7 15.08 -37.98 -9.97
N VAL O 8 14.75 -37.72 -8.70
CA VAL O 8 13.35 -37.55 -8.32
C VAL O 8 12.77 -36.31 -8.99
N ARG O 9 13.48 -35.18 -8.78
CA ARG O 9 12.93 -33.90 -9.18
C ARG O 9 12.84 -33.81 -10.70
N ARG O 10 13.87 -34.32 -11.42
CA ARG O 10 13.78 -34.27 -12.87
C ARG O 10 12.61 -35.07 -13.39
N ARG O 11 12.31 -36.22 -12.77
CA ARG O 11 11.22 -37.06 -13.27
C ARG O 11 9.90 -36.35 -13.10
N ARG O 12 9.69 -35.77 -11.92
CA ARG O 12 8.45 -35.04 -11.69
C ARG O 12 8.30 -33.93 -12.72
N HIS O 13 9.35 -33.10 -12.81
CA HIS O 13 9.32 -31.94 -13.71
C HIS O 13 9.07 -32.38 -15.14
N LYS O 14 9.68 -33.49 -15.54
CA LYS O 14 9.52 -33.89 -16.93
C LYS O 14 8.11 -34.34 -17.20
N LYS O 15 7.43 -34.88 -16.17
CA LYS O 15 6.04 -35.30 -16.41
C LYS O 15 5.14 -34.09 -16.57
N VAL O 16 5.37 -33.08 -15.74
CA VAL O 16 4.64 -31.82 -15.94
C VAL O 16 4.93 -31.28 -17.34
N LEU O 17 6.21 -31.15 -17.68
CA LEU O 17 6.56 -30.54 -18.95
C LEU O 17 5.92 -31.30 -20.10
N LYS O 18 5.92 -32.63 -20.04
CA LYS O 18 5.30 -33.39 -21.11
C LYS O 18 3.80 -33.18 -21.17
N ARG O 19 3.14 -32.77 -20.07
CA ARG O 19 1.72 -32.45 -20.27
C ARG O 19 1.55 -31.28 -21.23
N ALA O 20 2.57 -30.39 -21.28
CA ALA O 20 2.61 -29.23 -22.19
C ALA O 20 3.01 -29.65 -23.61
N LYS O 21 2.01 -29.78 -24.48
CA LYS O 21 2.24 -29.94 -25.90
C LYS O 21 2.27 -28.53 -26.43
N GLY O 22 1.50 -28.24 -27.50
CA GLY O 22 1.56 -26.94 -28.15
C GLY O 22 1.14 -25.77 -27.30
N PHE O 23 1.65 -25.74 -26.05
CA PHE O 23 1.58 -24.56 -25.21
C PHE O 23 2.54 -23.50 -25.73
N TRP O 24 2.13 -22.24 -25.66
CA TRP O 24 2.84 -21.18 -26.34
C TRP O 24 4.03 -20.74 -25.49
N GLY O 25 5.15 -20.53 -26.14
CA GLY O 25 6.23 -19.89 -25.42
C GLY O 25 6.80 -20.70 -24.28
N SER O 26 7.04 -20.01 -23.17
CA SER O 26 7.66 -20.62 -22.00
C SER O 26 6.65 -21.44 -21.22
N ARG O 27 5.40 -21.42 -21.67
CA ARG O 27 4.41 -22.39 -21.21
C ARG O 27 4.87 -23.82 -21.51
N SER O 28 5.55 -24.02 -22.63
CA SER O 28 6.04 -25.33 -23.01
C SER O 28 7.43 -25.66 -22.50
N LYS O 29 8.18 -24.72 -22.00
CA LYS O 29 9.57 -25.10 -21.79
C LYS O 29 10.05 -24.90 -20.37
N GLN O 30 9.63 -23.83 -19.71
CA GLN O 30 9.98 -23.60 -18.31
C GLN O 30 9.03 -24.38 -17.42
N TYR O 31 9.57 -25.09 -16.43
CA TYR O 31 8.69 -25.88 -15.57
C TYR O 31 7.65 -25.01 -14.88
N ARG O 32 8.08 -23.88 -14.33
CA ARG O 32 7.18 -23.14 -13.47
C ARG O 32 5.98 -22.60 -14.23
N ASN O 33 6.14 -22.06 -15.44
CA ASN O 33 4.90 -21.69 -16.12
C ASN O 33 4.13 -22.88 -16.63
N ALA O 34 4.80 -23.99 -16.89
CA ALA O 34 4.06 -25.16 -17.33
C ALA O 34 3.13 -25.64 -16.22
N PHE O 35 3.67 -25.77 -15.02
CA PHE O 35 2.87 -26.23 -13.89
C PHE O 35 1.77 -25.23 -13.54
N GLN O 36 2.09 -23.95 -13.58
CA GLN O 36 1.08 -22.97 -13.25
C GLN O 36 -0.04 -22.95 -14.29
N THR O 37 0.31 -23.10 -15.57
CA THR O 37 -0.73 -23.15 -16.57
C THR O 37 -1.62 -24.31 -16.32
N LEU O 38 -1.03 -25.42 -15.85
CA LEU O 38 -1.81 -26.60 -15.59
C LEU O 38 -2.78 -26.41 -14.42
N LEU O 39 -2.45 -25.58 -13.44
CA LEU O 39 -3.46 -25.30 -12.39
C LEU O 39 -4.70 -24.67 -13.00
N ASN O 40 -4.50 -23.57 -13.73
CA ASN O 40 -5.70 -22.99 -14.34
C ASN O 40 -6.36 -23.97 -15.32
N ALA O 41 -5.57 -24.80 -15.99
CA ALA O 41 -6.17 -25.73 -16.93
C ALA O 41 -7.01 -26.78 -16.22
N ALA O 42 -6.64 -27.14 -14.99
CA ALA O 42 -7.49 -28.02 -14.22
C ALA O 42 -8.87 -27.42 -14.12
N THR O 43 -8.91 -26.21 -13.54
CA THR O 43 -10.17 -25.47 -13.49
C THR O 43 -10.98 -25.65 -14.77
N TYR O 44 -10.34 -25.40 -15.91
CA TYR O 44 -11.10 -25.40 -17.17
C TYR O 44 -11.57 -26.80 -17.55
N GLU O 45 -10.76 -27.81 -17.34
CA GLU O 45 -11.17 -29.13 -17.80
C GLU O 45 -12.45 -29.57 -17.08
N TYR O 46 -12.45 -29.44 -15.75
CA TYR O 46 -13.62 -29.91 -15.01
C TYR O 46 -14.85 -29.08 -15.35
N ARG O 47 -14.72 -27.76 -15.23
CA ARG O 47 -15.90 -26.96 -15.53
C ARG O 47 -16.42 -27.29 -16.92
N ASP O 48 -15.51 -27.48 -17.88
CA ASP O 48 -15.99 -27.56 -19.24
C ASP O 48 -16.75 -28.84 -19.46
N ARG O 49 -16.29 -29.94 -18.88
CA ARG O 49 -16.98 -31.22 -19.05
C ARG O 49 -18.46 -31.12 -18.69
N ARG O 50 -18.72 -30.66 -17.45
CA ARG O 50 -20.10 -30.36 -17.04
C ARG O 50 -20.79 -29.46 -18.09
N ASN O 51 -20.08 -28.39 -18.51
CA ASN O 51 -20.70 -27.46 -19.44
C ASN O 51 -20.94 -28.10 -20.80
N LYS O 52 -20.14 -29.05 -21.20
CA LYS O 52 -20.29 -29.59 -22.55
C LYS O 52 -21.56 -30.35 -22.65
N LYS O 53 -21.92 -30.98 -21.53
CA LYS O 53 -23.27 -31.53 -21.43
C LYS O 53 -24.28 -30.43 -21.77
N ARG O 54 -24.16 -29.28 -21.08
CA ARG O 54 -25.20 -28.26 -21.35
C ARG O 54 -25.04 -27.62 -22.75
N ASP O 55 -23.87 -27.70 -23.34
CA ASP O 55 -23.69 -27.06 -24.63
C ASP O 55 -24.35 -27.88 -25.72
N PHE O 56 -24.12 -29.19 -25.72
CA PHE O 56 -24.86 -29.98 -26.69
C PHE O 56 -26.36 -29.92 -26.45
N ARG O 57 -26.80 -29.82 -25.18
CA ARG O 57 -28.20 -29.44 -24.95
C ARG O 57 -28.58 -28.31 -25.91
N ARG O 58 -27.78 -27.25 -25.88
CA ARG O 58 -28.18 -26.06 -26.64
C ARG O 58 -28.20 -26.32 -28.14
N LEU O 59 -27.27 -27.14 -28.65
CA LEU O 59 -27.18 -27.32 -30.10
C LEU O 59 -28.37 -28.12 -30.62
N TRP O 60 -28.67 -29.22 -29.92
CA TRP O 60 -29.92 -29.97 -29.97
C TRP O 60 -31.12 -29.07 -30.19
N ILE O 61 -31.35 -28.23 -29.18
CA ILE O 61 -32.56 -27.41 -29.19
C ILE O 61 -32.59 -26.50 -30.40
N GLN O 62 -31.43 -25.90 -30.70
CA GLN O 62 -31.36 -24.86 -31.72
C GLN O 62 -31.59 -25.43 -33.11
N ARG O 63 -31.24 -26.70 -33.32
CA ARG O 63 -31.68 -27.35 -34.56
C ARG O 63 -33.17 -27.69 -34.52
N ILE O 64 -33.67 -28.11 -33.34
CA ILE O 64 -35.02 -28.67 -33.34
C ILE O 64 -36.06 -27.62 -33.68
N ASN O 65 -35.96 -26.41 -33.10
CA ASN O 65 -37.01 -25.48 -33.55
C ASN O 65 -36.75 -24.94 -34.93
N ALA O 66 -35.52 -24.98 -35.45
CA ALA O 66 -35.33 -24.55 -36.83
C ALA O 66 -36.11 -25.45 -37.78
N GLY O 67 -36.05 -26.76 -37.54
CA GLY O 67 -36.90 -27.66 -38.32
C GLY O 67 -38.37 -27.47 -37.99
N ALA O 68 -38.68 -27.25 -36.73
CA ALA O 68 -40.07 -27.10 -36.33
C ALA O 68 -40.72 -25.96 -37.09
N ARG O 69 -40.08 -24.80 -37.06
CA ARG O 69 -40.61 -23.61 -37.74
C ARG O 69 -40.60 -23.80 -39.25
N LEU O 70 -39.65 -24.59 -39.77
CA LEU O 70 -39.75 -24.97 -41.18
C LEU O 70 -41.10 -25.63 -41.45
N HIS O 71 -41.64 -26.34 -40.46
CA HIS O 71 -42.98 -26.88 -40.56
C HIS O 71 -44.04 -26.02 -39.89
N GLY O 72 -43.73 -24.76 -39.55
CA GLY O 72 -44.76 -23.84 -39.12
C GLY O 72 -45.17 -23.87 -37.65
N MET O 73 -44.34 -24.41 -36.76
CA MET O 73 -44.55 -24.30 -35.33
C MET O 73 -43.19 -24.16 -34.66
N ASN O 74 -43.15 -23.45 -33.54
CA ASN O 74 -41.88 -23.28 -32.86
C ASN O 74 -41.56 -24.47 -31.95
N TYR O 75 -40.34 -24.46 -31.40
CA TYR O 75 -39.93 -25.47 -30.42
C TYR O 75 -40.95 -25.60 -29.31
N SER O 76 -41.38 -24.46 -28.76
CA SER O 76 -42.23 -24.49 -27.59
C SER O 76 -43.49 -25.29 -27.86
N THR O 77 -44.19 -24.98 -28.96
CA THR O 77 -45.47 -25.62 -29.22
C THR O 77 -45.25 -26.94 -29.95
N PHE O 78 -44.09 -27.54 -29.74
CA PHE O 78 -43.75 -28.79 -30.40
C PHE O 78 -43.38 -29.84 -29.36
N ILE O 79 -42.27 -29.59 -28.65
CA ILE O 79 -41.84 -30.48 -27.58
C ILE O 79 -42.90 -30.55 -26.49
N ASN O 80 -43.75 -29.51 -26.39
CA ASN O 80 -45.01 -29.65 -25.68
C ASN O 80 -45.86 -30.75 -26.28
N GLY O 81 -46.14 -30.66 -27.59
CA GLY O 81 -47.16 -31.48 -28.18
C GLY O 81 -46.76 -32.92 -28.39
N LEU O 82 -45.46 -33.22 -28.33
CA LEU O 82 -45.03 -34.61 -28.21
C LEU O 82 -45.26 -35.12 -26.79
N LYS O 83 -44.91 -34.31 -25.79
CA LYS O 83 -45.14 -34.73 -24.42
C LYS O 83 -46.62 -34.82 -24.09
N ARG O 84 -47.43 -33.92 -24.65
CA ARG O 84 -48.88 -34.00 -24.55
C ARG O 84 -49.42 -35.17 -25.37
N ALA O 85 -48.67 -35.59 -26.40
CA ALA O 85 -48.83 -36.88 -27.05
C ALA O 85 -48.18 -37.98 -26.23
N ASN O 86 -47.75 -37.65 -25.01
CA ASN O 86 -47.61 -38.59 -23.90
C ASN O 86 -46.58 -39.65 -24.21
N ILE O 87 -47.08 -40.80 -24.65
CA ILE O 87 -46.24 -41.97 -24.86
C ILE O 87 -45.15 -41.67 -25.87
N ASP O 88 -45.36 -40.66 -26.72
CA ASP O 88 -44.29 -40.16 -27.56
C ASP O 88 -43.32 -39.36 -26.71
N LEU O 89 -42.07 -39.80 -26.67
CA LEU O 89 -41.17 -39.48 -25.57
C LEU O 89 -39.72 -39.59 -26.01
N ASN O 90 -39.50 -39.74 -27.33
CA ASN O 90 -38.17 -40.08 -27.84
C ASN O 90 -37.12 -39.03 -27.49
N ARG O 91 -37.51 -37.77 -27.41
CA ARG O 91 -36.77 -36.76 -26.66
C ARG O 91 -35.27 -36.67 -26.98
N LYS O 92 -34.49 -37.68 -26.60
CA LYS O 92 -33.04 -37.58 -26.75
C LYS O 92 -32.63 -37.43 -28.24
N VAL O 93 -31.99 -36.26 -28.53
CA VAL O 93 -31.46 -35.79 -29.82
C VAL O 93 -32.51 -35.99 -30.93
N LEU O 94 -33.70 -35.42 -30.74
CA LEU O 94 -34.62 -35.30 -31.87
C LEU O 94 -34.02 -34.47 -32.97
N ALA O 95 -33.07 -33.62 -32.59
CA ALA O 95 -32.16 -32.90 -33.47
C ALA O 95 -31.83 -33.71 -34.71
N ASP O 96 -31.24 -34.88 -34.52
CA ASP O 96 -30.79 -35.70 -35.64
C ASP O 96 -31.95 -36.15 -36.53
N ILE O 97 -33.10 -36.43 -35.93
CA ILE O 97 -34.25 -36.79 -36.77
C ILE O 97 -34.62 -35.61 -37.66
N ALA O 98 -34.62 -34.40 -37.09
CA ALA O 98 -34.94 -33.20 -37.86
C ALA O 98 -33.90 -32.88 -38.91
N ALA O 99 -32.64 -33.23 -38.63
CA ALA O 99 -31.50 -32.87 -39.45
C ALA O 99 -31.24 -33.83 -40.60
N ARG O 100 -31.73 -35.08 -40.54
CA ARG O 100 -31.49 -36.02 -41.64
C ARG O 100 -32.75 -36.53 -42.31
N GLU O 101 -33.72 -37.06 -41.56
CA GLU O 101 -34.96 -37.47 -42.21
C GLU O 101 -36.01 -36.39 -42.03
N PRO O 102 -36.37 -35.65 -43.08
CA PRO O 102 -37.47 -34.69 -42.93
C PRO O 102 -38.82 -35.36 -43.15
N GLU O 103 -38.84 -36.48 -43.88
CA GLU O 103 -40.10 -37.21 -44.00
C GLU O 103 -40.60 -37.64 -42.63
N ALA O 104 -39.67 -37.90 -41.71
CA ALA O 104 -40.02 -38.32 -40.36
C ALA O 104 -40.35 -37.12 -39.47
N PHE O 105 -39.53 -36.08 -39.53
CA PHE O 105 -39.80 -34.93 -38.69
C PHE O 105 -41.12 -34.26 -39.06
N LYS O 106 -41.52 -34.36 -40.34
CA LYS O 106 -42.84 -33.87 -40.71
C LYS O 106 -43.94 -34.68 -40.03
N ALA O 107 -43.79 -36.00 -39.96
CA ALA O 107 -44.78 -36.81 -39.28
C ALA O 107 -44.84 -36.49 -37.79
N LEU O 108 -43.67 -36.19 -37.20
CA LEU O 108 -43.66 -35.79 -35.79
C LEU O 108 -44.29 -34.42 -35.59
N VAL O 109 -44.15 -33.53 -36.57
CA VAL O 109 -44.87 -32.26 -36.52
C VAL O 109 -46.37 -32.49 -36.55
N ASP O 110 -46.82 -33.38 -37.44
CA ASP O 110 -48.26 -33.67 -37.51
C ASP O 110 -48.75 -34.31 -36.23
N ALA O 111 -47.92 -35.13 -35.60
CA ALA O 111 -48.32 -35.77 -34.34
C ALA O 111 -48.47 -34.73 -33.24
N SER O 112 -47.46 -33.86 -33.08
CA SER O 112 -47.53 -32.81 -32.06
C SER O 112 -48.74 -31.92 -32.26
N ARG O 113 -48.99 -31.51 -33.51
CA ARG O 113 -50.12 -30.62 -33.77
C ARG O 113 -51.46 -31.32 -33.53
N ASN O 114 -51.55 -32.60 -33.86
CA ASN O 114 -52.77 -33.33 -33.56
C ASN O 114 -53.00 -33.39 -32.06
N ALA O 115 -51.92 -33.55 -31.28
CA ALA O 115 -52.09 -33.64 -29.83
C ALA O 115 -52.54 -32.33 -29.19
N ARG O 116 -52.21 -31.19 -29.80
CA ARG O 116 -52.57 -29.89 -29.25
C ARG O 116 -53.98 -29.44 -29.60
N GLN O 117 -54.66 -30.14 -30.49
CA GLN O 117 -56.02 -29.73 -30.87
C GLN O 117 -57.04 -30.13 -29.79
N MET P 1 -28.75 -43.27 -37.62
CA MET P 1 -30.07 -43.07 -37.04
C MET P 1 -30.25 -43.70 -35.63
N PHE P 2 -30.17 -45.03 -35.50
CA PHE P 2 -30.38 -45.69 -34.21
C PHE P 2 -29.35 -45.22 -33.21
N ALA P 3 -29.81 -44.94 -32.00
CA ALA P 3 -28.88 -44.50 -30.98
C ALA P 3 -29.49 -44.76 -29.63
N ILE P 4 -28.62 -45.09 -28.67
CA ILE P 4 -29.05 -45.17 -27.30
C ILE P 4 -29.63 -43.81 -26.91
N ILE P 5 -30.78 -43.83 -26.25
CA ILE P 5 -31.19 -42.68 -25.47
C ILE P 5 -30.48 -42.90 -24.14
N GLN P 6 -29.29 -42.30 -23.99
CA GLN P 6 -28.25 -42.74 -23.05
C GLN P 6 -28.75 -42.68 -21.61
N THR P 7 -30.05 -42.60 -21.41
CA THR P 7 -30.50 -42.77 -20.04
C THR P 7 -30.25 -44.20 -19.57
N GLY P 8 -30.20 -45.17 -20.49
CA GLY P 8 -29.88 -46.55 -20.14
C GLY P 8 -29.75 -47.52 -21.31
N GLY P 9 -30.65 -47.45 -22.29
CA GLY P 9 -30.58 -48.42 -23.35
C GLY P 9 -31.59 -48.24 -24.47
N LYS P 10 -32.71 -47.59 -24.19
CA LYS P 10 -33.83 -47.48 -25.12
C LYS P 10 -33.44 -46.66 -26.35
N GLN P 11 -34.01 -47.01 -27.52
CA GLN P 11 -33.49 -46.44 -28.77
C GLN P 11 -34.50 -46.55 -29.91
N TYR P 12 -34.11 -45.94 -31.06
CA TYR P 12 -34.83 -45.90 -32.34
C TYR P 12 -34.48 -47.10 -33.25
N ARG P 13 -34.10 -46.88 -34.52
CA ARG P 13 -33.92 -47.98 -35.48
C ARG P 13 -32.64 -47.88 -36.30
N VAL P 14 -31.79 -48.95 -36.21
CA VAL P 14 -30.98 -49.61 -37.26
C VAL P 14 -29.70 -50.24 -36.69
N SER P 15 -29.29 -51.41 -37.29
CA SER P 15 -28.53 -52.49 -36.66
C SER P 15 -27.02 -52.42 -36.91
N GLU P 16 -26.23 -52.34 -35.82
CA GLU P 16 -24.80 -52.03 -35.84
C GLU P 16 -24.13 -52.09 -34.45
N GLY P 17 -23.11 -52.92 -34.25
CA GLY P 17 -22.47 -53.03 -32.93
C GLY P 17 -22.05 -51.70 -32.29
N ASP P 18 -22.45 -51.46 -31.04
CA ASP P 18 -22.25 -50.15 -30.39
C ASP P 18 -22.01 -50.31 -28.89
N VAL P 19 -21.44 -49.27 -28.30
CA VAL P 19 -21.13 -49.24 -26.87
C VAL P 19 -22.36 -48.87 -26.05
N ILE P 20 -22.38 -49.25 -24.76
CA ILE P 20 -23.42 -48.86 -23.80
C ILE P 20 -22.89 -49.01 -22.37
N ARG P 21 -23.59 -48.43 -21.39
CA ARG P 21 -23.30 -48.63 -19.97
C ARG P 21 -23.67 -50.04 -19.54
N VAL P 22 -22.98 -50.53 -18.50
CA VAL P 22 -22.83 -51.98 -18.30
C VAL P 22 -24.17 -52.67 -18.11
N GLU P 23 -24.22 -53.94 -18.53
CA GLU P 23 -25.46 -54.68 -18.71
C GLU P 23 -25.62 -55.83 -17.72
N SER P 24 -24.98 -55.74 -16.55
CA SER P 24 -25.04 -56.85 -15.61
C SER P 24 -24.60 -58.14 -16.29
N LEU P 25 -25.57 -59.01 -16.62
CA LEU P 25 -25.28 -60.36 -17.10
C LEU P 25 -24.37 -60.31 -18.32
N GLN P 26 -23.41 -61.23 -18.35
CA GLN P 26 -22.21 -61.12 -19.18
C GLN P 26 -22.07 -62.24 -20.21
N GLY P 27 -20.81 -62.58 -20.49
CA GLY P 27 -20.52 -63.50 -21.57
C GLY P 27 -20.96 -62.87 -22.86
N GLU P 28 -21.70 -63.65 -23.65
CA GLU P 28 -22.34 -63.12 -24.84
C GLU P 28 -23.82 -63.40 -24.69
N ALA P 29 -24.52 -63.47 -25.83
CA ALA P 29 -25.83 -64.10 -25.90
C ALA P 29 -26.72 -63.69 -24.74
N GLY P 30 -26.47 -62.52 -24.17
CA GLY P 30 -27.48 -61.98 -23.30
C GLY P 30 -28.75 -61.68 -24.08
N ASP P 31 -28.63 -61.59 -25.41
CA ASP P 31 -29.77 -61.38 -26.31
C ASP P 31 -30.66 -60.25 -25.83
N LYS P 32 -30.05 -59.24 -25.21
CA LYS P 32 -30.83 -58.38 -24.35
C LYS P 32 -31.97 -57.79 -25.17
N VAL P 33 -33.18 -57.87 -24.61
CA VAL P 33 -34.38 -57.41 -25.30
C VAL P 33 -34.42 -55.89 -25.33
N GLU P 34 -34.89 -55.32 -26.43
CA GLU P 34 -35.00 -53.87 -26.51
C GLU P 34 -36.38 -53.47 -27.01
N LEU P 35 -36.86 -52.38 -26.44
CA LEU P 35 -38.21 -51.89 -26.65
C LEU P 35 -38.13 -50.63 -27.51
N LYS P 36 -38.83 -50.66 -28.65
CA LYS P 36 -38.72 -49.57 -29.62
C LYS P 36 -39.26 -48.28 -29.04
N ALA P 37 -38.58 -47.17 -29.36
CA ALA P 37 -39.15 -45.84 -29.15
C ALA P 37 -39.44 -45.11 -30.46
N LEU P 38 -39.03 -45.67 -31.59
CA LEU P 38 -39.21 -45.10 -32.94
C LEU P 38 -38.76 -46.17 -33.93
N PHE P 39 -39.32 -46.15 -35.13
CA PHE P 39 -38.89 -47.05 -36.20
C PHE P 39 -39.10 -46.35 -37.55
N VAL P 40 -38.19 -46.61 -38.49
CA VAL P 40 -38.30 -46.13 -39.88
C VAL P 40 -37.89 -47.29 -40.78
N GLY P 41 -38.88 -48.04 -41.28
CA GLY P 41 -38.66 -49.23 -42.09
C GLY P 41 -39.37 -49.17 -43.44
N GLY P 42 -38.60 -49.24 -44.52
CA GLY P 42 -39.10 -48.81 -45.81
C GLY P 42 -39.25 -47.30 -45.86
N GLU P 43 -38.57 -46.60 -44.97
CA GLU P 43 -38.90 -45.22 -44.58
C GLU P 43 -40.39 -45.08 -44.26
N GLN P 44 -40.97 -46.10 -43.63
CA GLN P 44 -42.35 -46.06 -43.12
C GLN P 44 -42.29 -45.89 -41.60
N THR P 45 -42.35 -44.63 -41.16
CA THR P 45 -42.17 -44.27 -39.75
C THR P 45 -43.33 -44.74 -38.87
N VAL P 46 -42.99 -45.28 -37.69
CA VAL P 46 -43.96 -45.59 -36.64
C VAL P 46 -43.29 -45.26 -35.31
N PHE P 47 -44.06 -44.71 -34.37
CA PHE P 47 -43.47 -43.96 -33.27
C PHE P 47 -44.36 -43.96 -32.04
N GLY P 48 -43.74 -43.72 -30.88
CA GLY P 48 -44.41 -43.56 -29.60
C GLY P 48 -45.44 -44.61 -29.20
N GLU P 49 -45.02 -45.62 -28.41
CA GLU P 49 -45.92 -46.61 -27.81
C GLU P 49 -46.52 -47.56 -28.84
N ASP P 50 -47.01 -46.98 -29.95
CA ASP P 50 -47.47 -47.78 -31.07
C ASP P 50 -46.33 -48.58 -31.67
N ALA P 51 -45.19 -47.92 -31.90
CA ALA P 51 -43.96 -48.61 -32.25
C ALA P 51 -43.35 -49.37 -31.08
N GLY P 52 -43.57 -48.88 -29.85
CA GLY P 52 -42.88 -49.41 -28.68
C GLY P 52 -43.16 -50.88 -28.43
N LYS P 53 -44.28 -51.38 -28.94
CA LYS P 53 -44.52 -52.82 -28.91
C LYS P 53 -43.50 -53.59 -29.73
N TYR P 54 -42.84 -52.94 -30.70
CA TYR P 54 -41.87 -53.62 -31.55
C TYR P 54 -40.64 -54.05 -30.76
N THR P 55 -40.13 -55.22 -31.12
CA THR P 55 -38.97 -55.84 -30.51
C THR P 55 -37.69 -55.34 -31.17
N VAL P 56 -36.59 -55.37 -30.41
CA VAL P 56 -35.26 -55.19 -30.96
C VAL P 56 -34.32 -56.13 -30.22
N GLN P 57 -34.09 -57.31 -30.80
CA GLN P 57 -33.08 -58.21 -30.26
C GLN P 57 -31.68 -57.64 -30.45
N ALA P 58 -30.79 -57.98 -29.53
CA ALA P 58 -29.38 -57.61 -29.65
C ALA P 58 -28.57 -58.45 -28.69
N GLU P 59 -27.57 -59.17 -29.21
CA GLU P 59 -26.65 -59.92 -28.37
C GLU P 59 -25.59 -59.02 -27.74
N VAL P 60 -25.14 -59.40 -26.53
CA VAL P 60 -23.98 -58.80 -25.89
C VAL P 60 -22.72 -59.23 -26.62
N VAL P 61 -21.74 -58.32 -26.71
CA VAL P 61 -20.49 -58.59 -27.42
C VAL P 61 -19.31 -58.74 -26.45
N GLU P 62 -18.99 -57.68 -25.71
CA GLU P 62 -17.86 -57.73 -24.81
C GLU P 62 -18.07 -56.69 -23.73
N HIS P 63 -17.66 -57.02 -22.50
CA HIS P 63 -17.56 -56.00 -21.47
C HIS P 63 -16.25 -55.25 -21.60
N GLY P 64 -16.29 -53.98 -21.24
CA GLY P 64 -15.16 -53.10 -21.49
C GLY P 64 -14.90 -52.08 -20.41
N ARG P 65 -13.94 -51.21 -20.68
CA ARG P 65 -13.45 -50.28 -19.68
C ARG P 65 -12.82 -49.12 -20.47
N GLY P 66 -13.67 -48.16 -20.85
CA GLY P 66 -13.32 -47.13 -21.83
C GLY P 66 -12.12 -46.29 -21.45
N LYS P 67 -11.75 -45.34 -22.29
CA LYS P 67 -10.43 -44.71 -22.17
C LYS P 67 -10.35 -43.88 -20.89
N LYS P 68 -9.15 -43.83 -20.33
CA LYS P 68 -8.93 -43.21 -19.03
C LYS P 68 -9.04 -41.69 -19.14
N ILE P 69 -9.42 -41.06 -18.02
CA ILE P 69 -9.44 -39.62 -17.83
C ILE P 69 -8.78 -39.35 -16.47
N TYR P 70 -8.40 -38.11 -16.19
CA TYR P 70 -8.11 -37.75 -14.81
C TYR P 70 -9.09 -36.72 -14.28
N ILE P 71 -9.67 -37.01 -13.11
CA ILE P 71 -10.38 -36.01 -12.33
C ILE P 71 -9.35 -35.20 -11.55
N ARG P 72 -8.96 -34.06 -12.11
CA ARG P 72 -8.09 -33.11 -11.44
C ARG P 72 -8.87 -31.84 -11.17
N LYS P 73 -8.60 -31.23 -10.02
CA LYS P 73 -9.41 -30.13 -9.51
C LYS P 73 -8.51 -29.14 -8.78
N TYR P 74 -8.89 -27.86 -8.83
CA TYR P 74 -8.06 -26.76 -8.36
C TYR P 74 -8.89 -25.58 -7.88
N LYS P 75 -8.41 -24.95 -6.82
CA LYS P 75 -8.95 -23.70 -6.31
C LYS P 75 -7.79 -22.83 -5.86
N SER P 76 -8.06 -21.52 -5.81
CA SER P 76 -7.03 -20.50 -5.88
C SER P 76 -6.57 -20.09 -4.49
N GLY P 77 -5.26 -19.90 -4.34
CA GLY P 77 -4.76 -19.20 -3.16
C GLY P 77 -5.04 -19.90 -1.85
N VAL P 78 -5.48 -21.15 -1.91
CA VAL P 78 -6.02 -21.91 -0.78
C VAL P 78 -5.34 -23.26 -0.63
N GLN P 79 -4.43 -23.61 -1.55
CA GLN P 79 -3.64 -24.83 -1.60
C GLN P 79 -4.46 -26.05 -1.99
N TYR P 80 -5.61 -25.83 -2.62
CA TYR P 80 -6.54 -26.92 -2.96
C TYR P 80 -6.23 -27.43 -4.35
N ARG P 81 -5.43 -28.48 -4.40
CA ARG P 81 -5.04 -29.14 -5.64
C ARG P 81 -5.22 -30.64 -5.41
N ARG P 82 -6.10 -31.27 -6.19
CA ARG P 82 -6.26 -32.69 -5.97
C ARG P 82 -6.45 -33.45 -7.28
N ARG P 83 -5.80 -34.60 -7.35
CA ARG P 83 -5.74 -35.43 -8.55
C ARG P 83 -6.21 -36.85 -8.27
N THR P 84 -7.03 -37.39 -9.16
CA THR P 84 -7.54 -38.75 -9.03
C THR P 84 -7.80 -39.30 -10.42
N GLY P 85 -7.81 -40.65 -10.51
CA GLY P 85 -8.10 -41.35 -11.76
C GLY P 85 -9.53 -41.87 -11.86
N HIS P 86 -9.98 -42.05 -13.09
CA HIS P 86 -11.33 -42.55 -13.35
C HIS P 86 -11.39 -43.18 -14.72
N ARG P 87 -12.31 -44.16 -14.84
CA ARG P 87 -12.40 -45.09 -15.95
C ARG P 87 -13.76 -45.78 -15.88
N GLN P 88 -14.55 -45.66 -16.96
CA GLN P 88 -15.96 -46.04 -16.95
C GLN P 88 -16.10 -47.41 -17.62
N ASN P 89 -16.84 -48.31 -16.99
CA ASN P 89 -17.07 -49.62 -17.59
C ASN P 89 -18.19 -49.54 -18.60
N PHE P 90 -18.14 -50.40 -19.62
CA PHE P 90 -19.19 -50.38 -20.63
C PHE P 90 -19.44 -51.79 -21.15
N THR P 91 -20.14 -51.87 -22.28
CA THR P 91 -20.69 -53.15 -22.76
C THR P 91 -21.01 -53.01 -24.25
N ALA P 92 -20.18 -53.58 -25.10
CA ALA P 92 -20.52 -53.61 -26.51
C ALA P 92 -21.76 -54.47 -26.69
N ILE P 93 -22.70 -54.03 -27.51
CA ILE P 93 -23.83 -54.89 -27.87
C ILE P 93 -24.09 -54.74 -29.37
N LYS P 94 -24.27 -55.87 -30.05
CA LYS P 94 -24.44 -55.92 -31.49
C LYS P 94 -25.92 -55.93 -31.80
N ILE P 95 -26.39 -54.97 -32.58
CA ILE P 95 -27.81 -54.90 -32.86
C ILE P 95 -28.18 -55.97 -33.89
N LEU P 96 -29.41 -56.47 -33.80
CA LEU P 96 -29.80 -57.66 -34.54
C LEU P 96 -31.32 -57.74 -34.77
N GLY P 97 -32.10 -57.02 -33.95
CA GLY P 97 -33.52 -57.27 -33.81
C GLY P 97 -34.43 -56.61 -34.84
N ILE P 98 -35.72 -56.95 -34.72
CA ILE P 98 -36.76 -56.49 -35.65
C ILE P 98 -36.76 -54.97 -35.77
N GLN Q 6 23.39 -56.90 -43.66
CA GLN Q 6 22.79 -55.57 -43.71
C GLN Q 6 22.26 -55.20 -42.32
N THR Q 7 21.74 -56.23 -41.63
CA THR Q 7 21.28 -56.17 -40.24
C THR Q 7 22.31 -56.86 -39.36
N PHE Q 8 22.73 -56.18 -38.30
CA PHE Q 8 23.84 -56.65 -37.47
C PHE Q 8 23.32 -57.25 -36.18
N ARG Q 9 24.21 -58.01 -35.54
CA ARG Q 9 23.83 -58.77 -34.35
C ARG Q 9 23.53 -57.88 -33.15
N ASN Q 10 24.22 -56.74 -33.02
CA ASN Q 10 23.98 -55.87 -31.88
C ASN Q 10 24.62 -54.53 -32.15
N LYS Q 11 25.04 -53.79 -31.12
CA LYS Q 11 25.65 -52.49 -31.41
C LYS Q 11 27.17 -52.55 -31.37
N LYS Q 12 27.74 -53.28 -30.40
CA LYS Q 12 29.14 -53.66 -30.46
C LYS Q 12 29.50 -54.20 -31.83
N GLN Q 13 28.62 -55.03 -32.38
CA GLN Q 13 28.60 -55.40 -33.79
C GLN Q 13 28.99 -54.23 -34.66
N ARG Q 14 28.06 -53.27 -34.71
CA ARG Q 14 28.07 -52.27 -35.74
C ARG Q 14 29.26 -51.35 -35.61
N LYS Q 15 29.73 -51.10 -34.39
CA LYS Q 15 30.88 -50.21 -34.20
C LYS Q 15 32.16 -50.76 -34.85
N GLN Q 16 32.28 -52.09 -34.91
CA GLN Q 16 33.39 -52.74 -35.57
C GLN Q 16 33.23 -52.72 -37.08
N GLN Q 17 32.04 -53.11 -37.55
CA GLN Q 17 31.82 -53.40 -38.97
C GLN Q 17 31.77 -52.13 -39.81
N VAL Q 18 31.21 -51.07 -39.26
CA VAL Q 18 30.99 -49.83 -39.98
C VAL Q 18 31.56 -48.68 -39.18
N LYS Q 19 32.21 -47.75 -39.88
CA LYS Q 19 32.74 -46.53 -39.30
C LYS Q 19 31.95 -45.36 -39.84
N LEU Q 20 31.52 -44.46 -38.95
CA LEU Q 20 30.83 -43.27 -39.41
C LEU Q 20 31.82 -42.34 -40.08
N ARG Q 21 31.37 -41.71 -41.15
CA ARG Q 21 32.20 -40.75 -41.85
C ARG Q 21 31.32 -39.60 -42.30
N LYS Q 22 31.96 -38.48 -42.65
CA LYS Q 22 31.28 -37.19 -42.75
C LYS Q 22 31.52 -36.61 -44.13
N PRO Q 23 30.82 -37.11 -45.15
CA PRO Q 23 31.06 -36.62 -46.51
C PRO Q 23 30.72 -35.15 -46.69
N GLY Q 24 31.67 -34.41 -47.29
CA GLY Q 24 31.51 -33.03 -47.64
C GLY Q 24 31.61 -32.04 -46.50
N PHE Q 25 32.05 -32.44 -45.32
CA PHE Q 25 31.90 -31.62 -44.11
C PHE Q 25 33.24 -31.18 -43.56
N ALA Q 26 33.35 -29.88 -43.29
CA ALA Q 26 34.39 -29.39 -42.39
C ALA Q 26 33.82 -28.34 -41.45
N VAL Q 27 34.57 -28.11 -40.38
CA VAL Q 27 34.18 -27.22 -39.30
C VAL Q 27 35.40 -26.50 -38.76
N ALA Q 28 35.24 -25.21 -38.51
CA ALA Q 28 36.21 -24.42 -37.74
C ALA Q 28 35.65 -24.22 -36.35
N LYS Q 29 36.28 -24.85 -35.37
CA LYS Q 29 35.85 -24.71 -33.99
C LYS Q 29 36.59 -23.55 -33.34
N TYR Q 30 35.91 -22.94 -32.37
CA TYR Q 30 36.44 -21.91 -31.48
C TYR Q 30 36.86 -20.64 -32.20
N VAL Q 31 36.36 -20.41 -33.42
CA VAL Q 31 36.69 -19.18 -34.13
C VAL Q 31 36.23 -18.00 -33.30
N ARG Q 32 37.11 -17.03 -33.12
CA ARG Q 32 36.88 -16.00 -32.09
C ARG Q 32 36.03 -14.84 -32.64
N MET Q 33 34.76 -15.14 -32.87
CA MET Q 33 33.80 -14.20 -33.44
C MET Q 33 32.42 -14.48 -32.87
N SER Q 34 31.55 -13.49 -32.98
CA SER Q 34 30.19 -13.66 -32.45
C SER Q 34 29.29 -14.42 -33.41
N PRO Q 35 28.64 -15.48 -32.95
CA PRO Q 35 27.87 -16.31 -33.86
C PRO Q 35 26.80 -15.57 -34.65
N ARG Q 36 26.11 -14.58 -34.08
CA ARG Q 36 25.05 -13.96 -34.87
C ARG Q 36 25.60 -13.15 -36.04
N LYS Q 37 26.82 -12.60 -35.90
CA LYS Q 37 27.51 -11.95 -37.03
C LYS Q 37 27.86 -12.94 -38.13
N VAL Q 38 28.55 -14.00 -37.72
CA VAL Q 38 29.02 -14.96 -38.66
C VAL Q 38 27.82 -15.54 -39.36
N ARG Q 39 26.70 -15.56 -38.66
CA ARG Q 39 25.46 -16.05 -39.27
C ARG Q 39 24.96 -15.13 -40.36
N LEU Q 40 25.10 -13.82 -40.21
CA LEU Q 40 24.67 -12.94 -41.32
C LEU Q 40 25.36 -13.34 -42.62
N VAL Q 41 26.68 -13.50 -42.55
CA VAL Q 41 27.38 -13.82 -43.82
C VAL Q 41 27.14 -15.28 -44.26
N VAL Q 42 27.12 -16.23 -43.31
CA VAL Q 42 26.86 -17.63 -43.64
C VAL Q 42 25.48 -17.78 -44.30
N ASP Q 43 24.50 -17.03 -43.83
CA ASP Q 43 23.22 -17.07 -44.50
C ASP Q 43 23.34 -16.60 -45.94
N VAL Q 44 24.27 -15.67 -46.21
CA VAL Q 44 24.44 -15.28 -47.62
C VAL Q 44 24.95 -16.44 -48.48
N ILE Q 45 25.79 -17.31 -47.91
CA ILE Q 45 26.28 -18.49 -48.66
C ILE Q 45 25.18 -19.50 -48.98
N ARG Q 46 24.29 -19.77 -48.02
CA ARG Q 46 23.67 -21.09 -47.90
C ARG Q 46 22.84 -21.47 -49.11
N GLY Q 47 23.18 -22.63 -49.71
CA GLY Q 47 22.47 -23.24 -50.83
C GLY Q 47 22.94 -22.81 -52.21
N LYS Q 48 23.87 -21.87 -52.27
CA LYS Q 48 24.45 -21.42 -53.53
C LYS Q 48 25.44 -22.44 -54.08
N SER Q 49 25.62 -22.40 -55.41
CA SER Q 49 26.62 -23.24 -56.04
C SER Q 49 28.00 -22.86 -55.49
N VAL Q 50 28.81 -23.88 -55.21
CA VAL Q 50 29.98 -23.70 -54.36
C VAL Q 50 30.95 -22.69 -54.94
N GLN Q 51 30.93 -22.49 -56.25
CA GLN Q 51 31.77 -21.47 -56.84
C GLN Q 51 31.29 -20.09 -56.46
N ASP Q 52 29.98 -19.85 -56.58
CA ASP Q 52 29.44 -18.55 -56.20
C ASP Q 52 29.79 -18.25 -54.77
N ALA Q 53 29.74 -19.24 -53.93
CA ALA Q 53 30.03 -18.99 -52.53
C ALA Q 53 31.46 -18.50 -52.37
N GLU Q 54 32.39 -19.06 -53.14
CA GLU Q 54 33.74 -18.51 -53.12
C GLU Q 54 33.77 -17.11 -53.72
N ASP Q 55 32.88 -16.86 -54.68
CA ASP Q 55 32.85 -15.58 -55.37
C ASP Q 55 32.20 -14.51 -54.50
N LEU Q 56 31.05 -14.83 -53.88
CA LEU Q 56 30.36 -13.87 -53.00
C LEU Q 56 31.19 -13.51 -51.80
N LEU Q 57 31.96 -14.44 -51.27
CA LEU Q 57 32.69 -14.16 -50.05
C LEU Q 57 33.93 -13.29 -50.25
N ARG Q 58 34.41 -13.09 -51.46
CA ARG Q 58 35.51 -12.15 -51.51
C ARG Q 58 35.04 -10.70 -51.58
N PHE Q 59 33.77 -10.47 -51.82
CA PHE Q 59 33.27 -9.12 -51.91
C PHE Q 59 32.31 -8.73 -50.82
N ILE Q 60 31.76 -9.70 -50.10
CA ILE Q 60 31.08 -9.32 -48.87
C ILE Q 60 32.09 -8.66 -47.96
N PRO Q 61 31.74 -7.50 -47.37
CA PRO Q 61 32.73 -6.65 -46.71
C PRO Q 61 32.75 -6.84 -45.21
N ARG Q 62 32.23 -7.98 -44.77
CA ARG Q 62 32.27 -8.30 -43.36
C ARG Q 62 33.52 -9.05 -42.97
N SER Q 63 33.97 -8.80 -41.74
CA SER Q 63 35.19 -9.41 -41.23
C SER Q 63 35.08 -10.94 -41.16
N ALA Q 64 33.87 -11.45 -40.92
CA ALA Q 64 33.62 -12.89 -40.82
C ALA Q 64 33.84 -13.62 -42.12
N SER Q 65 33.84 -12.91 -43.25
CA SER Q 65 34.01 -13.58 -44.53
C SER Q 65 35.30 -14.37 -44.58
N GLU Q 66 36.36 -13.91 -43.89
CA GLU Q 66 37.61 -14.65 -43.98
C GLU Q 66 37.51 -16.02 -43.31
N PRO Q 67 37.20 -16.13 -42.03
CA PRO Q 67 37.07 -17.49 -41.48
C PRO Q 67 36.05 -18.34 -42.22
N VAL Q 68 34.96 -17.73 -42.67
CA VAL Q 68 33.91 -18.51 -43.33
C VAL Q 68 34.39 -19.03 -44.67
N ALA Q 69 35.27 -18.30 -45.32
CA ALA Q 69 35.75 -18.79 -46.61
C ALA Q 69 36.73 -19.93 -46.43
N LYS Q 70 37.62 -19.81 -45.46
CA LYS Q 70 38.61 -20.86 -45.22
C LYS Q 70 37.96 -22.18 -44.82
N VAL Q 71 36.80 -22.13 -44.14
CA VAL Q 71 36.04 -23.35 -43.94
C VAL Q 71 35.47 -23.84 -45.25
N LEU Q 72 34.91 -22.95 -46.06
CA LEU Q 72 34.32 -23.44 -47.30
C LEU Q 72 35.37 -24.10 -48.18
N ASN Q 73 36.60 -23.58 -48.18
CA ASN Q 73 37.58 -24.23 -49.03
C ASN Q 73 37.90 -25.61 -48.50
N SER Q 74 37.93 -25.76 -47.17
CA SER Q 74 38.24 -27.06 -46.60
C SER Q 74 37.15 -28.09 -46.90
N ALA Q 75 35.89 -27.64 -46.93
CA ALA Q 75 34.80 -28.50 -47.35
C ALA Q 75 34.93 -28.90 -48.80
N LYS Q 76 35.28 -27.95 -49.67
CA LYS Q 76 35.52 -28.28 -51.08
C LYS Q 76 36.63 -29.30 -51.19
N ALA Q 77 37.66 -29.15 -50.37
CA ALA Q 77 38.83 -30.00 -50.43
C ALA Q 77 38.49 -31.43 -50.01
N ASN Q 78 37.81 -31.58 -48.89
CA ASN Q 78 37.51 -32.92 -48.45
C ASN Q 78 36.58 -33.62 -49.42
N ALA Q 79 35.64 -32.88 -50.02
CA ALA Q 79 34.73 -33.50 -50.96
C ALA Q 79 35.48 -34.05 -52.15
N LEU Q 80 36.65 -33.49 -52.44
CA LEU Q 80 37.40 -33.90 -53.61
C LEU Q 80 38.47 -34.92 -53.23
N HIS Q 81 39.39 -34.54 -52.35
CA HIS Q 81 40.50 -35.42 -52.02
C HIS Q 81 40.02 -36.71 -51.35
N ASN Q 82 39.20 -36.60 -50.31
CA ASN Q 82 38.81 -37.75 -49.50
C ASN Q 82 37.56 -38.45 -50.02
N ASP Q 83 36.58 -37.69 -50.50
CA ASP Q 83 35.27 -38.22 -50.83
C ASP Q 83 35.09 -38.36 -52.33
N GLU Q 84 36.11 -38.00 -53.11
CA GLU Q 84 36.21 -38.29 -54.55
C GLU Q 84 34.96 -37.88 -55.34
N MET Q 85 34.37 -36.76 -54.95
CA MET Q 85 33.31 -36.10 -55.71
C MET Q 85 33.91 -35.30 -56.87
N LEU Q 86 33.08 -35.06 -57.89
CA LEU Q 86 33.47 -34.13 -58.95
C LEU Q 86 32.95 -32.72 -58.63
N GLU Q 87 33.81 -31.72 -58.81
CA GLU Q 87 33.68 -30.42 -58.19
C GLU Q 87 32.88 -29.40 -59.02
N ASP Q 88 32.53 -29.71 -60.26
CA ASP Q 88 31.57 -28.90 -60.99
C ASP Q 88 30.12 -29.25 -60.65
N ARG Q 89 29.91 -30.27 -59.81
CA ARG Q 89 28.63 -30.58 -59.20
C ARG Q 89 28.45 -29.97 -57.80
N LEU Q 90 29.53 -29.53 -57.15
CA LEU Q 90 29.44 -29.20 -55.74
C LEU Q 90 28.58 -27.95 -55.50
N PHE Q 91 27.91 -27.94 -54.35
CA PHE Q 91 27.18 -26.77 -53.85
C PHE Q 91 27.00 -26.96 -52.35
N VAL Q 92 26.69 -25.87 -51.66
CA VAL Q 92 26.65 -25.88 -50.20
C VAL Q 92 25.28 -26.41 -49.76
N LYS Q 93 25.22 -27.71 -49.47
CA LYS Q 93 23.96 -28.27 -49.02
C LYS Q 93 23.58 -27.77 -47.64
N GLU Q 94 24.56 -27.65 -46.74
CA GLU Q 94 24.28 -27.17 -45.38
C GLU Q 94 25.40 -26.24 -44.94
N ALA Q 95 25.04 -25.25 -44.12
CA ALA Q 95 26.03 -24.40 -43.45
C ALA Q 95 25.34 -23.71 -42.30
N TYR Q 96 26.08 -23.51 -41.20
CA TYR Q 96 25.38 -23.20 -39.97
C TYR Q 96 26.42 -22.94 -38.89
N VAL Q 97 26.16 -21.97 -38.03
CA VAL Q 97 27.13 -21.61 -37.02
C VAL Q 97 26.50 -21.77 -35.64
N ASP Q 98 27.28 -22.32 -34.71
CA ASP Q 98 26.80 -22.54 -33.36
C ASP Q 98 27.78 -21.90 -32.38
N ALA Q 99 27.34 -21.78 -31.14
CA ALA Q 99 28.13 -21.16 -30.08
C ALA Q 99 29.41 -21.92 -29.79
N GLY Q 100 30.39 -21.23 -29.25
CA GLY Q 100 31.53 -21.91 -28.71
C GLY Q 100 31.58 -21.68 -27.22
N PRO Q 101 32.73 -21.85 -26.60
CA PRO Q 101 32.89 -21.32 -25.26
C PRO Q 101 32.84 -19.82 -25.31
N THR Q 102 32.99 -19.18 -24.15
CA THR Q 102 32.93 -17.73 -24.08
C THR Q 102 33.99 -17.25 -23.09
N LEU Q 103 34.95 -16.49 -23.61
CA LEU Q 103 35.91 -15.81 -22.77
C LEU Q 103 35.18 -14.67 -22.07
N LYS Q 104 35.64 -14.32 -20.87
CA LYS Q 104 34.97 -13.23 -20.17
C LYS Q 104 36.03 -12.33 -19.52
N ARG Q 105 35.81 -11.01 -19.55
CA ARG Q 105 36.61 -10.15 -18.67
C ARG Q 105 35.79 -9.16 -17.88
N LEU Q 106 36.28 -8.87 -16.67
CA LEU Q 106 35.87 -7.67 -15.97
C LEU Q 106 36.35 -6.45 -16.74
N ILE Q 107 35.50 -5.44 -16.85
CA ILE Q 107 35.88 -4.16 -17.41
C ILE Q 107 35.37 -3.10 -16.46
N PRO Q 108 36.24 -2.30 -15.86
CA PRO Q 108 35.79 -1.33 -14.85
C PRO Q 108 34.83 -0.30 -15.44
N ARG Q 109 33.85 0.11 -14.63
CA ARG Q 109 32.93 1.17 -15.03
C ARG Q 109 32.84 2.30 -14.00
N ALA Q 110 31.90 3.18 -14.22
CA ALA Q 110 31.80 4.32 -13.35
C ALA Q 110 31.48 3.87 -11.93
N ARG Q 111 32.00 4.63 -10.97
CA ARG Q 111 31.64 4.65 -9.56
C ARG Q 111 32.20 3.47 -8.81
N GLY Q 112 32.84 2.51 -9.49
CA GLY Q 112 33.48 1.37 -8.84
C GLY Q 112 33.08 0.02 -9.42
N SER Q 113 31.88 -0.05 -9.98
CA SER Q 113 31.34 -1.34 -10.41
C SER Q 113 32.06 -1.86 -11.64
N ALA Q 114 32.16 -3.18 -11.71
CA ALA Q 114 32.61 -3.83 -12.92
C ALA Q 114 31.42 -4.27 -13.77
N ASN Q 115 31.70 -4.70 -14.98
CA ASN Q 115 30.84 -5.63 -15.68
C ASN Q 115 31.67 -6.80 -16.20
N ILE Q 116 30.96 -7.85 -16.59
CA ILE Q 116 31.54 -8.96 -17.32
C ILE Q 116 31.21 -8.78 -18.79
N ILE Q 117 32.22 -8.85 -19.63
CA ILE Q 117 31.99 -8.77 -21.06
C ILE Q 117 32.35 -10.10 -21.72
N LYS Q 118 31.48 -10.49 -22.65
CA LYS Q 118 31.43 -11.82 -23.26
C LYS Q 118 32.15 -11.78 -24.62
N LYS Q 119 33.40 -12.25 -24.67
CA LYS Q 119 34.07 -12.51 -25.93
C LYS Q 119 33.61 -13.86 -26.41
N ARG Q 120 32.78 -13.89 -27.44
CA ARG Q 120 32.13 -15.10 -27.90
C ARG Q 120 32.88 -15.70 -29.08
N THR Q 121 32.93 -17.04 -29.13
CA THR Q 121 33.57 -17.81 -30.19
C THR Q 121 32.51 -18.43 -31.09
N SER Q 122 32.95 -19.12 -32.14
CA SER Q 122 32.01 -19.76 -33.07
C SER Q 122 32.52 -21.09 -33.57
N HIS Q 123 31.60 -22.06 -33.72
CA HIS Q 123 31.86 -23.27 -34.48
C HIS Q 123 31.11 -23.12 -35.79
N ILE Q 124 31.87 -22.82 -36.85
CA ILE Q 124 31.32 -22.51 -38.16
C ILE Q 124 31.42 -23.78 -38.96
N THR Q 125 30.33 -24.32 -39.49
CA THR Q 125 30.54 -25.53 -40.26
C THR Q 125 29.80 -25.47 -41.59
N ILE Q 126 30.39 -26.17 -42.57
CA ILE Q 126 29.87 -26.21 -43.92
C ILE Q 126 29.92 -27.64 -44.42
N ILE Q 127 28.94 -27.96 -45.27
CA ILE Q 127 28.69 -29.31 -45.76
C ILE Q 127 28.28 -29.19 -47.22
N VAL Q 128 29.18 -29.59 -48.12
CA VAL Q 128 28.99 -29.52 -49.57
C VAL Q 128 28.56 -30.89 -50.07
N ALA Q 129 27.91 -30.89 -51.23
CA ALA Q 129 27.39 -32.11 -51.82
C ALA Q 129 27.16 -31.84 -53.29
N GLU Q 130 27.05 -32.91 -54.07
CA GLU Q 130 26.85 -32.74 -55.50
C GLU Q 130 25.41 -32.31 -55.80
N LYS Q 131 25.24 -31.51 -56.84
CA LYS Q 131 23.94 -31.04 -57.28
C LYS Q 131 23.23 -32.04 -58.14
N GLY Q 132 23.72 -33.30 -58.10
CA GLY Q 132 23.06 -34.49 -58.63
C GLY Q 132 21.86 -34.96 -57.81
N ASN Q 133 21.52 -34.20 -56.75
CA ASN Q 133 20.13 -34.00 -56.36
C ASN Q 133 19.49 -33.05 -57.39
N LYS Q 134 18.47 -33.56 -58.10
CA LYS Q 134 18.07 -33.17 -59.47
C LYS Q 134 19.06 -33.76 -60.50
N SER R 1 88.48 -24.19 -0.98
CA SER R 1 88.65 -22.80 -0.56
C SER R 1 88.39 -21.82 -1.68
N HIS R 2 89.50 -21.39 -2.28
CA HIS R 2 89.47 -20.47 -3.41
C HIS R 2 88.81 -21.06 -4.65
N TYR R 3 88.93 -22.37 -4.87
CA TYR R 3 88.40 -22.95 -6.11
C TYR R 3 86.89 -22.78 -6.20
N ASP R 4 86.19 -23.06 -5.11
CA ASP R 4 84.72 -23.03 -5.12
C ASP R 4 84.13 -21.68 -4.73
N ILE R 5 84.96 -20.64 -4.56
CA ILE R 5 84.47 -19.25 -4.56
C ILE R 5 84.10 -18.83 -5.98
N LEU R 6 84.99 -19.12 -6.93
CA LEU R 6 84.72 -18.81 -8.33
C LEU R 6 83.59 -19.68 -8.83
N GLN R 7 82.66 -19.06 -9.56
CA GLN R 7 81.43 -19.73 -9.95
C GLN R 7 81.60 -20.39 -11.31
N ALA R 8 81.65 -19.59 -12.36
CA ALA R 8 81.71 -20.01 -13.75
C ALA R 8 81.93 -18.78 -14.61
N PRO R 9 82.76 -18.85 -15.66
CA PRO R 9 83.03 -17.63 -16.42
C PRO R 9 81.78 -17.07 -17.07
N VAL R 10 81.71 -15.74 -17.14
CA VAL R 10 80.68 -15.11 -17.93
C VAL R 10 80.88 -15.51 -19.38
N ILE R 11 79.80 -15.89 -20.04
CA ILE R 11 79.87 -16.10 -21.49
C ILE R 11 78.95 -15.04 -22.09
N SER R 12 79.57 -13.97 -22.56
CA SER R 12 78.85 -12.87 -23.17
C SER R 12 79.73 -12.25 -24.22
N GLU R 13 79.11 -11.91 -25.33
CA GLU R 13 79.81 -11.24 -26.41
C GLU R 13 80.51 -9.98 -25.92
N LYS R 14 79.89 -9.25 -24.99
CA LYS R 14 80.59 -8.14 -24.35
C LYS R 14 81.74 -8.65 -23.49
N ALA R 15 81.52 -9.73 -22.74
CA ALA R 15 82.57 -10.24 -21.86
C ALA R 15 83.74 -10.82 -22.63
N TYR R 16 83.47 -11.31 -23.85
CA TYR R 16 84.52 -11.93 -24.65
C TYR R 16 85.34 -10.89 -25.39
N SER R 17 84.73 -9.78 -25.80
CA SER R 17 85.55 -8.71 -26.33
C SER R 17 86.48 -8.15 -25.26
N ALA R 18 86.01 -8.10 -24.01
CA ALA R 18 86.88 -7.71 -22.91
C ALA R 18 87.97 -8.71 -22.65
N MET R 19 87.75 -9.96 -23.09
CA MET R 19 88.78 -10.98 -23.00
C MET R 19 90.03 -10.55 -23.73
N GLU R 20 89.87 -9.80 -24.82
CA GLU R 20 90.94 -9.31 -25.69
C GLU R 20 91.67 -8.12 -25.10
N ARG R 21 91.12 -7.50 -24.07
CA ARG R 21 91.72 -6.35 -23.41
C ARG R 21 92.57 -6.76 -22.22
N GLY R 22 92.69 -8.06 -21.94
CA GLY R 22 93.24 -8.52 -20.70
C GLY R 22 92.24 -8.51 -19.55
N VAL R 23 91.00 -8.19 -19.85
CA VAL R 23 89.92 -8.12 -18.87
C VAL R 23 89.22 -9.47 -18.81
N TYR R 24 88.94 -9.95 -17.60
CA TYR R 24 88.30 -11.25 -17.42
C TYR R 24 87.08 -11.08 -16.52
N SER R 25 86.03 -11.80 -16.87
CA SER R 25 84.71 -11.55 -16.32
C SER R 25 84.12 -12.87 -15.87
N PHE R 26 83.89 -13.02 -14.56
CA PHE R 26 83.16 -14.22 -14.19
C PHE R 26 82.41 -14.08 -12.89
N TRP R 27 81.37 -14.91 -12.78
CA TRP R 27 80.44 -14.93 -11.67
C TRP R 27 81.13 -15.51 -10.44
N VAL R 28 80.65 -15.12 -9.27
CA VAL R 28 81.15 -15.66 -8.01
C VAL R 28 79.99 -15.80 -7.03
N SER R 29 80.29 -16.48 -5.92
CA SER R 29 79.31 -16.62 -4.86
C SER R 29 79.04 -15.24 -4.25
N PRO R 30 77.78 -14.79 -4.22
CA PRO R 30 77.50 -13.38 -3.90
C PRO R 30 77.98 -12.92 -2.54
N LYS R 31 78.08 -13.80 -1.58
CA LYS R 31 78.45 -13.35 -0.24
C LYS R 31 79.95 -13.13 -0.08
N ALA R 32 80.75 -13.41 -1.11
CA ALA R 32 82.18 -13.16 -1.07
C ALA R 32 82.49 -11.67 -1.31
N THR R 33 83.67 -11.24 -0.84
CA THR R 33 84.11 -9.87 -0.97
C THR R 33 85.18 -9.73 -2.05
N LYS R 34 85.63 -8.49 -2.25
CA LYS R 34 86.64 -8.22 -3.27
C LYS R 34 88.01 -8.75 -2.86
N THR R 35 88.40 -8.55 -1.61
CA THR R 35 89.75 -8.95 -1.22
C THR R 35 89.98 -10.44 -1.44
N GLU R 36 89.07 -11.26 -0.93
CA GLU R 36 89.17 -12.70 -1.12
C GLU R 36 88.91 -13.11 -2.56
N ILE R 37 88.06 -12.37 -3.29
CA ILE R 37 87.85 -12.75 -4.69
C ILE R 37 89.14 -12.53 -5.48
N LYS R 38 89.90 -11.49 -5.14
CA LYS R 38 91.13 -11.23 -5.87
C LYS R 38 92.19 -12.26 -5.51
N ASP R 39 92.38 -12.53 -4.22
CA ASP R 39 93.41 -13.52 -3.94
C ASP R 39 93.00 -14.89 -4.46
N ALA R 40 91.69 -15.13 -4.65
CA ALA R 40 91.24 -16.37 -5.26
C ALA R 40 91.61 -16.42 -6.73
N ILE R 41 91.34 -15.34 -7.46
CA ILE R 41 91.67 -15.34 -8.88
C ILE R 41 93.16 -15.61 -9.06
N GLN R 42 93.99 -14.98 -8.22
CA GLN R 42 95.43 -15.02 -8.43
C GLN R 42 96.13 -16.19 -7.75
N GLN R 43 95.55 -16.79 -6.71
CA GLN R 43 95.97 -18.12 -6.28
C GLN R 43 95.68 -19.15 -7.35
N ALA R 44 94.57 -18.98 -8.08
CA ALA R 44 94.14 -20.01 -9.01
C ALA R 44 94.90 -19.93 -10.34
N PHE R 45 95.10 -18.73 -10.87
CA PHE R 45 95.65 -18.58 -12.21
C PHE R 45 97.05 -18.00 -12.21
N GLY R 46 97.60 -17.67 -11.03
CA GLY R 46 98.99 -17.31 -10.89
C GLY R 46 99.39 -15.90 -11.28
N VAL R 47 98.43 -14.98 -11.42
CA VAL R 47 98.65 -13.70 -12.08
C VAL R 47 98.33 -12.55 -11.14
N ARG R 48 99.09 -11.46 -11.22
CA ARG R 48 98.78 -10.26 -10.45
C ARG R 48 97.46 -9.63 -10.88
N VAL R 49 96.68 -9.21 -9.90
CA VAL R 49 95.44 -8.46 -10.11
C VAL R 49 95.69 -7.01 -9.72
N ILE R 50 95.42 -6.09 -10.66
CA ILE R 50 95.54 -4.66 -10.38
C ILE R 50 94.20 -3.94 -10.44
N GLY R 51 93.13 -4.60 -10.85
CA GLY R 51 91.86 -3.90 -10.86
C GLY R 51 90.63 -4.77 -10.66
N ILE R 52 89.88 -4.55 -9.59
CA ILE R 52 88.67 -5.31 -9.34
C ILE R 52 87.46 -4.40 -9.39
N SER R 53 86.35 -4.95 -9.88
CA SER R 53 85.05 -4.35 -9.66
C SER R 53 84.05 -5.50 -9.55
N THR R 54 82.97 -5.25 -8.82
CA THR R 54 82.00 -6.28 -8.50
C THR R 54 80.60 -5.68 -8.49
N MET R 55 79.60 -6.53 -8.64
CA MET R 55 78.21 -6.06 -8.74
C MET R 55 77.21 -7.18 -8.44
N ASN R 56 76.38 -6.99 -7.43
CA ASN R 56 75.29 -7.90 -7.17
C ASN R 56 74.27 -7.83 -8.30
N VAL R 57 73.73 -8.98 -8.69
CA VAL R 57 72.79 -9.06 -9.79
C VAL R 57 71.60 -9.91 -9.39
N PRO R 58 70.37 -9.38 -9.44
CA PRO R 58 69.19 -10.16 -9.03
C PRO R 58 68.95 -11.35 -9.95
N GLY R 59 68.35 -12.40 -9.39
CA GLY R 59 67.85 -13.46 -10.24
C GLY R 59 66.64 -12.98 -11.04
N LYS R 60 66.66 -13.26 -12.35
CA LYS R 60 65.47 -13.01 -13.17
C LYS R 60 64.31 -13.85 -12.65
N ARG R 61 63.10 -13.34 -12.84
CA ARG R 61 61.91 -13.98 -12.29
C ARG R 61 61.17 -14.67 -13.44
N LYS R 62 61.70 -15.81 -13.85
CA LYS R 62 61.06 -16.64 -14.87
C LYS R 62 59.89 -17.41 -14.25
N ARG R 63 58.99 -17.88 -15.11
CA ARG R 63 57.84 -18.71 -14.73
C ARG R 63 57.69 -19.89 -15.68
N VAL R 64 57.75 -21.13 -15.12
CA VAL R 64 57.47 -22.33 -15.90
C VAL R 64 56.08 -22.82 -15.55
N GLY R 65 55.43 -23.48 -16.50
CA GLY R 65 54.32 -24.33 -16.16
C GLY R 65 53.13 -23.63 -15.56
N ARG R 66 53.10 -22.29 -15.61
CA ARG R 66 52.09 -21.49 -14.92
C ARG R 66 52.10 -21.71 -13.38
N PHE R 67 53.28 -22.01 -12.85
CA PHE R 67 53.65 -21.77 -11.45
C PHE R 67 54.61 -20.60 -11.44
N ILE R 68 54.24 -19.47 -10.83
CA ILE R 68 55.14 -18.32 -10.89
C ILE R 68 56.46 -18.66 -10.24
N GLY R 69 57.52 -18.23 -10.88
CA GLY R 69 58.85 -18.66 -10.55
C GLY R 69 59.52 -17.75 -9.56
N GLN R 70 60.82 -17.91 -9.46
CA GLN R 70 61.62 -17.16 -8.54
C GLN R 70 62.84 -16.64 -9.26
N ARG R 71 63.63 -15.93 -8.48
CA ARG R 71 64.95 -15.46 -8.81
C ARG R 71 65.98 -16.60 -8.73
N ASN R 72 67.25 -16.25 -8.87
CA ASN R 72 68.33 -17.18 -9.05
C ASN R 72 69.51 -16.63 -8.23
N ASP R 73 69.85 -15.34 -8.48
CA ASP R 73 70.74 -14.44 -7.71
C ASP R 73 72.24 -14.67 -7.88
N ARG R 74 72.97 -13.73 -8.48
CA ARG R 74 74.40 -13.90 -8.77
C ARG R 74 75.17 -12.63 -8.39
N LYS R 75 76.50 -12.63 -8.68
CA LYS R 75 77.42 -11.50 -8.38
C LYS R 75 78.61 -11.56 -9.32
N LYS R 76 78.40 -11.10 -10.55
CA LYS R 76 79.48 -11.01 -11.53
C LYS R 76 80.58 -10.07 -11.07
N ALA R 77 81.83 -10.50 -11.25
CA ALA R 77 82.99 -9.69 -10.95
C ALA R 77 83.87 -9.58 -12.18
N ILE R 78 84.35 -8.36 -12.44
CA ILE R 78 85.24 -8.08 -13.55
C ILE R 78 86.62 -7.73 -13.00
N VAL R 79 87.65 -8.19 -13.68
CA VAL R 79 89.01 -8.09 -13.15
C VAL R 79 89.98 -7.78 -14.28
N ARG R 80 90.91 -6.86 -14.02
CA ARG R 80 92.00 -6.52 -14.91
C ARG R 80 93.31 -6.89 -14.25
N LEU R 81 94.15 -7.59 -15.00
CA LEU R 81 95.43 -8.11 -14.56
C LEU R 81 96.54 -7.11 -14.86
N ALA R 82 97.74 -7.44 -14.41
CA ALA R 82 98.96 -6.74 -14.84
C ALA R 82 99.23 -6.94 -16.33
N GLU R 83 100.41 -6.53 -16.82
CA GLU R 83 100.74 -6.79 -18.22
C GLU R 83 100.91 -8.27 -18.51
N GLY R 84 101.21 -9.09 -17.49
CA GLY R 84 101.16 -10.54 -17.59
C GLY R 84 99.72 -11.02 -17.68
N GLN R 85 99.12 -10.81 -18.85
CA GLN R 85 97.69 -10.82 -19.08
C GLN R 85 97.14 -12.20 -19.42
N SER R 86 97.95 -13.25 -19.32
CA SER R 86 97.47 -14.58 -19.61
C SER R 86 96.41 -15.02 -18.60
N ILE R 87 95.53 -15.93 -19.03
CA ILE R 87 94.87 -16.84 -18.12
C ILE R 87 95.28 -18.28 -18.47
N GLU R 88 94.31 -19.16 -18.67
CA GLU R 88 94.61 -20.49 -19.19
C GLU R 88 94.68 -20.51 -20.72
N ALA R 89 94.53 -19.33 -21.34
CA ALA R 89 94.38 -19.08 -22.78
C ALA R 89 92.99 -19.50 -23.25
N LEU R 90 92.20 -20.08 -22.35
CA LEU R 90 90.95 -20.74 -22.70
C LEU R 90 89.89 -19.65 -22.93
N ALA R 91 90.00 -19.02 -24.10
CA ALA R 91 89.19 -17.88 -24.49
C ALA R 91 88.57 -18.14 -25.86
N GLY R 92 87.24 -18.16 -25.91
CA GLY R 92 86.50 -18.45 -27.13
C GLY R 92 85.03 -18.76 -26.91
N PRO S 1 46.48 -41.38 -8.28
CA PRO S 1 46.07 -42.74 -7.85
C PRO S 1 47.30 -43.55 -7.49
N SER S 2 47.37 -44.11 -6.28
CA SER S 2 48.54 -44.93 -6.03
C SER S 2 48.43 -46.19 -6.90
N ALA S 3 49.58 -46.71 -7.33
CA ALA S 3 49.53 -47.69 -8.41
C ALA S 3 50.61 -48.75 -8.22
N GLY S 4 50.31 -49.93 -8.79
CA GLY S 4 51.28 -50.99 -9.06
C GLY S 4 51.71 -51.75 -7.83
N SER S 5 51.84 -51.07 -6.70
CA SER S 5 52.41 -51.67 -5.51
C SER S 5 51.36 -52.27 -4.58
N HIS S 6 50.12 -52.48 -5.05
CA HIS S 6 49.22 -53.35 -4.30
C HIS S 6 49.86 -54.73 -4.16
N HIS S 7 50.74 -55.05 -5.09
CA HIS S 7 51.54 -56.26 -5.04
C HIS S 7 52.81 -56.06 -4.25
N ASN S 8 52.69 -55.31 -3.16
CA ASN S 8 53.74 -55.15 -2.15
C ASN S 8 55.09 -54.88 -2.81
N ASP S 9 55.01 -54.27 -3.99
CA ASP S 9 56.15 -53.68 -4.65
C ASP S 9 57.20 -54.75 -4.96
N LYS S 10 56.75 -55.99 -5.10
CA LYS S 10 57.57 -57.15 -5.36
C LYS S 10 57.28 -57.68 -6.76
N LEU S 11 58.31 -58.24 -7.40
CA LEU S 11 58.12 -59.00 -8.62
C LEU S 11 58.17 -60.50 -8.35
N HIS S 12 57.35 -61.23 -9.11
CA HIS S 12 57.34 -62.69 -9.07
C HIS S 12 58.21 -63.28 -10.17
N PHE S 13 59.33 -62.65 -10.49
CA PHE S 13 60.24 -63.09 -11.54
C PHE S 13 61.38 -62.09 -11.67
N LYS S 14 62.37 -62.45 -12.50
CA LYS S 14 63.68 -61.79 -12.59
C LYS S 14 63.88 -61.20 -13.98
N LYS S 15 64.98 -60.43 -14.12
CA LYS S 15 65.22 -59.63 -15.32
C LYS S 15 65.46 -60.47 -16.57
N GLY S 16 66.01 -61.68 -16.43
CA GLY S 16 66.34 -62.47 -17.59
C GLY S 16 65.57 -63.76 -17.79
N ASP S 17 64.46 -63.94 -17.08
CA ASP S 17 63.73 -65.21 -17.13
C ASP S 17 62.95 -65.39 -18.43
N THR S 18 62.87 -66.66 -18.84
CA THR S 18 61.84 -67.08 -19.79
C THR S 18 60.48 -67.10 -19.09
N VAL S 19 59.45 -66.62 -19.80
CA VAL S 19 58.12 -66.50 -19.22
C VAL S 19 57.07 -66.66 -20.33
N ILE S 20 55.87 -67.06 -19.93
CA ILE S 20 54.74 -67.23 -20.83
C ILE S 20 53.61 -66.28 -20.43
N VAL S 21 52.85 -65.84 -21.41
CA VAL S 21 51.71 -64.96 -21.19
C VAL S 21 50.45 -65.81 -21.10
N LEU S 22 49.66 -65.60 -20.06
CA LEU S 22 48.23 -65.86 -20.13
C LEU S 22 47.52 -64.56 -19.80
N SER S 23 46.47 -64.25 -20.56
CA SER S 23 45.84 -62.94 -20.46
C SER S 23 44.87 -62.77 -21.61
N GLY S 24 45.35 -62.18 -22.70
CA GLY S 24 44.53 -61.81 -23.84
C GLY S 24 45.08 -62.32 -25.15
N LYS S 25 45.39 -61.42 -26.09
CA LYS S 25 45.77 -61.86 -27.42
C LYS S 25 46.99 -62.76 -27.36
N HIS S 26 47.86 -62.55 -26.37
CA HIS S 26 49.16 -63.19 -26.29
C HIS S 26 49.18 -64.41 -25.36
N LYS S 27 48.01 -64.94 -25.00
CA LYS S 27 47.98 -66.06 -24.06
C LYS S 27 48.72 -67.25 -24.67
N GLY S 28 49.43 -67.98 -23.83
CA GLY S 28 50.14 -69.15 -24.29
C GLY S 28 51.39 -68.85 -25.09
N GLN S 29 51.75 -67.59 -25.26
CA GLN S 29 52.96 -67.26 -26.00
C GLN S 29 54.09 -66.97 -25.01
N THR S 30 55.31 -67.15 -25.48
CA THR S 30 56.49 -67.24 -24.63
C THR S 30 57.54 -66.22 -25.07
N GLY S 31 58.41 -65.86 -24.14
CA GLY S 31 59.50 -64.95 -24.46
C GLY S 31 60.40 -64.72 -23.26
N LYS S 32 61.57 -64.17 -23.56
CA LYS S 32 62.53 -63.78 -22.52
C LYS S 32 62.12 -62.45 -21.89
N VAL S 33 62.29 -62.34 -20.58
CA VAL S 33 62.11 -61.06 -19.91
C VAL S 33 63.23 -60.10 -20.31
N LEU S 34 62.86 -58.85 -20.59
CA LEU S 34 63.82 -57.84 -21.04
C LEU S 34 63.83 -56.64 -20.11
N LEU S 35 62.69 -55.96 -19.94
CA LEU S 35 62.53 -54.92 -18.93
C LEU S 35 61.50 -55.40 -17.91
N ALA S 36 61.86 -55.30 -16.63
CA ALA S 36 60.95 -55.58 -15.54
C ALA S 36 61.02 -54.38 -14.62
N LEU S 37 59.99 -53.53 -14.66
CA LEU S 37 59.88 -52.39 -13.77
C LEU S 37 58.90 -52.78 -12.67
N PRO S 38 59.34 -52.92 -11.43
CA PRO S 38 58.48 -53.55 -10.41
C PRO S 38 57.40 -52.63 -9.87
N ARG S 39 57.72 -51.34 -9.63
CA ARG S 39 56.78 -50.46 -8.94
C ARG S 39 55.62 -50.00 -9.83
N ASP S 40 55.73 -50.17 -11.14
CA ASP S 40 54.60 -50.07 -12.05
C ASP S 40 54.14 -51.40 -12.59
N GLN S 41 54.75 -52.52 -12.13
CA GLN S 41 54.38 -53.87 -12.53
C GLN S 41 54.35 -53.99 -14.06
N LYS S 42 55.41 -53.54 -14.70
CA LYS S 42 55.53 -53.62 -16.15
C LYS S 42 56.54 -54.70 -16.52
N VAL S 43 56.30 -55.34 -17.66
CA VAL S 43 57.16 -56.42 -18.14
C VAL S 43 57.26 -56.33 -19.64
N VAL S 44 58.47 -56.50 -20.19
CA VAL S 44 58.66 -56.55 -21.64
C VAL S 44 59.21 -57.92 -22.00
N VAL S 45 58.54 -58.60 -22.93
CA VAL S 45 58.99 -59.90 -23.42
C VAL S 45 58.97 -59.85 -24.94
N GLU S 46 59.96 -60.50 -25.56
CA GLU S 46 60.06 -60.48 -27.01
C GLU S 46 58.76 -60.97 -27.65
N GLY S 47 58.35 -60.33 -28.74
CA GLY S 47 57.17 -60.77 -29.47
C GLY S 47 55.83 -60.55 -28.78
N VAL S 48 55.48 -59.28 -28.57
CA VAL S 48 54.26 -58.83 -27.91
C VAL S 48 53.97 -57.43 -28.47
N ASN S 49 54.88 -57.01 -29.35
CA ASN S 49 55.25 -55.64 -29.68
C ASN S 49 54.34 -55.08 -30.78
N VAL S 50 54.43 -53.77 -31.02
CA VAL S 50 53.49 -53.16 -31.96
C VAL S 50 53.96 -51.82 -32.54
N ILE S 51 53.15 -51.27 -33.44
CA ILE S 51 53.54 -50.24 -34.40
C ILE S 51 53.34 -48.85 -33.79
N THR S 52 54.42 -48.28 -33.26
CA THR S 52 54.38 -46.92 -32.72
C THR S 52 54.63 -45.93 -33.86
N LYS S 53 53.57 -45.21 -34.28
CA LYS S 53 53.77 -44.09 -35.18
C LYS S 53 54.64 -43.11 -34.44
N ASN S 54 55.71 -42.64 -35.10
CA ASN S 54 56.83 -42.08 -34.36
C ASN S 54 57.08 -40.66 -34.79
N VAL S 55 57.17 -39.78 -33.78
CA VAL S 55 57.58 -38.37 -33.83
C VAL S 55 57.62 -37.81 -35.25
N LYS S 56 56.58 -37.06 -35.61
CA LYS S 56 56.42 -36.61 -36.98
C LYS S 56 57.67 -35.95 -37.54
N PRO S 57 58.39 -35.08 -36.81
CA PRO S 57 59.65 -34.58 -37.36
C PRO S 57 60.89 -34.94 -36.53
N SER S 58 62.05 -34.56 -37.08
CA SER S 58 63.18 -33.97 -36.32
C SER S 58 63.59 -34.79 -35.10
N MET S 59 63.42 -36.12 -35.14
CA MET S 59 64.29 -36.99 -34.33
C MET S 59 65.50 -37.38 -35.20
N THR S 60 66.25 -36.33 -35.55
CA THR S 60 67.34 -36.31 -36.52
C THR S 60 66.85 -36.58 -37.94
N ASN S 61 65.55 -36.64 -38.17
CA ASN S 61 64.98 -36.97 -39.47
C ASN S 61 63.88 -35.98 -39.82
N PRO S 62 63.65 -35.73 -41.11
CA PRO S 62 62.55 -34.82 -41.47
C PRO S 62 61.21 -35.53 -41.37
N GLN S 63 61.03 -36.57 -42.19
CA GLN S 63 59.80 -37.36 -42.18
C GLN S 63 59.75 -38.21 -40.92
N GLY S 64 58.53 -38.59 -40.55
CA GLY S 64 58.35 -39.34 -39.33
C GLY S 64 58.83 -40.78 -39.48
N GLY S 65 57.94 -41.74 -39.26
CA GLY S 65 58.27 -43.12 -39.53
C GLY S 65 57.68 -44.10 -38.53
N GLN S 66 56.80 -44.96 -39.02
CA GLN S 66 56.36 -46.09 -38.22
C GLN S 66 57.55 -47.04 -38.04
N GLU S 67 57.52 -47.80 -36.93
CA GLU S 67 58.48 -48.87 -36.67
C GLU S 67 58.02 -49.75 -35.51
N GLN S 68 58.23 -51.06 -35.66
CA GLN S 68 57.76 -52.01 -34.64
C GLN S 68 58.65 -51.98 -33.41
N ARG S 69 58.04 -52.17 -32.24
CA ARG S 69 58.71 -51.83 -30.99
C ARG S 69 57.99 -52.52 -29.85
N GLU S 70 58.71 -52.72 -28.76
CA GLU S 70 58.23 -53.45 -27.57
C GLU S 70 57.07 -52.76 -26.86
N LEU S 71 56.04 -53.52 -26.48
CA LEU S 71 54.94 -52.93 -25.71
C LEU S 71 54.65 -53.75 -24.46
N ALA S 72 54.96 -53.16 -23.30
CA ALA S 72 55.04 -53.84 -22.02
C ALA S 72 53.66 -54.22 -21.47
N LEU S 73 53.67 -55.22 -20.60
CA LEU S 73 52.47 -55.75 -19.99
C LEU S 73 52.54 -55.61 -18.47
N HIS S 74 51.39 -55.33 -17.86
CA HIS S 74 51.24 -55.54 -16.43
C HIS S 74 51.48 -57.00 -16.13
N ALA S 75 52.02 -57.30 -14.94
CA ALA S 75 52.33 -58.67 -14.50
C ALA S 75 51.10 -59.59 -14.55
N SER S 76 50.33 -59.42 -15.63
CA SER S 76 49.18 -60.21 -16.05
C SER S 76 49.60 -61.42 -16.81
N LYS S 77 50.84 -61.47 -17.26
CA LYS S 77 51.47 -62.70 -17.71
C LYS S 77 51.76 -63.57 -16.50
N VAL S 78 51.81 -64.86 -16.72
CA VAL S 78 52.14 -65.78 -15.63
C VAL S 78 53.54 -66.34 -15.82
N ALA S 79 54.23 -66.52 -14.69
CA ALA S 79 55.67 -66.36 -14.60
C ALA S 79 56.49 -67.55 -15.00
N LEU S 80 57.41 -67.87 -14.11
CA LEU S 80 58.45 -68.82 -14.41
C LEU S 80 57.79 -70.15 -14.74
N VAL S 81 58.42 -70.92 -15.62
CA VAL S 81 57.93 -72.25 -15.96
C VAL S 81 59.12 -73.19 -16.12
N ASP S 82 58.87 -74.49 -15.86
CA ASP S 82 59.73 -75.52 -16.43
C ASP S 82 58.90 -76.70 -16.90
N PRO S 83 58.02 -77.32 -16.03
CA PRO S 83 57.22 -78.47 -16.50
C PRO S 83 56.23 -78.11 -17.61
N GLU S 84 56.62 -77.08 -18.38
CA GLU S 84 56.38 -76.93 -19.81
C GLU S 84 55.11 -76.14 -20.12
N THR S 85 54.62 -75.35 -19.15
CA THR S 85 53.54 -74.37 -19.31
C THR S 85 53.11 -73.83 -17.93
N GLY S 86 52.18 -72.87 -17.93
CA GLY S 86 51.50 -72.38 -16.74
C GLY S 86 52.36 -72.17 -15.50
N LYS S 87 52.30 -73.14 -14.58
CA LYS S 87 53.15 -73.24 -13.39
C LYS S 87 52.88 -72.17 -12.34
N ALA S 88 52.36 -72.60 -11.19
CA ALA S 88 52.54 -71.88 -9.94
C ALA S 88 54.01 -72.04 -9.53
N THR S 89 54.34 -71.64 -8.30
CA THR S 89 55.74 -71.65 -7.88
C THR S 89 55.92 -71.41 -6.40
N ARG S 90 56.73 -72.24 -5.75
CA ARG S 90 56.83 -72.18 -4.29
C ARG S 90 58.27 -72.20 -3.78
N VAL S 91 59.04 -73.21 -4.20
CA VAL S 91 60.20 -73.59 -3.41
C VAL S 91 61.17 -72.41 -3.35
N ARG S 92 61.69 -72.19 -2.16
CA ARG S 92 62.80 -71.30 -1.89
C ARG S 92 63.62 -72.05 -0.85
N LYS S 93 64.44 -73.00 -1.30
CA LYS S 93 64.96 -74.02 -0.40
C LYS S 93 66.40 -74.39 -0.75
N GLN S 94 67.29 -73.39 -0.80
CA GLN S 94 68.74 -73.60 -0.71
C GLN S 94 69.36 -74.49 -1.80
N ILE S 95 70.15 -73.89 -2.71
CA ILE S 95 70.78 -74.66 -3.78
C ILE S 95 72.03 -75.32 -3.19
N VAL S 96 73.13 -75.29 -3.96
CA VAL S 96 74.47 -75.57 -3.43
C VAL S 96 74.91 -74.38 -2.56
N ASP S 97 75.78 -74.67 -1.59
CA ASP S 97 76.25 -73.73 -0.56
C ASP S 97 75.11 -73.49 0.44
N GLY S 98 73.89 -73.84 0.05
CA GLY S 98 72.73 -73.75 0.91
C GLY S 98 72.17 -72.36 1.04
N LYS S 99 72.69 -71.39 0.31
CA LYS S 99 72.33 -70.00 0.57
C LYS S 99 71.25 -69.49 -0.37
N LYS S 100 71.41 -69.68 -1.68
CA LYS S 100 70.45 -69.11 -2.63
C LYS S 100 69.11 -69.82 -2.51
N VAL S 101 68.04 -69.03 -2.47
CA VAL S 101 66.70 -69.58 -2.34
C VAL S 101 66.17 -69.76 -3.77
N ARG S 102 66.59 -70.86 -4.39
CA ARG S 102 66.18 -71.09 -5.77
C ARG S 102 64.67 -71.29 -5.87
N VAL S 103 64.21 -71.56 -7.07
CA VAL S 103 62.78 -71.66 -7.37
C VAL S 103 62.46 -73.12 -7.70
N ALA S 104 61.18 -73.48 -7.58
CA ALA S 104 60.66 -74.76 -8.07
C ALA S 104 59.15 -74.65 -8.17
N VAL S 105 58.53 -75.69 -8.71
CA VAL S 105 57.06 -75.72 -8.83
C VAL S 105 56.53 -76.94 -8.09
N ALA S 106 55.92 -77.88 -8.81
CA ALA S 106 55.71 -79.25 -8.36
C ALA S 106 56.91 -80.15 -8.68
N SER S 107 58.00 -79.57 -9.17
CA SER S 107 59.10 -80.30 -9.77
C SER S 107 60.47 -79.82 -9.27
N GLY S 108 61.36 -79.43 -10.19
CA GLY S 108 62.71 -79.04 -9.88
C GLY S 108 62.94 -77.55 -9.99
N LYS S 109 64.22 -77.16 -10.05
CA LYS S 109 64.65 -75.77 -9.93
C LYS S 109 64.34 -74.95 -11.20
N THR S 110 64.27 -73.63 -11.01
CA THR S 110 64.18 -72.71 -12.15
C THR S 110 65.40 -71.79 -12.25
N MET T 1 -81.71 3.19 4.52
CA MET T 1 -80.37 2.67 4.75
C MET T 1 -80.39 1.16 4.61
N GLU T 2 -80.50 0.70 3.37
CA GLU T 2 -80.54 -0.73 3.09
C GLU T 2 -79.17 -1.35 3.33
N LEU T 3 -79.16 -2.58 3.86
CA LEU T 3 -77.94 -3.34 4.03
C LEU T 3 -78.09 -4.67 3.31
N THR T 4 -77.16 -4.96 2.39
CA THR T 4 -77.15 -6.22 1.67
C THR T 4 -76.77 -7.36 2.60
N ALA T 5 -75.54 -7.33 3.09
CA ALA T 5 -74.99 -8.40 3.90
C ALA T 5 -74.52 -7.85 5.24
N LYS T 6 -74.39 -8.76 6.20
CA LYS T 6 -73.73 -8.48 7.47
C LYS T 6 -72.64 -9.52 7.69
N PRO T 7 -71.41 -9.21 7.28
CA PRO T 7 -70.30 -10.17 7.39
C PRO T 7 -70.00 -10.52 8.83
N ARG T 8 -69.50 -11.74 9.02
CA ARG T 8 -68.97 -12.13 10.31
C ARG T 8 -67.47 -11.93 10.34
N THR T 9 -66.96 -11.41 11.46
CA THR T 9 -65.56 -11.44 11.86
C THR T 9 -64.72 -10.77 10.74
N PRO T 10 -63.35 -10.77 10.75
CA PRO T 10 -62.64 -10.12 9.62
C PRO T 10 -62.95 -10.73 8.25
N LYS T 11 -63.66 -9.96 7.41
CA LYS T 11 -64.06 -10.44 6.09
C LYS T 11 -63.45 -9.53 5.03
N GLN T 12 -63.97 -9.62 3.80
CA GLN T 12 -63.44 -8.86 2.67
C GLN T 12 -63.63 -7.35 2.84
N LYS T 13 -64.77 -6.94 3.40
CA LYS T 13 -65.25 -5.55 3.43
C LYS T 13 -64.63 -4.76 2.28
N LEU T 14 -65.12 -4.98 1.06
CA LEU T 14 -64.49 -4.40 -0.12
C LEU T 14 -64.50 -2.87 -0.04
N ASP T 15 -63.48 -2.27 -0.59
CA ASP T 15 -63.44 -0.82 -0.62
C ASP T 15 -64.42 -0.25 -1.64
N GLU T 16 -65.26 -1.17 -2.15
CA GLU T 16 -66.46 -0.84 -2.91
C GLU T 16 -67.55 -0.33 -1.96
N SER T 17 -67.25 0.79 -1.34
CA SER T 17 -68.19 1.52 -0.48
C SER T 17 -68.79 0.61 0.59
N MET T 18 -67.91 -0.04 1.36
CA MET T 18 -68.33 -0.89 2.47
C MET T 18 -67.64 -0.43 3.75
N ILE T 19 -68.42 -0.22 4.81
CA ILE T 19 -67.92 0.20 6.12
C ILE T 19 -68.43 -0.78 7.17
N ALA T 20 -67.52 -1.24 8.03
CA ALA T 20 -67.93 -2.07 9.16
C ALA T 20 -68.59 -1.23 10.24
N ALA T 21 -69.49 -1.87 10.98
CA ALA T 21 -70.20 -1.18 12.05
C ALA T 21 -70.82 -2.25 12.95
N VAL T 22 -71.49 -1.78 14.01
CA VAL T 22 -72.35 -2.60 14.87
C VAL T 22 -73.44 -1.70 15.43
N ALA T 23 -74.44 -2.32 16.05
CA ALA T 23 -75.44 -1.66 16.89
C ALA T 23 -75.66 -2.56 18.10
N TYR T 24 -75.77 -1.97 19.29
CA TYR T 24 -75.77 -2.76 20.52
C TYR T 24 -76.42 -1.99 21.65
N ASN T 25 -77.06 -2.74 22.57
CA ASN T 25 -77.73 -2.17 23.73
C ASN T 25 -77.69 -3.12 24.93
N LYS T 26 -78.85 -3.65 25.34
CA LYS T 26 -78.93 -4.66 26.38
C LYS T 26 -78.96 -6.08 25.85
N GLU T 27 -79.54 -6.30 24.67
CA GLU T 27 -79.82 -7.66 24.19
C GLU T 27 -79.07 -8.01 22.90
N ASN T 28 -79.60 -7.61 21.74
CA ASN T 28 -79.02 -7.95 20.45
C ASN T 28 -77.82 -7.08 20.06
N ASN T 29 -76.90 -7.68 19.29
CA ASN T 29 -75.66 -7.03 18.89
C ASN T 29 -75.27 -7.63 17.53
N VAL T 30 -75.48 -6.86 16.45
CA VAL T 30 -75.49 -7.43 15.10
C VAL T 30 -74.11 -7.24 14.46
N SER T 31 -74.06 -6.88 13.18
CA SER T 31 -72.89 -7.18 12.36
C SER T 31 -72.60 -6.00 11.42
N PHE T 32 -71.79 -6.27 10.39
CA PHE T 32 -70.97 -5.25 9.71
C PHE T 32 -71.61 -4.42 8.61
N ALA T 33 -71.39 -4.85 7.36
CA ALA T 33 -71.15 -3.93 6.25
C ALA T 33 -72.28 -2.93 6.07
N LEU T 34 -71.89 -1.68 5.77
CA LEU T 34 -72.85 -0.61 5.51
C LEU T 34 -72.76 -0.15 4.05
N ASP T 35 -72.24 1.06 3.84
CA ASP T 35 -72.08 1.69 2.52
C ASP T 35 -71.44 3.06 2.68
N ARG T 36 -70.24 3.28 2.12
CA ARG T 36 -69.56 4.55 2.33
C ARG T 36 -70.41 5.72 1.84
N LYS T 37 -70.92 5.63 0.62
CA LYS T 37 -71.62 6.75 0.03
C LYS T 37 -72.93 7.05 0.74
N ALA T 38 -73.80 6.04 0.89
CA ALA T 38 -75.09 6.29 1.53
C ALA T 38 -74.93 6.67 2.99
N PHE T 39 -74.00 6.02 3.69
CA PHE T 39 -73.73 6.38 5.08
C PHE T 39 -73.32 7.82 5.20
N ASP T 40 -72.24 8.19 4.49
CA ASP T 40 -71.68 9.51 4.73
C ASP T 40 -72.56 10.61 4.15
N ARG T 41 -73.33 10.32 3.10
CA ARG T 41 -74.34 11.27 2.65
C ARG T 41 -75.45 11.43 3.68
N ALA T 42 -75.75 10.36 4.44
CA ALA T 42 -76.72 10.43 5.52
C ALA T 42 -76.11 10.93 6.82
N PHE T 43 -74.86 10.56 7.10
CA PHE T 43 -74.26 10.97 8.37
C PHE T 43 -74.05 12.48 8.45
N ARG T 44 -73.82 13.16 7.32
CA ARG T 44 -73.68 14.62 7.36
C ARG T 44 -75.00 15.29 7.69
N GLN T 45 -76.09 14.88 7.04
CA GLN T 45 -77.38 15.53 7.17
C GLN T 45 -78.14 15.13 8.42
N GLN T 46 -77.69 14.09 9.14
CA GLN T 46 -78.33 13.64 10.36
C GLN T 46 -77.41 13.73 11.58
N SER T 47 -76.23 14.35 11.43
CA SER T 47 -75.38 14.80 12.52
C SER T 47 -74.94 13.67 13.46
N THR T 48 -75.80 13.34 14.43
CA THR T 48 -75.61 12.40 15.52
C THR T 48 -76.75 12.67 16.50
N THR T 49 -77.49 13.74 16.20
CA THR T 49 -78.66 14.17 16.97
C THR T 49 -79.93 13.82 16.21
N GLY T 50 -80.06 12.54 15.91
CA GLY T 50 -81.13 12.04 15.08
C GLY T 50 -80.76 10.70 14.49
N LEU T 51 -81.79 10.01 14.00
CA LEU T 51 -81.65 8.60 13.67
C LEU T 51 -81.96 8.35 12.20
N PHE T 52 -81.63 7.14 11.76
CA PHE T 52 -82.15 6.60 10.51
C PHE T 52 -82.19 5.09 10.70
N ASP T 53 -83.15 4.43 10.08
CA ASP T 53 -83.38 3.02 10.32
C ASP T 53 -82.69 2.18 9.26
N ILE T 54 -81.83 1.27 9.70
CA ILE T 54 -81.16 0.34 8.81
C ILE T 54 -81.87 -1.00 8.87
N THR T 55 -81.62 -1.85 7.87
CA THR T 55 -82.24 -3.17 7.84
C THR T 55 -81.45 -4.10 6.93
N VAL T 56 -80.93 -5.19 7.48
CA VAL T 56 -80.40 -6.27 6.67
C VAL T 56 -81.57 -6.99 5.99
N GLU T 57 -81.30 -7.61 4.83
CA GLU T 57 -82.37 -8.05 3.96
C GLU T 57 -83.33 -8.99 4.69
N GLY T 58 -84.61 -8.81 4.43
CA GLY T 58 -85.68 -9.31 5.27
C GLY T 58 -86.25 -8.22 6.17
N GLY T 59 -87.48 -8.46 6.67
CA GLY T 59 -88.23 -7.48 7.44
C GLY T 59 -87.78 -7.32 8.88
N GLU T 60 -86.74 -6.49 9.10
CA GLU T 60 -86.15 -6.27 10.42
C GLU T 60 -85.76 -4.81 10.62
N THR T 61 -86.54 -3.88 10.06
CA THR T 61 -86.24 -2.47 10.23
C THR T 61 -86.29 -2.10 11.70
N PHE T 62 -85.30 -1.30 12.15
CA PHE T 62 -85.17 -1.12 13.59
C PHE T 62 -84.41 0.18 13.92
N PRO T 63 -84.93 0.97 14.87
CA PRO T 63 -84.30 2.26 15.18
C PRO T 63 -82.90 2.10 15.75
N ALA T 64 -82.05 3.08 15.44
CA ALA T 64 -80.68 3.13 15.92
C ALA T 64 -80.18 4.57 15.85
N LEU T 65 -79.21 4.88 16.70
CA LEU T 65 -78.61 6.20 16.78
C LEU T 65 -77.11 6.10 16.60
N VAL T 66 -76.53 6.96 15.76
CA VAL T 66 -75.07 7.01 15.60
C VAL T 66 -74.44 7.53 16.89
N LYS T 67 -73.29 6.95 17.27
CA LYS T 67 -72.74 7.27 18.58
C LYS T 67 -71.25 7.60 18.54
N ALA T 68 -70.44 6.69 17.98
CA ALA T 68 -69.00 6.86 17.96
C ALA T 68 -68.46 6.29 16.65
N VAL T 69 -67.87 7.16 15.82
CA VAL T 69 -67.29 6.75 14.54
C VAL T 69 -65.79 6.61 14.72
N GLN T 70 -65.17 5.76 13.91
CA GLN T 70 -63.73 5.56 13.95
C GLN T 70 -63.19 5.53 12.52
N MET T 71 -62.28 6.44 12.19
CA MET T 71 -61.88 6.63 10.80
C MET T 71 -60.35 6.68 10.69
N ASP T 72 -59.91 6.76 9.45
CA ASP T 72 -58.51 6.58 9.11
C ASP T 72 -57.77 7.90 9.34
N LYS T 73 -56.97 7.95 10.40
CA LYS T 73 -55.92 8.94 10.48
C LYS T 73 -54.89 8.64 9.40
N ARG T 74 -54.12 9.65 9.01
CA ARG T 74 -53.39 9.65 7.74
C ARG T 74 -54.37 9.61 6.57
N LYS T 75 -55.59 10.04 6.80
CA LYS T 75 -56.64 10.03 5.79
C LYS T 75 -57.83 10.78 6.40
N ARG T 76 -58.98 10.73 5.72
CA ARG T 76 -60.21 11.28 6.28
C ARG T 76 -61.37 10.35 5.97
N ALA T 77 -61.09 9.10 5.63
CA ALA T 77 -62.13 8.17 5.22
C ALA T 77 -62.63 7.36 6.42
N PRO T 78 -63.94 7.37 6.72
CA PRO T 78 -64.44 6.54 7.82
C PRO T 78 -64.25 5.05 7.59
N ILE T 79 -63.98 4.32 8.68
CA ILE T 79 -63.62 2.91 8.67
C ILE T 79 -64.65 2.07 9.43
N HIS T 80 -65.19 2.63 10.52
CA HIS T 80 -66.06 1.89 11.42
C HIS T 80 -66.98 2.87 12.15
N VAL T 81 -68.15 2.38 12.56
CA VAL T 81 -69.16 3.21 13.22
C VAL T 81 -69.86 2.38 14.28
N ASP T 82 -70.27 3.02 15.37
CA ASP T 82 -71.06 2.37 16.41
C ASP T 82 -72.46 2.97 16.46
N PHE T 83 -73.46 2.10 16.54
CA PHE T 83 -74.84 2.49 16.74
C PHE T 83 -75.30 2.03 18.12
N TYR T 84 -76.20 2.81 18.73
CA TYR T 84 -76.88 2.44 19.95
C TYR T 84 -78.36 2.25 19.66
N MET T 85 -78.94 1.17 20.18
CA MET T 85 -80.33 0.83 19.90
C MET T 85 -81.27 1.80 20.62
N VAL T 86 -82.15 2.45 19.85
CA VAL T 86 -83.09 3.40 20.43
C VAL T 86 -84.15 2.64 21.24
N THR T 87 -84.54 3.22 22.38
CA THR T 87 -85.44 2.54 23.31
C THR T 87 -86.85 3.09 23.35
N TYR T 88 -87.09 4.30 22.85
CA TYR T 88 -88.42 4.96 22.83
C TYR T 88 -88.96 5.32 24.21
N GLY T 89 -88.16 6.07 24.99
CA GLY T 89 -88.66 6.54 26.28
C GLY T 89 -87.60 6.99 27.27
N GLU T 90 -86.66 6.10 27.57
CA GLU T 90 -85.63 6.41 28.56
C GLU T 90 -84.68 7.48 28.02
N PRO T 91 -84.22 8.39 28.87
CA PRO T 91 -83.28 9.43 28.42
C PRO T 91 -81.95 8.85 27.92
N VAL T 92 -81.37 9.54 26.93
CA VAL T 92 -80.10 9.17 26.32
C VAL T 92 -79.19 10.39 26.27
N GLU T 93 -77.93 10.23 26.67
CA GLU T 93 -77.02 11.37 26.78
C GLU T 93 -76.51 11.78 25.40
N VAL T 94 -77.45 12.30 24.60
CA VAL T 94 -77.13 12.76 23.25
C VAL T 94 -76.29 14.02 23.30
N SER T 95 -75.33 14.13 22.39
CA SER T 95 -74.61 15.38 22.17
C SER T 95 -75.45 16.34 21.33
N VAL T 96 -75.18 17.64 21.47
CA VAL T 96 -75.93 18.66 20.75
C VAL T 96 -74.98 19.79 20.35
N PRO T 97 -74.95 20.17 19.06
CA PRO T 97 -74.15 21.32 18.63
C PRO T 97 -74.64 22.64 19.19
N VAL T 98 -73.68 23.55 19.44
CA VAL T 98 -73.97 24.91 19.87
C VAL T 98 -73.79 25.84 18.67
N HIS T 99 -74.86 26.51 18.25
CA HIS T 99 -74.80 27.47 17.16
C HIS T 99 -74.91 28.89 17.70
N THR T 100 -75.13 29.85 16.79
CA THR T 100 -75.17 31.25 17.16
C THR T 100 -76.17 31.96 16.25
N THR T 101 -76.64 33.12 16.73
CA THR T 101 -77.58 33.96 16.00
C THR T 101 -77.28 35.43 16.28
N GLY T 102 -77.35 36.24 15.23
CA GLY T 102 -77.27 37.69 15.34
C GLY T 102 -75.85 38.21 15.37
N ARG T 103 -75.76 39.53 15.43
CA ARG T 103 -74.48 40.22 15.47
C ARG T 103 -74.34 40.93 16.81
N SER T 104 -73.33 40.51 17.59
CA SER T 104 -73.00 41.13 18.87
C SER T 104 -72.03 42.29 18.70
N GLN T 105 -71.87 43.04 19.79
CA GLN T 105 -70.77 43.99 19.86
C GLN T 105 -69.45 43.23 19.80
N GLY T 106 -68.51 43.78 19.06
CA GLY T 106 -67.38 42.99 18.62
C GLY T 106 -67.65 42.41 17.24
N GLU T 107 -68.80 41.76 17.06
CA GLU T 107 -69.23 41.39 15.71
C GLU T 107 -69.60 42.61 14.89
N VAL T 108 -69.96 43.71 15.54
CA VAL T 108 -70.12 45.00 14.87
C VAL T 108 -68.92 45.92 15.12
N GLN T 109 -68.39 45.94 16.38
CA GLN T 109 -67.39 46.93 16.79
C GLN T 109 -66.36 46.27 17.72
N GLY T 110 -65.45 45.47 17.14
CA GLY T 110 -64.41 44.86 17.93
C GLY T 110 -64.08 43.41 17.58
N GLY T 111 -63.93 42.56 18.59
CA GLY T 111 -63.45 41.20 18.41
C GLY T 111 -64.53 40.22 17.99
N LEU T 112 -64.13 38.96 17.83
CA LEU T 112 -64.98 37.96 17.19
C LEU T 112 -65.73 37.15 18.26
N VAL T 113 -66.90 36.63 17.87
CA VAL T 113 -67.61 35.63 18.67
C VAL T 113 -66.84 34.31 18.65
N ASP T 114 -66.76 33.66 19.81
CA ASP T 114 -66.04 32.40 19.90
C ASP T 114 -66.92 31.35 20.58
N ILE T 115 -67.17 30.25 19.88
CA ILE T 115 -67.87 29.10 20.44
C ILE T 115 -66.84 28.26 21.17
N VAL T 116 -66.71 28.49 22.48
CA VAL T 116 -65.66 27.83 23.25
C VAL T 116 -65.94 26.34 23.44
N VAL T 117 -67.19 25.91 23.32
CA VAL T 117 -67.54 24.49 23.36
C VAL T 117 -68.51 24.22 22.22
N HIS T 118 -68.09 23.43 21.24
CA HIS T 118 -68.88 23.23 20.03
C HIS T 118 -70.07 22.29 20.25
N ASN T 119 -70.09 21.54 21.35
CA ASN T 119 -71.01 20.41 21.52
C ASN T 119 -71.19 20.09 23.00
N LEU T 120 -72.40 20.30 23.52
CA LEU T 120 -72.72 19.90 24.89
C LEU T 120 -73.36 18.54 24.92
N GLN T 121 -73.40 17.96 26.11
CA GLN T 121 -73.90 16.59 26.29
C GLN T 121 -75.11 16.62 27.24
N ILE T 122 -76.19 17.23 26.76
CA ILE T 122 -77.43 17.27 27.53
C ILE T 122 -78.10 15.90 27.49
N VAL T 123 -78.86 15.59 28.55
CA VAL T 123 -79.41 14.24 28.70
C VAL T 123 -80.68 14.03 27.88
N ALA T 124 -81.46 15.10 27.63
CA ALA T 124 -82.64 15.08 26.76
C ALA T 124 -83.51 13.83 26.91
N PRO T 125 -84.39 13.75 27.94
CA PRO T 125 -85.26 12.56 28.10
C PRO T 125 -86.27 12.37 26.98
N GLY T 126 -85.76 12.24 25.75
CA GLY T 126 -86.60 12.14 24.58
C GLY T 126 -86.25 10.96 23.69
N PRO T 127 -87.27 10.10 23.45
CA PRO T 127 -87.11 9.04 22.43
C PRO T 127 -86.81 9.59 21.05
N ARG T 128 -87.87 9.76 20.25
CA ARG T 128 -87.73 10.38 18.94
C ARG T 128 -87.32 11.85 19.05
N ARG T 129 -87.80 12.56 20.08
CA ARG T 129 -87.52 13.99 20.15
C ARG T 129 -86.06 14.20 20.58
N ILE T 130 -85.30 14.84 19.69
CA ILE T 130 -83.95 15.31 20.02
C ILE T 130 -83.81 16.71 19.48
N PRO T 131 -82.98 17.54 20.14
CA PRO T 131 -82.59 18.82 19.54
C PRO T 131 -81.42 18.65 18.57
N GLN T 132 -81.71 18.84 17.27
CA GLN T 132 -80.65 18.74 16.25
C GLN T 132 -79.62 19.86 16.41
N GLU T 133 -80.04 21.00 16.96
CA GLU T 133 -79.17 22.15 17.15
C GLU T 133 -79.49 22.78 18.51
N LEU T 134 -78.79 23.87 18.80
CA LEU T 134 -79.02 24.65 20.02
C LEU T 134 -78.55 26.06 19.73
N VAL T 135 -79.51 27.00 19.53
CA VAL T 135 -79.24 28.38 19.14
C VAL T 135 -78.95 29.21 20.39
N VAL T 136 -77.98 30.11 20.30
CA VAL T 136 -77.54 30.95 21.42
C VAL T 136 -77.41 32.37 20.88
N ASP T 137 -78.39 33.22 21.16
CA ASP T 137 -78.37 34.61 20.70
C ASP T 137 -77.33 35.42 21.48
N VAL T 138 -76.50 36.16 20.75
CA VAL T 138 -75.34 36.84 21.31
C VAL T 138 -75.46 38.37 21.27
N THR T 139 -76.49 38.93 20.63
CA THR T 139 -76.61 40.38 20.48
C THR T 139 -76.98 40.96 21.84
N LYS T 140 -75.97 41.11 22.68
CA LYS T 140 -76.11 41.58 24.05
C LYS T 140 -74.72 41.77 24.65
N MET T 141 -73.93 40.71 24.59
CA MET T 141 -72.65 40.69 25.27
C MET T 141 -71.61 41.53 24.53
N ASN T 142 -70.67 42.06 25.30
CA ASN T 142 -69.65 42.99 24.84
C ASN T 142 -68.29 42.31 24.96
N ILE T 143 -67.20 43.05 24.70
CA ILE T 143 -65.88 42.46 24.79
C ILE T 143 -65.59 42.05 26.23
N GLY T 144 -65.05 40.85 26.41
CA GLY T 144 -64.73 40.30 27.72
C GLY T 144 -65.82 39.45 28.36
N ASP T 145 -67.07 39.61 27.92
CA ASP T 145 -68.19 38.84 28.43
C ASP T 145 -68.18 37.42 27.87
N HIS T 146 -68.80 36.50 28.61
CA HIS T 146 -68.94 35.13 28.16
C HIS T 146 -70.16 34.44 28.77
N ILE T 147 -70.97 33.86 27.88
CA ILE T 147 -72.15 33.07 28.24
C ILE T 147 -71.71 31.71 28.77
N THR T 148 -72.16 31.37 29.98
CA THR T 148 -71.93 30.07 30.60
C THR T 148 -73.13 29.15 30.34
N ALA T 149 -72.98 27.88 30.74
CA ALA T 149 -74.03 26.89 30.47
C ALA T 149 -75.28 27.11 31.32
N GLY T 150 -75.21 27.92 32.38
CA GLY T 150 -76.38 28.14 33.20
C GLY T 150 -77.51 28.84 32.50
N ASP T 151 -77.21 29.68 31.51
CA ASP T 151 -78.25 30.38 30.76
C ASP T 151 -78.38 29.87 29.33
N ILE T 152 -77.89 28.66 29.04
CA ILE T 152 -78.12 27.99 27.77
C ILE T 152 -79.46 27.27 27.91
N LYS T 153 -80.53 27.88 27.39
CA LYS T 153 -81.87 27.33 27.56
C LYS T 153 -81.97 25.96 26.89
N LEU T 154 -82.64 25.04 27.57
CA LEU T 154 -82.68 23.64 27.16
C LEU T 154 -84.10 23.26 26.75
N PRO T 155 -84.34 22.96 25.47
CA PRO T 155 -85.73 22.76 25.01
C PRO T 155 -86.38 21.57 25.68
N GLU T 156 -87.68 21.72 25.97
CA GLU T 156 -88.62 20.65 26.28
C GLU T 156 -88.03 19.51 27.11
N GLY T 157 -88.04 19.66 28.44
CA GLY T 157 -87.55 18.64 29.36
C GLY T 157 -86.24 17.98 28.96
N CYS T 158 -85.12 18.67 29.21
CA CYS T 158 -83.79 18.14 28.88
C CYS T 158 -82.80 18.69 29.90
N THR T 159 -82.32 17.83 30.80
CA THR T 159 -81.39 18.27 31.83
C THR T 159 -79.97 18.39 31.27
N LEU T 160 -79.20 19.30 31.85
CA LEU T 160 -77.80 19.51 31.48
C LEU T 160 -76.90 18.57 32.29
N ALA T 161 -76.03 17.85 31.57
CA ALA T 161 -75.02 16.99 32.20
C ALA T 161 -73.70 17.69 32.44
N ALA T 162 -73.57 18.96 32.08
CA ALA T 162 -72.37 19.74 32.30
C ALA T 162 -72.54 20.68 33.49
N ASP T 163 -71.44 21.37 33.83
CA ASP T 163 -71.45 22.30 34.96
C ASP T 163 -72.35 23.49 34.63
N PRO T 164 -73.08 24.03 35.61
CA PRO T 164 -73.86 25.26 35.35
C PRO T 164 -72.99 26.44 34.91
N GLU T 165 -71.74 26.50 35.38
CA GLU T 165 -70.91 27.68 35.28
C GLU T 165 -69.91 27.63 34.13
N LEU T 166 -69.74 26.48 33.47
CA LEU T 166 -68.72 26.36 32.44
C LEU T 166 -69.04 27.21 31.22
N THR T 167 -68.03 27.92 30.71
CA THR T 167 -68.20 28.81 29.56
C THR T 167 -68.41 28.03 28.26
N VAL T 168 -69.33 28.53 27.43
CA VAL T 168 -69.73 27.86 26.20
C VAL T 168 -69.54 28.75 24.98
N VAL T 169 -69.85 30.04 25.10
CA VAL T 169 -69.46 31.01 24.08
C VAL T 169 -68.83 32.19 24.80
N SER T 170 -68.00 32.93 24.06
CA SER T 170 -67.28 34.05 24.68
C SER T 170 -66.77 34.96 23.56
N VAL T 171 -67.39 36.12 23.39
CA VAL T 171 -66.82 37.14 22.51
C VAL T 171 -65.47 37.54 23.06
N LEU T 172 -64.48 37.64 22.18
CA LEU T 172 -63.12 37.80 22.68
C LEU T 172 -62.49 39.03 22.06
N PRO T 173 -61.59 39.71 22.79
CA PRO T 173 -61.02 40.95 22.28
C PRO T 173 -60.16 40.72 21.04
N PRO T 174 -60.06 41.71 20.16
CA PRO T 174 -59.30 41.53 18.91
C PRO T 174 -57.82 41.31 19.18
N ARG T 175 -57.20 40.57 18.25
CA ARG T 175 -55.76 40.28 18.18
C ARG T 175 -55.35 39.24 19.20
N SER U 10 -16.69 16.83 32.77
CA SER U 10 -17.92 16.21 33.28
C SER U 10 -18.32 14.94 32.46
N LYS U 11 -17.33 14.39 31.72
CA LYS U 11 -17.57 13.60 30.50
C LYS U 11 -18.34 12.30 30.75
N ASN U 12 -18.44 11.84 32.00
CA ASN U 12 -19.42 10.85 32.49
C ASN U 12 -19.43 9.51 31.71
N GLY U 13 -18.31 8.78 31.78
CA GLY U 13 -18.20 7.46 31.14
C GLY U 13 -18.54 6.26 32.02
N ARG U 14 -19.22 6.54 33.12
CA ARG U 14 -19.39 5.64 34.25
C ARG U 14 -20.52 4.64 34.01
N ASP U 15 -20.44 3.49 34.70
CA ASP U 15 -21.53 2.50 34.85
C ASP U 15 -21.10 1.33 35.76
N SER U 16 -22.04 0.39 36.02
CA SER U 16 -21.96 -0.56 37.14
C SER U 16 -22.26 -1.99 36.69
N ASN U 17 -21.51 -2.93 37.26
CA ASN U 17 -21.46 -4.31 36.74
C ASN U 17 -22.84 -4.95 36.80
N PRO U 18 -23.14 -5.86 35.88
CA PRO U 18 -24.48 -6.47 35.87
C PRO U 18 -24.77 -7.20 37.17
N LYS U 19 -26.01 -7.09 37.62
CA LYS U 19 -26.48 -7.80 38.81
C LYS U 19 -27.48 -8.82 38.31
N TYR U 20 -27.14 -10.08 38.43
CA TYR U 20 -27.90 -11.12 37.77
C TYR U 20 -29.22 -11.32 38.50
N LEU U 21 -29.97 -10.23 38.64
CA LEU U 21 -31.25 -10.29 39.31
C LEU U 21 -32.28 -10.94 38.40
N GLY U 22 -33.27 -11.56 39.00
CA GLY U 22 -34.37 -12.13 38.25
C GLY U 22 -35.01 -13.28 39.00
N VAL U 23 -36.03 -13.83 38.37
CA VAL U 23 -36.71 -15.00 38.91
C VAL U 23 -35.89 -16.23 38.54
N LYS U 24 -35.43 -16.97 39.54
CA LYS U 24 -34.65 -18.16 39.24
C LYS U 24 -35.57 -19.36 38.99
N LYS U 25 -35.87 -20.16 40.01
CA LYS U 25 -36.77 -21.28 39.83
C LYS U 25 -38.19 -20.81 39.52
N PHE U 26 -38.82 -21.42 38.53
CA PHE U 26 -40.11 -20.94 38.05
C PHE U 26 -41.21 -21.91 38.42
N GLY U 27 -42.45 -21.55 38.05
CA GLY U 27 -43.61 -22.33 38.45
C GLY U 27 -43.68 -23.77 37.96
N GLY U 28 -43.92 -24.70 38.88
CA GLY U 28 -43.92 -26.10 38.51
C GLY U 28 -42.57 -26.75 38.40
N GLU U 29 -41.50 -26.11 38.86
CA GLU U 29 -40.20 -26.78 38.95
C GLU U 29 -40.09 -27.47 40.31
N VAL U 30 -39.64 -28.72 40.29
CA VAL U 30 -39.27 -29.36 41.54
C VAL U 30 -38.01 -28.71 42.07
N VAL U 31 -37.99 -28.44 43.37
CA VAL U 31 -36.88 -27.74 43.99
C VAL U 31 -36.33 -28.57 45.13
N LYS U 32 -35.42 -27.99 45.91
CA LYS U 32 -34.83 -28.66 47.06
C LYS U 32 -34.77 -27.67 48.19
N ALA U 33 -34.47 -28.17 49.39
CA ALA U 33 -34.19 -27.27 50.48
C ALA U 33 -32.92 -26.49 50.17
N GLY U 34 -32.95 -25.18 50.43
CA GLY U 34 -31.82 -24.32 50.18
C GLY U 34 -31.67 -23.78 48.77
N ASN U 35 -32.52 -24.16 47.83
CA ASN U 35 -32.48 -23.54 46.51
C ASN U 35 -32.92 -22.09 46.58
N ILE U 36 -32.20 -21.24 45.83
CA ILE U 36 -32.53 -19.81 45.69
C ILE U 36 -33.51 -19.65 44.53
N LEU U 37 -34.67 -19.10 44.83
CA LEU U 37 -35.83 -19.20 43.96
C LEU U 37 -36.17 -17.89 43.26
N VAL U 38 -35.76 -16.75 43.80
CA VAL U 38 -35.91 -15.49 43.09
C VAL U 38 -34.87 -14.53 43.66
N ARG U 39 -34.40 -13.61 42.82
CA ARG U 39 -33.51 -12.51 43.19
C ARG U 39 -34.21 -11.19 42.91
N GLN U 40 -34.13 -10.26 43.86
CA GLN U 40 -34.89 -9.03 43.76
C GLN U 40 -34.25 -8.02 44.67
N ARG U 41 -34.65 -6.76 44.48
CA ARG U 41 -34.08 -5.66 45.26
C ARG U 41 -34.82 -5.48 46.58
N GLY U 42 -36.12 -5.21 46.50
CA GLY U 42 -36.97 -5.20 47.68
C GLY U 42 -37.76 -6.49 47.85
N THR U 43 -39.08 -6.41 47.76
CA THR U 43 -39.91 -7.60 47.84
C THR U 43 -40.97 -7.57 46.74
N LYS U 44 -40.53 -7.58 45.48
CA LYS U 44 -41.48 -7.75 44.38
C LYS U 44 -42.29 -9.01 44.59
N PHE U 45 -41.60 -10.13 44.78
CA PHE U 45 -42.24 -11.35 45.26
C PHE U 45 -42.00 -11.47 46.76
N LYS U 46 -43.01 -11.97 47.46
CA LYS U 46 -43.03 -11.96 48.92
C LYS U 46 -42.96 -13.37 49.45
N ALA U 47 -42.27 -13.51 50.59
CA ALA U 47 -41.79 -14.78 51.17
C ALA U 47 -42.71 -15.96 50.92
N GLY U 48 -43.84 -15.99 51.61
CA GLY U 48 -44.80 -17.07 51.45
C GLY U 48 -44.41 -18.27 52.27
N GLN U 49 -45.34 -19.23 52.31
CA GLN U 49 -45.17 -20.42 53.12
C GLN U 49 -44.16 -21.38 52.48
N GLY U 50 -43.42 -22.09 53.32
CA GLY U 50 -42.41 -23.02 52.85
C GLY U 50 -41.15 -22.36 52.36
N VAL U 51 -41.06 -21.03 52.47
CA VAL U 51 -40.08 -20.23 51.74
C VAL U 51 -39.53 -19.17 52.70
N GLY U 52 -38.21 -19.14 52.86
CA GLY U 52 -37.54 -18.13 53.65
C GLY U 52 -37.19 -16.94 52.80
N MET U 53 -36.46 -15.99 53.39
CA MET U 53 -36.03 -14.81 52.64
C MET U 53 -34.75 -14.25 53.22
N GLY U 54 -33.74 -14.13 52.38
CA GLY U 54 -32.41 -13.82 52.84
C GLY U 54 -32.26 -12.37 53.18
N ARG U 55 -31.09 -12.07 53.73
CA ARG U 55 -30.77 -10.71 54.18
C ARG U 55 -30.80 -9.69 53.05
N ASP U 56 -30.55 -10.11 51.81
CA ASP U 56 -30.68 -9.25 50.64
C ASP U 56 -32.03 -9.42 49.94
N HIS U 57 -33.03 -9.93 50.67
CA HIS U 57 -34.41 -10.05 50.21
C HIS U 57 -34.61 -11.14 49.16
N THR U 58 -33.66 -12.06 48.99
CA THR U 58 -33.85 -13.19 48.10
C THR U 58 -34.59 -14.31 48.84
N LEU U 59 -35.74 -14.69 48.33
CA LEU U 59 -36.49 -15.75 48.96
C LEU U 59 -36.07 -17.10 48.38
N PHE U 60 -36.20 -18.15 49.20
CA PHE U 60 -35.49 -19.40 48.96
C PHE U 60 -36.17 -20.51 49.76
N ALA U 61 -35.99 -21.74 49.29
CA ALA U 61 -36.75 -22.89 49.79
C ALA U 61 -36.30 -23.33 51.19
N LEU U 62 -37.28 -23.75 51.99
CA LEU U 62 -37.03 -24.52 53.20
C LEU U 62 -37.24 -26.02 52.98
N SER U 63 -38.31 -26.37 52.26
CA SER U 63 -38.69 -27.75 52.01
C SER U 63 -38.56 -28.07 50.52
N ASP U 64 -38.69 -29.34 50.19
CA ASP U 64 -38.57 -29.81 48.82
C ASP U 64 -39.95 -29.92 48.16
N GLY U 65 -40.00 -29.74 46.85
CA GLY U 65 -41.19 -30.15 46.12
C GLY U 65 -41.56 -29.20 44.99
N LYS U 66 -42.81 -29.32 44.55
CA LYS U 66 -43.38 -28.43 43.55
C LYS U 66 -43.60 -27.03 44.12
N VAL U 67 -43.61 -26.04 43.23
CA VAL U 67 -43.22 -24.67 43.56
C VAL U 67 -44.36 -23.71 43.19
N VAL U 68 -44.81 -22.93 44.18
CA VAL U 68 -45.46 -21.61 44.05
C VAL U 68 -46.67 -21.54 43.13
N PHE U 69 -47.04 -20.29 42.84
CA PHE U 69 -47.60 -19.76 41.59
C PHE U 69 -48.48 -18.54 41.87
N ILE U 70 -48.33 -17.92 43.05
CA ILE U 70 -49.40 -17.08 43.59
C ILE U 70 -49.14 -15.61 43.30
N ASN U 71 -50.12 -14.97 42.64
CA ASN U 71 -49.98 -13.64 42.06
C ASN U 71 -51.35 -13.03 41.78
N LYS U 72 -52.08 -12.60 42.82
CA LYS U 72 -53.17 -11.66 42.60
C LYS U 72 -52.84 -10.24 43.05
N GLY U 73 -52.33 -10.06 44.27
CA GLY U 73 -51.96 -8.72 44.64
C GLY U 73 -50.83 -8.19 43.76
N LYS U 74 -51.10 -7.18 42.92
CA LYS U 74 -50.00 -6.41 42.39
C LYS U 74 -49.28 -5.76 43.56
N GLY U 75 -47.96 -5.91 43.61
CA GLY U 75 -47.27 -5.63 44.85
C GLY U 75 -47.71 -6.49 46.02
N ALA U 76 -48.16 -7.72 45.76
CA ALA U 76 -48.55 -8.69 46.79
C ALA U 76 -48.61 -10.08 46.17
N ARG U 77 -47.43 -10.65 45.94
CA ARG U 77 -47.23 -11.86 45.16
C ARG U 77 -46.33 -12.78 45.97
N PHE U 78 -46.68 -14.06 46.06
CA PHE U 78 -45.93 -14.90 46.97
C PHE U 78 -45.45 -16.17 46.30
N ILE U 79 -44.31 -16.64 46.80
CA ILE U 79 -43.73 -17.92 46.46
C ILE U 79 -44.03 -18.94 47.56
N SER U 80 -44.15 -20.20 47.17
CA SER U 80 -44.44 -21.26 48.12
C SER U 80 -44.01 -22.61 47.57
N ILE U 81 -44.02 -23.61 48.46
CA ILE U 81 -43.60 -24.97 48.15
C ILE U 81 -44.65 -25.95 48.64
N GLU U 82 -45.02 -26.89 47.78
CA GLU U 82 -46.03 -27.90 48.08
C GLU U 82 -45.37 -29.27 48.13
N ALA U 83 -45.48 -29.94 49.28
CA ALA U 83 -44.79 -31.22 49.51
C ALA U 83 -45.17 -32.29 48.49
N TYR V 1 55.98 -4.88 41.78
CA TYR V 1 55.15 -5.92 42.34
C TYR V 1 54.93 -5.62 43.81
N LEU V 2 53.69 -5.34 44.18
CA LEU V 2 53.42 -4.76 45.49
C LEU V 2 53.49 -5.81 46.58
N THR V 3 53.93 -7.02 46.25
CA THR V 3 54.06 -8.09 47.24
C THR V 3 54.90 -7.60 48.40
N GLY V 4 54.35 -7.72 49.60
CA GLY V 4 55.00 -7.17 50.77
C GLY V 4 55.96 -8.13 51.38
N LYS V 5 56.72 -7.61 52.35
CA LYS V 5 57.47 -8.34 53.37
C LYS V 5 57.88 -9.76 52.98
N LYS V 6 58.08 -9.94 51.67
CA LYS V 6 58.41 -11.24 51.07
C LYS V 6 57.52 -12.31 51.71
N ASN V 7 56.24 -12.33 51.27
CA ASN V 7 55.16 -12.93 52.04
C ASN V 7 53.79 -12.87 51.36
N LEU V 8 53.24 -11.67 51.09
CA LEU V 8 51.82 -11.57 50.75
C LEU V 8 51.53 -10.27 50.01
N VAL V 9 50.36 -10.23 49.35
CA VAL V 9 50.07 -9.30 48.26
C VAL V 9 48.74 -8.60 48.51
N VAL V 10 48.18 -7.95 47.47
CA VAL V 10 46.84 -7.37 47.51
C VAL V 10 45.79 -8.46 47.35
N ASN V 11 44.58 -8.17 47.84
CA ASN V 11 43.39 -9.00 47.62
C ASN V 11 42.29 -8.16 47.01
N SER V 12 41.19 -8.81 46.66
CA SER V 12 40.07 -8.10 46.06
C SER V 12 38.75 -8.68 46.55
N VAL V 13 37.78 -7.80 46.78
CA VAL V 13 36.45 -8.17 47.26
C VAL V 13 35.43 -7.25 46.59
N ILE V 14 34.28 -7.81 46.23
CA ILE V 14 33.14 -6.97 45.89
C ILE V 14 32.69 -6.24 47.16
N ARG V 15 32.17 -5.02 47.00
CA ARG V 15 31.58 -4.23 48.09
C ARG V 15 30.11 -3.96 47.80
N ARG V 16 29.26 -4.19 48.80
CA ARG V 16 27.83 -4.32 48.60
C ARG V 16 27.12 -3.17 49.31
N GLY V 17 26.22 -2.50 48.59
CA GLY V 17 25.59 -1.28 49.07
C GLY V 17 24.26 -1.57 49.72
N LYS V 18 24.31 -1.80 51.04
CA LYS V 18 23.15 -2.27 51.80
C LYS V 18 22.10 -1.18 51.96
N ALA V 19 20.89 -1.47 51.49
CA ALA V 19 19.87 -0.45 51.35
C ALA V 19 19.12 -0.18 52.63
N ARG V 20 19.30 -0.99 53.66
CA ARG V 20 18.45 -0.80 54.83
C ARG V 20 19.07 -1.42 56.07
N ALA V 21 18.74 -0.83 57.23
CA ALA V 21 19.00 -1.43 58.53
C ALA V 21 17.80 -2.23 59.06
N ASP V 22 16.90 -2.65 58.16
CA ASP V 22 15.55 -3.04 58.54
C ASP V 22 15.48 -4.48 59.04
N GLY V 23 15.72 -5.44 58.15
CA GLY V 23 15.43 -6.82 58.48
C GLY V 23 16.30 -7.33 59.62
N GLY V 24 15.83 -8.41 60.26
CA GLY V 24 16.55 -8.99 61.35
C GLY V 24 16.44 -8.24 62.65
N VAL V 25 15.71 -7.13 62.66
CA VAL V 25 15.50 -6.30 63.85
C VAL V 25 14.23 -5.51 63.54
N GLY V 26 13.35 -6.10 62.74
CA GLY V 26 11.95 -5.77 62.78
C GLY V 26 11.38 -5.06 61.59
N ARG V 27 11.67 -5.53 60.39
CA ARG V 27 11.11 -4.91 59.20
C ARG V 27 11.28 -5.83 58.01
N LYS V 28 10.74 -5.39 56.87
CA LYS V 28 11.04 -6.02 55.60
C LYS V 28 12.54 -5.98 55.41
N THR V 29 13.10 -7.07 54.91
CA THR V 29 14.53 -7.30 55.00
C THR V 29 15.31 -6.20 54.22
N THR V 30 16.61 -6.16 54.47
CA THR V 30 17.51 -5.24 53.78
C THR V 30 17.56 -5.45 52.27
N GLY V 31 17.40 -4.37 51.51
CA GLY V 31 17.58 -4.38 50.07
C GLY V 31 19.04 -4.17 49.69
N ILE V 32 19.30 -4.17 48.39
CA ILE V 32 20.68 -4.21 47.88
C ILE V 32 20.80 -3.21 46.74
N THR V 33 21.97 -2.57 46.65
CA THR V 33 22.21 -1.58 45.60
C THR V 33 23.55 -1.71 44.86
N LYS V 34 24.59 -2.32 45.46
CA LYS V 34 25.94 -2.24 44.90
C LYS V 34 26.55 -3.60 44.63
N ARG V 35 27.11 -3.72 43.43
CA ARG V 35 27.80 -4.89 42.92
C ARG V 35 29.02 -4.30 42.18
N VAL V 36 30.05 -3.98 42.97
CA VAL V 36 31.27 -3.33 42.49
C VAL V 36 32.45 -3.85 43.30
N GLN V 37 33.61 -3.95 42.65
CA GLN V 37 34.83 -4.54 43.19
C GLN V 37 35.81 -3.49 43.69
N ARG V 38 36.81 -3.96 44.42
CA ARG V 38 37.81 -3.11 45.05
C ARG V 38 39.10 -3.93 45.17
N ALA V 39 40.19 -3.27 45.56
CA ALA V 39 41.46 -3.92 45.89
C ALA V 39 41.70 -3.82 47.41
N ASN V 40 42.98 -3.72 47.83
CA ASN V 40 43.45 -3.54 49.22
C ASN V 40 44.90 -4.01 49.42
N LEU V 41 45.80 -3.16 49.92
CA LEU V 41 47.23 -3.51 49.97
C LEU V 41 47.90 -3.24 51.32
N HIS V 42 49.23 -3.04 51.32
CA HIS V 42 49.87 -2.22 52.36
C HIS V 42 51.31 -1.86 51.96
N LYS V 43 51.97 -1.07 52.82
CA LYS V 43 52.84 0.06 52.46
C LYS V 43 54.32 -0.17 52.82
N LYS V 44 55.14 0.83 52.46
CA LYS V 44 56.59 0.75 52.32
C LYS V 44 57.32 0.66 53.66
N ALA V 45 58.54 0.12 53.58
CA ALA V 45 59.46 0.02 54.70
C ALA V 45 60.90 0.04 54.21
N ILE V 46 61.81 -0.58 54.97
CA ILE V 46 63.24 -0.37 54.79
C ILE V 46 63.99 -1.48 55.49
N ARG V 47 65.27 -1.65 55.13
CA ARG V 47 66.27 -2.38 55.92
C ARG V 47 66.01 -3.88 56.01
N GLU V 48 66.06 -4.57 54.87
CA GLU V 48 66.17 -6.01 54.84
C GLU V 48 67.60 -6.44 55.15
N ASN V 49 67.76 -7.70 55.62
CA ASN V 49 69.08 -8.28 55.92
C ASN V 49 69.17 -9.76 55.54
N GLY V 50 69.20 -10.05 54.23
CA GLY V 50 69.90 -11.24 53.76
C GLY V 50 71.40 -11.03 53.76
N GLN V 51 71.83 -9.78 53.50
CA GLN V 51 73.13 -9.19 53.89
C GLN V 51 72.96 -7.69 54.09
N VAL V 52 72.43 -7.00 53.08
CA VAL V 52 71.86 -5.66 53.23
C VAL V 52 70.90 -5.43 52.07
N LYS V 53 69.77 -4.79 52.36
CA LYS V 53 68.73 -4.51 51.37
C LYS V 53 67.68 -3.61 52.00
N THR V 54 66.74 -3.17 51.18
CA THR V 54 65.62 -2.36 51.63
C THR V 54 64.44 -2.57 50.68
N VAL V 55 63.30 -2.99 51.23
CA VAL V 55 62.17 -3.46 50.42
C VAL V 55 60.83 -3.23 51.11
N TRP V 56 59.75 -3.53 50.40
CA TRP V 56 58.40 -3.42 50.96
C TRP V 56 58.22 -4.39 52.12
N LEU V 57 57.54 -3.92 53.17
CA LEU V 57 57.14 -4.74 54.31
C LEU V 57 55.71 -4.36 54.69
N SER V 58 55.06 -5.17 55.50
CA SER V 58 53.70 -4.83 55.90
C SER V 58 53.68 -4.43 57.37
N ALA V 59 52.50 -3.97 57.80
CA ALA V 59 52.35 -3.50 59.17
C ALA V 59 52.68 -4.61 60.16
N ASN V 60 51.92 -5.70 60.12
CA ASN V 60 52.17 -6.81 61.05
C ASN V 60 53.49 -7.50 60.76
N ALA V 61 54.02 -7.36 59.55
CA ALA V 61 55.36 -7.87 59.30
C ALA V 61 56.41 -7.05 60.03
N LEU V 62 56.25 -5.73 60.05
CA LEU V 62 57.16 -4.92 60.83
C LEU V 62 57.05 -5.28 62.31
N ARG V 63 55.85 -5.69 62.73
CA ARG V 63 55.65 -6.18 64.09
C ARG V 63 56.45 -7.45 64.34
N THR V 64 56.30 -8.44 63.45
CA THR V 64 57.00 -9.71 63.63
C THR V 64 58.51 -9.51 63.61
N LEU V 65 58.99 -8.60 62.75
CA LEU V 65 60.41 -8.27 62.75
C LEU V 65 60.82 -7.57 64.04
N SER V 66 59.94 -6.76 64.63
CA SER V 66 60.25 -6.10 65.90
C SER V 66 60.37 -7.10 67.04
N LYS V 67 59.61 -8.21 66.98
CA LYS V 67 59.63 -9.22 68.04
C LYS V 67 60.70 -10.29 67.81
N GLY V 68 61.55 -10.12 66.81
CA GLY V 68 62.66 -11.01 66.55
C GLY V 68 62.93 -11.15 65.06
N PRO V 69 64.18 -11.40 64.70
CA PRO V 69 64.48 -11.73 63.29
C PRO V 69 63.76 -12.99 62.87
N TYR V 70 63.31 -13.04 61.62
CA TYR V 70 62.39 -14.07 61.15
C TYR V 70 62.77 -14.45 59.74
N LYS V 71 63.66 -15.44 59.60
CA LYS V 71 64.15 -15.94 58.32
C LYS V 71 65.11 -14.96 57.66
N GLY V 72 64.89 -13.66 57.88
CA GLY V 72 65.71 -12.60 57.31
C GLY V 72 65.80 -11.41 58.24
N ILE V 73 66.98 -11.21 58.84
CA ILE V 73 67.11 -10.48 60.10
C ILE V 73 66.71 -9.02 59.95
N GLU V 74 66.26 -8.44 61.05
CA GLU V 74 65.91 -7.03 61.14
C GLU V 74 65.73 -6.60 62.61
N ASP W 8 97.98 -33.51 4.83
CA ASP W 8 97.97 -33.93 3.43
C ASP W 8 96.53 -34.12 2.94
N PHE W 9 95.59 -34.36 3.87
CA PHE W 9 94.22 -34.60 3.44
C PHE W 9 93.61 -33.36 2.79
N ALA W 10 94.03 -32.16 3.21
CA ALA W 10 93.60 -30.96 2.51
C ALA W 10 94.14 -30.94 1.08
N LYS W 11 95.35 -31.46 0.88
CA LYS W 11 95.89 -31.61 -0.48
C LYS W 11 95.04 -32.58 -1.29
N GLU W 12 94.60 -33.67 -0.67
CA GLU W 12 93.77 -34.62 -1.38
C GLU W 12 92.41 -34.02 -1.73
N ILE W 13 91.92 -33.11 -0.89
CA ILE W 13 90.59 -32.54 -1.13
C ILE W 13 90.64 -31.50 -2.24
N ASP W 14 91.63 -30.60 -2.20
CA ASP W 14 91.54 -29.46 -3.12
C ASP W 14 91.77 -29.88 -4.57
N ALA W 15 92.38 -31.05 -4.81
CA ALA W 15 92.49 -31.52 -6.19
C ALA W 15 91.12 -31.83 -6.78
N ARG W 16 90.28 -32.53 -6.01
CA ARG W 16 88.90 -32.72 -6.45
C ARG W 16 88.16 -31.39 -6.56
N LYS W 17 88.47 -30.45 -5.66
CA LYS W 17 87.85 -29.12 -5.74
C LYS W 17 88.17 -28.44 -7.08
N LYS W 18 89.46 -28.39 -7.43
CA LYS W 18 89.89 -27.71 -8.65
C LYS W 18 89.35 -28.39 -9.89
N GLU W 19 89.32 -29.73 -9.89
CA GLU W 19 88.73 -30.40 -11.04
C GLU W 19 87.24 -30.08 -11.14
N LEU W 20 86.57 -29.98 -9.99
CA LEU W 20 85.16 -29.63 -10.00
C LEU W 20 84.94 -28.20 -10.51
N MET W 21 85.89 -27.31 -10.21
CA MET W 21 85.80 -25.94 -10.71
C MET W 21 86.00 -25.85 -12.23
N GLU W 22 87.09 -26.42 -12.75
CA GLU W 22 87.32 -26.35 -14.19
C GLU W 22 86.23 -27.10 -14.94
N LEU W 23 85.74 -28.20 -14.36
CA LEU W 23 84.64 -28.94 -14.95
C LEU W 23 83.37 -28.11 -14.95
N ARG W 24 83.17 -27.29 -13.92
CA ARG W 24 82.03 -26.37 -13.88
C ARG W 24 82.14 -25.32 -14.97
N PHE W 25 83.35 -24.79 -15.18
CA PHE W 25 83.57 -23.86 -16.29
C PHE W 25 83.20 -24.52 -17.60
N GLN W 26 83.64 -25.77 -17.79
CA GLN W 26 83.33 -26.48 -19.02
C GLN W 26 81.83 -26.65 -19.18
N ALA W 27 81.13 -26.88 -18.07
CA ALA W 27 79.68 -27.01 -18.15
C ALA W 27 79.04 -25.71 -18.58
N ALA W 28 79.62 -24.56 -18.15
CA ALA W 28 79.12 -23.26 -18.57
C ALA W 28 79.38 -22.97 -20.04
N ALA W 29 80.41 -23.60 -20.62
CA ALA W 29 80.75 -23.45 -22.03
C ALA W 29 80.00 -24.46 -22.89
N GLY W 30 80.70 -25.08 -23.85
CA GLY W 30 80.06 -26.02 -24.76
C GLY W 30 80.32 -27.49 -24.57
N GLN W 31 81.05 -27.88 -23.52
CA GLN W 31 81.46 -29.28 -23.36
C GLN W 31 81.25 -29.72 -21.92
N LEU W 32 80.21 -30.55 -21.66
CA LEU W 32 80.04 -31.29 -20.40
C LEU W 32 79.51 -32.68 -20.77
N ALA W 33 80.40 -33.51 -21.32
CA ALA W 33 79.97 -34.77 -21.91
C ALA W 33 79.84 -35.92 -20.91
N GLN W 34 80.35 -35.77 -19.69
CA GLN W 34 80.25 -36.81 -18.65
C GLN W 34 79.79 -36.20 -17.33
N PRO W 35 78.48 -35.91 -17.20
CA PRO W 35 77.99 -35.25 -15.99
C PRO W 35 78.29 -36.00 -14.71
N HIS W 36 78.35 -37.33 -14.77
CA HIS W 36 78.54 -38.11 -13.56
C HIS W 36 79.87 -37.81 -12.89
N ARG W 37 80.90 -37.45 -13.68
CA ARG W 37 82.18 -37.14 -13.08
C ARG W 37 82.05 -36.03 -12.06
N VAL W 38 81.03 -35.19 -12.23
CA VAL W 38 80.65 -34.20 -11.24
C VAL W 38 80.40 -34.87 -9.89
N ARG W 39 79.27 -35.58 -9.76
CA ARG W 39 78.86 -36.00 -8.41
C ARG W 39 79.82 -37.04 -7.84
N GLN W 40 80.48 -37.84 -8.69
CA GLN W 40 81.54 -38.71 -8.20
C GLN W 40 82.57 -37.90 -7.42
N LEU W 41 83.08 -36.82 -8.03
CA LEU W 41 84.06 -36.01 -7.34
C LEU W 41 83.49 -35.45 -6.05
N ARG W 42 82.21 -35.07 -6.05
CA ARG W 42 81.63 -34.53 -4.84
C ARG W 42 81.54 -35.61 -3.76
N ARG W 43 81.17 -36.82 -4.17
CA ARG W 43 81.27 -37.98 -3.29
C ARG W 43 82.65 -38.06 -2.65
N GLU W 44 83.69 -37.98 -3.47
CA GLU W 44 85.03 -38.22 -2.94
C GLU W 44 85.42 -37.13 -1.96
N VAL W 45 84.81 -35.96 -2.05
CA VAL W 45 85.06 -34.92 -1.06
C VAL W 45 84.36 -35.28 0.25
N ALA W 46 83.09 -35.66 0.18
CA ALA W 46 82.33 -35.98 1.38
C ALA W 46 83.00 -37.12 2.13
N GLN W 47 83.27 -38.23 1.44
CA GLN W 47 83.99 -39.34 2.03
C GLN W 47 85.28 -38.84 2.66
N LEU W 48 86.03 -38.02 1.94
CA LEU W 48 87.34 -37.63 2.41
C LEU W 48 87.23 -36.79 3.67
N ASN W 49 86.12 -36.06 3.82
CA ASN W 49 85.90 -35.35 5.07
C ASN W 49 85.34 -36.27 6.15
N THR W 50 84.45 -37.20 5.78
CA THR W 50 83.85 -38.07 6.78
C THR W 50 84.90 -38.91 7.47
N VAL W 51 85.91 -39.34 6.71
CA VAL W 51 87.01 -40.11 7.27
C VAL W 51 87.78 -39.28 8.29
N LYS W 52 87.93 -37.97 8.04
CA LYS W 52 88.57 -37.12 9.03
C LYS W 52 87.84 -37.19 10.35
N ALA W 53 86.51 -37.22 10.32
CA ALA W 53 85.76 -37.24 11.57
C ALA W 53 86.10 -38.48 12.37
N GLU W 54 86.34 -39.59 11.68
CA GLU W 54 86.62 -40.83 12.38
C GLU W 54 87.99 -40.81 13.06
N LEU W 55 88.91 -39.96 12.62
CA LEU W 55 90.18 -39.77 13.33
C LEU W 55 90.13 -38.69 14.40
N ALA W 56 89.01 -37.97 14.52
CA ALA W 56 88.90 -36.99 15.60
C ALA W 56 88.72 -37.72 16.92
N ARG W 57 87.51 -38.28 17.11
CA ARG W 57 87.18 -38.97 18.36
C ARG W 57 88.07 -40.19 18.60
N LYS W 58 88.50 -40.87 17.54
CA LYS W 58 89.43 -41.97 17.72
C LYS W 58 90.79 -41.46 18.20
N GLY W 59 91.37 -42.16 19.17
CA GLY W 59 92.63 -41.75 19.75
C GLY W 59 92.47 -40.74 20.87
N GLU W 60 91.95 -39.56 20.54
CA GLU W 60 91.74 -38.51 21.54
C GLU W 60 90.66 -38.88 22.56
N GLN W 61 89.70 -39.72 22.16
CA GLN W 61 88.62 -40.21 23.05
C GLN W 61 87.74 -39.06 23.56
N MET X 1 -50.43 -37.32 6.25
CA MET X 1 -50.41 -36.11 5.43
C MET X 1 -49.25 -36.14 4.46
N LYS X 2 -49.50 -35.68 3.23
CA LYS X 2 -48.48 -35.70 2.19
C LYS X 2 -47.68 -34.39 2.14
N ILE X 3 -46.37 -34.53 1.98
CA ILE X 3 -45.38 -33.47 2.10
C ILE X 3 -44.37 -33.67 0.99
N LYS X 4 -43.84 -32.57 0.43
CA LYS X 4 -42.60 -32.64 -0.35
C LYS X 4 -41.81 -31.36 -0.23
N LEU X 5 -40.50 -31.51 -0.01
CA LEU X 5 -39.62 -30.35 0.08
C LEU X 5 -39.48 -29.74 -1.30
N VAL X 6 -39.50 -28.41 -1.37
CA VAL X 6 -39.52 -27.70 -2.66
C VAL X 6 -38.75 -26.38 -2.62
N ARG X 7 -37.96 -26.18 -1.56
CA ARG X 7 -37.04 -25.05 -1.39
C ARG X 7 -35.92 -25.50 -0.47
N SER X 8 -34.69 -25.15 -0.80
CA SER X 8 -33.57 -25.58 0.00
C SER X 8 -33.53 -24.82 1.33
N VAL X 9 -32.75 -25.34 2.27
CA VAL X 9 -32.58 -24.68 3.55
C VAL X 9 -31.52 -23.59 3.56
N ILE X 10 -30.72 -23.44 2.50
CA ILE X 10 -29.63 -22.47 2.53
C ILE X 10 -30.23 -21.07 2.69
N GLY X 11 -29.58 -20.26 3.52
CA GLY X 11 -30.03 -18.89 3.68
C GLY X 11 -31.28 -18.73 4.52
N ARG X 12 -31.67 -19.77 5.29
CA ARG X 12 -32.86 -19.91 6.12
C ARG X 12 -32.48 -20.19 7.57
N PRO X 13 -33.27 -19.67 8.51
CA PRO X 13 -32.84 -19.59 9.91
C PRO X 13 -32.88 -20.93 10.66
N GLY X 14 -32.17 -20.95 11.80
CA GLY X 14 -31.90 -22.19 12.51
C GLY X 14 -33.14 -22.96 12.95
N ASN X 15 -34.24 -22.25 13.20
CA ASN X 15 -35.56 -22.83 13.31
C ASN X 15 -35.83 -23.76 12.16
N GLN X 16 -35.97 -23.20 10.97
CA GLN X 16 -36.54 -23.94 9.86
C GLN X 16 -35.61 -25.05 9.40
N VAL X 17 -34.31 -24.89 9.60
CA VAL X 17 -33.37 -25.90 9.15
C VAL X 17 -33.54 -27.18 9.98
N LYS X 18 -33.61 -27.03 11.30
CA LYS X 18 -33.77 -28.19 12.18
C LYS X 18 -35.16 -28.80 12.07
N THR X 19 -36.15 -28.00 11.70
CA THR X 19 -37.46 -28.57 11.40
C THR X 19 -37.43 -29.41 10.15
N VAL X 20 -36.74 -28.97 9.11
CA VAL X 20 -36.63 -29.86 7.96
C VAL X 20 -35.87 -31.14 8.34
N GLN X 21 -34.90 -31.02 9.27
CA GLN X 21 -34.19 -32.21 9.72
C GLN X 21 -35.13 -33.18 10.42
N ALA X 22 -35.79 -32.69 11.47
CA ALA X 22 -36.62 -33.54 12.32
C ALA X 22 -37.87 -34.05 11.61
N LEU X 23 -38.34 -33.33 10.60
CA LEU X 23 -39.50 -33.80 9.89
C LEU X 23 -39.13 -34.87 8.87
N GLY X 24 -37.84 -35.16 8.70
CA GLY X 24 -37.39 -36.35 7.98
C GLY X 24 -36.87 -36.12 6.58
N LEU X 25 -37.01 -34.92 6.02
CA LEU X 25 -36.55 -34.62 4.67
C LEU X 25 -35.11 -34.08 4.70
N ARG X 26 -34.38 -34.29 3.58
CA ARG X 26 -32.94 -34.10 3.56
C ARG X 26 -32.40 -33.63 2.20
N LYS X 27 -33.30 -33.61 1.21
CA LYS X 27 -33.00 -33.20 -0.15
C LYS X 27 -34.28 -32.63 -0.73
N ILE X 28 -34.19 -31.58 -1.54
CA ILE X 28 -35.40 -31.14 -2.24
C ILE X 28 -35.81 -32.25 -3.20
N GLY X 29 -37.10 -32.33 -3.47
CA GLY X 29 -37.65 -33.45 -4.19
C GLY X 29 -38.03 -34.65 -3.33
N ASP X 30 -37.73 -34.62 -2.03
CA ASP X 30 -38.22 -35.64 -1.11
C ASP X 30 -39.72 -35.50 -0.89
N SER X 31 -40.34 -36.61 -0.50
CA SER X 31 -41.73 -36.62 -0.11
C SER X 31 -41.92 -37.64 1.00
N ARG X 32 -43.08 -37.60 1.65
CA ARG X 32 -43.25 -38.30 2.90
C ARG X 32 -44.70 -38.23 3.36
N GLU X 33 -45.18 -39.34 3.92
CA GLU X 33 -46.41 -39.40 4.71
C GLU X 33 -46.09 -39.15 6.19
N VAL X 34 -47.05 -38.57 6.90
CA VAL X 34 -46.81 -38.06 8.24
C VAL X 34 -48.09 -38.10 9.08
N SER X 35 -47.93 -38.00 10.41
CA SER X 35 -49.04 -38.10 11.37
C SER X 35 -49.98 -36.89 11.28
N ASP X 36 -51.23 -37.11 11.68
CA ASP X 36 -52.19 -36.02 11.87
C ASP X 36 -52.02 -35.28 13.20
N THR X 37 -51.12 -35.75 14.07
CA THR X 37 -51.03 -35.28 15.44
C THR X 37 -50.65 -33.79 15.49
N PRO X 38 -51.12 -33.06 16.50
CA PRO X 38 -50.90 -31.61 16.51
C PRO X 38 -49.44 -31.19 16.49
N ALA X 39 -48.53 -31.97 17.10
CA ALA X 39 -47.13 -31.57 17.08
C ALA X 39 -46.54 -31.67 15.67
N VAL X 40 -46.88 -32.73 14.93
CA VAL X 40 -46.48 -32.78 13.52
C VAL X 40 -47.23 -31.74 12.70
N ARG X 41 -48.46 -31.41 13.08
CA ARG X 41 -49.09 -30.27 12.43
C ARG X 41 -48.29 -28.99 12.67
N GLY X 42 -47.70 -28.83 13.86
CA GLY X 42 -46.94 -27.62 14.14
C GLY X 42 -45.58 -27.60 13.48
N MET X 43 -44.97 -28.78 13.33
CA MET X 43 -43.76 -28.90 12.53
C MET X 43 -44.02 -28.53 11.08
N VAL X 44 -45.07 -29.09 10.47
CA VAL X 44 -45.37 -28.70 9.09
C VAL X 44 -45.83 -27.24 9.03
N LYS X 45 -46.51 -26.75 10.05
CA LYS X 45 -46.96 -25.37 10.03
C LYS X 45 -45.78 -24.40 10.08
N THR X 46 -44.68 -24.79 10.74
CA THR X 46 -43.52 -23.91 10.85
C THR X 46 -42.87 -23.61 9.50
N VAL X 47 -42.94 -24.55 8.56
CA VAL X 47 -42.21 -24.37 7.31
C VAL X 47 -43.10 -24.71 6.11
N LYS X 48 -44.33 -24.24 6.12
CA LYS X 48 -45.23 -24.55 5.01
C LYS X 48 -44.73 -23.94 3.70
N HIS X 49 -43.98 -22.83 3.80
CA HIS X 49 -43.45 -22.15 2.61
C HIS X 49 -42.29 -22.91 1.93
N LEU X 50 -41.53 -23.71 2.68
CA LEU X 50 -40.53 -24.58 2.08
C LEU X 50 -41.12 -25.90 1.57
N LEU X 51 -42.38 -26.20 1.88
CA LEU X 51 -42.99 -27.49 1.61
C LEU X 51 -44.25 -27.34 0.77
N GLU X 52 -44.55 -28.38 0.02
CA GLU X 52 -45.82 -28.47 -0.68
C GLU X 52 -46.64 -29.57 -0.01
N VAL X 53 -47.83 -29.20 0.48
CA VAL X 53 -48.65 -30.05 1.34
C VAL X 53 -49.85 -30.56 0.56
N GLN X 54 -49.70 -31.70 -0.12
CA GLN X 54 -50.76 -32.15 -1.02
C GLN X 54 -52.03 -32.50 -0.26
N GLU X 55 -51.90 -33.05 0.95
CA GLU X 55 -53.09 -33.48 1.69
C GLU X 55 -53.42 -32.49 2.80
N LYS Y 2 13.96 9.84 -13.71
CA LYS Y 2 15.02 9.51 -14.66
C LYS Y 2 15.29 7.96 -14.67
N HIS Y 3 16.12 7.49 -15.65
CA HIS Y 3 16.70 6.17 -15.89
C HIS Y 3 15.70 5.17 -16.45
N PRO Y 4 15.16 5.34 -17.67
CA PRO Y 4 14.30 4.29 -18.23
C PRO Y 4 15.09 3.01 -18.37
N VAL Y 5 14.40 1.90 -18.11
CA VAL Y 5 14.89 0.52 -18.07
C VAL Y 5 13.75 -0.35 -18.60
N PRO Y 6 14.01 -1.45 -19.34
CA PRO Y 6 12.91 -2.24 -19.90
C PRO Y 6 12.09 -3.00 -18.85
N LYS Y 7 10.82 -3.22 -19.19
CA LYS Y 7 9.78 -3.56 -18.21
C LYS Y 7 9.61 -5.06 -17.99
N LYS Y 8 9.34 -5.83 -19.07
CA LYS Y 8 9.47 -7.29 -19.13
C LYS Y 8 10.57 -7.70 -20.11
N LYS Y 9 11.10 -8.90 -19.92
CA LYS Y 9 11.98 -9.49 -20.93
C LYS Y 9 11.24 -9.67 -22.25
N THR Y 10 11.99 -9.60 -23.34
CA THR Y 10 11.41 -9.75 -24.66
C THR Y 10 11.27 -11.21 -25.02
N SER Y 11 10.15 -11.56 -25.65
CA SER Y 11 9.99 -12.95 -26.05
C SER Y 11 10.89 -13.27 -27.24
N LYS Y 12 11.36 -14.52 -27.28
CA LYS Y 12 12.07 -14.99 -28.45
C LYS Y 12 11.31 -14.68 -29.72
N SER Y 13 9.99 -14.91 -29.76
CA SER Y 13 9.27 -14.53 -30.96
C SER Y 13 9.40 -13.05 -31.23
N LYS Y 14 9.11 -12.22 -30.23
CA LYS Y 14 9.08 -10.80 -30.56
C LYS Y 14 10.47 -10.29 -30.91
N ARG Y 15 11.54 -10.79 -30.25
CA ARG Y 15 12.85 -10.25 -30.65
C ARG Y 15 13.26 -10.77 -32.00
N ASP Y 16 12.96 -12.00 -32.31
CA ASP Y 16 13.38 -12.45 -33.62
C ASP Y 16 12.63 -11.70 -34.72
N MET Y 17 11.49 -11.12 -34.41
CA MET Y 17 10.83 -10.44 -35.51
C MET Y 17 11.24 -8.98 -35.62
N ARG Y 18 12.02 -8.45 -34.67
CA ARG Y 18 12.81 -7.28 -35.03
C ARG Y 18 13.71 -7.61 -36.18
N ARG Y 19 14.55 -8.61 -35.96
CA ARG Y 19 15.70 -8.91 -36.79
C ARG Y 19 15.29 -9.27 -38.22
N SER Y 20 13.99 -9.35 -38.48
CA SER Y 20 13.39 -9.46 -39.82
C SER Y 20 14.03 -8.59 -40.91
N HIS Y 21 14.91 -7.65 -40.50
CA HIS Y 21 15.46 -6.69 -41.44
C HIS Y 21 16.98 -6.62 -41.41
N HIS Y 22 17.63 -7.67 -40.97
CA HIS Y 22 19.07 -7.66 -40.80
C HIS Y 22 19.75 -8.46 -41.90
N ALA Y 23 18.97 -8.83 -42.91
CA ALA Y 23 19.45 -9.62 -44.05
C ALA Y 23 20.45 -8.83 -44.86
N LEU Y 24 21.68 -9.37 -44.99
CA LEU Y 24 22.70 -8.79 -45.84
C LEU Y 24 22.34 -8.89 -47.32
N THR Y 25 22.68 -7.85 -48.07
CA THR Y 25 22.47 -7.89 -49.52
C THR Y 25 23.68 -8.53 -50.21
N ALA Y 26 23.40 -9.56 -51.00
CA ALA Y 26 24.46 -10.17 -51.78
C ALA Y 26 25.05 -9.13 -52.73
N PRO Y 27 26.38 -9.07 -52.89
CA PRO Y 27 26.94 -8.23 -53.94
C PRO Y 27 26.39 -8.69 -55.28
N ASN Y 28 26.08 -7.73 -56.15
CA ASN Y 28 25.71 -8.05 -57.53
C ASN Y 28 27.03 -8.13 -58.30
N LEU Y 29 27.55 -9.35 -58.46
CA LEU Y 29 28.84 -9.58 -59.08
C LEU Y 29 28.70 -9.83 -60.56
N THR Y 30 29.77 -9.47 -61.28
CA THR Y 30 29.74 -9.63 -62.71
C THR Y 30 31.07 -10.18 -63.18
N GLU Y 31 31.06 -10.65 -64.44
CA GLU Y 31 32.16 -11.42 -64.98
C GLU Y 31 33.06 -10.46 -65.74
N CYS Y 32 34.35 -10.39 -65.35
CA CYS Y 32 35.24 -9.45 -66.01
C CYS Y 32 35.43 -9.88 -67.47
N PRO Y 33 35.24 -8.96 -68.45
CA PRO Y 33 35.34 -9.34 -69.86
C PRO Y 33 36.75 -9.62 -70.31
N GLN Y 34 37.72 -9.31 -69.45
CA GLN Y 34 39.13 -9.32 -69.78
C GLN Y 34 39.91 -10.34 -68.96
N CYS Y 35 39.71 -10.33 -67.65
CA CYS Y 35 40.28 -11.26 -66.69
C CYS Y 35 39.58 -12.61 -66.83
N HIS Y 36 39.69 -13.48 -65.82
CA HIS Y 36 38.73 -14.59 -65.76
C HIS Y 36 37.35 -14.09 -65.35
N GLY Y 37 37.09 -13.98 -64.04
CA GLY Y 37 35.73 -13.68 -63.62
C GLY Y 37 35.46 -12.49 -62.71
N LYS Y 38 35.34 -12.80 -61.41
CA LYS Y 38 35.15 -11.96 -60.23
C LYS Y 38 35.31 -10.43 -60.38
N LYS Y 39 34.20 -9.65 -60.49
CA LYS Y 39 34.32 -8.18 -60.53
C LYS Y 39 33.10 -7.45 -60.00
N LEU Y 40 33.36 -6.34 -59.33
CA LEU Y 40 32.30 -5.50 -58.77
C LEU Y 40 32.08 -4.27 -59.67
N SER Y 41 30.82 -3.94 -59.93
CA SER Y 41 30.49 -3.02 -61.02
C SER Y 41 30.89 -1.57 -60.71
N HIS Y 42 31.29 -0.85 -61.77
CA HIS Y 42 31.88 0.50 -61.72
C HIS Y 42 33.16 0.55 -60.89
N HIS Y 43 33.84 -0.59 -60.75
CA HIS Y 43 35.09 -0.74 -60.03
C HIS Y 43 36.07 -1.49 -60.92
N ILE Y 44 37.35 -1.48 -60.54
CA ILE Y 44 38.36 -2.22 -61.31
C ILE Y 44 38.17 -3.72 -61.11
N CYS Y 45 38.65 -4.51 -62.08
CA CYS Y 45 38.70 -5.92 -61.76
C CYS Y 45 39.89 -6.17 -60.84
N PRO Y 46 39.69 -6.62 -59.59
CA PRO Y 46 40.81 -6.75 -58.66
C PRO Y 46 41.90 -7.72 -59.11
N ASN Y 47 41.57 -8.76 -59.86
CA ASN Y 47 42.59 -9.75 -60.21
C ASN Y 47 43.55 -9.21 -61.24
N CYS Y 48 43.04 -8.88 -62.43
CA CYS Y 48 43.89 -8.46 -63.55
C CYS Y 48 44.24 -6.98 -63.55
N GLY Y 49 43.48 -6.14 -62.85
CA GLY Y 49 43.72 -4.72 -62.85
C GLY Y 49 43.05 -3.93 -63.95
N TYR Y 50 42.28 -4.58 -64.83
CA TYR Y 50 41.66 -3.85 -65.94
C TYR Y 50 40.47 -3.01 -65.50
N TYR Y 51 40.32 -1.88 -66.16
CA TYR Y 51 39.10 -1.10 -66.17
C TYR Y 51 38.89 -0.49 -67.56
N ASP Y 52 39.76 -0.83 -68.55
CA ASP Y 52 39.51 -1.00 -69.99
C ASP Y 52 40.81 -1.46 -70.67
N GLY Y 53 41.93 -0.87 -70.19
CA GLY Y 53 43.20 -1.56 -70.05
C GLY Y 53 43.61 -1.57 -68.58
N ARG Y 54 44.84 -2.00 -68.37
CA ARG Y 54 45.38 -1.98 -67.01
C ARG Y 54 45.37 -0.58 -66.41
N GLN Y 55 44.84 -0.56 -65.20
CA GLN Y 55 44.95 0.47 -64.19
C GLN Y 55 45.98 0.12 -63.12
N VAL Y 56 45.57 -0.49 -62.06
CA VAL Y 56 46.36 -0.74 -60.86
C VAL Y 56 47.15 -2.01 -61.12
N LEU Y 57 48.21 -2.11 -60.35
CA LEU Y 57 49.39 -2.85 -60.72
C LEU Y 57 49.11 -4.33 -60.88
N ALA Y 58 48.21 -4.87 -60.04
CA ALA Y 58 48.11 -6.31 -59.74
C ALA Y 58 47.97 -7.22 -60.96
CA PRO Z 1 -5.16 11.68 62.61
C PRO Z 1 -6.41 11.10 61.93
N ARG Z 2 -7.23 10.34 62.67
CA ARG Z 2 -8.49 9.79 62.16
C ARG Z 2 -9.54 9.89 63.25
N ILE Z 3 -10.81 9.74 62.85
CA ILE Z 3 -11.93 9.67 63.79
C ILE Z 3 -12.20 8.25 64.29
N ILE Z 4 -12.95 7.45 63.51
CA ILE Z 4 -13.20 6.04 63.86
C ILE Z 4 -11.88 5.28 63.83
N VAL Z 5 -11.75 4.25 64.68
CA VAL Z 5 -10.47 3.56 64.86
C VAL Z 5 -10.68 2.05 64.96
N LYS Z 6 -9.60 1.29 64.79
CA LYS Z 6 -9.52 -0.09 65.23
C LYS Z 6 -9.07 -0.15 66.69
N MET Z 7 -9.61 -1.11 67.45
CA MET Z 7 -9.35 -1.25 68.88
C MET Z 7 -9.43 -2.72 69.25
N GLU Z 8 -8.38 -3.24 69.87
CA GLU Z 8 -8.39 -4.61 70.34
C GLU Z 8 -9.21 -4.73 71.63
N SER Z 9 -9.85 -5.89 71.79
CA SER Z 9 -10.54 -6.28 73.02
C SER Z 9 -9.70 -7.35 73.73
N SER Z 10 -9.71 -7.32 75.06
CA SER Z 10 -8.95 -8.29 75.83
C SER Z 10 -9.84 -8.90 76.89
N ALA Z 11 -9.78 -10.22 77.02
CA ALA Z 11 -10.66 -10.94 77.93
C ALA Z 11 -10.33 -10.64 79.39
N GLY Z 12 -11.36 -10.64 80.23
CA GLY Z 12 -11.12 -10.71 81.65
C GLY Z 12 -10.41 -12.01 81.92
N THR Z 13 -9.07 -12.00 81.76
CA THR Z 13 -8.19 -13.15 82.00
C THR Z 13 -8.50 -14.33 81.07
N GLY Z 14 -8.34 -14.09 79.77
CA GLY Z 14 -8.52 -15.14 78.78
C GLY Z 14 -7.46 -15.11 77.69
N PHE Z 15 -7.85 -14.63 76.51
CA PHE Z 15 -6.93 -14.21 75.47
C PHE Z 15 -7.62 -13.55 74.27
N TYR Z 16 -8.29 -14.38 73.45
CA TYR Z 16 -9.23 -14.03 72.39
C TYR Z 16 -9.46 -12.54 72.20
N TYR Z 17 -8.97 -11.99 71.08
CA TYR Z 17 -8.93 -10.54 70.86
C TYR Z 17 -10.27 -9.98 70.39
N THR Z 18 -10.75 -10.41 69.22
CA THR Z 18 -11.83 -9.74 68.49
C THR Z 18 -11.54 -8.25 68.28
N THR Z 19 -11.34 -7.84 67.03
CA THR Z 19 -10.88 -6.50 66.71
C THR Z 19 -11.86 -5.83 65.74
N THR Z 20 -13.07 -5.56 66.23
CA THR Z 20 -14.08 -4.86 65.43
C THR Z 20 -14.42 -3.59 66.20
N LYS Z 21 -13.63 -2.56 65.95
CA LYS Z 21 -13.83 -1.29 66.64
C LYS Z 21 -14.59 -0.30 65.77
N ASN Z 22 -15.31 0.57 66.46
CA ASN Z 22 -16.22 1.54 65.91
C ASN Z 22 -15.80 2.93 66.39
N ARG Z 23 -16.63 3.90 66.06
CA ARG Z 23 -16.25 5.31 66.01
C ARG Z 23 -15.72 5.84 67.34
N ARG Z 24 -14.77 6.79 67.24
CA ARG Z 24 -14.37 7.64 68.36
C ARG Z 24 -15.17 8.93 68.39
N ASN Z 25 -16.27 8.98 67.64
CA ASN Z 25 -17.09 10.18 67.52
C ASN Z 25 -17.83 10.49 68.82
N THR Z 26 -18.50 9.50 69.38
CA THR Z 26 -19.33 9.70 70.57
C THR Z 26 -18.94 8.82 71.75
N GLN Z 27 -18.32 7.66 71.51
CA GLN Z 27 -17.78 6.82 72.58
C GLN Z 27 -16.40 7.37 72.95
N ALA Z 28 -16.43 8.52 73.67
CA ALA Z 28 -15.21 9.30 73.93
C ALA Z 28 -14.18 8.54 74.75
N LYS Z 29 -14.61 7.56 75.56
CA LYS Z 29 -13.66 6.77 76.33
C LYS Z 29 -14.23 5.40 76.66
N LEU Z 30 -15.54 5.21 76.45
CA LEU Z 30 -16.22 3.94 76.73
C LEU Z 30 -15.89 2.87 75.70
N GLU Z 31 -15.80 1.61 76.18
CA GLU Z 31 -15.54 0.45 75.32
C GLU Z 31 -15.55 -0.88 76.08
N LEU Z 32 -16.74 -1.35 76.51
CA LEU Z 32 -16.87 -2.63 77.21
C LEU Z 32 -18.05 -3.42 76.66
N LYS Z 33 -17.86 -4.72 76.47
CA LYS Z 33 -18.92 -5.59 75.94
C LYS Z 33 -18.90 -6.96 76.60
N LYS Z 34 -19.33 -8.02 75.89
CA LYS Z 34 -19.23 -9.38 76.42
C LYS Z 34 -19.28 -10.41 75.29
N TYR Z 35 -18.36 -11.40 75.33
CA TYR Z 35 -18.31 -12.55 74.42
C TYR Z 35 -17.23 -13.52 74.90
N ASP Z 36 -17.35 -14.83 74.44
CA ASP Z 36 -16.58 -15.91 75.09
C ASP Z 36 -15.21 -16.12 74.45
N PRO Z 37 -14.11 -16.14 75.24
CA PRO Z 37 -12.85 -16.69 74.76
C PRO Z 37 -12.85 -18.20 74.66
N VAL Z 38 -11.93 -18.81 75.39
CA VAL Z 38 -11.66 -20.24 75.32
C VAL Z 38 -12.35 -20.97 76.46
N ALA Z 39 -12.61 -20.28 77.58
CA ALA Z 39 -13.63 -20.77 78.50
C ALA Z 39 -14.99 -20.61 77.83
N LYS Z 40 -15.90 -21.54 78.10
CA LYS Z 40 -17.16 -21.52 77.37
C LYS Z 40 -17.97 -20.25 77.63
N LYS Z 41 -17.84 -19.65 78.81
CA LYS Z 41 -18.75 -18.58 79.21
C LYS Z 41 -18.49 -17.27 78.46
N HIS Z 42 -19.58 -16.55 78.14
CA HIS Z 42 -19.47 -15.15 77.78
C HIS Z 42 -18.95 -14.36 78.98
N VAL Z 43 -17.99 -13.46 78.74
CA VAL Z 43 -17.27 -12.74 79.79
C VAL Z 43 -17.16 -11.28 79.41
N VAL Z 44 -16.60 -10.46 80.30
CA VAL Z 44 -16.48 -9.03 80.08
C VAL Z 44 -15.24 -8.72 79.25
N PHE Z 45 -15.43 -7.91 78.22
CA PHE Z 45 -14.37 -7.47 77.29
C PHE Z 45 -14.07 -5.98 77.45
N ARG Z 46 -12.96 -5.67 78.13
CA ARG Z 46 -12.45 -4.30 78.17
C ARG Z 46 -11.64 -4.04 76.91
N GLU Z 47 -12.08 -3.06 76.12
CA GLU Z 47 -11.48 -2.83 74.80
C GLU Z 47 -10.46 -1.69 74.84
N LYS Z 48 -9.70 -1.62 75.94
CA LYS Z 48 -8.56 -0.73 76.06
C LYS Z 48 -7.36 -1.27 75.29
N LYS Z 49 -6.45 -0.36 74.94
CA LYS Z 49 -5.14 -0.71 74.39
C LYS Z 49 -4.31 0.57 74.19
N MET AA 1 43.35 13.64 -6.18
CA MET AA 1 42.75 12.61 -5.36
C MET AA 1 43.80 11.80 -4.71
N LYS AA 2 44.53 12.37 -3.75
CA LYS AA 2 45.49 11.57 -3.00
C LYS AA 2 44.75 10.43 -2.32
N ARG AA 3 45.37 9.26 -2.30
CA ARG AA 3 44.66 8.07 -1.88
C ARG AA 3 45.27 7.45 -0.62
N THR AA 4 44.51 6.49 -0.12
CA THR AA 4 44.79 5.94 1.19
C THR AA 4 46.15 5.24 1.25
N TYR AA 5 46.62 4.60 0.17
CA TYR AA 5 47.86 3.82 0.22
C TYR AA 5 49.02 4.48 -0.52
N GLN AA 6 50.00 4.97 0.25
CA GLN AA 6 51.17 5.72 -0.24
C GLN AA 6 52.39 4.92 0.20
N PRO AA 7 52.91 4.05 -0.65
CA PRO AA 7 53.83 3.02 -0.17
C PRO AA 7 55.10 3.62 0.41
N ASN AA 8 55.63 2.97 1.43
CA ASN AA 8 56.85 3.42 2.06
C ASN AA 8 57.55 2.22 2.67
N ASN AA 9 58.73 1.87 2.15
CA ASN AA 9 59.37 0.64 2.60
C ASN AA 9 59.81 0.71 4.06
N ARG AA 10 60.14 1.89 4.57
CA ARG AA 10 60.51 1.94 5.97
C ARG AA 10 59.27 1.93 6.87
N LYS AA 11 58.20 2.59 6.44
CA LYS AA 11 56.94 2.53 7.16
C LYS AA 11 56.39 1.10 7.22
N ARG AA 12 56.38 0.43 6.06
CA ARG AA 12 55.78 -0.89 5.94
C ARG AA 12 56.46 -1.89 6.85
N ALA AA 13 57.77 -1.77 7.02
CA ALA AA 13 58.50 -2.74 7.80
C ALA AA 13 58.71 -2.31 9.23
N LYS AA 14 58.48 -1.04 9.56
CA LYS AA 14 58.76 -0.61 10.92
C LYS AA 14 57.56 -0.90 11.82
N THR AA 15 56.38 -0.44 11.42
CA THR AA 15 55.15 -1.12 11.78
C THR AA 15 55.11 -2.41 10.97
N HIS AA 16 54.38 -3.43 11.46
CA HIS AA 16 54.05 -4.62 10.66
C HIS AA 16 55.18 -5.67 10.50
N GLY AA 17 56.44 -5.37 10.84
CA GLY AA 17 57.52 -6.27 10.50
C GLY AA 17 57.65 -7.44 11.46
N PHE AA 18 58.51 -8.40 11.08
CA PHE AA 18 58.83 -9.48 12.00
C PHE AA 18 59.52 -8.96 13.25
N ARG AA 19 60.41 -8.01 13.09
CA ARG AA 19 61.09 -7.46 14.26
C ARG AA 19 60.11 -6.81 15.23
N ALA AA 20 59.05 -6.18 14.69
CA ALA AA 20 58.12 -5.42 15.50
C ALA AA 20 57.06 -6.30 16.15
N ARG AA 21 56.67 -7.39 15.48
CA ARG AA 21 55.75 -8.31 16.13
C ARG AA 21 56.36 -8.93 17.39
N MET AA 22 57.67 -9.20 17.38
CA MET AA 22 58.28 -9.81 18.56
C MET AA 22 58.42 -8.83 19.71
N LYS AA 23 58.31 -7.53 19.45
CA LYS AA 23 58.50 -6.55 20.52
C LYS AA 23 57.45 -6.64 21.62
N THR AA 24 56.28 -7.22 21.32
CA THR AA 24 55.20 -7.35 22.29
C THR AA 24 54.61 -8.76 22.27
N LYS AA 25 53.88 -9.08 23.33
CA LYS AA 25 53.17 -10.35 23.39
C LYS AA 25 52.11 -10.42 22.30
N SER AA 26 51.28 -9.37 22.18
CA SER AA 26 50.11 -9.45 21.31
C SER AA 26 50.49 -9.73 19.87
N GLY AA 27 51.65 -9.24 19.45
CA GLY AA 27 52.14 -9.55 18.12
C GLY AA 27 52.73 -10.95 18.02
N ARG AA 28 53.40 -11.39 19.08
CA ARG AA 28 53.87 -12.76 19.05
C ARG AA 28 52.69 -13.70 19.01
N ASN AA 29 51.56 -13.28 19.55
CA ASN AA 29 50.32 -14.01 19.28
C ASN AA 29 49.99 -13.97 17.80
N ILE AA 30 50.23 -12.84 17.13
CA ILE AA 30 49.90 -12.76 15.71
C ILE AA 30 50.75 -13.73 14.91
N LEU AA 31 52.00 -13.92 15.33
CA LEU AA 31 52.86 -14.88 14.66
C LEU AA 31 52.38 -16.30 14.87
N ALA AA 32 52.42 -16.77 16.13
CA ALA AA 32 52.07 -18.16 16.38
C ALA AA 32 50.65 -18.47 15.91
N ARG AA 33 49.77 -17.46 15.94
CA ARG AA 33 48.41 -17.67 15.42
C ARG AA 33 48.42 -17.89 13.91
N ARG AA 34 49.28 -17.16 13.17
CA ARG AA 34 49.34 -17.38 11.72
C ARG AA 34 50.18 -18.61 11.39
N ARG AA 35 51.26 -18.84 12.14
CA ARG AA 35 52.03 -20.05 11.88
C ARG AA 35 51.10 -21.25 11.99
N ALA AA 36 50.20 -21.24 12.97
CA ALA AA 36 49.23 -22.32 13.09
C ALA AA 36 48.30 -22.39 11.90
N LYS AA 37 47.95 -21.24 11.31
CA LYS AA 37 47.18 -21.30 10.08
C LYS AA 37 48.03 -21.81 8.93
N GLY AA 38 49.35 -21.95 9.17
CA GLY AA 38 50.26 -22.50 8.18
C GLY AA 38 50.49 -21.59 7.00
N ARG AA 39 50.46 -20.26 7.22
CA ARG AA 39 50.17 -19.36 6.12
C ARG AA 39 51.33 -19.23 5.13
N HIS AA 40 52.46 -18.64 5.52
CA HIS AA 40 53.63 -18.35 4.67
C HIS AA 40 53.89 -16.85 4.58
N GLN AA 41 52.82 -16.06 4.34
CA GLN AA 41 52.96 -14.61 4.50
C GLN AA 41 53.57 -14.28 5.86
N LEU AA 42 53.04 -14.87 6.92
CA LEU AA 42 53.55 -14.71 8.28
C LEU AA 42 53.56 -13.26 8.71
N THR AA 43 54.47 -12.44 8.16
CA THR AA 43 54.48 -10.99 8.39
C THR AA 43 54.42 -10.21 7.08
N VAL AA 44 55.03 -9.02 7.05
CA VAL AA 44 55.31 -8.32 5.79
C VAL AA 44 56.69 -8.60 5.24
N SER AA 45 57.54 -9.26 6.00
CA SER AA 45 58.91 -9.52 5.58
C SER AA 45 58.99 -10.64 4.54
N ASP AA 46 57.86 -11.23 4.18
CA ASP AA 46 57.77 -12.34 3.23
C ASP AA 46 58.48 -13.52 3.83
N PRO BA 1 16.09 -33.97 33.14
CA PRO BA 1 15.82 -33.51 34.52
C PRO BA 1 14.37 -33.03 34.64
N LYS BA 2 14.00 -32.21 35.64
CA LYS BA 2 12.68 -31.58 35.72
C LYS BA 2 12.45 -31.01 37.12
N MET BA 3 12.53 -29.70 37.27
CA MET BA 3 12.27 -29.12 38.58
C MET BA 3 10.80 -29.22 38.97
N LYS BA 4 10.56 -29.16 40.28
CA LYS BA 4 9.27 -28.72 40.79
C LYS BA 4 9.35 -27.19 40.92
N THR BA 5 8.23 -26.52 40.67
CA THR BA 5 8.26 -25.08 40.88
C THR BA 5 7.93 -24.91 42.36
N HIS BA 6 8.96 -24.63 43.16
CA HIS BA 6 8.82 -24.62 44.61
C HIS BA 6 7.83 -23.57 45.09
N LYS BA 7 7.37 -22.71 44.20
CA LYS BA 7 6.18 -21.88 44.35
C LYS BA 7 4.91 -22.74 44.42
N MET BA 8 5.04 -24.04 44.27
CA MET BA 8 3.82 -24.83 44.38
C MET BA 8 3.68 -25.52 45.72
N ALA BA 9 4.77 -25.69 46.46
CA ALA BA 9 4.79 -26.73 47.47
C ALA BA 9 4.14 -26.33 48.79
N LYS BA 10 4.82 -25.50 49.58
CA LYS BA 10 4.21 -25.06 50.81
C LYS BA 10 3.12 -24.03 50.55
N ARG BA 11 3.06 -23.56 49.32
CA ARG BA 11 1.89 -22.87 48.84
C ARG BA 11 0.78 -23.88 48.66
N ARG BA 12 -0.45 -23.38 48.66
CA ARG BA 12 -1.60 -24.21 48.36
C ARG BA 12 -1.30 -25.02 47.12
N ILE BA 13 -2.18 -25.97 46.82
CA ILE BA 13 -1.92 -27.11 45.94
C ILE BA 13 -1.27 -28.19 46.79
N LYS BA 14 -2.09 -28.89 47.57
CA LYS BA 14 -1.85 -30.29 47.85
C LYS BA 14 -2.19 -31.09 46.61
N ILE BA 15 -1.35 -32.06 46.29
CA ILE BA 15 -1.55 -32.83 45.07
C ILE BA 15 -2.59 -33.90 45.25
N THR BA 16 -3.02 -34.10 46.49
CA THR BA 16 -3.34 -35.41 47.00
C THR BA 16 -4.65 -35.99 46.45
N GLY BA 17 -4.74 -37.32 46.50
CA GLY BA 17 -6.00 -38.01 46.50
C GLY BA 17 -6.14 -38.94 45.30
N THR BA 18 -7.36 -39.00 44.77
CA THR BA 18 -7.63 -39.67 43.51
C THR BA 18 -7.13 -38.80 42.37
N GLY BA 19 -5.93 -38.24 42.52
CA GLY BA 19 -5.33 -37.49 41.46
C GLY BA 19 -5.85 -36.07 41.28
N LYS BA 20 -6.66 -35.55 42.21
CA LYS BA 20 -7.23 -34.22 42.03
C LYS BA 20 -6.53 -33.21 42.94
N VAL BA 21 -6.59 -31.94 42.50
CA VAL BA 21 -5.72 -30.86 42.96
C VAL BA 21 -6.47 -30.00 43.97
N MET BA 22 -6.20 -30.18 45.25
CA MET BA 22 -6.75 -29.27 46.26
C MET BA 22 -5.92 -28.01 46.28
N ALA BA 23 -6.56 -26.92 46.66
CA ALA BA 23 -5.88 -25.65 46.87
C ALA BA 23 -6.55 -25.00 48.08
N PHE BA 24 -6.17 -23.77 48.39
CA PHE BA 24 -6.71 -23.17 49.58
C PHE BA 24 -7.84 -22.21 49.25
N LYS BA 25 -8.25 -21.46 50.28
CA LYS BA 25 -9.15 -20.33 50.16
C LYS BA 25 -8.44 -19.08 50.68
N SER BA 26 -8.64 -17.98 49.97
CA SER BA 26 -7.61 -16.97 49.75
C SER BA 26 -7.85 -15.66 50.49
N GLY BA 27 -8.87 -14.90 50.11
CA GLY BA 27 -8.96 -13.50 50.51
C GLY BA 27 -9.09 -13.34 52.01
N LYS BA 28 -8.76 -12.13 52.45
CA LYS BA 28 -8.51 -11.83 53.87
C LYS BA 28 -7.45 -12.80 54.44
N ARG BA 29 -6.23 -12.56 53.93
CA ARG BA 29 -5.04 -13.28 54.39
C ARG BA 29 -4.76 -12.91 55.83
N HIS BA 30 -3.69 -12.14 55.97
CA HIS BA 30 -3.41 -11.32 57.12
C HIS BA 30 -3.39 -9.87 56.68
N GLN BA 31 -3.91 -9.59 55.48
CA GLN BA 31 -4.22 -8.20 55.25
C GLN BA 31 -5.48 -7.84 56.00
N ASN BA 32 -5.62 -6.53 56.25
CA ASN BA 32 -6.49 -6.03 57.30
C ASN BA 32 -7.90 -6.60 57.18
N THR BA 33 -8.59 -6.70 58.33
CA THR BA 33 -9.93 -7.26 58.31
C THR BA 33 -10.76 -6.81 59.52
N GLY BA 34 -11.77 -5.97 59.23
CA GLY BA 34 -13.06 -5.97 59.88
C GLY BA 34 -13.78 -7.07 59.12
N LYS BA 35 -14.88 -6.80 58.41
CA LYS BA 35 -15.57 -7.84 57.64
C LYS BA 35 -16.17 -8.95 58.52
N SER BA 36 -16.85 -9.91 57.88
CA SER BA 36 -17.71 -10.85 58.58
C SER BA 36 -16.92 -11.93 59.32
N GLY BA 37 -17.55 -12.46 60.38
CA GLY BA 37 -17.00 -13.60 61.11
C GLY BA 37 -17.23 -14.94 60.46
N ASP BA 38 -18.22 -15.04 59.55
CA ASP BA 38 -18.46 -16.27 58.78
C ASP BA 38 -17.64 -16.33 57.47
N GLU BA 39 -16.99 -15.22 57.06
CA GLU BA 39 -15.94 -15.27 56.05
C GLU BA 39 -14.53 -15.40 56.64
N ILE BA 40 -14.25 -14.74 57.76
CA ILE BA 40 -12.93 -14.90 58.37
C ILE BA 40 -12.65 -16.35 58.69
N ARG BA 41 -13.71 -17.14 58.88
CA ARG BA 41 -13.63 -18.57 59.18
C ARG BA 41 -13.65 -19.43 57.91
N GLY BA 42 -14.41 -19.02 56.90
CA GLY BA 42 -14.53 -19.83 55.70
C GLY BA 42 -13.39 -19.65 54.72
N LYS BA 43 -12.15 -19.64 55.24
CA LYS BA 43 -10.95 -19.48 54.43
C LYS BA 43 -9.96 -20.63 54.65
N GLY BA 44 -10.50 -21.84 54.92
CA GLY BA 44 -9.73 -23.02 55.27
C GLY BA 44 -9.03 -23.73 54.12
N LYS BA 45 -9.77 -24.54 53.36
CA LYS BA 45 -9.16 -25.36 52.31
C LYS BA 45 -10.15 -25.54 51.17
N GLY BA 46 -9.84 -24.95 50.01
CA GLY BA 46 -10.65 -25.05 48.81
C GLY BA 46 -10.24 -26.24 47.98
N PHE BA 47 -10.47 -26.15 46.66
CA PHE BA 47 -9.86 -27.06 45.68
C PHE BA 47 -10.30 -26.67 44.27
N VAL BA 48 -9.34 -26.43 43.39
CA VAL BA 48 -9.61 -25.74 42.12
C VAL BA 48 -10.29 -26.71 41.16
N LEU BA 49 -10.16 -26.51 39.84
CA LEU BA 49 -10.97 -27.35 38.96
C LEU BA 49 -10.45 -27.56 37.54
N ALA BA 50 -10.48 -26.53 36.69
CA ALA BA 50 -10.10 -26.65 35.29
C ALA BA 50 -8.70 -26.13 34.99
N LYS BA 51 -7.90 -25.92 36.04
CA LYS BA 51 -6.50 -25.54 35.90
C LYS BA 51 -5.57 -26.65 36.37
N ALA BA 52 -6.11 -27.78 36.80
CA ALA BA 52 -5.31 -28.73 37.54
C ALA BA 52 -4.13 -29.24 36.72
N GLU BA 53 -4.32 -29.41 35.42
CA GLU BA 53 -3.24 -29.97 34.60
C GLU BA 53 -2.00 -29.10 34.68
N TRP BA 54 -2.19 -27.78 34.72
CA TRP BA 54 -1.07 -26.87 34.93
C TRP BA 54 -0.48 -27.03 36.32
N ALA BA 55 -1.33 -27.13 37.35
CA ALA BA 55 -0.83 -27.23 38.71
C ALA BA 55 -0.05 -28.51 38.93
N ARG BA 56 -0.45 -29.59 38.25
CA ARG BA 56 0.15 -30.88 38.51
C ARG BA 56 1.61 -30.91 38.09
N MET BA 57 1.89 -30.47 36.87
CA MET BA 57 3.26 -30.50 36.38
C MET BA 57 4.12 -29.42 37.00
N LYS BA 58 3.51 -28.51 37.77
CA LYS BA 58 4.29 -27.70 38.71
C LYS BA 58 4.99 -28.57 39.72
N LEU BA 59 4.41 -29.72 40.03
CA LEU BA 59 4.76 -30.44 41.25
C LEU BA 59 4.34 -31.90 41.12
N MET BA 60 4.60 -32.53 39.98
CA MET BA 60 4.07 -33.88 39.75
C MET BA 60 4.67 -34.91 40.72
N LEU BA 61 5.95 -34.76 41.10
CA LEU BA 61 6.44 -35.43 42.30
C LEU BA 61 5.99 -34.62 43.52
N PRO BA 62 5.20 -35.21 44.44
CA PRO BA 62 4.25 -34.46 45.30
C PRO BA 62 4.89 -33.70 46.47
N ARG BA 63 5.81 -32.79 46.14
CA ARG BA 63 6.46 -31.95 47.15
C ARG BA 63 5.63 -30.70 47.49
C1 QU2 CA . 21.04 11.04 -6.09
C10 QU2 CA . 20.88 7.04 -5.00
C11 QU2 CA . 22.09 7.51 -4.71
C12 QU2 CA . 23.04 8.32 -5.61
C13 QU2 CA . 22.95 8.24 -7.08
C14 QU2 CA . 23.26 9.26 -8.15
C15 QU2 CA . 22.66 10.64 -7.83
C16 QU2 CA . 22.67 11.59 -9.01
C17 QU2 CA . 22.34 12.99 -8.60
C18 QU2 CA . 16.32 10.71 -6.74
C19 QU2 CA . 17.54 9.18 -2.15
C2 QU2 CA . 19.66 10.76 -5.63
C20 QU2 CA . 18.31 5.95 -5.72
C21 QU2 CA . 24.75 9.24 -8.41
C22 QU2 CA . 14.33 9.46 -4.15
C23 QU2 CA . 12.97 9.09 -4.75
C24 QU2 CA . 11.80 9.72 -3.98
C25 QU2 CA . 11.97 9.55 -2.48
C26 QU2 CA . 13.30 10.14 -2.11
C27 QU2 CA . 13.59 10.14 -0.66
C28 QU2 CA . 9.40 9.41 -3.52
C29 QU2 CA . 10.28 8.47 -5.55
C3 QU2 CA . 18.72 10.15 -6.35
C30 QU2 CA . 26.27 10.51 -7.14
C31 QU2 CA . 27.40 9.47 -7.21
C32 QU2 CA . 28.83 10.07 -7.56
C33 QU2 CA . 29.08 11.50 -7.07
C34 QU2 CA . 27.92 11.97 -6.21
C35 QU2 CA . 27.99 13.39 -5.72
C36 QU2 CA . 30.36 8.87 -5.88
C37 QU2 CA . 26.80 7.84 -5.45
C4 QU2 CA . 17.27 9.79 -5.96
C5 QU2 CA . 16.72 9.51 -4.50
C6 QU2 CA . 17.66 8.72 -3.59
C7 QU2 CA . 17.46 7.16 -3.58
C8 QU2 CA . 18.49 6.09 -4.23
C9 QU2 CA . 19.97 6.24 -3.92
N1 QU2 CA . 10.44 9.50 -4.53
O1 QU2 CA . 21.92 11.55 -5.40
O10 QU2 CA . 12.96 9.60 -6.08
O11 QU2 CA . 20.32 6.37 -2.75
O12 QU2 CA . 24.12 7.74 -6.41
O2 QU2 CA . 21.27 10.60 -7.36
O3 QU2 CA . 25.48 10.46 -8.28
O4 QU2 CA . 26.72 11.84 -6.99
O5 QU2 CA . 27.42 9.05 -5.84
O6 QU2 CA . 29.88 9.10 -7.20
O7 QU2 CA . 30.35 11.61 -6.42
O8 QU2 CA . 15.49 8.80 -4.63
O9 QU2 CA . 14.34 9.38 -2.74
MG MG DA . 28.35 16.57 30.13
MG MG EA . 36.14 8.58 6.00
MG MG FA . 10.57 -5.92 -8.91
MG MG GA . 4.67 -22.76 -1.48
MG MG HA . 49.36 39.87 2.25
MG MG IA . 8.57 3.44 -7.96
MG MG JA . 33.77 38.42 -40.38
MG MG KA . 42.76 -7.19 -29.97
MG MG LA . 27.05 44.48 -38.92
MG MG MA . 14.90 11.20 -23.44
MG MG NA . 3.51 -16.62 7.29
MG MG OA . -8.96 -13.01 -21.54
MG MG PA . -11.79 -3.89 -22.45
MG MG QA . 59.74 40.41 -46.12
MG MG RA . 10.68 42.64 -13.34
MG MG SA . -8.65 -17.12 -10.26
MG MG TA . -0.16 3.88 22.84
MG MG UA . 34.35 38.05 9.17
MG MG VA . 27.28 25.46 -64.51
MG MG WA . 63.80 58.23 -54.75
MG MG XA . 28.31 23.86 17.93
MG MG YA . 20.42 -14.86 14.09
MG MG ZA . 22.30 -15.89 -10.16
MG MG AB . 43.63 40.47 0.52
MG MG BB . -20.04 -20.86 4.48
MG MG CB . 27.51 37.26 -12.98
MG MG DB . 24.73 44.55 34.34
MG MG EB . 9.28 -0.99 5.80
MG MG FB . 26.69 13.41 11.59
MG MG GB . 34.47 -28.84 -2.00
MG MG HB . 61.50 -1.92 -25.56
MG MG IB . -0.19 19.37 -9.20
MG MG JB . -26.67 27.58 -21.12
MG MG KB . 6.46 -2.07 -6.02
MG MG LB . -6.15 -4.16 3.96
MG MG MB . -1.75 -6.80 -31.17
MG MG NB . 11.29 -22.62 32.58
MG MG OB . -15.79 13.58 -47.09
MG MG PB . 22.94 8.91 31.71
MG MG QB . 45.18 8.10 -35.23
MG MG RB . 52.09 26.03 -31.53
MG MG SB . 30.77 20.17 2.24
MG MG TB . 43.55 22.26 -6.83
MG MG UB . 35.54 -46.50 -17.67
MG MG VB . 41.68 57.97 -41.97
MG MG WB . -12.97 -0.34 10.21
MG MG XB . -32.99 -7.35 29.91
MG MG YB . 51.97 19.65 -5.67
MG MG ZB . 88.39 -0.06 -10.30
MG MG AC . -43.87 4.26 22.48
MG MG BC . 53.58 25.34 -37.11
MG MG CC . 81.82 10.90 -17.65
MG MG DC . -30.92 51.38 -27.07
MG MG EC . 14.16 -20.02 -7.01
MG MG FC . 70.43 4.34 -20.91
MG MG GC . -7.66 4.13 -20.61
MG MG HC . 46.79 9.36 -16.04
MG MG IC . 61.02 32.60 -21.95
MG MG JC . 52.67 29.88 -20.61
MG MG KC . 76.38 34.69 -39.13
MG MG LC . -22.22 -14.24 -16.53
MG MG MC . 64.46 1.85 -5.77
MG MG NC . 15.65 -50.00 -20.95
MG MG OC . 40.46 -52.45 -36.60
MG MG PC . 65.39 31.19 -16.63
MG MG QC . 20.95 -5.27 29.66
MG MG RC . 70.38 12.98 4.72
MG MG SC . -13.87 -10.42 -60.29
MG MG TC . -9.04 -16.69 0.53
MG MG UC . 82.70 -27.63 6.45
MG MG VC . 37.97 -13.90 42.00
MG MG WC . -21.94 -32.42 -1.14
MG MG XC . -24.96 -4.64 -11.48
MG MG YC . 13.12 1.53 8.80
MG MG ZC . -10.40 3.79 -40.63
MG MG AD . 3.33 -4.49 3.11
MG MG BD . -14.09 -33.55 2.21
MG MG CD . -17.87 -1.01 7.76
MG MG DD . 4.80 53.17 0.61
MG MG ED . 14.84 -9.39 29.89
MG MG FD . 13.12 47.05 -10.50
MG MG GD . 64.17 -54.47 -3.11
MG MG HD . 61.59 38.79 -21.62
MG MG ID . -18.49 -31.92 5.20
MG MG JD . 67.05 -1.51 -9.02
MG MG KD . -26.17 -34.09 -7.04
MG MG LD . -28.01 12.10 16.22
MG MG MD . -34.87 -31.49 -24.22
MG MG ND . -7.67 -23.08 24.69
MG MG OD . -6.83 -13.48 -42.56
MG MG PD . 43.99 57.92 -34.00
MG MG QD . 5.05 58.13 -4.74
MG MG RD . 50.89 -19.54 -26.93
MG MG SD . -8.06 26.22 -18.06
MG MG TD . 41.00 35.07 -44.88
MG MG UD . 7.22 -44.77 27.05
MG MG VD . 54.90 -8.72 -51.28
MG MG WD . 22.67 -53.81 -23.71
MG MG XD . 27.56 40.90 19.47
MG MG YD . 32.31 -11.97 58.78
MG MG ZD . -35.54 -14.48 1.14
MG MG AE . -5.58 19.02 3.05
MG MG BE . 17.60 31.67 21.37
MG MG CE . 79.83 -1.02 -5.49
MG MG DE . 26.20 -45.02 -11.36
MG MG EE . 13.01 37.76 0.28
MG MG FE . 77.15 3.28 -30.09
MG MG GE . 4.72 -14.36 66.87
MG MG HE . 25.32 -16.55 24.73
MG MG IE . 59.67 15.87 -17.22
MG MG JE . -27.04 -43.99 -8.18
MG MG KE . 6.98 38.63 -15.75
MG MG LE . 32.31 -40.33 -25.73
MG MG ME . 5.19 12.74 -14.82
MG MG NE . 5.57 38.88 9.18
MG MG OE . -0.17 -50.49 28.22
MG MG PE . 28.06 -24.86 -22.72
MG MG QE . 5.26 30.34 -40.32
MG MG RE . -6.05 1.31 5.14
MG MG SE . -6.19 -9.35 21.52
MG MG TE . 79.36 9.70 2.75
MG MG UE . 15.73 30.53 29.79
MG MG VE . 60.46 2.50 27.59
MG MG WE . 24.11 47.92 16.47
MG MG XE . -33.40 -17.71 -29.90
MG MG YE . -6.59 -3.44 35.23
MG MG ZE . 14.71 44.49 6.89
MG MG AF . 32.21 -36.08 -22.67
MG MG BF . -8.68 -15.53 7.10
MG MG CF . 41.98 30.00 -52.76
MG MG DF . 33.17 10.64 -36.97
MG MG EF . 19.07 40.28 22.39
MG MG FF . 73.34 41.55 -41.24
MG MG GF . 11.74 12.57 -12.12
MG MG HF . -5.10 -0.16 17.04
MG MG IF . -22.07 -16.21 -9.70
MG MG JF . 26.09 20.37 -36.98
MG MG KF . 21.13 25.93 -37.19
MG MG LF . 72.31 -28.65 -6.85
MG MG MF . 10.99 40.79 -6.95
MG MG NF . 33.52 7.92 -73.05
MG MG OF . -46.08 -9.64 -28.07
MG MG PF . -27.22 40.58 -26.79
MG MG QF . 16.67 -10.75 49.56
MG MG RF . -11.69 -9.92 -5.45
MG MG SF . -18.93 -5.50 -3.73
MG MG TF . 74.96 42.09 -8.30
MG MG UF . 36.75 -71.92 -11.99
MG MG VF . 40.84 -29.15 -30.49
MG MG WF . 40.76 31.61 -64.97
MG MG XF . -34.09 28.47 -43.24
MG MG YF . 65.12 25.38 -3.23
MG MG ZF . 60.45 39.26 -4.93
MG MG AG . 31.70 4.69 51.98
MG MG BG . 56.92 11.92 43.33
MG MG CG . 35.61 6.41 47.10
MG MG DG . 79.31 10.59 21.85
MG MG EG . 75.22 7.60 18.43
MG MG FG . 3.65 10.78 -1.27
MG MG GG . -7.91 18.96 -3.47
MG MG HG . -34.39 -9.43 24.69
MG MG IG . 39.53 22.95 3.70
MG MG JG . 16.87 6.49 -63.94
MG MG KG . -24.69 30.26 -41.54
MG MG LG . -16.76 35.81 -39.01
MG MG MG . 30.78 24.81 -1.04
MG MG NG . 17.01 7.44 -59.70
MG MG OG . 25.62 42.15 28.95
MG MG PG . 63.04 -25.46 -1.67
MG MG QG . 70.83 -13.86 21.08
MG MG RG . 65.03 -26.28 11.39
MG MG SG . 72.57 -11.49 17.25
MG MG TG . 89.60 6.19 -11.15
MG MG UG . 70.59 6.03 -14.93
MG MG VG . -41.04 -19.40 -12.63
MG MG WG . -38.25 -28.44 -19.26
MG MG XG . -1.95 -35.88 8.46
MG MG YG . -14.52 -32.57 25.59
MG MG ZG . -0.11 -27.03 24.91
MG MG AH . -38.82 -40.90 22.24
MG MG BH . -8.36 -31.83 26.30
MG MG CH . -17.72 -28.37 26.74
MG MG DH . -30.81 -32.78 28.67
MG MG EH . -35.65 -34.58 24.76
MG MG FH . -39.90 -25.16 25.58
MG MG GH . 21.01 52.10 -22.69
MG MG HH . 33.10 51.09 -0.46
MG MG IH . 40.39 40.63 -4.81
MG MG JH . 51.41 50.61 -54.74
MG MG KH . 50.72 37.14 -40.70
MG MG LH . 51.96 38.68 -48.11
MG MG MH . 45.64 43.58 -29.33
MG MG NH . 39.77 35.80 -28.91
MG MG OH . -22.39 -49.46 -1.11
MG MG PH . 31.28 -28.19 4.15
MG MG QH . 83.00 14.22 -0.56
MG MG RH . -18.41 -7.58 15.38
MG MG SH . -18.91 -7.33 22.93
MG MG TH . -10.88 -8.22 18.72
MG MG UH . 9.29 -19.15 69.54
MG MG VH . 41.04 34.56 24.92
MG MG WH . 58.29 -42.00 -13.74
MG MG XH . 35.04 -51.56 -19.10
MG MG YH . -13.23 -7.82 36.22
MG MG ZH . 50.04 -31.28 -41.53
MG MG AI . -39.64 24.83 -37.75
MG MG BI . -39.80 24.93 -31.56
MG MG CI . 16.30 -5.61 -7.18
MG MG DI . 6.52 -18.92 -62.43
MG MG EI . 22.43 11.74 41.07
MG MG FI . -56.63 10.66 22.55
MG MG GI . 38.06 36.75 4.26
MG MG HI . 12.00 50.84 9.08
MG MG II . 6.62 49.09 6.04
MG MG JI . 45.84 -20.06 28.21
MG MG KI . 55.07 -22.53 28.45
MG MG LI . 49.55 -8.88 0.72
MG MG MI . 38.39 -21.36 4.17
MG MG NI . -37.18 3.68 13.29
MG MG OI . 7.20 3.01 38.62
MG MG PI . 30.88 -28.07 -9.79
MG MG QI . 64.44 -2.94 -31.52
MG MG RI . -11.77 -10.05 -52.36
MG MG SI . -18.60 1.83 -10.34
MG MG TI . 16.51 0.50 26.38
MG MG UI . 57.72 11.18 -22.02
MG MG VI . -12.38 2.37 -16.49
MG MG WI . 20.46 39.32 -48.18
MG MG XI . 58.81 17.49 36.06
MG MG YI . 38.40 3.61 -9.49
MG MG ZI . 1.98 -8.26 -8.59
MG MG AJ . -7.30 12.44 1.76
MG MG BJ . 20.14 23.96 -66.89
MG MG CJ . 25.88 19.22 -78.03
MG MG DJ . 33.05 9.67 -22.93
MG MG EJ . 26.47 9.75 -24.19
MG MG FJ . 23.21 -9.51 -17.71
MG MG GJ . 11.61 -32.09 -27.16
MG MG HJ . 42.04 49.16 -0.69
MG MG IJ . 42.94 62.85 1.49
MG MG JJ . 36.23 66.98 5.60
MG MG KJ . 22.63 45.10 -5.90
MG MG LJ . 33.62 10.59 27.49
MG MG MJ . 34.41 -2.43 24.46
MG MG NJ . 40.67 0.10 -1.80
MG MG OJ . -7.62 -3.81 -42.64
MG MG PJ . -15.50 -16.62 -5.03
MG MG QJ . -21.08 -18.56 -5.95
MG MG RJ . 36.18 -19.36 60.00
MG MG SJ . 40.55 -15.04 61.59
MG MG TJ . 15.33 26.67 -1.20
MG MG UJ . 5.74 -4.95 43.70
MG MG VJ . -0.91 -34.54 16.57
MG MG WJ . 20.03 34.24 -3.33
MG MG XJ . 36.42 -23.13 25.16
MG MG YJ . 17.65 -19.77 25.66
MG MG ZJ . 14.02 31.51 -26.47
MG MG AK . -40.35 -1.98 63.59
MG MG BK . -16.25 -39.19 20.61
MG MG CK . -22.97 47.47 -39.92
MG MG DK . -26.02 8.91 22.85
MG MG EK . 29.31 27.96 -25.22
MG MG FK . -36.83 -14.72 80.36
MG MG GK . -29.59 -21.54 70.16
MG MG HK . -29.21 -19.55 61.91
MG MG IK . -13.95 13.78 32.28
MG MG JK . -16.54 -40.34 49.71
MG MG KK . 9.98 -38.07 16.91
MG MG LK . 13.48 -43.32 34.91
MG MG MK . 22.84 -37.82 35.06
MG MG NK . 34.02 -37.42 -32.81
MG MG OK . 102.93 21.75 23.35
MG MG PK . 39.16 -60.27 -6.46
MG MG QK . 42.57 -25.77 -34.81
MG MG RK . 39.87 -43.19 3.11
MG MG SK . 16.92 -31.23 4.98
MG MG TK . 44.12 -12.92 -39.49
MG MG UK . 46.68 -11.23 -31.70
MG MG VK . 50.70 6.63 -42.68
MG MG WK . 62.42 5.72 -49.46
MG MG XK . 53.63 3.60 -33.67
MG MG YK . 61.51 -6.95 -28.72
MG MG ZK . 38.78 -6.84 -34.36
MG MG AL . 19.33 -31.41 -26.00
MG MG BL . -30.15 24.07 0.94
MG MG CL . -45.79 16.92 -7.36
MG MG DL . 32.43 -46.25 47.30
MG MG EL . -53.94 32.99 -34.72
MG MG FL . -63.95 30.20 -23.04
MG MG GL . -62.24 46.14 2.44
MG MG HL . 3.18 16.30 1.60
MG MG IL . 3.28 37.06 -39.97
MG MG JL . 13.58 -15.87 -44.60
MG MG KL . 4.95 -24.06 -47.08
MG MG LL . 12.25 -24.16 -38.88
MG MG ML . 17.55 -23.02 -40.50
MG MG NL . 74.70 -51.50 3.58
MG MG OL . 76.43 -18.12 23.14
MG MG PL . 22.23 -6.55 36.20
MG MG QL . 15.85 -7.57 23.62
MG MG RL . 30.79 -23.44 67.39
MG MG SL . 24.89 -28.91 67.16
MG MG TL . 19.29 -29.95 69.40
MG MG UL . 50.99 -30.55 64.77
MG MG VL . 26.21 -42.85 -0.47
MG MG WL . 47.40 -5.82 -0.86
MG MG XL . 41.94 -43.67 -16.63
MG MG YL . 46.25 -30.21 -37.58
MG MG ZL . -8.60 -21.16 -30.41
MG MG AM . 14.45 -42.67 17.39
MG MG BM . 28.74 2.05 14.64
MG MG CM . 51.66 10.78 8.16
MG MG DM . 39.80 16.45 6.09
MG MG EM . 55.77 56.96 16.31
MG MG FM . 65.47 57.59 -3.66
MG MG GM . 26.63 30.71 -1.00
MG MG HM . 20.08 27.30 -3.94
MG MG IM . 40.24 16.32 24.83
MG MG JM . 24.24 20.28 16.11
MG MG KM . 19.83 22.83 13.09
MG MG LM . -0.16 -5.48 35.63
MG MG MM . 65.67 9.66 25.89
MG MG NM . 68.28 12.07 24.68
MG MG OM . 91.94 33.84 -25.51
MG MG PM . -12.34 15.35 -0.12
MG MG QM . -4.16 -4.82 -63.65
MG MG RM . -26.68 64.10 -47.70
MG MG SM . -21.84 64.32 -44.48
MG MG TM . -36.65 66.64 -35.79
MG MG UM . 14.65 -6.06 -71.23
MG MG VM . 34.35 36.13 -63.68
MG MG WM . 0.58 -5.99 -13.34
MG MG XM . 15.57 20.11 -48.39
MG MG YM . -4.62 6.17 -5.67
MG MG ZM . -1.97 40.60 -15.77
N1 SPD AN . 18.39 47.01 -50.12
C2 SPD AN . 19.69 46.35 -50.30
C3 SPD AN . 20.07 45.25 -49.26
C4 SPD AN . 21.34 44.46 -49.63
C5 SPD AN . 21.84 43.69 -48.43
N6 SPD AN . 22.63 44.57 -47.62
C7 SPD AN . 23.84 45.05 -48.22
C8 SPD AN . 24.99 44.96 -47.20
C9 SPD AN . 24.47 44.00 -46.13
N10 SPD AN . 23.98 44.77 -44.99
N1 SPD BN . 45.64 5.50 -24.08
C2 SPD BN . 44.27 5.97 -23.91
C3 SPD BN . 43.28 5.14 -24.76
C4 SPD BN . 42.04 5.86 -25.37
C5 SPD BN . 42.15 7.01 -26.41
N6 SPD BN . 40.90 7.69 -26.80
C7 SPD BN . 40.27 8.08 -28.08
C8 SPD BN . 39.31 9.28 -27.83
C9 SPD BN . 38.51 9.94 -28.97
N10 SPD BN . 37.23 9.34 -29.31
N1 SPD CN . 42.77 28.80 -36.52
C2 SPD CN . 42.86 27.37 -36.58
C3 SPD CN . 43.96 26.75 -35.69
C4 SPD CN . 44.06 27.04 -34.14
C5 SPD CN . 44.35 25.71 -33.40
N6 SPD CN . 44.11 25.54 -31.99
C7 SPD CN . 44.96 26.04 -30.94
C8 SPD CN . 46.39 25.99 -31.40
C9 SPD CN . 47.28 26.57 -30.29
N10 SPD CN . 48.63 26.94 -30.74
N1 SPD DN . 18.95 4.19 -33.10
C2 SPD DN . 20.18 4.24 -32.33
C3 SPD DN . 20.16 5.50 -31.49
C4 SPD DN . 21.28 5.39 -30.50
C5 SPD DN . 22.48 6.33 -30.69
N6 SPD DN . 23.23 6.12 -31.94
C7 SPD DN . 24.60 6.60 -32.27
C8 SPD DN . 25.74 5.92 -31.41
C9 SPD DN . 27.12 6.59 -31.31
N10 SPD DN . 27.87 6.01 -30.19
N1 SPD EN . 33.67 -18.28 60.89
C2 SPD EN . 34.90 -17.62 60.47
C3 SPD EN . 35.90 -17.63 61.62
C4 SPD EN . 37.34 -17.63 61.12
C5 SPD EN . 38.26 -18.28 62.16
N6 SPD EN . 39.66 -18.39 61.77
C7 SPD EN . 40.54 -17.25 61.98
C8 SPD EN . 41.99 -17.59 61.72
C9 SPD EN . 42.89 -16.40 62.05
N10 SPD EN . 44.28 -16.74 61.83
N1 SPD FN . -14.49 18.84 -41.19
C2 SPD FN . -13.46 19.56 -40.45
C3 SPD FN . -13.18 19.07 -39.00
C4 SPD FN . -12.18 19.93 -38.21
C5 SPD FN . -11.68 19.26 -36.92
N6 SPD FN . -10.60 19.93 -36.19
C7 SPD FN . -11.00 20.92 -35.18
C8 SPD FN . -9.93 21.33 -34.15
C9 SPD FN . -10.33 22.49 -33.20
N10 SPD FN . -9.21 23.01 -32.41
N1 SPD GN . 41.81 41.51 -20.67
C2 SPD GN . 41.45 40.31 -19.90
C3 SPD GN . 40.13 40.36 -19.04
C4 SPD GN . 40.06 40.11 -17.50
C5 SPD GN . 38.66 39.56 -17.19
N6 SPD GN . 38.34 38.46 -18.09
C7 SPD GN . 37.08 38.38 -18.81
C8 SPD GN . 36.90 39.48 -19.84
C9 SPD GN . 35.56 39.33 -20.58
N10 SPD GN . 35.22 40.51 -21.37
N1 SPD HN . 48.65 -68.81 -3.75
C2 SPD HN . 50.02 -68.98 -3.35
C3 SPD HN . 50.18 -68.41 -1.96
C4 SPD HN . 51.64 -68.28 -1.56
C5 SPD HN . 51.83 -67.40 -0.33
N6 SPD HN . 53.21 -67.02 -0.03
C7 SPD HN . 53.97 -66.17 -0.96
C8 SPD HN . 55.47 -66.42 -0.91
C9 SPD HN . 56.17 -65.43 0.02
N10 SPD HN . 57.47 -65.94 0.37
C1 MPD IN . 39.88 -23.09 21.54
C2 MPD IN . 40.36 -22.20 22.71
O2 MPD IN . 41.69 -22.62 23.15
CM MPD IN . 40.46 -20.75 22.21
C3 MPD IN . 39.39 -22.32 23.91
C4 MPD IN . 39.55 -23.60 24.74
O4 MPD IN . 39.93 -23.31 26.08
C5 MPD IN . 38.26 -24.45 24.74
C1 MPD JN . 51.59 -24.56 -44.60
C2 MPD JN . 50.98 -25.46 -45.66
O2 MPD JN . 51.38 -24.82 -46.91
CM MPD JN . 51.58 -26.85 -45.45
C3 MPD JN . 49.45 -25.54 -45.63
C4 MPD JN . 48.68 -25.63 -46.98
O4 MPD JN . 48.66 -24.40 -47.70
C5 MPD JN . 49.06 -26.83 -47.89
C1 MPD KN . 42.50 53.69 -14.28
C2 MPD KN . 41.97 55.01 -13.74
O2 MPD KN . 41.06 54.74 -12.63
CM MPD KN . 43.16 55.81 -13.21
C3 MPD KN . 41.23 55.80 -14.83
C4 MPD KN . 39.70 55.64 -14.93
O4 MPD KN . 39.25 56.24 -16.12
C5 MPD KN . 39.20 54.20 -14.98
C1 MPD LN . 61.40 17.48 -33.68
C2 MPD LN . 61.88 18.96 -33.71
O2 MPD LN . 60.96 19.78 -32.93
CM MPD LN . 63.28 19.08 -33.09
C3 MPD LN . 61.97 19.49 -35.16
C4 MPD LN . 60.67 19.98 -35.82
O4 MPD LN . 59.48 19.44 -35.24
C5 MPD LN . 60.65 21.52 -35.86
NA NA MN . 69.97 32.91 -59.80
C1 EOH NN . -12.38 27.92 -25.27
C2 EOH NN . -12.34 27.46 -23.81
O EOH NN . -13.69 28.13 -25.80
CA CA ON . 17.01 1.07 -27.83
CA CA PN . 10.78 1.57 -29.38
CA CA QN . 28.52 -0.21 -35.98
CA CA RN . 22.49 -0.90 -36.35
CA CA SN . 22.57 47.42 -32.84
K K TN . 18.94 36.99 -54.41
MG MG UN . -53.48 -9.00 10.38
MG MG VN . -48.56 -18.15 10.78
MG MG WN . -42.26 -9.26 8.98
MG MG XN . -60.31 -2.19 27.55
MG MG YN . -60.19 1.41 33.48
MG MG ZN . -62.50 -7.75 19.54
MG MG AO . -71.30 4.84 32.23
MG MG BO . -76.90 6.39 65.41
MG MG CO . -68.65 -8.56 63.31
MG MG DO . -74.43 -0.93 52.59
MG MG EO . -85.61 -5.29 73.78
MG MG FO . -63.35 8.18 79.65
MG MG GO . -46.81 1.19 10.74
MG MG HO . -52.78 -0.44 8.81
MG MG IO . -33.43 2.12 -5.01
MG MG JO . -73.02 -18.80 63.05
MG MG KO . -72.85 7.80 60.72
MG MG LO . 24.71 25.09 27.86
MG MG MO . 30.29 35.71 20.83
MG MG NO . 39.87 18.62 31.86
MG MG OO . 22.63 15.22 -20.41
MG MG PO . 13.72 -16.28 15.71
MG MG QO . 9.04 -49.02 46.37
MG MG RO . -43.93 4.82 11.71
MG MG SO . 55.18 7.25 -58.13
MG MG TO . 37.87 54.34 -46.99
MG MG UO . -27.72 -29.88 -15.96
MG MG VO . -14.48 -22.98 -18.22
MG MG WO . 8.61 -44.09 -17.25
MG MG XO . 63.37 -8.31 4.13
MG MG YO . 58.61 -16.50 0.26
MG MG ZO . -0.22 -34.70 51.85
#